data_7YIJ
#
_entry.id   7YIJ
#
loop_
_entity.id
_entity.type
_entity.pdbx_description
1 polymer 'Potassium voltage-gated channel subfamily H member 5'
2 non-polymer 'POTASSIUM ION'
#
_entity_poly.entity_id   1
_entity_poly.type   'polypeptide(L)'
_entity_poly.pdbx_seq_one_letter_code
;MPGGKRGLVAPQNTFLENIVRRSSESSFLLGNAQIVDWPVVYSNDGFCKLSGYHRADVMQKSSTCSFMYGELTDKKTIEK
VRQTFDNYESNCFEVLLYKKNRTPVWFYMQIAPIRNEHEKVVLFLCTFKDITLFKQPIEDDSTKGWTKFARLTRALTNSR
SVLQQLTPMNKTEVVHKHSRLAEVLQLGSDILPQYKQEAPKTPPHIILHYCAFKTTWDWVILILTFYTAIMVPYNVSFKT
KQNNIAWLVLDSVVDVIFLVDIVLNFHTTFVGPGGEVISDPKLIRMNYLKTWFVIDLLSCLPYDIINAFENVDEGISSLF
SSLKVVRLLRLGRVARKLDHYLEYGAAVLVLLVCVFGLVAHWLACIWYSIGDYEVIDEVTNTIQIDSWLYQLALSIGTPY
RYNTSAGIWEGGPSKDSLYVSSLYFTMTSLTTIGFGNIAPTTDVEKMFSVAMMMVGSLLYATIFGNVTTIFQQMYANTNR
YHEMLNNVRDFLKLYQVPKGLSERVMDYIVSTWSMSKGIDTEKVLSICPKDMRADICVHLNRKVFNEHPAFRLASDGCLR
ALAVEFQTIHCAPGDLIYHAGESVDALCFVVSGSLEVIQDDEVVAILGKGDVFGDIFWKETTLAHACANVRALTYCDLHI
IKREALLKVLDFYTAFANSFSRNLTLTCNLRKRIIFRKISDVKKEEEERLRQKNEVTLSIPVDHPVRKLFQKFKQQKELR
NQGSTQGDPERNQLQVESRSLQNGASITGTSVVTVSQITPIQTSLAYVKTSESLKQNNRDAMELKPNGGADQKCLKVNSP
IRMKNGNGKGWLRLKNNMGAHEEKKEDWNNVTKAESMGLLSEDPKSSDSENSVTKNPLRKTDSCDSGITKSDLRLDKAGE
ARSPLEHSPIQADAKHPFYPIPEQALQTTLQEVKHELKEDIQLLSCRMTALEKQVAEILKILSEKSVPQASSPKSQMPLQ
VPPQIPCQDIFSVSRPESPESDKDEIHF
;
_entity_poly.pdbx_strand_id   A,B,C,D
#
loop_
_chem_comp.id
_chem_comp.type
_chem_comp.name
_chem_comp.formula
K non-polymer 'POTASSIUM ION' 'K 1'
#
# COMPACT_ATOMS: atom_id res chain seq x y z
N PRO A 11 -37.22 12.09 1.00
CA PRO A 11 -37.44 13.31 1.80
C PRO A 11 -37.04 14.56 1.04
N GLN A 12 -38.00 15.26 0.45
CA GLN A 12 -37.70 16.42 -0.39
C GLN A 12 -38.93 17.30 -0.48
N ASN A 13 -38.83 18.38 -1.25
CA ASN A 13 -39.96 19.27 -1.47
C ASN A 13 -40.96 18.70 -2.46
N THR A 14 -40.63 17.57 -3.10
CA THR A 14 -41.58 16.68 -3.76
C THR A 14 -42.31 17.38 -4.92
N PHE A 15 -41.53 17.78 -5.93
CA PHE A 15 -42.11 18.34 -7.13
C PHE A 15 -41.73 17.62 -8.43
N LEU A 16 -40.75 16.71 -8.42
CA LEU A 16 -40.41 16.01 -9.66
C LEU A 16 -40.00 14.55 -9.52
N GLU A 17 -40.04 13.93 -8.33
CA GLU A 17 -39.61 12.54 -8.22
C GLU A 17 -40.54 11.59 -8.97
N ASN A 18 -41.84 11.85 -8.93
CA ASN A 18 -42.82 11.05 -9.65
C ASN A 18 -43.80 11.95 -10.41
N ILE A 19 -43.29 13.05 -10.96
CA ILE A 19 -44.11 14.02 -11.66
C ILE A 19 -43.83 13.92 -13.16
N VAL A 20 -42.68 13.36 -13.51
CA VAL A 20 -42.25 13.29 -14.91
C VAL A 20 -42.94 12.13 -15.61
N ARG A 21 -43.71 11.33 -14.87
CA ARG A 21 -44.31 10.12 -15.40
C ARG A 21 -45.83 10.16 -15.47
N ARG A 22 -46.50 10.73 -14.47
CA ARG A 22 -47.96 10.67 -14.43
C ARG A 22 -48.62 12.04 -14.58
N SER A 23 -47.91 13.13 -14.28
CA SER A 23 -48.50 14.45 -14.40
C SER A 23 -48.78 14.78 -15.87
N SER A 24 -49.48 15.88 -16.08
CA SER A 24 -49.91 16.29 -17.43
C SER A 24 -49.52 17.74 -17.62
N GLU A 25 -50.00 18.33 -18.72
CA GLU A 25 -49.69 19.71 -19.05
C GLU A 25 -50.12 20.65 -17.93
N SER A 26 -49.23 21.56 -17.55
CA SER A 26 -49.51 22.52 -16.50
C SER A 26 -48.47 23.64 -16.58
N SER A 27 -48.52 24.53 -15.59
CA SER A 27 -47.59 25.65 -15.47
C SER A 27 -47.11 25.80 -14.02
N PHE A 28 -46.67 24.68 -13.44
CA PHE A 28 -46.28 24.60 -12.02
C PHE A 28 -45.47 25.78 -11.53
N LEU A 29 -46.01 26.50 -10.54
CA LEU A 29 -45.32 27.59 -9.86
C LEU A 29 -44.69 27.08 -8.56
N LEU A 30 -43.81 27.89 -7.99
CA LEU A 30 -43.21 27.58 -6.70
C LEU A 30 -43.95 28.19 -5.51
N GLY A 31 -44.08 29.51 -5.44
CA GLY A 31 -44.82 30.17 -4.37
C GLY A 31 -44.36 29.81 -2.97
N ASN A 32 -43.19 30.33 -2.56
CA ASN A 32 -42.51 29.84 -1.35
C ASN A 32 -42.00 31.02 -0.51
N ALA A 33 -42.92 31.94 -0.19
CA ALA A 33 -42.66 33.28 0.32
C ALA A 33 -41.83 34.07 -0.69
N GLN A 34 -42.01 35.40 -0.71
CA GLN A 34 -41.59 36.03 -1.95
C GLN A 34 -40.87 37.38 -1.90
N ILE A 35 -41.29 38.33 -1.05
CA ILE A 35 -41.48 39.73 -1.41
C ILE A 35 -40.60 40.24 -2.56
N VAL A 36 -41.24 40.81 -3.60
CA VAL A 36 -40.74 41.71 -4.68
C VAL A 36 -41.65 41.72 -5.93
N ASP A 37 -41.57 40.73 -6.84
CA ASP A 37 -42.23 40.86 -8.15
C ASP A 37 -43.27 39.81 -8.61
N TRP A 38 -42.98 38.49 -8.47
CA TRP A 38 -43.78 37.25 -8.36
C TRP A 38 -43.81 36.42 -9.65
N PRO A 39 -43.21 35.19 -9.60
CA PRO A 39 -42.93 34.39 -10.80
C PRO A 39 -43.98 33.34 -11.18
N VAL A 40 -43.70 32.56 -12.24
CA VAL A 40 -44.42 31.33 -12.53
C VAL A 40 -43.48 30.14 -12.68
N VAL A 41 -42.19 30.40 -12.95
CA VAL A 41 -41.13 29.44 -13.27
C VAL A 41 -41.59 28.43 -14.34
N TYR A 42 -41.21 27.17 -14.18
CA TYR A 42 -41.24 26.20 -15.26
C TYR A 42 -42.66 25.80 -15.60
N SER A 43 -42.91 25.50 -16.87
CA SER A 43 -44.22 25.06 -17.36
C SER A 43 -44.07 23.64 -17.90
N ASN A 44 -44.88 22.72 -17.39
CA ASN A 44 -44.63 21.29 -17.47
C ASN A 44 -45.47 20.60 -18.54
N ASP A 45 -44.86 19.57 -19.14
CA ASP A 45 -45.53 18.61 -20.04
C ASP A 45 -46.16 19.30 -21.25
N GLY A 46 -45.29 19.87 -22.07
CA GLY A 46 -45.68 20.47 -23.32
C GLY A 46 -45.32 21.94 -23.50
N PHE A 47 -44.32 22.44 -22.79
CA PHE A 47 -43.91 23.84 -22.89
C PHE A 47 -42.40 23.98 -23.09
N CYS A 48 -41.79 23.09 -23.86
CA CYS A 48 -40.35 23.15 -24.09
C CYS A 48 -39.95 24.41 -24.84
N LYS A 49 -40.33 24.51 -26.12
CA LYS A 49 -40.03 25.72 -26.89
C LYS A 49 -41.14 26.12 -27.84
N LEU A 50 -42.33 25.54 -27.75
CA LEU A 50 -43.38 25.77 -28.73
C LEU A 50 -44.59 26.51 -28.15
N SER A 51 -44.56 26.89 -26.89
CA SER A 51 -45.74 27.55 -26.34
C SER A 51 -45.43 28.87 -25.63
N GLY A 52 -44.24 29.01 -25.06
CA GLY A 52 -43.91 30.22 -24.35
C GLY A 52 -42.46 30.64 -24.50
N TYR A 53 -42.04 31.60 -23.69
CA TYR A 53 -40.70 32.15 -23.75
C TYR A 53 -39.74 31.23 -23.00
N HIS A 54 -38.52 31.70 -22.75
CA HIS A 54 -37.48 30.93 -22.08
C HIS A 54 -37.37 31.39 -20.63
N ARG A 55 -36.40 30.85 -19.92
CA ARG A 55 -36.15 31.25 -18.54
C ARG A 55 -35.62 32.69 -18.50
N ALA A 56 -35.45 33.19 -17.28
CA ALA A 56 -35.18 34.61 -17.03
C ALA A 56 -36.22 35.51 -17.69
N ASP A 57 -37.42 34.99 -17.88
CA ASP A 57 -38.49 35.68 -18.56
C ASP A 57 -39.81 35.21 -17.97
N VAL A 58 -40.91 35.46 -18.67
CA VAL A 58 -42.25 35.21 -18.14
C VAL A 58 -42.57 33.72 -18.08
N MET A 59 -41.64 32.89 -18.52
CA MET A 59 -41.67 31.46 -18.21
C MET A 59 -40.71 31.10 -17.10
N GLN A 60 -40.15 32.09 -16.41
CA GLN A 60 -39.35 31.88 -15.21
C GLN A 60 -39.82 32.83 -14.12
N LYS A 61 -40.36 33.97 -14.51
CA LYS A 61 -40.83 34.99 -13.58
C LYS A 61 -42.14 35.55 -14.11
N SER A 62 -42.73 36.49 -13.36
CA SER A 62 -43.81 37.36 -13.83
C SER A 62 -45.01 36.53 -14.33
N SER A 63 -45.61 35.78 -13.40
CA SER A 63 -46.83 35.06 -13.72
C SER A 63 -48.03 35.99 -13.85
N THR A 64 -47.90 37.22 -13.36
CA THR A 64 -48.84 38.27 -13.76
C THR A 64 -48.91 38.32 -15.27
N CYS A 65 -50.12 38.26 -15.81
CA CYS A 65 -50.24 38.13 -17.26
C CYS A 65 -49.76 39.41 -17.91
N SER A 66 -48.54 39.37 -18.43
CA SER A 66 -47.87 40.52 -18.99
C SER A 66 -46.59 40.03 -19.68
N PHE A 67 -46.18 40.76 -20.72
CA PHE A 67 -44.98 40.50 -21.49
C PHE A 67 -45.16 39.26 -22.37
N MET A 68 -46.24 38.51 -22.14
CA MET A 68 -46.78 37.56 -23.11
C MET A 68 -48.00 38.22 -23.75
N TYR A 69 -47.79 39.42 -24.28
CA TYR A 69 -48.91 40.32 -24.55
C TYR A 69 -49.15 40.57 -26.03
N GLY A 70 -48.19 41.18 -26.73
CA GLY A 70 -48.23 41.33 -28.18
C GLY A 70 -49.58 41.65 -28.81
N GLU A 71 -50.46 42.34 -28.09
CA GLU A 71 -51.84 42.51 -28.54
C GLU A 71 -52.38 43.84 -28.03
N LEU A 72 -53.70 43.98 -28.04
CA LEU A 72 -54.39 45.20 -27.64
C LEU A 72 -54.82 45.10 -26.17
N THR A 73 -54.95 46.28 -25.53
CA THR A 73 -55.32 46.36 -24.12
C THR A 73 -56.84 46.35 -24.00
N ASP A 74 -57.40 45.16 -23.76
CA ASP A 74 -58.80 45.02 -23.42
C ASP A 74 -58.96 44.58 -21.97
N LYS A 75 -59.96 45.16 -21.30
CA LYS A 75 -60.27 44.73 -19.94
C LYS A 75 -60.69 43.27 -19.92
N LYS A 76 -61.30 42.80 -21.02
CA LYS A 76 -61.58 41.38 -21.18
C LYS A 76 -60.31 40.55 -21.28
N THR A 77 -59.17 41.18 -21.58
CA THR A 77 -57.91 40.48 -21.77
C THR A 77 -56.87 40.78 -20.71
N ILE A 78 -57.20 41.59 -19.70
CA ILE A 78 -56.21 42.02 -18.72
C ILE A 78 -56.48 41.39 -17.36
N GLU A 79 -57.71 41.50 -16.86
CA GLU A 79 -58.00 41.16 -15.48
C GLU A 79 -58.93 39.97 -15.37
N LYS A 80 -58.70 38.94 -16.18
CA LYS A 80 -59.48 37.71 -16.12
C LYS A 80 -58.84 36.68 -15.18
N VAL A 81 -57.58 36.33 -15.42
CA VAL A 81 -56.85 35.43 -14.55
C VAL A 81 -55.74 36.14 -13.78
N ARG A 82 -55.31 37.33 -14.23
CA ARG A 82 -54.28 38.07 -13.52
C ARG A 82 -54.75 38.54 -12.16
N GLN A 83 -56.07 38.69 -11.98
CA GLN A 83 -56.60 39.10 -10.68
C GLN A 83 -56.84 37.91 -9.77
N THR A 84 -57.52 36.88 -10.26
CA THR A 84 -57.85 35.71 -9.46
C THR A 84 -56.77 34.64 -9.56
N PHE A 85 -55.51 35.05 -9.37
CA PHE A 85 -54.40 34.12 -9.27
C PHE A 85 -54.07 33.79 -7.83
N ASP A 86 -53.75 34.79 -7.01
CA ASP A 86 -53.46 34.57 -5.60
C ASP A 86 -54.72 34.45 -4.75
N ASN A 87 -55.88 34.16 -5.35
CA ASN A 87 -57.13 34.00 -4.61
C ASN A 87 -57.63 32.56 -4.62
N TYR A 88 -57.44 31.85 -5.73
CA TYR A 88 -57.61 30.38 -5.77
C TYR A 88 -58.95 29.90 -5.22
N GLU A 89 -60.05 30.24 -5.89
CA GLU A 89 -61.35 29.67 -5.53
C GLU A 89 -61.87 28.74 -6.64
N SER A 90 -62.18 29.28 -7.81
CA SER A 90 -62.58 28.51 -8.98
C SER A 90 -62.71 29.48 -10.15
N ASN A 91 -62.20 29.13 -11.33
CA ASN A 91 -62.22 30.11 -12.40
C ASN A 91 -62.25 29.40 -13.75
N CYS A 92 -62.85 30.09 -14.72
CA CYS A 92 -62.81 29.73 -16.13
C CYS A 92 -62.50 30.95 -17.00
N PHE A 93 -61.99 32.02 -16.40
CA PHE A 93 -61.85 33.30 -17.08
C PHE A 93 -60.80 33.23 -18.17
N GLU A 94 -60.94 34.11 -19.16
CA GLU A 94 -60.11 34.09 -20.37
C GLU A 94 -59.17 35.30 -20.38
N VAL A 95 -58.00 35.12 -19.79
CA VAL A 95 -56.95 36.14 -19.80
C VAL A 95 -56.15 36.02 -21.08
N LEU A 96 -55.32 37.01 -21.37
CA LEU A 96 -54.49 37.03 -22.57
C LEU A 96 -53.07 36.61 -22.23
N LEU A 97 -52.58 35.55 -22.90
CA LEU A 97 -51.19 35.11 -22.78
C LEU A 97 -50.74 34.62 -24.16
N TYR A 98 -49.84 35.38 -24.79
CA TYR A 98 -49.49 35.19 -26.19
C TYR A 98 -48.88 33.81 -26.42
N LYS A 99 -49.32 33.15 -27.49
CA LYS A 99 -48.90 31.80 -27.83
C LYS A 99 -48.31 31.79 -29.24
N LYS A 100 -48.09 30.59 -29.76
CA LYS A 100 -47.47 30.42 -31.08
C LYS A 100 -48.33 31.00 -32.20
N ASN A 101 -49.65 30.91 -32.07
CA ASN A 101 -50.55 31.30 -33.15
C ASN A 101 -50.67 32.81 -33.32
N ARG A 102 -49.99 33.60 -32.48
CA ARG A 102 -49.94 35.05 -32.59
C ARG A 102 -51.33 35.68 -32.47
N THR A 103 -52.06 35.31 -31.43
CA THR A 103 -53.46 35.68 -31.27
C THR A 103 -53.72 36.23 -29.88
N PRO A 104 -54.81 36.99 -29.70
CA PRO A 104 -55.22 37.37 -28.34
C PRO A 104 -55.77 36.17 -27.59
N VAL A 105 -54.87 35.36 -27.03
CA VAL A 105 -55.24 34.07 -26.46
C VAL A 105 -56.22 34.25 -25.32
N TRP A 106 -57.18 33.33 -25.24
CA TRP A 106 -58.25 33.36 -24.23
C TRP A 106 -58.34 32.00 -23.56
N PHE A 107 -58.55 32.03 -22.25
CA PHE A 107 -58.19 30.94 -21.35
C PHE A 107 -59.41 30.22 -20.76
N TYR A 108 -59.30 28.90 -20.65
CA TYR A 108 -60.14 28.06 -19.80
C TYR A 108 -59.25 27.23 -18.88
N MET A 109 -59.65 27.11 -17.62
CA MET A 109 -58.88 26.30 -16.67
C MET A 109 -59.80 25.86 -15.53
N GLN A 110 -59.21 25.11 -14.59
CA GLN A 110 -59.88 24.72 -13.35
C GLN A 110 -58.80 24.62 -12.27
N ILE A 111 -58.62 25.68 -11.49
CA ILE A 111 -57.59 25.68 -10.46
C ILE A 111 -57.99 24.74 -9.33
N ALA A 112 -56.99 24.17 -8.65
CA ALA A 112 -57.21 23.32 -7.49
C ALA A 112 -56.38 23.84 -6.31
N PRO A 113 -57.01 24.17 -5.19
CA PRO A 113 -56.26 24.81 -4.09
C PRO A 113 -55.69 23.85 -3.06
N ILE A 114 -54.53 24.21 -2.51
CA ILE A 114 -53.92 23.54 -1.35
C ILE A 114 -53.08 24.58 -0.62
N ARG A 115 -52.69 24.28 0.62
CA ARG A 115 -52.33 25.33 1.57
C ARG A 115 -50.84 25.43 1.86
N ASN A 116 -50.23 24.41 2.48
CA ASN A 116 -48.82 24.50 2.86
C ASN A 116 -48.42 23.22 3.58
N GLU A 117 -47.12 23.13 3.90
CA GLU A 117 -46.58 22.19 4.88
C GLU A 117 -45.97 22.88 6.09
N HIS A 118 -45.37 24.06 5.90
CA HIS A 118 -44.74 24.80 6.98
C HIS A 118 -45.72 25.63 7.79
N GLU A 119 -47.01 25.53 7.50
CA GLU A 119 -48.07 26.20 8.26
C GLU A 119 -47.92 27.72 8.17
N LYS A 120 -47.75 28.22 6.94
CA LYS A 120 -47.56 29.64 6.72
C LYS A 120 -48.30 30.16 5.49
N VAL A 121 -49.19 29.35 4.90
CA VAL A 121 -49.94 29.73 3.71
C VAL A 121 -48.92 30.02 2.61
N VAL A 122 -48.13 29.01 2.25
CA VAL A 122 -47.06 29.21 1.30
C VAL A 122 -47.38 28.56 -0.04
N LEU A 123 -47.69 27.27 -0.03
CA LEU A 123 -47.83 26.50 -1.26
C LEU A 123 -49.24 26.59 -1.84
N PHE A 124 -49.31 26.53 -3.17
CA PHE A 124 -50.54 26.30 -3.88
C PHE A 124 -50.23 25.43 -5.09
N LEU A 125 -51.20 24.61 -5.49
CA LEU A 125 -51.00 23.60 -6.52
C LEU A 125 -50.69 24.24 -7.88
N CYS A 126 -51.43 25.29 -8.24
CA CYS A 126 -51.14 26.12 -9.42
C CYS A 126 -51.17 25.30 -10.70
N THR A 127 -52.35 24.77 -11.04
CA THR A 127 -52.52 23.96 -12.25
C THR A 127 -53.22 24.79 -13.32
N PHE A 128 -52.62 24.86 -14.51
CA PHE A 128 -53.18 25.56 -15.66
C PHE A 128 -53.54 24.59 -16.78
N LYS A 129 -54.21 25.11 -17.80
CA LYS A 129 -54.56 24.33 -18.99
C LYS A 129 -54.13 25.01 -20.28
N ASP A 130 -54.29 26.34 -20.36
CA ASP A 130 -53.76 27.14 -21.46
C ASP A 130 -54.24 26.66 -22.83
N ILE A 131 -55.53 26.90 -23.08
CA ILE A 131 -56.09 26.66 -24.40
C ILE A 131 -56.28 27.99 -25.11
N THR A 132 -56.24 27.96 -26.44
CA THR A 132 -56.53 29.12 -27.27
C THR A 132 -57.67 28.90 -28.24
N LEU A 133 -57.66 27.76 -28.94
CA LEU A 133 -58.48 27.60 -30.14
C LEU A 133 -59.96 27.45 -29.81
N PHE A 134 -60.26 26.94 -28.61
CA PHE A 134 -61.59 26.37 -28.36
C PHE A 134 -62.72 27.37 -28.54
N LYS A 135 -62.58 28.59 -28.01
CA LYS A 135 -63.76 29.46 -28.01
C LYS A 135 -63.71 30.51 -29.12
N GLN A 136 -62.72 31.41 -29.11
CA GLN A 136 -62.59 32.41 -30.18
C GLN A 136 -61.16 32.92 -30.35
N PRO A 137 -60.49 32.58 -31.45
CA PRO A 137 -59.36 33.41 -31.91
C PRO A 137 -59.83 34.46 -32.90
N ILE A 138 -59.51 35.73 -32.67
CA ILE A 138 -60.04 36.81 -33.51
C ILE A 138 -58.92 37.70 -34.03
N GLU A 139 -57.75 37.12 -34.33
CA GLU A 139 -56.62 37.88 -34.84
C GLU A 139 -56.66 37.93 -36.36
N ASP A 140 -56.20 39.05 -36.93
CA ASP A 140 -56.35 39.33 -38.35
C ASP A 140 -55.03 39.75 -38.99
N ASP A 141 -53.96 38.98 -38.76
CA ASP A 141 -52.70 39.27 -39.44
C ASP A 141 -52.82 39.03 -40.94
N SER A 142 -53.48 37.94 -41.34
CA SER A 142 -53.75 37.64 -42.73
C SER A 142 -55.13 37.01 -42.81
N THR A 143 -55.99 37.57 -43.65
CA THR A 143 -57.39 37.18 -43.75
C THR A 143 -57.69 36.46 -45.06
N LYS A 144 -56.72 35.69 -45.54
CA LYS A 144 -56.89 34.93 -46.79
C LYS A 144 -57.79 33.72 -46.50
N GLY A 145 -59.08 33.99 -46.44
CA GLY A 145 -60.07 32.95 -46.27
C GLY A 145 -59.90 32.12 -45.01
N TRP A 146 -59.48 30.86 -45.19
CA TRP A 146 -59.29 29.94 -44.08
C TRP A 146 -57.89 30.11 -43.48
N THR A 147 -57.77 31.13 -42.64
CA THR A 147 -56.54 31.37 -41.89
C THR A 147 -56.87 31.48 -40.41
N LYS A 148 -58.10 31.91 -40.10
CA LYS A 148 -58.56 31.98 -38.72
C LYS A 148 -59.94 31.38 -38.52
N PHE A 149 -60.66 31.03 -39.59
CA PHE A 149 -61.99 30.44 -39.48
C PHE A 149 -61.98 28.93 -39.64
N ALA A 150 -61.25 28.41 -40.63
CA ALA A 150 -61.08 26.98 -40.81
C ALA A 150 -59.69 26.49 -40.46
N ARG A 151 -58.69 27.39 -40.37
CA ARG A 151 -57.39 27.02 -39.82
C ARG A 151 -57.41 26.92 -38.31
N LEU A 152 -58.60 26.95 -37.69
CA LEU A 152 -58.78 26.88 -36.25
C LEU A 152 -58.10 25.64 -35.68
N THR A 153 -58.03 24.57 -36.47
CA THR A 153 -57.45 23.32 -36.03
C THR A 153 -55.96 23.22 -36.27
N ARG A 154 -55.32 24.27 -36.79
CA ARG A 154 -53.89 24.24 -37.06
C ARG A 154 -53.11 25.37 -36.40
N ALA A 155 -53.78 26.32 -35.73
CA ALA A 155 -53.09 27.51 -35.24
C ALA A 155 -52.22 27.20 -34.03
N LEU A 156 -52.74 26.42 -33.07
CA LEU A 156 -52.04 26.17 -31.82
C LEU A 156 -51.69 24.69 -31.69
N THR A 157 -50.49 24.42 -31.17
CA THR A 157 -50.04 23.08 -30.82
C THR A 157 -49.54 23.15 -29.38
N ASN A 158 -50.45 22.91 -28.44
CA ASN A 158 -50.11 23.01 -27.01
C ASN A 158 -51.05 22.14 -26.18
N SER A 159 -52.10 22.74 -25.63
CA SER A 159 -53.04 22.00 -24.81
C SER A 159 -53.83 20.99 -25.64
N ARG A 160 -54.15 21.36 -26.88
CA ARG A 160 -54.86 20.42 -27.75
C ARG A 160 -54.03 19.19 -28.05
N SER A 161 -52.70 19.35 -28.13
CA SER A 161 -51.80 18.25 -28.42
C SER A 161 -51.44 17.43 -27.18
N VAL A 162 -52.26 17.47 -26.14
CA VAL A 162 -52.00 16.73 -24.93
C VAL A 162 -52.81 15.44 -24.92
N LEU A 163 -54.14 15.57 -24.88
CA LEU A 163 -55.02 14.41 -24.82
C LEU A 163 -55.93 14.30 -26.03
N GLN A 164 -56.66 15.36 -26.38
CA GLN A 164 -57.61 15.35 -27.49
C GLN A 164 -57.06 16.25 -28.59
N GLN A 165 -56.45 15.64 -29.59
CA GLN A 165 -55.74 16.34 -30.65
C GLN A 165 -56.64 16.76 -31.82
N LEU A 166 -57.93 16.44 -31.77
CA LEU A 166 -58.83 16.72 -32.87
C LEU A 166 -59.46 18.10 -32.72
N THR A 167 -60.39 18.39 -33.62
CA THR A 167 -61.08 19.68 -33.62
C THR A 167 -61.84 19.86 -32.31
N PRO A 168 -61.89 21.08 -31.75
CA PRO A 168 -62.62 21.26 -30.48
C PRO A 168 -64.07 20.81 -30.54
N MET A 169 -64.78 21.05 -31.64
CA MET A 169 -66.17 20.59 -31.72
C MET A 169 -66.25 19.13 -32.16
N ASN A 170 -65.80 18.83 -33.39
CA ASN A 170 -65.63 17.50 -33.97
C ASN A 170 -66.69 16.49 -33.49
N LYS A 171 -67.96 16.92 -33.48
CA LYS A 171 -69.12 16.14 -33.05
C LYS A 171 -68.95 15.57 -31.64
N THR A 172 -67.93 16.02 -30.91
CA THR A 172 -67.66 15.58 -29.55
C THR A 172 -67.38 16.79 -28.67
N GLU A 173 -68.27 17.78 -28.73
CA GLU A 173 -68.04 19.03 -28.02
C GLU A 173 -67.98 18.82 -26.50
N VAL A 174 -68.81 17.92 -25.98
CA VAL A 174 -68.88 17.73 -24.52
C VAL A 174 -67.55 17.23 -23.98
N VAL A 175 -66.95 16.24 -24.64
CA VAL A 175 -65.70 15.67 -24.17
C VAL A 175 -64.58 16.70 -24.25
N HIS A 176 -64.51 17.45 -25.35
CA HIS A 176 -63.44 18.41 -25.53
C HIS A 176 -63.57 19.59 -24.56
N LYS A 177 -64.80 20.03 -24.31
CA LYS A 177 -65.04 21.19 -23.46
C LYS A 177 -65.29 20.83 -22.00
N HIS A 178 -65.19 19.54 -21.65
CA HIS A 178 -65.25 19.12 -20.25
C HIS A 178 -63.91 18.60 -19.76
N SER A 179 -62.88 18.66 -20.60
CA SER A 179 -61.52 18.32 -20.19
C SER A 179 -60.59 19.52 -20.12
N ARG A 180 -60.92 20.63 -20.78
CA ARG A 180 -60.16 21.86 -20.67
C ARG A 180 -60.89 22.96 -19.91
N LEU A 181 -62.16 22.74 -19.54
CA LEU A 181 -62.87 23.64 -18.65
C LEU A 181 -62.78 23.22 -17.20
N ALA A 182 -62.80 21.91 -16.92
CA ALA A 182 -62.74 21.42 -15.54
C ALA A 182 -62.10 20.03 -15.58
N GLU A 183 -60.83 19.95 -15.20
CA GLU A 183 -60.11 18.69 -15.10
C GLU A 183 -59.53 18.45 -13.71
N VAL A 184 -60.15 19.00 -12.67
CA VAL A 184 -59.69 18.74 -11.31
C VAL A 184 -59.94 17.28 -10.93
N LEU A 185 -60.87 16.61 -11.61
CA LEU A 185 -61.12 15.19 -11.34
C LEU A 185 -59.90 14.34 -11.66
N GLN A 186 -59.14 14.71 -12.69
CA GLN A 186 -57.92 14.02 -13.06
C GLN A 186 -56.68 14.70 -12.51
N LEU A 187 -56.84 15.71 -11.68
CA LEU A 187 -55.72 16.38 -11.02
C LEU A 187 -55.94 16.42 -9.51
N GLY A 188 -55.11 17.16 -8.79
CA GLY A 188 -55.22 17.21 -7.34
C GLY A 188 -54.29 16.23 -6.66
N SER A 189 -54.83 15.07 -6.28
CA SER A 189 -54.04 14.01 -5.67
C SER A 189 -53.14 13.30 -6.68
N ASP A 190 -53.32 13.56 -7.97
CA ASP A 190 -52.48 12.98 -9.01
C ASP A 190 -51.15 13.70 -9.16
N ILE A 191 -50.94 14.81 -8.45
CA ILE A 191 -49.67 15.51 -8.41
C ILE A 191 -49.14 15.42 -6.99
N LEU A 192 -47.83 15.22 -6.86
CA LEU A 192 -47.25 14.94 -5.55
C LEU A 192 -47.47 16.15 -4.64
N PRO A 193 -48.10 15.96 -3.46
CA PRO A 193 -48.90 17.05 -2.86
C PRO A 193 -48.18 18.36 -2.53
N GLN A 194 -47.22 18.36 -1.61
CA GLN A 194 -46.68 19.61 -1.07
C GLN A 194 -45.25 19.38 -0.61
N TYR A 195 -44.69 20.37 0.08
CA TYR A 195 -43.35 20.21 0.63
C TYR A 195 -43.31 19.23 1.78
N LYS A 196 -44.44 18.58 2.05
CA LYS A 196 -44.47 17.47 3.00
C LYS A 196 -43.35 16.50 2.65
N GLN A 197 -42.46 16.25 3.60
CA GLN A 197 -41.41 15.26 3.37
C GLN A 197 -42.08 13.93 3.08
N GLU A 198 -41.94 13.48 1.83
CA GLU A 198 -42.74 12.38 1.33
C GLU A 198 -42.33 11.05 1.94
N ALA A 199 -43.30 10.18 2.11
CA ALA A 199 -43.02 8.81 2.49
C ALA A 199 -42.14 8.16 1.42
N PRO A 200 -41.25 7.25 1.81
CA PRO A 200 -40.30 6.71 0.83
C PRO A 200 -40.94 5.81 -0.21
N LYS A 201 -41.83 6.38 -1.02
CA LYS A 201 -42.41 5.70 -2.18
C LYS A 201 -43.13 4.41 -1.75
N THR A 202 -44.19 4.60 -0.96
CA THR A 202 -44.96 3.49 -0.40
C THR A 202 -46.42 3.55 -0.82
N PRO A 203 -46.78 2.83 -1.88
CA PRO A 203 -48.20 2.61 -2.19
C PRO A 203 -48.85 1.79 -1.10
N PRO A 204 -50.19 1.86 -0.97
CA PRO A 204 -50.86 1.13 0.10
C PRO A 204 -50.73 -0.38 -0.05
N HIS A 205 -50.74 -1.07 1.08
CA HIS A 205 -50.72 -2.53 1.15
C HIS A 205 -49.49 -3.12 0.48
N ILE A 206 -48.35 -2.44 0.66
CA ILE A 206 -47.04 -2.94 0.25
C ILE A 206 -46.10 -2.80 1.43
N ILE A 207 -45.32 -3.85 1.70
CA ILE A 207 -44.42 -3.88 2.84
C ILE A 207 -43.02 -3.53 2.38
N LEU A 208 -42.43 -2.50 3.01
CA LEU A 208 -41.07 -2.11 2.72
C LEU A 208 -40.09 -3.19 3.19
N HIS A 209 -39.05 -3.43 2.38
CA HIS A 209 -38.10 -4.50 2.64
C HIS A 209 -37.16 -4.17 3.80
N TYR A 210 -37.32 -3.01 4.42
CA TYR A 210 -36.56 -2.71 5.63
C TYR A 210 -37.48 -2.45 6.81
N CYS A 211 -38.74 -2.88 6.74
CA CYS A 211 -39.65 -2.77 7.85
C CYS A 211 -39.25 -3.75 8.95
N ALA A 212 -39.66 -3.43 10.19
CA ALA A 212 -39.38 -4.33 11.30
C ALA A 212 -40.14 -5.64 11.19
N PHE A 213 -41.13 -5.71 10.30
CA PHE A 213 -41.87 -6.95 10.10
C PHE A 213 -41.12 -7.89 9.16
N LYS A 214 -40.58 -7.37 8.06
CA LYS A 214 -39.95 -8.22 7.06
C LYS A 214 -38.70 -8.89 7.61
N THR A 215 -37.93 -8.19 8.44
CA THR A 215 -36.73 -8.80 9.01
C THR A 215 -37.08 -9.96 9.93
N THR A 216 -38.13 -9.79 10.75
CA THR A 216 -38.57 -10.89 11.60
C THR A 216 -39.09 -12.05 10.78
N TRP A 217 -39.80 -11.75 9.68
CA TRP A 217 -40.25 -12.82 8.79
C TRP A 217 -39.08 -13.58 8.21
N ASP A 218 -38.03 -12.87 7.80
CA ASP A 218 -36.85 -13.53 7.25
C ASP A 218 -36.16 -14.41 8.30
N TRP A 219 -36.05 -13.91 9.53
CA TRP A 219 -35.43 -14.72 10.57
C TRP A 219 -36.25 -15.98 10.84
N VAL A 220 -37.58 -15.85 10.85
CA VAL A 220 -38.44 -17.01 11.09
C VAL A 220 -38.29 -18.02 9.96
N ILE A 221 -38.29 -17.56 8.72
CA ILE A 221 -38.17 -18.50 7.62
C ILE A 221 -36.78 -19.15 7.61
N LEU A 222 -35.75 -18.43 8.06
CA LEU A 222 -34.43 -19.04 8.20
C LEU A 222 -34.45 -20.16 9.24
N ILE A 223 -35.10 -19.91 10.38
CA ILE A 223 -35.18 -20.93 11.42
C ILE A 223 -35.92 -22.17 10.89
N LEU A 224 -37.03 -21.96 10.19
CA LEU A 224 -37.76 -23.10 9.67
C LEU A 224 -36.99 -23.81 8.57
N THR A 225 -36.18 -23.07 7.79
CA THR A 225 -35.35 -23.71 6.77
C THR A 225 -34.31 -24.62 7.41
N PHE A 226 -33.65 -24.14 8.47
CA PHE A 226 -32.72 -25.01 9.18
C PHE A 226 -33.44 -26.22 9.78
N TYR A 227 -34.65 -26.01 10.31
CA TYR A 227 -35.42 -27.13 10.83
C TYR A 227 -35.64 -28.18 9.76
N THR A 228 -36.12 -27.77 8.59
CA THR A 228 -36.46 -28.75 7.56
C THR A 228 -35.21 -29.40 6.98
N ALA A 229 -34.12 -28.64 6.84
CA ALA A 229 -32.88 -29.22 6.33
C ALA A 229 -32.30 -30.24 7.31
N ILE A 230 -32.47 -29.99 8.62
CA ILE A 230 -32.00 -30.96 9.61
C ILE A 230 -32.90 -32.19 9.61
N MET A 231 -34.21 -32.00 9.53
CA MET A 231 -35.12 -33.08 9.88
C MET A 231 -35.56 -33.93 8.69
N VAL A 232 -35.58 -33.40 7.47
CA VAL A 232 -36.06 -34.20 6.34
C VAL A 232 -35.16 -35.39 6.03
N PRO A 233 -33.84 -35.24 5.86
CA PRO A 233 -33.02 -36.42 5.57
C PRO A 233 -33.09 -37.49 6.64
N TYR A 234 -33.20 -37.11 7.91
CA TYR A 234 -33.32 -38.09 8.97
C TYR A 234 -34.57 -38.93 8.80
N ASN A 235 -35.68 -38.29 8.43
CA ASN A 235 -36.90 -39.05 8.17
C ASN A 235 -36.78 -39.90 6.92
N VAL A 236 -36.00 -39.45 5.94
CA VAL A 236 -35.87 -40.21 4.69
C VAL A 236 -35.06 -41.47 4.92
N SER A 237 -33.94 -41.37 5.64
CA SER A 237 -32.99 -42.49 5.73
C SER A 237 -33.41 -43.53 6.78
N PHE A 238 -33.67 -43.08 8.00
CA PHE A 238 -33.89 -44.01 9.10
C PHE A 238 -35.24 -44.70 9.02
N LYS A 239 -36.09 -44.26 8.12
CA LYS A 239 -37.37 -44.91 7.84
C LYS A 239 -38.19 -45.10 9.11
N THR A 240 -38.17 -44.10 10.00
CA THR A 240 -38.96 -44.18 11.22
C THR A 240 -40.45 -44.23 10.88
N LYS A 241 -41.22 -44.95 11.69
CA LYS A 241 -42.65 -45.04 11.45
C LYS A 241 -43.29 -43.65 11.56
N GLN A 242 -44.11 -43.31 10.58
CA GLN A 242 -44.67 -41.96 10.48
C GLN A 242 -45.84 -41.73 11.44
N ASN A 243 -46.45 -42.80 11.94
CA ASN A 243 -47.62 -42.66 12.79
C ASN A 243 -47.24 -41.98 14.10
N ASN A 244 -47.65 -40.72 14.25
CA ASN A 244 -47.40 -39.97 15.48
C ASN A 244 -48.40 -38.83 15.61
N ILE A 245 -48.17 -37.92 16.54
CA ILE A 245 -49.10 -36.82 16.78
C ILE A 245 -48.40 -35.49 16.58
N ALA A 246 -47.36 -35.23 17.36
CA ALA A 246 -46.70 -33.93 17.34
C ALA A 246 -46.05 -33.65 15.99
N TRP A 247 -45.23 -34.59 15.51
CA TRP A 247 -44.56 -34.41 14.23
C TRP A 247 -45.51 -34.59 13.06
N LEU A 248 -46.73 -35.07 13.28
CA LEU A 248 -47.68 -35.25 12.21
C LEU A 248 -48.31 -33.93 11.74
N VAL A 249 -48.48 -32.98 12.65
CA VAL A 249 -49.13 -31.71 12.31
C VAL A 249 -48.14 -30.57 12.19
N LEU A 250 -46.96 -30.66 12.83
CA LEU A 250 -45.99 -29.57 12.77
C LEU A 250 -45.51 -29.34 11.35
N ASP A 251 -45.28 -30.42 10.59
CA ASP A 251 -44.81 -30.29 9.22
C ASP A 251 -45.82 -29.54 8.35
N SER A 252 -47.12 -29.82 8.54
CA SER A 252 -48.14 -29.09 7.78
C SER A 252 -48.12 -27.61 8.12
N VAL A 253 -47.94 -27.28 9.41
CA VAL A 253 -47.83 -25.88 9.80
C VAL A 253 -46.65 -25.22 9.13
N VAL A 254 -45.50 -25.91 9.09
CA VAL A 254 -44.33 -25.36 8.45
C VAL A 254 -44.59 -25.13 6.96
N ASP A 255 -45.22 -26.09 6.30
CA ASP A 255 -45.52 -25.94 4.89
C ASP A 255 -46.46 -24.76 4.65
N VAL A 256 -47.47 -24.59 5.50
CA VAL A 256 -48.39 -23.48 5.27
C VAL A 256 -47.70 -22.16 5.56
N ILE A 257 -46.72 -22.13 6.48
CA ILE A 257 -45.93 -20.93 6.67
C ILE A 257 -45.14 -20.59 5.41
N PHE A 258 -44.55 -21.59 4.76
CA PHE A 258 -43.87 -21.29 3.50
C PHE A 258 -44.84 -20.85 2.41
N LEU A 259 -46.06 -21.41 2.37
CA LEU A 259 -47.04 -20.93 1.40
C LEU A 259 -47.41 -19.47 1.67
N VAL A 260 -47.61 -19.12 2.94
CA VAL A 260 -47.88 -17.73 3.29
C VAL A 260 -46.72 -16.83 2.88
N ASP A 261 -45.49 -17.33 3.04
CA ASP A 261 -44.33 -16.56 2.61
C ASP A 261 -44.33 -16.35 1.10
N ILE A 262 -44.67 -17.38 0.34
CA ILE A 262 -44.75 -17.24 -1.12
C ILE A 262 -45.79 -16.19 -1.49
N VAL A 263 -46.96 -16.23 -0.84
CA VAL A 263 -47.99 -15.24 -1.13
C VAL A 263 -47.51 -13.84 -0.76
N LEU A 264 -46.93 -13.69 0.43
CA LEU A 264 -46.50 -12.38 0.93
C LEU A 264 -45.33 -11.83 0.14
N ASN A 265 -44.60 -12.66 -0.59
CA ASN A 265 -43.49 -12.15 -1.39
C ASN A 265 -43.95 -11.25 -2.53
N PHE A 266 -45.25 -11.20 -2.82
CA PHE A 266 -45.80 -10.29 -3.81
C PHE A 266 -46.25 -8.97 -3.20
N HIS A 267 -46.02 -8.76 -1.90
CA HIS A 267 -46.39 -7.52 -1.22
C HIS A 267 -45.18 -6.82 -0.64
N THR A 268 -43.99 -7.13 -1.14
CA THR A 268 -42.75 -6.56 -0.62
C THR A 268 -42.06 -5.74 -1.70
N THR A 269 -41.34 -4.70 -1.25
CA THR A 269 -40.68 -3.79 -2.17
C THR A 269 -39.48 -4.47 -2.83
N PHE A 270 -39.28 -4.19 -4.11
CA PHE A 270 -38.18 -4.74 -4.88
C PHE A 270 -37.05 -3.72 -4.93
N VAL A 271 -35.82 -4.18 -4.69
CA VAL A 271 -34.69 -3.27 -4.63
C VAL A 271 -34.33 -2.77 -6.03
N GLY A 272 -34.06 -1.47 -6.14
CA GLY A 272 -33.78 -0.85 -7.41
C GLY A 272 -32.36 -1.06 -7.89
N PRO A 273 -32.12 -0.87 -9.19
CA PRO A 273 -30.76 -1.03 -9.72
C PRO A 273 -29.86 0.15 -9.40
N GLY A 274 -29.42 0.25 -8.16
CA GLY A 274 -28.50 1.28 -7.73
C GLY A 274 -29.17 2.49 -7.09
N GLY A 275 -30.47 2.68 -7.33
CA GLY A 275 -31.17 3.79 -6.73
C GLY A 275 -31.73 3.46 -5.36
N GLU A 276 -32.99 3.80 -5.13
CA GLU A 276 -33.69 3.45 -3.90
C GLU A 276 -34.88 2.56 -4.27
N VAL A 277 -35.73 2.30 -3.27
CA VAL A 277 -36.77 1.28 -3.39
C VAL A 277 -37.63 1.51 -4.63
N ILE A 278 -37.96 0.42 -5.31
CA ILE A 278 -38.95 0.42 -6.38
C ILE A 278 -40.18 -0.31 -5.87
N SER A 279 -41.28 0.42 -5.69
CA SER A 279 -42.48 -0.17 -5.11
C SER A 279 -43.64 -0.10 -6.10
N ASP A 280 -43.36 -0.43 -7.36
CA ASP A 280 -44.39 -0.51 -8.38
C ASP A 280 -45.21 -1.77 -8.15
N PRO A 281 -46.54 -1.67 -8.04
CA PRO A 281 -47.35 -2.88 -7.79
C PRO A 281 -47.27 -3.90 -8.90
N LYS A 282 -46.81 -3.51 -10.09
CA LYS A 282 -46.73 -4.44 -11.21
C LYS A 282 -45.31 -4.99 -11.39
N LEU A 283 -44.28 -4.13 -11.26
CA LEU A 283 -42.91 -4.56 -11.52
C LEU A 283 -42.47 -5.66 -10.56
N ILE A 284 -42.86 -5.54 -9.29
CA ILE A 284 -42.46 -6.53 -8.29
C ILE A 284 -42.94 -7.92 -8.68
N ARG A 285 -44.18 -8.01 -9.17
CA ARG A 285 -44.77 -9.30 -9.47
C ARG A 285 -43.98 -10.01 -10.56
N MET A 286 -43.74 -9.33 -11.69
CA MET A 286 -43.01 -10.01 -12.76
C MET A 286 -41.57 -10.27 -12.35
N ASN A 287 -40.95 -9.34 -11.59
CA ASN A 287 -39.59 -9.59 -11.13
C ASN A 287 -39.49 -10.90 -10.36
N TYR A 288 -40.34 -11.06 -9.35
CA TYR A 288 -40.32 -12.27 -8.54
C TYR A 288 -40.63 -13.50 -9.37
N LEU A 289 -41.65 -13.41 -10.23
CA LEU A 289 -42.05 -14.55 -11.03
C LEU A 289 -40.94 -15.01 -11.95
N LYS A 290 -40.22 -14.06 -12.55
CA LYS A 290 -39.10 -14.43 -13.42
C LYS A 290 -37.94 -15.00 -12.63
N THR A 291 -37.63 -14.42 -11.46
CA THR A 291 -36.35 -14.77 -10.85
C THR A 291 -36.45 -16.00 -9.96
N TRP A 292 -37.44 -16.08 -9.06
CA TRP A 292 -37.38 -17.14 -8.06
C TRP A 292 -38.73 -17.73 -7.70
N PHE A 293 -39.66 -17.80 -8.65
CA PHE A 293 -40.96 -18.38 -8.30
C PHE A 293 -41.01 -19.89 -8.56
N VAL A 294 -40.33 -20.37 -9.59
CA VAL A 294 -40.43 -21.79 -9.96
C VAL A 294 -39.88 -22.69 -8.87
N ILE A 295 -38.73 -22.32 -8.31
CA ILE A 295 -38.10 -23.14 -7.28
C ILE A 295 -39.00 -23.24 -6.05
N ASP A 296 -39.54 -22.11 -5.61
CA ASP A 296 -40.41 -22.14 -4.43
C ASP A 296 -41.72 -22.84 -4.72
N LEU A 297 -42.18 -22.81 -5.97
CA LEU A 297 -43.36 -23.57 -6.33
C LEU A 297 -43.11 -25.06 -6.23
N LEU A 298 -41.96 -25.52 -6.75
CA LEU A 298 -41.63 -26.94 -6.66
C LEU A 298 -41.42 -27.37 -5.22
N SER A 299 -40.78 -26.53 -4.41
CA SER A 299 -40.41 -26.92 -3.05
C SER A 299 -41.63 -27.14 -2.18
N CYS A 300 -42.64 -26.28 -2.30
CA CYS A 300 -43.75 -26.24 -1.34
C CYS A 300 -44.99 -26.94 -1.87
N LEU A 301 -44.83 -28.00 -2.65
CA LEU A 301 -45.98 -28.76 -3.14
C LEU A 301 -46.51 -29.70 -2.06
N PHE A 320 -44.57 -40.29 -0.88
CA PHE A 320 -43.52 -40.97 -1.63
C PHE A 320 -42.15 -40.36 -1.30
N SER A 321 -41.09 -41.13 -1.54
CA SER A 321 -39.75 -40.68 -1.16
C SER A 321 -39.36 -39.41 -1.91
N SER A 322 -39.56 -39.38 -3.22
CA SER A 322 -39.14 -38.23 -4.01
C SER A 322 -39.86 -36.96 -3.57
N LEU A 323 -41.16 -37.08 -3.29
CA LEU A 323 -41.94 -35.91 -2.89
C LEU A 323 -41.39 -35.30 -1.61
N LYS A 324 -41.04 -36.12 -0.63
CA LYS A 324 -40.55 -35.60 0.63
C LYS A 324 -39.07 -35.26 0.60
N VAL A 325 -38.32 -35.72 -0.40
CA VAL A 325 -36.90 -35.39 -0.43
C VAL A 325 -36.61 -34.18 -1.32
N VAL A 326 -37.49 -33.87 -2.28
CA VAL A 326 -37.27 -32.69 -3.10
C VAL A 326 -37.46 -31.42 -2.30
N ARG A 327 -37.97 -31.54 -1.07
CA ARG A 327 -38.28 -30.38 -0.22
C ARG A 327 -37.03 -29.62 0.17
N LEU A 328 -35.86 -30.22 -0.03
CA LEU A 328 -34.59 -29.57 0.33
C LEU A 328 -34.32 -28.29 -0.44
N LEU A 329 -35.01 -28.06 -1.56
CA LEU A 329 -34.78 -26.86 -2.35
C LEU A 329 -35.24 -25.59 -1.65
N ARG A 330 -35.77 -25.70 -0.43
CA ARG A 330 -36.12 -24.51 0.34
C ARG A 330 -34.89 -23.69 0.73
N LEU A 331 -33.69 -24.24 0.57
CA LEU A 331 -32.46 -23.52 0.91
C LEU A 331 -32.22 -22.32 -0.01
N GLY A 332 -32.97 -22.19 -1.10
CA GLY A 332 -32.87 -20.99 -1.92
C GLY A 332 -33.23 -19.73 -1.16
N ARG A 333 -34.12 -19.85 -0.16
CA ARG A 333 -34.45 -18.69 0.66
C ARG A 333 -33.25 -18.19 1.43
N VAL A 334 -32.47 -19.11 2.01
CA VAL A 334 -31.25 -18.71 2.71
C VAL A 334 -30.21 -18.20 1.72
N ALA A 335 -30.05 -18.89 0.59
CA ALA A 335 -29.00 -18.52 -0.36
C ALA A 335 -29.26 -17.14 -0.96
N ARG A 336 -30.51 -16.84 -1.30
CA ARG A 336 -30.82 -15.61 -2.02
C ARG A 336 -30.58 -14.37 -1.17
N LYS A 337 -31.07 -14.38 0.07
CA LYS A 337 -31.05 -13.20 0.93
C LYS A 337 -29.95 -13.27 1.98
N LEU A 338 -28.81 -13.87 1.61
CA LEU A 338 -27.72 -14.04 2.56
C LEU A 338 -27.02 -12.73 2.89
N ASP A 339 -27.14 -11.71 2.05
CA ASP A 339 -26.40 -10.47 2.24
C ASP A 339 -26.93 -9.64 3.41
N HIS A 340 -28.21 -9.77 3.74
CA HIS A 340 -28.80 -8.90 4.76
C HIS A 340 -28.17 -9.14 6.13
N TYR A 341 -27.90 -10.40 6.47
CA TYR A 341 -27.54 -10.78 7.82
C TYR A 341 -26.19 -11.50 7.91
N LEU A 342 -25.33 -11.34 6.90
CA LEU A 342 -24.01 -11.93 6.98
C LEU A 342 -23.17 -11.26 8.06
N GLU A 343 -23.31 -9.95 8.21
CA GLU A 343 -22.51 -9.21 9.20
C GLU A 343 -23.40 -8.37 10.13
N TYR A 344 -24.42 -9.00 10.71
CA TYR A 344 -25.07 -8.37 11.86
C TYR A 344 -24.14 -8.31 13.05
N GLY A 345 -23.03 -9.05 13.01
CA GLY A 345 -22.05 -9.11 14.07
C GLY A 345 -21.02 -10.18 13.77
N ALA A 346 -20.72 -11.02 14.75
CA ALA A 346 -19.88 -12.19 14.52
C ALA A 346 -20.76 -13.35 14.11
N ALA A 347 -21.20 -13.31 12.85
CA ALA A 347 -22.14 -14.29 12.32
C ALA A 347 -21.52 -15.30 11.37
N VAL A 348 -20.49 -14.93 10.63
CA VAL A 348 -19.81 -15.90 9.76
C VAL A 348 -19.22 -17.04 10.57
N LEU A 349 -18.69 -16.73 11.74
CA LEU A 349 -18.17 -17.74 12.66
C LEU A 349 -19.22 -18.75 13.09
N VAL A 350 -20.50 -18.41 13.01
CA VAL A 350 -21.56 -19.35 13.34
C VAL A 350 -22.06 -20.00 12.07
N LEU A 351 -22.04 -19.27 10.96
CA LEU A 351 -22.49 -19.83 9.69
C LEU A 351 -21.61 -21.00 9.28
N LEU A 352 -20.29 -20.89 9.48
CA LEU A 352 -19.39 -21.96 9.07
C LEU A 352 -19.64 -23.22 9.89
N VAL A 353 -19.79 -23.09 11.21
CA VAL A 353 -20.06 -24.28 12.00
C VAL A 353 -21.44 -24.83 11.71
N CYS A 354 -22.39 -23.98 11.31
CA CYS A 354 -23.71 -24.47 10.94
C CYS A 354 -23.65 -25.32 9.67
N VAL A 355 -22.97 -24.82 8.65
CA VAL A 355 -22.88 -25.62 7.42
C VAL A 355 -22.07 -26.88 7.69
N PHE A 356 -21.09 -26.81 8.60
CA PHE A 356 -20.36 -28.01 8.99
C PHE A 356 -21.31 -29.04 9.58
N GLY A 357 -22.15 -28.63 10.52
CA GLY A 357 -23.10 -29.54 11.12
C GLY A 357 -24.06 -30.14 10.09
N LEU A 358 -24.56 -29.31 9.19
CA LEU A 358 -25.51 -29.82 8.19
C LEU A 358 -24.87 -30.82 7.24
N VAL A 359 -23.65 -30.54 6.76
CA VAL A 359 -23.03 -31.49 5.86
C VAL A 359 -22.69 -32.77 6.60
N ALA A 360 -22.30 -32.66 7.87
CA ALA A 360 -22.06 -33.86 8.67
C ALA A 360 -23.33 -34.69 8.79
N HIS A 361 -24.46 -34.04 9.03
CA HIS A 361 -25.71 -34.77 9.17
C HIS A 361 -26.11 -35.46 7.87
N TRP A 362 -25.97 -34.77 6.75
CA TRP A 362 -26.33 -35.37 5.47
C TRP A 362 -25.46 -36.58 5.18
N LEU A 363 -24.14 -36.45 5.37
CA LEU A 363 -23.26 -37.59 5.12
C LEU A 363 -23.54 -38.74 6.09
N ALA A 364 -23.90 -38.43 7.34
CA ALA A 364 -24.24 -39.50 8.27
C ALA A 364 -25.49 -40.24 7.82
N CYS A 365 -26.48 -39.50 7.31
CA CYS A 365 -27.69 -40.17 6.82
C CYS A 365 -27.37 -41.08 5.64
N ILE A 366 -26.56 -40.60 4.69
CA ILE A 366 -26.19 -41.45 3.56
C ILE A 366 -25.42 -42.68 4.04
N TRP A 367 -24.52 -42.49 5.00
CA TRP A 367 -23.75 -43.62 5.51
C TRP A 367 -24.63 -44.67 6.15
N TYR A 368 -25.62 -44.24 6.94
CA TYR A 368 -26.51 -45.21 7.54
C TYR A 368 -27.34 -45.91 6.49
N SER A 369 -27.73 -45.20 5.43
CA SER A 369 -28.48 -45.85 4.36
C SER A 369 -27.65 -46.95 3.70
N ILE A 370 -26.38 -46.66 3.42
CA ILE A 370 -25.50 -47.66 2.82
C ILE A 370 -25.32 -48.84 3.76
N GLY A 371 -25.09 -48.57 5.04
CA GLY A 371 -24.94 -49.65 6.00
C GLY A 371 -26.17 -50.53 6.10
N ASP A 372 -27.36 -49.92 6.08
CA ASP A 372 -28.58 -50.71 6.16
C ASP A 372 -28.83 -51.48 4.89
N TYR A 373 -28.39 -50.96 3.74
CA TYR A 373 -28.57 -51.72 2.50
C TYR A 373 -27.63 -52.92 2.46
N GLU A 374 -26.42 -52.78 2.99
CA GLU A 374 -25.43 -53.86 2.93
C GLU A 374 -25.89 -55.10 3.71
N VAL A 375 -26.26 -54.90 4.98
CA VAL A 375 -26.93 -55.94 5.75
C VAL A 375 -28.33 -56.03 5.16
N ILE A 376 -29.09 -57.09 5.52
CA ILE A 376 -30.29 -57.62 4.88
C ILE A 376 -29.80 -58.67 3.90
N ASP A 377 -28.48 -58.68 3.69
CA ASP A 377 -27.74 -59.81 3.14
C ASP A 377 -27.88 -59.92 1.63
N GLU A 378 -28.35 -58.87 0.97
CA GLU A 378 -28.39 -58.78 -0.49
C GLU A 378 -29.09 -60.00 -1.10
N VAL A 379 -30.29 -60.25 -0.55
CA VAL A 379 -31.31 -61.27 -0.83
C VAL A 379 -30.96 -62.45 0.07
N THR A 380 -31.75 -63.52 0.01
CA THR A 380 -31.57 -64.70 0.85
C THR A 380 -31.58 -64.20 2.30
N ASN A 381 -30.89 -64.86 3.22
CA ASN A 381 -30.75 -64.36 4.59
C ASN A 381 -29.49 -64.99 5.19
N THR A 382 -28.40 -64.22 5.18
CA THR A 382 -27.16 -64.63 5.81
C THR A 382 -26.35 -63.38 6.10
N ILE A 383 -26.24 -63.05 7.38
CA ILE A 383 -25.69 -61.77 7.84
C ILE A 383 -24.30 -61.59 7.26
N GLN A 384 -24.06 -60.42 6.68
CA GLN A 384 -22.74 -60.09 6.16
C GLN A 384 -21.82 -59.78 7.34
N ILE A 385 -20.71 -60.51 7.42
CA ILE A 385 -19.78 -60.37 8.54
C ILE A 385 -18.82 -59.22 8.24
N ASP A 386 -19.14 -58.43 7.22
CA ASP A 386 -18.29 -57.34 6.76
C ASP A 386 -18.84 -55.98 7.11
N SER A 387 -20.12 -55.71 6.81
CA SER A 387 -20.63 -54.35 6.89
C SER A 387 -20.61 -53.83 8.32
N TRP A 388 -20.38 -52.52 8.45
CA TRP A 388 -20.07 -51.96 9.75
C TRP A 388 -21.22 -52.07 10.74
N LEU A 389 -22.44 -52.34 10.28
CA LEU A 389 -23.54 -52.56 11.22
C LEU A 389 -23.30 -53.80 12.06
N TYR A 390 -22.82 -54.87 11.43
CA TYR A 390 -22.52 -56.08 12.19
C TYR A 390 -21.43 -55.83 13.22
N GLN A 391 -20.39 -55.08 12.83
CA GLN A 391 -19.30 -54.79 13.76
C GLN A 391 -19.76 -53.91 14.91
N LEU A 392 -20.60 -52.91 14.62
CA LEU A 392 -21.15 -52.09 15.69
C LEU A 392 -21.99 -52.91 16.64
N ALA A 393 -22.83 -53.79 16.10
CA ALA A 393 -23.67 -54.63 16.96
C ALA A 393 -22.82 -55.56 17.80
N LEU A 394 -21.70 -56.03 17.25
CA LEU A 394 -20.82 -56.91 18.02
C LEU A 394 -20.07 -56.14 19.09
N SER A 395 -19.66 -54.91 18.81
CA SER A 395 -18.87 -54.16 19.77
C SER A 395 -19.72 -53.62 20.91
N ILE A 396 -20.91 -53.11 20.61
CA ILE A 396 -21.80 -52.63 21.68
C ILE A 396 -22.18 -53.77 22.61
N GLY A 397 -22.53 -54.91 22.04
CA GLY A 397 -22.92 -56.05 22.84
C GLY A 397 -24.21 -56.68 22.39
N THR A 398 -25.09 -55.87 21.80
CA THR A 398 -26.38 -56.38 21.37
C THR A 398 -26.25 -57.06 20.00
N PRO A 399 -26.51 -58.35 19.90
CA PRO A 399 -26.33 -59.06 18.63
C PRO A 399 -27.60 -59.10 17.80
N TYR A 400 -27.46 -59.64 16.60
CA TYR A 400 -28.58 -59.82 15.68
C TYR A 400 -29.21 -61.20 15.89
N ARG A 401 -30.54 -61.24 15.85
CA ARG A 401 -31.29 -62.47 16.09
C ARG A 401 -32.24 -62.73 14.94
N TYR A 402 -32.52 -64.01 14.70
CA TYR A 402 -33.40 -64.45 13.64
C TYR A 402 -34.64 -65.09 14.25
N ASN A 403 -35.81 -64.64 13.83
CA ASN A 403 -37.07 -65.13 14.38
C ASN A 403 -37.56 -66.35 13.61
N ILE A 408 -38.06 -61.00 9.80
CA ILE A 408 -37.52 -62.21 10.41
C ILE A 408 -36.14 -61.94 11.00
N TRP A 409 -35.43 -60.97 10.43
CA TRP A 409 -34.18 -60.48 11.00
C TRP A 409 -34.51 -59.26 11.84
N GLU A 410 -34.71 -59.48 13.14
CA GLU A 410 -35.11 -58.41 14.04
C GLU A 410 -34.17 -58.38 15.24
N GLY A 411 -34.08 -57.21 15.86
CA GLY A 411 -33.23 -57.04 17.02
C GLY A 411 -31.83 -56.57 16.67
N GLY A 412 -31.39 -55.50 17.32
CA GLY A 412 -30.08 -54.96 17.09
C GLY A 412 -29.88 -53.67 17.86
N PRO A 413 -28.96 -52.84 17.39
CA PRO A 413 -28.76 -51.52 18.01
C PRO A 413 -30.03 -50.69 17.91
N SER A 414 -30.28 -49.92 18.97
CA SER A 414 -31.46 -49.05 18.99
C SER A 414 -31.27 -47.90 17.99
N LYS A 415 -32.38 -47.22 17.68
CA LYS A 415 -32.34 -46.18 16.66
C LYS A 415 -31.42 -45.03 17.06
N ASP A 416 -31.51 -44.58 18.31
CA ASP A 416 -30.66 -43.48 18.75
C ASP A 416 -29.19 -43.85 18.68
N SER A 417 -28.84 -45.08 19.09
CA SER A 417 -27.46 -45.50 19.01
C SER A 417 -26.98 -45.54 17.55
N LEU A 418 -27.84 -46.02 16.65
CA LEU A 418 -27.46 -46.05 15.24
C LEU A 418 -27.20 -44.66 14.72
N TYR A 419 -28.09 -43.72 15.00
CA TYR A 419 -27.89 -42.37 14.49
C TYR A 419 -26.63 -41.74 15.07
N VAL A 420 -26.42 -41.89 16.38
CA VAL A 420 -25.26 -41.24 16.98
C VAL A 420 -23.97 -41.87 16.48
N SER A 421 -23.97 -43.18 16.22
CA SER A 421 -22.77 -43.80 15.65
C SER A 421 -22.50 -43.29 14.25
N SER A 422 -23.54 -43.15 13.42
CA SER A 422 -23.31 -42.63 12.08
C SER A 422 -22.78 -41.20 12.13
N LEU A 423 -23.34 -40.37 13.01
CA LEU A 423 -22.85 -39.00 13.12
C LEU A 423 -21.41 -38.97 13.63
N TYR A 424 -21.08 -39.85 14.58
CA TYR A 424 -19.71 -39.90 15.08
C TYR A 424 -18.74 -40.28 13.98
N PHE A 425 -19.12 -41.24 13.14
CA PHE A 425 -18.23 -41.65 12.05
C PHE A 425 -18.03 -40.51 11.06
N THR A 426 -19.12 -39.85 10.66
CA THR A 426 -18.98 -38.75 9.73
C THR A 426 -18.17 -37.60 10.32
N MET A 427 -18.31 -37.36 11.62
CA MET A 427 -17.50 -36.33 12.26
C MET A 427 -16.03 -36.71 12.26
N THR A 428 -15.71 -37.99 12.51
CA THR A 428 -14.31 -38.41 12.44
C THR A 428 -13.75 -38.17 11.05
N SER A 429 -14.54 -38.46 10.02
CA SER A 429 -14.02 -38.31 8.66
C SER A 429 -13.87 -36.84 8.27
N LEU A 430 -14.83 -36.00 8.62
CA LEU A 430 -14.82 -34.61 8.16
C LEU A 430 -13.79 -33.75 8.87
N THR A 431 -13.50 -34.04 10.15
CA THR A 431 -12.50 -33.28 10.89
C THR A 431 -11.10 -33.83 10.66
N THR A 432 -10.96 -34.84 9.82
CA THR A 432 -9.67 -35.42 9.47
C THR A 432 -8.93 -35.92 10.70
N ILE A 433 -9.68 -36.46 11.66
CA ILE A 433 -9.06 -37.03 12.84
C ILE A 433 -8.89 -38.53 12.64
N GLY A 434 -9.99 -39.26 12.54
CA GLY A 434 -9.90 -40.67 12.24
C GLY A 434 -9.60 -41.48 13.47
N PHE A 435 -10.43 -42.47 13.79
CA PHE A 435 -10.18 -43.32 14.93
C PHE A 435 -10.02 -44.78 14.54
N GLY A 436 -10.98 -45.34 13.81
CA GLY A 436 -10.82 -46.65 13.23
C GLY A 436 -11.62 -47.76 13.88
N ASN A 437 -12.29 -47.49 15.01
CA ASN A 437 -13.16 -48.52 15.57
C ASN A 437 -14.40 -48.72 14.71
N ILE A 438 -14.85 -47.67 14.03
CA ILE A 438 -15.87 -47.75 12.99
C ILE A 438 -15.21 -47.31 11.70
N ALA A 439 -15.06 -48.23 10.76
CA ALA A 439 -14.32 -47.96 9.54
C ALA A 439 -14.91 -48.77 8.39
N PRO A 440 -14.77 -48.27 7.16
CA PRO A 440 -15.29 -49.03 6.01
C PRO A 440 -14.64 -50.39 5.90
N THR A 441 -15.43 -51.38 5.59
CA THR A 441 -14.91 -52.73 5.43
C THR A 441 -15.30 -53.36 4.10
N THR A 442 -16.52 -53.14 3.63
CA THR A 442 -17.02 -53.76 2.42
C THR A 442 -16.50 -53.06 1.17
N ASP A 443 -17.11 -53.38 0.04
CA ASP A 443 -16.71 -52.74 -1.21
C ASP A 443 -17.38 -51.40 -1.41
N VAL A 444 -18.73 -51.35 -1.37
CA VAL A 444 -19.45 -50.12 -1.65
C VAL A 444 -19.03 -49.02 -0.69
N GLU A 445 -18.87 -49.36 0.59
CA GLU A 445 -18.44 -48.41 1.60
C GLU A 445 -17.12 -47.76 1.24
N LYS A 446 -16.19 -48.50 0.63
CA LYS A 446 -14.92 -47.92 0.20
C LYS A 446 -15.06 -47.01 -1.01
N MET A 447 -15.98 -47.28 -1.93
CA MET A 447 -16.25 -46.32 -2.99
C MET A 447 -16.87 -45.04 -2.44
N PHE A 448 -17.71 -45.16 -1.42
CA PHE A 448 -18.27 -43.95 -0.83
C PHE A 448 -17.22 -43.17 -0.06
N SER A 449 -16.33 -43.87 0.64
CA SER A 449 -15.45 -43.22 1.59
C SER A 449 -14.42 -42.33 0.89
N VAL A 450 -14.00 -42.70 -0.32
CA VAL A 450 -13.02 -41.87 -1.03
C VAL A 450 -13.64 -40.55 -1.49
N ALA A 451 -14.88 -40.58 -2.01
CA ALA A 451 -15.55 -39.34 -2.34
C ALA A 451 -15.79 -38.50 -1.10
N MET A 452 -16.17 -39.15 -0.01
CA MET A 452 -16.36 -38.43 1.25
C MET A 452 -15.06 -37.80 1.74
N MET A 453 -13.93 -38.49 1.54
CA MET A 453 -12.64 -37.91 1.91
C MET A 453 -12.32 -36.68 1.08
N MET A 454 -12.54 -36.74 -0.23
CA MET A 454 -12.21 -35.57 -1.06
C MET A 454 -13.11 -34.38 -0.71
N VAL A 455 -14.41 -34.63 -0.53
CA VAL A 455 -15.31 -33.55 -0.15
C VAL A 455 -14.93 -32.97 1.20
N GLY A 456 -14.53 -33.84 2.14
CA GLY A 456 -14.10 -33.36 3.43
C GLY A 456 -12.83 -32.53 3.35
N SER A 457 -11.91 -32.91 2.46
CA SER A 457 -10.72 -32.11 2.25
C SER A 457 -11.08 -30.71 1.78
N LEU A 458 -11.94 -30.63 0.77
CA LEU A 458 -12.34 -29.32 0.25
C LEU A 458 -13.02 -28.49 1.33
N LEU A 459 -13.91 -29.11 2.11
CA LEU A 459 -14.67 -28.36 3.10
C LEU A 459 -13.78 -27.91 4.26
N TYR A 460 -12.86 -28.77 4.68
CA TYR A 460 -11.93 -28.39 5.75
C TYR A 460 -10.99 -27.29 5.28
N ALA A 461 -10.68 -27.26 3.99
CA ALA A 461 -10.01 -26.08 3.44
C ALA A 461 -10.90 -24.85 3.57
N THR A 462 -12.19 -25.02 3.29
CA THR A 462 -13.12 -23.88 3.31
C THR A 462 -13.32 -23.30 4.70
N ILE A 463 -13.12 -24.10 5.75
CA ILE A 463 -13.42 -23.67 7.12
C ILE A 463 -12.72 -22.38 7.57
N PHE A 464 -11.69 -21.93 6.87
CA PHE A 464 -10.76 -20.93 7.41
C PHE A 464 -11.33 -19.50 7.48
N GLY A 465 -12.62 -19.31 7.18
CA GLY A 465 -13.25 -18.05 7.54
C GLY A 465 -13.12 -17.72 9.01
N ASN A 466 -12.90 -18.73 9.85
CA ASN A 466 -12.60 -18.52 11.26
C ASN A 466 -11.15 -18.09 11.50
N VAL A 467 -10.20 -18.64 10.73
CA VAL A 467 -8.84 -18.19 10.91
C VAL A 467 -8.73 -16.76 10.37
N THR A 468 -9.78 -16.22 9.75
CA THR A 468 -9.79 -14.75 9.67
C THR A 468 -9.82 -14.03 11.01
N THR A 469 -10.76 -14.33 11.90
CA THR A 469 -10.74 -13.68 13.20
C THR A 469 -9.49 -14.04 13.99
N ILE A 470 -9.11 -15.32 13.93
CA ILE A 470 -7.80 -15.71 14.41
C ILE A 470 -6.68 -14.92 13.73
N PHE A 471 -6.88 -14.48 12.48
CA PHE A 471 -5.87 -13.73 11.76
C PHE A 471 -5.81 -12.29 12.25
N GLN A 472 -6.96 -11.74 12.62
CA GLN A 472 -6.94 -10.45 13.31
C GLN A 472 -6.14 -10.51 14.59
N GLN A 473 -6.37 -11.55 15.40
CA GLN A 473 -5.59 -11.72 16.63
C GLN A 473 -4.09 -11.85 16.34
N MET A 474 -3.75 -12.79 15.46
CA MET A 474 -2.35 -13.06 15.17
C MET A 474 -1.69 -11.89 14.43
N TYR A 475 -2.50 -11.08 13.74
CA TYR A 475 -2.00 -9.86 13.11
C TYR A 475 -1.70 -8.79 14.15
N ALA A 476 -2.51 -8.73 15.20
CA ALA A 476 -2.15 -7.88 16.33
C ALA A 476 -0.83 -8.32 16.93
N ASN A 477 -0.63 -9.64 17.06
CA ASN A 477 0.66 -10.15 17.51
C ASN A 477 1.80 -9.65 16.62
N THR A 478 1.65 -9.80 15.30
CA THR A 478 2.70 -9.37 14.39
C THR A 478 2.94 -7.87 14.47
N ASN A 479 1.89 -7.07 14.65
CA ASN A 479 2.06 -5.63 14.75
C ASN A 479 2.83 -5.25 16.01
N ARG A 480 2.55 -5.91 17.13
CA ARG A 480 3.33 -5.66 18.34
C ARG A 480 4.79 -6.05 18.15
N TYR A 481 5.04 -7.21 17.53
CA TYR A 481 6.43 -7.61 17.29
C TYR A 481 7.10 -6.65 16.33
N HIS A 482 6.35 -6.12 15.36
CA HIS A 482 6.85 -5.13 14.43
C HIS A 482 7.26 -3.84 15.13
N GLU A 483 6.43 -3.36 16.06
CA GLU A 483 6.79 -2.14 16.78
C GLU A 483 8.02 -2.38 17.65
N MET A 484 8.14 -3.58 18.22
CA MET A 484 9.34 -3.91 18.98
C MET A 484 10.58 -3.85 18.10
N LEU A 485 10.50 -4.46 16.91
CA LEU A 485 11.63 -4.41 15.98
C LEU A 485 11.94 -2.97 15.58
N ASN A 486 10.90 -2.18 15.33
CA ASN A 486 11.05 -0.79 14.95
C ASN A 486 11.87 -0.05 16.01
N ASN A 487 11.45 -0.18 17.27
CA ASN A 487 12.14 0.48 18.37
C ASN A 487 13.60 0.06 18.44
N VAL A 488 13.85 -1.25 18.44
CA VAL A 488 15.21 -1.75 18.65
C VAL A 488 16.12 -1.30 17.50
N ARG A 489 15.64 -1.47 16.26
CA ARG A 489 16.48 -1.15 15.11
C ARG A 489 16.71 0.35 15.01
N ASP A 490 15.71 1.17 15.35
CA ASP A 490 15.91 2.61 15.38
C ASP A 490 17.02 2.95 16.37
N PHE A 491 16.90 2.42 17.59
CA PHE A 491 17.88 2.72 18.63
C PHE A 491 19.29 2.36 18.19
N LEU A 492 19.45 1.17 17.59
CA LEU A 492 20.78 0.74 17.18
C LEU A 492 21.30 1.57 16.02
N LYS A 493 20.47 1.81 14.99
CA LYS A 493 20.96 2.54 13.82
C LYS A 493 21.27 3.98 14.16
N LEU A 494 20.71 4.49 15.27
CA LEU A 494 21.02 5.84 15.72
C LEU A 494 22.51 6.04 16.00
N TYR A 495 23.31 4.96 15.98
CA TYR A 495 24.73 5.01 16.27
C TYR A 495 24.86 5.39 17.75
N GLN A 496 23.74 5.22 18.48
CA GLN A 496 23.58 5.60 19.88
C GLN A 496 23.63 7.11 20.06
N VAL A 497 22.70 7.62 20.85
CA VAL A 497 22.59 9.04 21.20
C VAL A 497 22.21 9.07 22.67
N PRO A 498 22.26 10.22 23.35
CA PRO A 498 21.84 10.25 24.76
C PRO A 498 20.45 9.65 24.94
N LYS A 499 20.34 8.78 25.94
CA LYS A 499 19.14 7.96 26.14
C LYS A 499 17.90 8.79 26.45
N GLY A 500 18.06 10.03 26.91
CA GLY A 500 16.89 10.88 27.10
C GLY A 500 16.12 11.09 25.81
N LEU A 501 16.84 11.24 24.69
CA LEU A 501 16.18 11.42 23.40
C LEU A 501 15.36 10.19 23.02
N SER A 502 15.92 9.00 23.21
CA SER A 502 15.19 7.78 22.92
C SER A 502 13.98 7.64 23.83
N GLU A 503 14.13 8.03 25.10
CA GLU A 503 13.00 8.00 26.03
C GLU A 503 11.90 8.94 25.57
N ARG A 504 12.25 10.15 25.12
CA ARG A 504 11.25 11.07 24.59
C ARG A 504 10.56 10.48 23.37
N VAL A 505 11.33 9.87 22.48
CA VAL A 505 10.75 9.28 21.27
C VAL A 505 9.77 8.18 21.63
N MET A 506 10.16 7.30 22.55
CA MET A 506 9.31 6.19 22.94
C MET A 506 8.02 6.70 23.59
N ASP A 507 8.14 7.68 24.49
CA ASP A 507 6.95 8.25 25.11
C ASP A 507 6.04 8.89 24.07
N TYR A 508 6.61 9.62 23.11
CA TYR A 508 5.79 10.29 22.12
C TYR A 508 5.07 9.29 21.24
N ILE A 509 5.76 8.20 20.85
CA ILE A 509 5.13 7.20 20.00
C ILE A 509 3.97 6.52 20.73
N VAL A 510 4.20 6.14 22.00
CA VAL A 510 3.10 5.48 22.72
C VAL A 510 1.96 6.46 23.00
N SER A 511 2.28 7.73 23.25
CA SER A 511 1.22 8.72 23.44
C SER A 511 0.39 8.89 22.17
N THR A 512 1.06 9.09 21.03
CA THR A 512 0.32 9.23 19.78
C THR A 512 -0.46 7.97 19.44
N TRP A 513 0.02 6.82 19.91
CA TRP A 513 -0.80 5.61 19.86
C TRP A 513 -2.08 5.81 20.66
N SER A 514 -1.95 6.24 21.92
CA SER A 514 -3.10 6.20 22.81
C SER A 514 -3.92 7.49 22.83
N MET A 515 -4.19 8.07 21.67
CA MET A 515 -5.40 8.85 21.41
C MET A 515 -5.84 8.66 19.96
N SER A 516 -5.09 7.87 19.21
CA SER A 516 -5.32 7.64 17.78
C SER A 516 -5.16 6.17 17.45
N LYS A 517 -5.82 5.31 18.22
CA LYS A 517 -5.62 3.87 18.11
C LYS A 517 -6.19 3.33 16.81
N GLY A 518 -5.34 3.20 15.80
CA GLY A 518 -5.72 2.61 14.53
C GLY A 518 -6.24 3.61 13.51
N ILE A 519 -7.44 4.15 13.73
CA ILE A 519 -8.05 5.05 12.76
C ILE A 519 -7.46 6.44 12.90
N ASP A 520 -7.05 7.02 11.78
CA ASP A 520 -6.47 8.35 11.72
C ASP A 520 -7.55 9.40 11.51
N THR A 521 -7.10 10.65 11.34
CA THR A 521 -7.97 11.78 11.06
C THR A 521 -7.86 12.27 9.62
N GLU A 522 -6.88 11.75 8.87
CA GLU A 522 -6.62 12.21 7.51
C GLU A 522 -7.33 11.35 6.47
N LYS A 523 -7.11 10.03 6.49
CA LYS A 523 -7.77 9.16 5.52
C LYS A 523 -9.28 9.20 5.69
N VAL A 524 -9.76 9.39 6.92
CA VAL A 524 -11.18 9.51 7.17
C VAL A 524 -11.76 10.73 6.46
N LEU A 525 -11.00 11.83 6.41
CA LEU A 525 -11.50 13.08 5.88
C LEU A 525 -11.22 13.24 4.38
N SER A 526 -10.47 12.32 3.79
CA SER A 526 -10.21 12.35 2.35
C SER A 526 -11.21 11.53 1.56
N ILE A 527 -12.11 10.81 2.21
CA ILE A 527 -13.17 10.07 1.55
C ILE A 527 -14.52 10.77 1.68
N CYS A 528 -14.51 12.07 1.95
CA CYS A 528 -15.67 12.89 2.23
C CYS A 528 -15.92 13.89 1.11
N PRO A 529 -17.15 14.35 0.92
CA PRO A 529 -17.39 15.50 0.04
C PRO A 529 -16.74 16.74 0.61
N LYS A 530 -16.61 17.76 -0.24
CA LYS A 530 -16.04 19.01 0.22
C LYS A 530 -16.87 19.60 1.35
N ASP A 531 -18.20 19.59 1.20
CA ASP A 531 -19.05 20.21 2.21
C ASP A 531 -19.14 19.36 3.46
N MET A 532 -19.20 18.04 3.32
CA MET A 532 -19.31 17.22 4.53
C MET A 532 -17.97 17.11 5.24
N ARG A 533 -16.86 17.16 4.49
CA ARG A 533 -15.56 17.31 5.12
C ARG A 533 -15.46 18.63 5.87
N ALA A 534 -16.00 19.70 5.29
CA ALA A 534 -16.06 20.97 6.02
C ALA A 534 -16.93 20.85 7.27
N ASP A 535 -18.01 20.07 7.18
CA ASP A 535 -18.84 19.82 8.36
C ASP A 535 -18.04 19.12 9.45
N ILE A 536 -17.26 18.11 9.07
CA ILE A 536 -16.43 17.39 10.03
C ILE A 536 -15.42 18.33 10.66
N CYS A 537 -14.76 19.15 9.84
CA CYS A 537 -13.76 20.07 10.36
C CYS A 537 -14.40 21.12 11.28
N VAL A 538 -15.62 21.54 10.96
CA VAL A 538 -16.26 22.56 11.79
C VAL A 538 -16.76 22.00 13.11
N HIS A 539 -17.23 20.75 13.15
CA HIS A 539 -17.68 20.26 14.47
C HIS A 539 -16.60 19.45 15.18
N LEU A 540 -15.39 19.34 14.60
CA LEU A 540 -14.29 18.76 15.34
C LEU A 540 -13.79 19.73 16.42
N ASN A 541 -13.76 21.03 16.11
CA ASN A 541 -13.09 21.97 17.01
C ASN A 541 -13.99 22.36 18.18
N ARG A 542 -15.04 23.13 17.91
CA ARG A 542 -16.14 23.35 18.84
C ARG A 542 -15.73 23.85 20.23
N LYS A 543 -14.46 24.19 20.44
CA LYS A 543 -13.97 24.58 21.76
C LYS A 543 -13.38 25.98 21.81
N VAL A 544 -13.10 26.60 20.67
CA VAL A 544 -12.94 28.04 20.57
C VAL A 544 -14.13 28.69 19.90
N PHE A 545 -14.72 28.03 18.91
CA PHE A 545 -15.90 28.49 18.20
C PHE A 545 -17.12 28.58 19.11
N ASN A 546 -17.33 27.59 19.98
CA ASN A 546 -18.50 27.57 20.84
C ASN A 546 -18.17 27.86 22.30
N GLU A 547 -16.91 28.14 22.62
CA GLU A 547 -16.53 28.36 24.01
C GLU A 547 -15.80 29.68 24.20
N HIS A 548 -14.94 30.03 23.26
CA HIS A 548 -14.29 31.33 23.36
C HIS A 548 -15.27 32.43 22.96
N PRO A 549 -15.35 33.51 23.73
CA PRO A 549 -16.28 34.60 23.42
C PRO A 549 -15.81 35.52 22.28
N ALA A 550 -15.45 34.91 21.15
CA ALA A 550 -15.17 35.65 19.92
C ALA A 550 -15.96 35.13 18.73
N PHE A 551 -16.19 33.82 18.65
CA PHE A 551 -17.01 33.24 17.58
C PHE A 551 -18.48 33.16 18.01
N ARG A 552 -19.18 34.28 17.87
CA ARG A 552 -20.60 34.31 18.16
C ARG A 552 -21.45 34.68 16.94
N LEU A 553 -21.06 35.75 16.24
CA LEU A 553 -21.86 36.26 15.13
C LEU A 553 -21.32 35.71 13.81
N ALA A 554 -21.47 34.40 13.65
CA ALA A 554 -21.14 33.70 12.42
C ALA A 554 -21.90 32.38 12.42
N SER A 555 -22.91 32.29 11.56
CA SER A 555 -23.80 31.13 11.61
C SER A 555 -23.16 29.90 10.99
N ASP A 556 -22.91 29.93 9.68
CA ASP A 556 -22.26 28.81 9.03
C ASP A 556 -21.33 29.21 7.90
N GLY A 557 -21.14 30.50 7.62
CA GLY A 557 -20.36 30.90 6.47
C GLY A 557 -18.94 31.33 6.78
N CYS A 558 -18.78 32.14 7.82
CA CYS A 558 -17.43 32.52 8.24
C CYS A 558 -16.70 31.34 8.88
N LEU A 559 -17.39 30.64 9.79
CA LEU A 559 -16.74 29.58 10.53
C LEU A 559 -16.29 28.45 9.63
N ARG A 560 -17.17 27.96 8.77
CA ARG A 560 -16.77 26.90 7.85
C ARG A 560 -15.76 27.38 6.82
N ALA A 561 -15.60 28.69 6.65
CA ALA A 561 -14.48 29.22 5.89
C ALA A 561 -13.20 29.26 6.71
N LEU A 562 -13.30 29.24 8.03
CA LEU A 562 -12.13 29.18 8.90
C LEU A 562 -11.93 27.82 9.56
N ALA A 563 -13.01 27.17 10.00
CA ALA A 563 -12.87 25.96 10.81
C ALA A 563 -12.24 24.82 10.03
N VAL A 564 -12.18 24.94 8.70
CA VAL A 564 -11.47 23.95 7.89
C VAL A 564 -9.97 24.08 8.03
N GLU A 565 -9.49 25.14 8.69
CA GLU A 565 -8.07 25.44 8.73
C GLU A 565 -7.42 25.34 10.11
N PHE A 566 -8.16 25.56 11.20
CA PHE A 566 -7.59 25.28 12.50
C PHE A 566 -7.23 23.81 12.63
N GLN A 567 -5.94 23.55 12.81
CA GLN A 567 -5.42 22.23 13.10
C GLN A 567 -5.10 22.16 14.59
N THR A 568 -5.54 21.08 15.23
CA THR A 568 -5.40 20.90 16.67
C THR A 568 -4.15 20.07 16.95
N ILE A 569 -3.21 20.66 17.69
CA ILE A 569 -2.03 19.93 18.12
C ILE A 569 -2.18 19.58 19.59
N HIS A 570 -1.70 18.40 19.95
CA HIS A 570 -1.67 17.93 21.33
C HIS A 570 -0.24 18.16 21.83
N CYS A 571 -0.07 19.20 22.64
CA CYS A 571 1.26 19.60 23.06
C CYS A 571 1.83 18.63 24.07
N ALA A 572 3.15 18.71 24.27
CA ALA A 572 3.85 17.85 25.20
C ALA A 572 4.73 18.68 26.14
N PRO A 573 4.81 18.29 27.41
CA PRO A 573 5.60 19.09 28.38
C PRO A 573 7.06 19.20 27.97
N GLY A 574 7.62 20.38 28.18
CA GLY A 574 9.00 20.64 27.85
C GLY A 574 9.27 21.04 26.41
N ASP A 575 8.24 21.08 25.57
CA ASP A 575 8.44 21.38 24.16
C ASP A 575 8.60 22.89 23.94
N LEU A 576 9.44 23.23 22.97
CA LEU A 576 9.63 24.61 22.52
C LEU A 576 8.86 24.78 21.22
N ILE A 577 7.74 25.51 21.26
CA ILE A 577 6.85 25.60 20.11
C ILE A 577 7.32 26.70 19.15
N TYR A 578 7.29 27.94 19.63
CA TYR A 578 7.68 29.08 18.81
C TYR A 578 8.83 29.82 19.48
N HIS A 579 9.85 29.07 19.89
CA HIS A 579 10.99 29.60 20.62
C HIS A 579 11.83 30.46 19.70
N ALA A 580 13.00 30.89 20.18
CA ALA A 580 13.92 31.63 19.33
C ALA A 580 14.64 30.67 18.37
N GLY A 581 13.84 29.98 17.56
CA GLY A 581 14.36 29.02 16.61
C GLY A 581 13.68 29.03 15.26
N GLU A 582 12.60 29.79 15.12
CA GLU A 582 11.80 29.80 13.91
C GLU A 582 11.28 31.21 13.68
N SER A 583 10.30 31.33 12.78
CA SER A 583 9.60 32.58 12.50
C SER A 583 8.12 32.39 12.83
N VAL A 584 7.50 33.44 13.35
CA VAL A 584 6.08 33.39 13.70
C VAL A 584 5.28 33.36 12.40
N ASP A 585 4.44 32.35 12.23
CA ASP A 585 3.65 32.21 11.02
C ASP A 585 2.25 31.66 11.33
N ALA A 586 1.77 31.82 12.56
CA ALA A 586 0.53 31.19 12.95
C ALA A 586 -0.01 31.82 14.23
N LEU A 587 -1.29 32.19 14.21
CA LEU A 587 -1.99 32.54 15.44
C LEU A 587 -2.26 31.25 16.19
N CYS A 588 -2.20 31.31 17.52
CA CYS A 588 -2.44 30.14 18.35
C CYS A 588 -3.36 30.51 19.50
N PHE A 589 -4.19 29.57 19.92
CA PHE A 589 -5.05 29.73 21.08
C PHE A 589 -4.90 28.51 21.97
N VAL A 590 -5.21 28.67 23.26
CA VAL A 590 -5.09 27.60 24.24
C VAL A 590 -6.49 27.19 24.69
N VAL A 591 -6.73 25.89 24.76
CA VAL A 591 -8.06 25.41 25.12
C VAL A 591 -8.00 24.48 26.32
N SER A 592 -6.86 23.80 26.50
CA SER A 592 -6.72 22.83 27.58
C SER A 592 -5.25 22.73 27.92
N GLY A 593 -4.85 23.40 28.99
CA GLY A 593 -3.47 23.41 29.43
C GLY A 593 -2.96 24.82 29.63
N SER A 594 -1.63 24.93 29.61
CA SER A 594 -1.00 26.20 29.88
C SER A 594 0.37 26.24 29.20
N LEU A 595 0.71 27.38 28.61
CA LEU A 595 1.96 27.56 27.89
C LEU A 595 2.83 28.56 28.61
N GLU A 596 4.14 28.32 28.59
CA GLU A 596 5.13 29.16 29.26
C GLU A 596 5.95 29.92 28.22
N VAL A 597 6.18 31.21 28.47
CA VAL A 597 6.87 32.07 27.50
C VAL A 597 8.08 32.65 28.24
N ILE A 598 9.26 32.16 27.90
CA ILE A 598 10.51 32.68 28.46
C ILE A 598 10.87 33.97 27.74
N GLN A 599 11.40 34.95 28.48
CA GLN A 599 11.95 36.17 27.89
C GLN A 599 13.39 36.30 28.34
N ASP A 600 14.30 35.61 27.66
CA ASP A 600 15.72 35.60 28.04
C ASP A 600 15.89 35.11 29.48
N ASP A 601 15.51 33.84 29.69
CA ASP A 601 15.66 33.16 30.99
C ASP A 601 14.90 33.85 32.11
N GLU A 602 13.74 34.44 31.79
CA GLU A 602 12.89 35.03 32.82
C GLU A 602 11.48 35.20 32.26
N VAL A 603 10.46 35.08 33.13
CA VAL A 603 9.13 34.70 32.70
C VAL A 603 8.09 35.75 33.11
N VAL A 604 7.10 35.98 32.25
CA VAL A 604 5.88 36.68 32.66
C VAL A 604 4.63 35.99 32.15
N ALA A 605 4.78 35.07 31.21
CA ALA A 605 3.60 34.57 30.53
C ALA A 605 3.46 33.08 30.81
N ILE A 606 2.45 32.74 31.59
CA ILE A 606 1.95 31.38 31.71
C ILE A 606 0.45 31.46 31.47
N LEU A 607 -0.01 30.82 30.39
CA LEU A 607 -1.33 31.10 29.87
C LEU A 607 -2.38 30.25 30.57
N GLY A 608 -3.64 30.68 30.47
CA GLY A 608 -4.71 29.96 31.14
C GLY A 608 -5.74 29.37 30.19
N LYS A 609 -6.97 29.86 30.28
CA LYS A 609 -8.06 29.37 29.46
C LYS A 609 -8.40 30.41 28.40
N GLY A 610 -8.44 29.99 27.14
CA GLY A 610 -8.80 30.89 26.06
C GLY A 610 -7.88 32.09 25.93
N ASP A 611 -6.58 31.84 25.93
CA ASP A 611 -5.57 32.90 25.95
C ASP A 611 -4.71 32.80 24.70
N VAL A 612 -4.50 33.93 24.03
CA VAL A 612 -3.89 33.97 22.70
C VAL A 612 -2.45 34.42 22.82
N PHE A 613 -1.58 33.78 22.05
CA PHE A 613 -0.21 34.25 21.83
C PHE A 613 0.09 34.24 20.34
N GLY A 614 0.97 35.15 19.93
CA GLY A 614 1.26 35.33 18.52
C GLY A 614 0.87 36.71 18.06
N ASP A 615 1.60 37.20 17.06
CA ASP A 615 1.41 38.55 16.57
C ASP A 615 0.08 38.68 15.85
N ILE A 616 -0.55 39.84 15.98
CA ILE A 616 -1.83 40.11 15.32
C ILE A 616 -1.57 40.50 13.88
N PHE A 617 -2.50 40.13 13.00
CA PHE A 617 -2.33 40.35 11.56
C PHE A 617 -3.47 41.10 10.91
N TRP A 618 -4.54 41.44 11.65
CA TRP A 618 -5.70 42.03 11.01
C TRP A 618 -5.59 43.55 10.84
N LYS A 619 -4.79 44.23 11.66
CA LYS A 619 -4.54 45.65 11.45
C LYS A 619 -3.06 45.99 11.41
N GLU A 620 -2.19 45.00 11.21
CA GLU A 620 -0.75 45.24 11.17
C GLU A 620 -0.15 45.01 9.80
N THR A 621 -0.35 43.82 9.22
CA THR A 621 0.39 43.39 8.03
C THR A 621 1.90 43.56 8.27
N THR A 622 2.30 43.28 9.51
CA THR A 622 3.67 43.47 9.97
C THR A 622 4.12 42.15 10.59
N LEU A 623 5.43 41.91 10.58
CA LEU A 623 5.98 40.63 10.99
C LEU A 623 6.77 40.79 12.28
N ALA A 624 6.74 39.75 13.09
CA ALA A 624 7.57 39.62 14.28
C ALA A 624 8.52 38.44 14.07
N HIS A 625 9.38 38.19 15.05
CA HIS A 625 10.43 37.21 14.85
C HIS A 625 10.72 36.51 16.17
N ALA A 626 11.85 35.83 16.25
CA ALA A 626 12.20 34.98 17.37
C ALA A 626 12.69 35.78 18.57
N CYS A 627 11.79 36.14 19.48
CA CYS A 627 12.14 36.89 20.68
C CYS A 627 11.75 36.17 21.96
N ALA A 628 11.66 34.85 21.95
CA ALA A 628 11.25 34.13 23.15
C ALA A 628 11.76 32.69 23.08
N ASN A 629 11.56 31.97 24.18
CA ASN A 629 11.99 30.58 24.33
C ASN A 629 10.84 29.77 24.91
N VAL A 630 9.65 29.91 24.30
CA VAL A 630 8.39 29.45 24.87
C VAL A 630 8.42 27.95 25.14
N ARG A 631 8.20 27.56 26.38
CA ARG A 631 8.21 26.17 26.76
C ARG A 631 6.80 25.64 26.92
N ALA A 632 6.68 24.38 27.33
CA ALA A 632 5.37 23.75 27.50
C ALA A 632 5.32 23.08 28.88
N LEU A 633 4.20 23.22 29.56
CA LEU A 633 4.10 22.77 30.94
C LEU A 633 3.35 21.44 31.05
N THR A 634 2.09 21.45 30.64
CA THR A 634 1.23 20.29 30.80
C THR A 634 1.13 19.56 29.47
N TYR A 635 0.22 18.59 29.40
CA TYR A 635 -0.15 18.01 28.11
C TYR A 635 -1.27 18.86 27.54
N CYS A 636 -0.89 19.88 26.76
CA CYS A 636 -1.80 20.94 26.35
C CYS A 636 -2.37 20.64 24.96
N ASP A 637 -3.41 21.39 24.61
CA ASP A 637 -4.01 21.32 23.27
C ASP A 637 -4.05 22.74 22.71
N LEU A 638 -3.47 22.93 21.54
CA LEU A 638 -3.48 24.22 20.88
C LEU A 638 -4.19 24.13 19.54
N HIS A 639 -4.69 25.27 19.09
CA HIS A 639 -5.36 25.41 17.80
C HIS A 639 -4.52 26.36 16.96
N ILE A 640 -4.03 25.89 15.81
CA ILE A 640 -3.06 26.61 15.01
C ILE A 640 -3.58 26.75 13.58
N ILE A 641 -3.46 27.94 13.02
CA ILE A 641 -3.78 28.23 11.63
C ILE A 641 -2.58 28.92 10.98
N LYS A 642 -2.24 28.48 9.77
CA LYS A 642 -1.15 29.10 9.05
C LYS A 642 -1.52 30.52 8.65
N ARG A 643 -0.49 31.36 8.46
CA ARG A 643 -0.74 32.77 8.17
C ARG A 643 -1.46 32.95 6.83
N GLU A 644 -1.09 32.17 5.83
CA GLU A 644 -1.66 32.34 4.49
C GLU A 644 -3.17 32.13 4.49
N ALA A 645 -3.68 31.20 5.30
CA ALA A 645 -5.08 30.85 5.28
C ALA A 645 -5.92 31.66 6.27
N LEU A 646 -5.31 32.63 6.96
CA LEU A 646 -6.06 33.48 7.88
C LEU A 646 -6.36 34.85 7.29
N LEU A 647 -5.39 35.46 6.59
CA LEU A 647 -5.63 36.78 6.01
C LEU A 647 -6.65 36.74 4.88
N LYS A 648 -6.63 35.67 4.08
CA LYS A 648 -7.57 35.55 2.96
C LYS A 648 -9.01 35.57 3.44
N VAL A 649 -9.31 34.77 4.46
CA VAL A 649 -10.69 34.64 4.92
C VAL A 649 -11.20 35.95 5.47
N LEU A 650 -10.39 36.64 6.29
CA LEU A 650 -10.83 37.92 6.84
C LEU A 650 -10.91 38.99 5.76
N ASP A 651 -10.07 38.91 4.72
CA ASP A 651 -10.20 39.83 3.61
C ASP A 651 -11.53 39.65 2.89
N PHE A 652 -11.89 38.40 2.58
CA PHE A 652 -13.18 38.15 1.96
C PHE A 652 -14.33 38.53 2.90
N TYR A 653 -14.23 38.13 4.15
CA TYR A 653 -15.26 38.44 5.14
C TYR A 653 -14.85 39.73 5.86
N THR A 654 -14.72 40.80 5.07
CA THR A 654 -14.36 42.10 5.62
C THR A 654 -15.41 42.61 6.61
N ALA A 655 -16.69 42.30 6.37
CA ALA A 655 -17.73 42.62 7.35
C ALA A 655 -17.54 41.86 8.65
N PHE A 656 -16.84 40.73 8.64
CA PHE A 656 -16.52 40.00 9.87
C PHE A 656 -15.20 40.43 10.47
N ALA A 657 -14.51 41.39 9.86
CA ALA A 657 -13.37 42.06 10.49
C ALA A 657 -13.80 43.05 11.56
N ASN A 658 -15.08 43.08 11.91
CA ASN A 658 -15.60 43.91 12.98
C ASN A 658 -15.90 43.12 14.24
N SER A 659 -16.35 41.86 14.11
CA SER A 659 -16.68 41.01 15.24
C SER A 659 -15.53 40.11 15.67
N PHE A 660 -14.48 39.98 14.86
CA PHE A 660 -13.31 39.19 15.20
C PHE A 660 -12.04 40.03 15.17
N SER A 661 -12.17 41.35 15.19
CA SER A 661 -11.06 42.26 15.38
C SER A 661 -11.23 43.18 16.58
N ARG A 662 -12.37 43.13 17.27
CA ARG A 662 -12.59 43.90 18.47
C ARG A 662 -13.01 43.04 19.66
N ASN A 663 -13.34 41.77 19.44
CA ASN A 663 -13.73 40.86 20.50
C ASN A 663 -12.62 39.90 20.92
N LEU A 664 -11.47 39.92 20.25
CA LEU A 664 -10.32 39.16 20.70
C LEU A 664 -9.57 39.95 21.76
N THR A 665 -9.35 39.33 22.92
CA THR A 665 -8.66 39.98 24.04
C THR A 665 -7.24 39.45 24.07
N LEU A 666 -6.29 40.29 23.70
CA LEU A 666 -4.90 39.87 23.54
C LEU A 666 -4.27 39.54 24.89
N THR A 667 -4.03 38.24 25.13
CA THR A 667 -3.39 37.85 26.38
C THR A 667 -1.94 38.33 26.44
N CYS A 668 -1.11 37.88 25.51
CA CYS A 668 0.30 38.30 25.44
C CYS A 668 0.78 38.16 24.02
N ASN A 669 0.86 39.28 23.31
CA ASN A 669 1.34 39.29 21.93
C ASN A 669 2.82 38.99 21.91
N LEU A 670 3.24 38.06 21.04
CA LEU A 670 4.67 37.86 20.79
C LEU A 670 5.16 38.88 19.76
N ARG A 671 4.81 40.13 20.00
CA ARG A 671 5.15 41.26 19.13
C ARG A 671 5.79 42.41 19.88
N LYS A 672 5.35 42.68 21.10
CA LYS A 672 5.89 43.74 21.93
C LYS A 672 6.69 43.12 23.08
N ARG A 673 7.84 43.72 23.38
CA ARG A 673 8.67 43.19 24.46
C ARG A 673 8.10 43.56 25.81
N ILE A 674 7.79 42.54 26.61
CA ILE A 674 7.09 42.72 27.86
C ILE A 674 8.02 43.32 28.91
N ILE A 675 7.44 43.86 29.97
CA ILE A 675 8.13 44.70 30.94
C ILE A 675 7.86 44.17 32.34
N PHE A 676 8.93 43.94 33.13
CA PHE A 676 8.79 43.15 34.36
C PHE A 676 10.10 43.20 35.15
N ARG A 677 10.02 43.57 36.45
CA ARG A 677 11.15 44.14 37.21
C ARG A 677 11.68 43.22 38.29
N LYS A 678 13.00 43.08 38.34
CA LYS A 678 13.64 42.28 39.37
C LYS A 678 13.41 42.90 40.74
N ILE A 679 13.16 42.04 41.73
CA ILE A 679 13.06 42.48 43.12
C ILE A 679 14.30 42.01 43.85
N SER A 680 15.12 41.19 43.17
CA SER A 680 16.36 40.66 43.72
C SER A 680 17.60 41.18 43.01
N ASP A 681 17.49 42.20 42.18
CA ASP A 681 18.67 42.85 41.60
C ASP A 681 18.69 44.35 41.84
N VAL A 682 17.54 45.02 41.79
CA VAL A 682 17.49 46.45 42.09
C VAL A 682 17.90 46.69 43.53
N LYS A 683 17.40 45.86 44.46
CA LYS A 683 17.85 45.97 45.84
C LYS A 683 19.36 45.83 45.94
N LYS A 684 19.93 44.80 45.31
CA LYS A 684 21.37 44.56 45.35
C LYS A 684 22.18 45.50 44.47
N GLU A 685 21.59 46.05 43.40
CA GLU A 685 22.30 47.05 42.62
C GLU A 685 22.34 48.40 43.33
N GLU A 686 21.28 48.74 44.08
CA GLU A 686 21.35 49.90 44.97
C GLU A 686 22.31 49.64 46.11
N GLU A 687 22.38 48.40 46.59
CA GLU A 687 23.36 48.04 47.60
C GLU A 687 24.79 48.20 47.09
N GLU A 688 25.05 47.80 45.85
CA GLU A 688 26.39 47.89 45.28
C GLU A 688 26.77 49.32 44.94
N ARG A 689 25.80 50.23 44.87
CA ARG A 689 26.09 51.64 44.59
C ARG A 689 26.55 52.41 45.81
N LEU A 690 26.14 51.99 47.00
CA LEU A 690 26.58 52.63 48.23
C LEU A 690 28.00 52.25 48.64
N ARG A 691 28.49 51.09 48.19
CA ARG A 691 29.83 50.64 48.48
C ARG A 691 30.85 51.03 47.40
N GLN A 692 30.40 51.70 46.35
CA GLN A 692 31.28 52.07 45.24
C GLN A 692 31.18 53.56 44.94
N PRO B 11 -3.61 -4.80 -38.68
CA PRO B 11 -4.59 -3.91 -39.31
C PRO B 11 -4.04 -2.52 -39.53
N GLN B 12 -3.58 -2.21 -40.74
CA GLN B 12 -2.94 -0.93 -41.01
C GLN B 12 -3.02 -0.63 -42.50
N ASN B 13 -2.42 0.49 -42.90
CA ASN B 13 -2.37 0.84 -44.31
C ASN B 13 -1.32 0.05 -45.07
N THR B 14 -0.50 -0.74 -44.36
CA THR B 14 0.28 -1.84 -44.92
C THR B 14 1.29 -1.36 -45.97
N PHE B 15 2.24 -0.54 -45.50
CA PHE B 15 3.33 -0.11 -46.36
C PHE B 15 4.73 -0.41 -45.83
N LEU B 16 4.88 -0.83 -44.56
CA LEU B 16 6.22 -1.15 -44.07
C LEU B 16 6.33 -2.31 -43.09
N GLU B 17 5.25 -3.04 -42.78
CA GLU B 17 5.38 -4.12 -41.79
C GLU B 17 6.25 -5.26 -42.33
N ASN B 18 6.14 -5.58 -43.62
CA ASN B 18 6.96 -6.61 -44.23
C ASN B 18 7.55 -6.10 -45.55
N ILE B 19 7.93 -4.83 -45.58
CA ILE B 19 8.45 -4.19 -46.79
C ILE B 19 9.95 -3.96 -46.61
N VAL B 20 10.41 -3.94 -45.37
CA VAL B 20 11.81 -3.63 -45.07
C VAL B 20 12.67 -4.86 -45.28
N ARG B 21 12.06 -6.00 -45.60
CA ARG B 21 12.77 -7.27 -45.68
C ARG B 21 12.80 -7.86 -47.09
N ARG B 22 11.71 -7.77 -47.85
CA ARG B 22 11.65 -8.43 -49.15
C ARG B 22 11.56 -7.46 -50.32
N SER B 23 11.11 -6.22 -50.09
CA SER B 23 11.01 -5.26 -51.18
C SER B 23 12.40 -4.88 -51.70
N SER B 24 12.42 -4.15 -52.80
CA SER B 24 13.67 -3.79 -53.46
C SER B 24 13.63 -2.29 -53.73
N GLU B 25 14.62 -1.81 -54.50
CA GLU B 25 14.73 -0.40 -54.80
C GLU B 25 13.46 0.11 -55.48
N SER B 26 12.97 1.25 -55.02
CA SER B 26 11.77 1.85 -55.58
C SER B 26 11.68 3.30 -55.10
N SER B 27 10.56 3.94 -55.42
CA SER B 27 10.29 5.33 -55.03
C SER B 27 8.84 5.45 -54.53
N PHE B 28 8.45 4.55 -53.63
CA PHE B 28 7.08 4.45 -53.12
C PHE B 28 6.41 5.78 -52.82
N LEU B 29 5.31 6.06 -53.53
CA LEU B 29 4.48 7.23 -53.29
C LEU B 29 3.29 6.86 -52.40
N LEU B 30 2.62 7.88 -51.88
CA LEU B 30 1.40 7.68 -51.11
C LEU B 30 0.12 7.75 -51.93
N GLY B 31 -0.17 8.88 -52.58
CA GLY B 31 -1.34 9.00 -53.44
C GLY B 31 -2.66 8.69 -52.75
N ASN B 32 -3.13 9.58 -51.87
CA ASN B 32 -4.23 9.26 -50.95
C ASN B 32 -5.24 10.41 -50.90
N ALA B 33 -5.71 10.81 -52.08
CA ALA B 33 -6.43 12.06 -52.35
C ALA B 33 -5.55 13.25 -52.01
N GLN B 34 -5.74 14.37 -52.71
CA GLN B 34 -4.61 15.28 -52.70
C GLN B 34 -4.86 16.79 -52.59
N ILE B 35 -5.86 17.35 -53.29
CA ILE B 35 -5.73 18.58 -54.07
C ILE B 35 -4.67 19.56 -53.57
N VAL B 36 -3.73 19.96 -54.46
CA VAL B 36 -2.80 21.12 -54.47
C VAL B 36 -1.59 20.92 -55.41
N ASP B 37 -0.53 20.18 -55.01
CA ASP B 37 0.73 20.21 -55.77
C ASP B 37 1.33 18.90 -56.33
N TRP B 38 1.40 17.81 -55.51
CA TRP B 38 1.48 16.35 -55.71
C TRP B 38 2.89 15.78 -55.51
N PRO B 39 3.05 14.91 -54.47
CA PRO B 39 4.36 14.47 -53.98
C PRO B 39 4.89 13.15 -54.53
N VAL B 40 6.06 12.71 -54.05
CA VAL B 40 6.54 11.34 -54.23
C VAL B 40 6.89 10.68 -52.90
N VAL B 41 7.14 11.49 -51.85
CA VAL B 41 7.63 11.12 -50.52
C VAL B 41 8.83 10.17 -50.62
N TYR B 42 8.88 9.17 -49.74
CA TYR B 42 10.11 8.44 -49.46
C TYR B 42 10.48 7.53 -50.62
N SER B 43 11.78 7.33 -50.83
CA SER B 43 12.31 6.46 -51.88
C SER B 43 13.07 5.32 -51.20
N ASN B 44 12.70 4.09 -51.52
CA ASN B 44 13.01 2.91 -50.72
C ASN B 44 14.17 2.09 -51.28
N ASP B 45 14.94 1.50 -50.36
CA ASP B 45 15.96 0.49 -50.66
C ASP B 45 17.03 1.01 -51.61
N GLY B 46 17.76 2.00 -51.12
CA GLY B 46 18.89 2.55 -51.82
C GLY B 46 18.85 4.04 -52.12
N PHE B 47 18.08 4.81 -51.35
CA PHE B 47 17.96 6.26 -51.56
C PHE B 47 18.17 7.04 -50.28
N CYS B 48 19.08 6.60 -49.41
CA CYS B 48 19.33 7.29 -48.14
C CYS B 48 19.87 8.69 -48.36
N LYS B 49 21.11 8.79 -48.85
CA LYS B 49 21.68 10.11 -49.13
C LYS B 49 22.54 10.15 -50.39
N LEU B 50 22.52 9.11 -51.23
CA LEU B 50 23.43 9.02 -52.36
C LEU B 50 22.72 9.10 -53.71
N SER B 51 21.41 9.28 -53.73
CA SER B 51 20.74 9.30 -55.03
C SER B 51 19.84 10.52 -55.22
N GLY B 52 19.28 11.06 -54.15
CA GLY B 52 18.39 12.19 -54.29
C GLY B 52 18.49 13.19 -53.16
N TYR B 53 17.55 14.12 -53.11
CA TYR B 53 17.55 15.18 -52.11
C TYR B 53 16.97 14.65 -50.80
N HIS B 54 16.67 15.54 -49.87
CA HIS B 54 16.14 15.20 -48.56
C HIS B 54 14.64 15.45 -48.52
N ARG B 55 14.05 15.27 -47.35
CA ARG B 55 12.63 15.55 -47.18
C ARG B 55 12.37 17.05 -47.28
N ALA B 56 11.09 17.41 -47.23
CA ALA B 56 10.62 18.76 -47.54
C ALA B 56 11.10 19.23 -48.91
N ASP B 57 11.36 18.29 -49.81
CA ASP B 57 11.90 18.56 -51.13
C ASP B 57 11.36 17.50 -52.08
N VAL B 58 12.00 17.36 -53.24
CA VAL B 58 11.49 16.51 -54.31
C VAL B 58 11.66 15.03 -53.99
N MET B 59 12.25 14.72 -52.84
CA MET B 59 12.16 13.38 -52.25
C MET B 59 11.15 13.31 -51.13
N GLN B 60 10.31 14.34 -50.98
CA GLN B 60 9.18 14.32 -50.07
C GLN B 60 7.95 14.82 -50.79
N LYS B 61 8.14 15.69 -51.78
CA LYS B 61 7.05 16.27 -52.55
C LYS B 61 7.46 16.31 -54.02
N SER B 62 6.55 16.80 -54.87
CA SER B 62 6.86 17.19 -56.24
C SER B 62 7.46 16.02 -57.04
N SER B 63 6.65 14.97 -57.20
CA SER B 63 7.07 13.85 -58.04
C SER B 63 7.03 14.21 -59.52
N THR B 64 6.35 15.29 -59.87
CA THR B 64 6.55 15.90 -61.18
C THR B 64 8.04 16.13 -61.39
N CYS B 65 8.56 15.64 -62.51
CA CYS B 65 10.00 15.67 -62.69
C CYS B 65 10.45 17.12 -62.83
N SER B 66 10.99 17.66 -61.75
CA SER B 66 11.37 19.05 -61.66
C SER B 66 12.16 19.23 -60.36
N PHE B 67 13.07 20.21 -60.37
CA PHE B 67 13.90 20.58 -59.23
C PHE B 67 14.96 19.52 -58.97
N MET B 68 14.84 18.36 -59.61
CA MET B 68 15.93 17.42 -59.80
C MET B 68 16.44 17.58 -61.23
N TYR B 69 16.77 18.82 -61.58
CA TYR B 69 16.87 19.20 -62.98
C TYR B 69 18.29 19.53 -63.42
N GLY B 70 18.90 20.57 -62.86
CA GLY B 70 20.30 20.90 -63.08
C GLY B 70 20.85 20.71 -64.49
N GLU B 71 20.01 20.86 -65.51
CA GLU B 71 20.41 20.50 -66.88
C GLU B 71 19.68 21.40 -67.87
N LEU B 72 19.64 20.98 -69.13
CA LEU B 72 19.04 21.72 -70.22
C LEU B 72 17.60 21.26 -70.45
N THR B 73 16.78 22.17 -71.00
CA THR B 73 15.37 21.89 -71.25
C THR B 73 15.22 21.23 -72.61
N ASP B 74 15.16 19.90 -72.61
CA ASP B 74 14.82 19.14 -73.80
C ASP B 74 13.46 18.48 -73.64
N LYS B 75 12.69 18.49 -74.73
CA LYS B 75 11.41 17.79 -74.73
C LYS B 75 11.62 16.30 -74.51
N LYS B 76 12.76 15.77 -74.96
CA LYS B 76 13.15 14.41 -74.66
C LYS B 76 13.40 14.20 -73.16
N THR B 77 13.62 15.29 -72.41
CA THR B 77 13.94 15.21 -71.00
C THR B 77 12.86 15.77 -70.09
N ILE B 78 11.74 16.22 -70.63
CA ILE B 78 10.71 16.88 -69.82
C ILE B 78 9.47 16.01 -69.70
N GLU B 79 8.94 15.53 -70.83
CA GLU B 79 7.62 14.92 -70.83
C GLU B 79 7.68 13.44 -71.18
N LYS B 80 8.66 12.72 -70.62
CA LYS B 80 8.78 11.28 -70.82
C LYS B 80 8.03 10.50 -69.74
N VAL B 81 8.35 10.74 -68.48
CA VAL B 81 7.64 10.12 -67.36
C VAL B 81 6.79 11.12 -66.58
N ARG B 82 7.05 12.42 -66.71
CA ARG B 82 6.25 13.42 -66.02
C ARG B 82 4.82 13.46 -66.54
N GLN B 83 4.59 13.02 -67.78
CA GLN B 83 3.24 12.99 -68.32
C GLN B 83 2.53 11.69 -67.96
N THR B 84 3.16 10.55 -68.21
CA THR B 84 2.55 9.25 -67.96
C THR B 84 2.84 8.75 -66.55
N PHE B 85 2.61 9.62 -65.57
CA PHE B 85 2.69 9.24 -64.16
C PHE B 85 1.32 8.87 -63.61
N ASP B 86 0.36 9.79 -63.66
CA ASP B 86 -0.99 9.52 -63.19
C ASP B 86 -1.84 8.77 -64.21
N ASN B 87 -1.22 8.12 -65.20
CA ASN B 87 -1.95 7.35 -66.20
C ASN B 87 -1.72 5.84 -66.07
N TYR B 88 -0.50 5.43 -65.70
CA TYR B 88 -0.23 4.05 -65.26
C TYR B 88 -0.72 2.98 -66.24
N GLU B 89 -0.13 2.93 -67.42
CA GLU B 89 -0.42 1.82 -68.34
C GLU B 89 0.81 0.92 -68.53
N SER B 90 1.88 1.44 -69.13
CA SER B 90 3.15 0.74 -69.28
C SER B 90 4.14 1.72 -69.89
N ASN B 91 5.37 1.79 -69.38
CA ASN B 91 6.27 2.80 -69.89
C ASN B 91 7.72 2.34 -69.74
N CYS B 92 8.56 2.85 -70.64
CA CYS B 92 10.00 2.73 -70.58
C CYS B 92 10.67 4.07 -70.88
N PHE B 93 9.91 5.17 -70.80
CA PHE B 93 10.39 6.47 -71.25
C PHE B 93 11.49 6.99 -70.36
N GLU B 94 12.33 7.86 -70.92
CA GLU B 94 13.54 8.36 -70.26
C GLU B 94 13.38 9.84 -69.91
N VAL B 95 12.84 10.09 -68.72
CA VAL B 95 12.70 11.44 -68.19
C VAL B 95 14.01 11.84 -67.51
N LEU B 96 14.15 13.12 -67.19
CA LEU B 96 15.35 13.65 -66.55
C LEU B 96 15.11 13.81 -65.05
N LEU B 97 15.94 13.16 -64.23
CA LEU B 97 15.92 13.32 -62.78
C LEU B 97 17.37 13.27 -62.29
N TYR B 98 17.88 14.41 -61.83
CA TYR B 98 19.30 14.58 -61.55
C TYR B 98 19.76 13.62 -60.45
N LYS B 99 20.92 13.00 -60.67
CA LYS B 99 21.48 12.00 -59.76
C LYS B 99 22.88 12.44 -59.34
N LYS B 100 23.59 11.52 -58.69
CA LYS B 100 24.93 11.81 -58.17
C LYS B 100 25.92 12.12 -59.28
N ASN B 101 25.79 11.47 -60.44
CA ASN B 101 26.77 11.60 -61.50
C ASN B 101 26.70 12.94 -62.24
N ARG B 102 25.75 13.81 -61.87
CA ARG B 102 25.63 15.15 -62.44
C ARG B 102 25.39 15.12 -63.94
N THR B 103 24.41 14.34 -64.37
CA THR B 103 24.17 14.07 -65.78
C THR B 103 22.71 14.26 -66.13
N PRO B 104 22.38 14.46 -67.41
CA PRO B 104 20.97 14.44 -67.83
C PRO B 104 20.41 13.03 -67.78
N VAL B 105 20.00 12.61 -66.58
CA VAL B 105 19.64 11.21 -66.34
C VAL B 105 18.47 10.81 -67.21
N TRP B 106 18.52 9.56 -67.70
CA TRP B 106 17.50 9.01 -68.60
C TRP B 106 17.06 7.66 -68.07
N PHE B 107 15.76 7.41 -68.16
CA PHE B 107 15.04 6.47 -67.31
C PHE B 107 14.56 5.23 -68.07
N TYR B 108 14.66 4.07 -67.43
CA TYR B 108 13.95 2.85 -67.78
C TYR B 108 13.18 2.35 -66.55
N MET B 109 11.95 1.90 -66.75
CA MET B 109 11.15 1.36 -65.65
C MET B 109 10.09 0.43 -66.21
N GLN B 110 9.29 -0.14 -65.29
CA GLN B 110 8.11 -0.93 -65.64
C GLN B 110 7.09 -0.73 -64.52
N ILE B 111 6.15 0.20 -64.73
CA ILE B 111 5.16 0.49 -63.70
C ILE B 111 4.18 -0.68 -63.59
N ALA B 112 3.62 -0.87 -62.40
CA ALA B 112 2.60 -1.88 -62.15
C ALA B 112 1.37 -1.24 -61.51
N PRO B 113 0.20 -1.35 -62.13
CA PRO B 113 -0.97 -0.62 -61.61
C PRO B 113 -1.83 -1.38 -60.62
N ILE B 114 -2.40 -0.65 -59.67
CA ILE B 114 -3.43 -1.17 -58.75
C ILE B 114 -4.30 0.02 -58.34
N ARG B 115 -5.47 -0.26 -57.76
CA ARG B 115 -6.57 0.71 -57.79
C ARG B 115 -6.84 1.37 -56.45
N ASN B 116 -7.28 0.63 -55.42
CA ASN B 116 -7.64 1.25 -54.14
C ASN B 116 -8.14 0.17 -53.19
N GLU B 117 -8.42 0.58 -51.96
CA GLU B 117 -9.23 -0.17 -51.00
C GLU B 117 -10.52 0.54 -50.63
N HIS B 118 -10.51 1.87 -50.58
CA HIS B 118 -11.68 2.65 -50.22
C HIS B 118 -12.64 2.87 -51.38
N GLU B 119 -12.35 2.29 -52.54
CA GLU B 119 -13.23 2.34 -53.71
C GLU B 119 -13.38 3.78 -54.21
N LYS B 120 -12.25 4.47 -54.36
CA LYS B 120 -12.25 5.86 -54.78
C LYS B 120 -11.14 6.18 -55.78
N VAL B 121 -10.44 5.16 -56.30
CA VAL B 121 -9.34 5.36 -57.24
C VAL B 121 -8.29 6.20 -56.51
N VAL B 122 -7.75 5.67 -55.42
CA VAL B 122 -6.82 6.43 -54.60
C VAL B 122 -5.41 5.90 -54.74
N LEU B 123 -5.21 4.60 -54.50
CA LEU B 123 -3.88 4.03 -54.41
C LEU B 123 -3.35 3.60 -55.77
N PHE B 124 -2.03 3.70 -55.92
CA PHE B 124 -1.31 3.08 -57.02
C PHE B 124 0.03 2.59 -56.47
N LEU B 125 0.54 1.50 -57.05
CA LEU B 125 1.72 0.83 -56.54
C LEU B 125 2.96 1.72 -56.64
N CYS B 126 3.13 2.40 -57.77
CA CYS B 126 4.17 3.43 -57.94
C CYS B 126 5.57 2.85 -57.74
N THR B 127 5.97 1.94 -58.63
CA THR B 127 7.29 1.31 -58.55
C THR B 127 8.20 1.91 -59.61
N PHE B 128 9.38 2.38 -59.19
CA PHE B 128 10.38 2.94 -60.09
C PHE B 128 11.64 2.07 -60.10
N LYS B 129 12.55 2.40 -61.02
CA LYS B 129 13.84 1.71 -61.11
C LYS B 129 15.01 2.68 -61.11
N ASP B 130 14.88 3.82 -61.81
CA ASP B 130 15.84 4.92 -61.74
C ASP B 130 17.26 4.47 -62.09
N ILE B 131 17.45 4.18 -63.39
CA ILE B 131 18.77 3.92 -63.91
C ILE B 131 19.26 5.13 -64.68
N THR B 132 20.59 5.30 -64.74
CA THR B 132 21.21 6.34 -65.55
C THR B 132 22.18 5.79 -66.58
N LEU B 133 23.06 4.88 -66.16
CA LEU B 133 24.25 4.55 -66.94
C LEU B 133 23.92 3.75 -68.20
N PHE B 134 22.81 3.01 -68.16
CA PHE B 134 22.64 1.91 -69.11
C PHE B 134 22.63 2.36 -70.57
N LYS B 135 21.91 3.44 -70.90
CA LYS B 135 21.75 3.73 -72.32
C LYS B 135 22.68 4.84 -72.80
N GLN B 136 22.55 6.07 -72.27
CA GLN B 136 23.44 7.16 -72.65
C GLN B 136 23.56 8.25 -71.57
N PRO B 137 24.71 8.37 -70.92
CA PRO B 137 25.06 9.65 -70.27
C PRO B 137 25.85 10.54 -71.21
N ILE B 138 25.43 11.78 -71.41
CA ILE B 138 26.07 12.64 -72.40
C ILE B 138 26.47 13.98 -71.80
N GLU B 139 26.87 13.99 -70.53
CA GLU B 139 27.28 15.21 -69.85
C GLU B 139 28.77 15.45 -70.03
N ASP B 140 29.16 16.72 -70.12
CA ASP B 140 30.51 17.12 -70.49
C ASP B 140 31.11 18.13 -69.51
N ASP B 141 31.02 17.85 -68.21
CA ASP B 141 31.67 18.73 -67.24
C ASP B 141 33.19 18.67 -67.38
N SER B 142 33.74 17.47 -67.56
CA SER B 142 35.16 17.27 -67.80
C SER B 142 35.31 16.15 -68.81
N THR B 143 36.04 16.41 -69.89
CA THR B 143 36.17 15.49 -71.02
C THR B 143 37.57 14.90 -71.10
N LYS B 144 38.19 14.68 -69.94
CA LYS B 144 39.54 14.10 -69.89
C LYS B 144 39.43 12.60 -70.18
N GLY B 145 39.31 12.29 -71.46
CA GLY B 145 39.29 10.92 -71.92
C GLY B 145 38.18 10.08 -71.32
N TRP B 146 38.57 9.14 -70.44
CA TRP B 146 37.62 8.24 -69.80
C TRP B 146 37.03 8.89 -68.55
N THR B 147 36.03 9.75 -68.78
CA THR B 147 35.28 10.37 -67.70
C THR B 147 33.80 10.13 -67.92
N LYS B 148 33.40 9.96 -69.19
CA LYS B 148 32.02 9.64 -69.52
C LYS B 148 31.89 8.50 -70.51
N PHE B 149 32.99 8.03 -71.11
CA PHE B 149 32.95 6.93 -72.07
C PHE B 149 33.35 5.60 -71.46
N ALA B 150 34.43 5.57 -70.67
CA ALA B 150 34.83 4.39 -69.94
C ALA B 150 34.59 4.47 -68.44
N ARG B 151 34.37 5.68 -67.90
CA ARG B 151 33.92 5.82 -66.52
C ARG B 151 32.44 5.52 -66.38
N LEU B 152 31.81 4.96 -67.41
CA LEU B 152 30.39 4.62 -67.43
C LEU B 152 30.04 3.71 -66.26
N THR B 153 31.00 2.90 -65.82
CA THR B 153 30.77 1.95 -64.75
C THR B 153 31.05 2.52 -63.36
N ARG B 154 31.41 3.80 -63.26
CA ARG B 154 31.70 4.41 -61.97
C ARG B 154 30.88 5.65 -61.67
N ALA B 155 30.06 6.14 -62.62
CA ALA B 155 29.40 7.43 -62.43
C ALA B 155 28.27 7.34 -61.41
N LEU B 156 27.44 6.30 -61.49
CA LEU B 156 26.25 6.18 -60.65
C LEU B 156 26.37 4.99 -59.71
N THR B 157 25.93 5.17 -58.47
CA THR B 157 25.80 4.11 -57.48
C THR B 157 24.38 4.18 -56.94
N ASN B 158 23.47 3.46 -57.58
CA ASN B 158 22.05 3.49 -57.20
C ASN B 158 21.35 2.20 -57.63
N SER B 159 20.70 2.23 -58.78
CA SER B 159 19.99 1.06 -59.26
C SER B 159 20.95 -0.06 -59.64
N ARG B 160 22.11 0.30 -60.19
CA ARG B 160 23.11 -0.71 -60.52
C ARG B 160 23.61 -1.43 -59.28
N SER B 161 23.69 -0.73 -58.14
CA SER B 161 24.18 -1.29 -56.90
C SER B 161 23.09 -2.05 -56.13
N VAL B 162 22.04 -2.50 -56.81
CA VAL B 162 20.97 -3.23 -56.17
C VAL B 162 21.15 -4.72 -56.38
N LEU B 163 21.07 -5.17 -57.63
CA LEU B 163 21.17 -6.59 -57.96
C LEU B 163 22.37 -6.89 -58.84
N GLN B 164 22.53 -6.20 -59.96
CA GLN B 164 23.61 -6.46 -60.92
C GLN B 164 24.56 -5.26 -60.89
N GLN B 165 25.67 -5.42 -60.15
CA GLN B 165 26.61 -4.35 -59.89
C GLN B 165 27.68 -4.18 -60.97
N LEU B 166 27.66 -5.01 -62.01
CA LEU B 166 28.69 -4.99 -63.04
C LEU B 166 28.30 -4.03 -64.17
N THR B 167 29.13 -4.03 -65.20
CA THR B 167 28.90 -3.16 -66.35
C THR B 167 27.57 -3.51 -67.01
N PRO B 168 26.82 -2.51 -67.50
CA PRO B 168 25.53 -2.82 -68.14
C PRO B 168 25.63 -3.83 -69.28
N MET B 169 26.66 -3.75 -70.11
CA MET B 169 26.79 -4.73 -71.19
C MET B 169 27.46 -6.02 -70.71
N ASN B 170 28.73 -5.93 -70.27
CA ASN B 170 29.51 -6.98 -69.63
C ASN B 170 29.19 -8.38 -70.14
N LYS B 171 29.08 -8.53 -71.47
CA LYS B 171 28.77 -9.77 -72.16
C LYS B 171 27.47 -10.42 -71.66
N THR B 172 26.69 -9.68 -70.85
CA THR B 172 25.43 -10.16 -70.31
C THR B 172 24.37 -9.08 -70.48
N GLU B 173 24.25 -8.54 -71.70
CA GLU B 173 23.35 -7.42 -71.95
C GLU B 173 21.89 -7.80 -71.68
N VAL B 174 21.50 -9.03 -72.02
CA VAL B 174 20.10 -9.43 -71.89
C VAL B 174 19.67 -9.39 -70.43
N VAL B 175 20.49 -9.94 -69.54
CA VAL B 175 20.13 -10.00 -68.12
C VAL B 175 20.07 -8.60 -67.53
N HIS B 176 21.04 -7.74 -67.87
CA HIS B 176 21.08 -6.40 -67.30
C HIS B 176 19.94 -5.53 -67.82
N LYS B 177 19.59 -5.68 -69.10
CA LYS B 177 18.56 -4.86 -69.72
C LYS B 177 17.18 -5.49 -69.68
N HIS B 178 17.04 -6.66 -69.04
CA HIS B 178 15.72 -7.25 -68.80
C HIS B 178 15.35 -7.22 -67.33
N SER B 179 16.19 -6.62 -66.49
CA SER B 179 15.86 -6.42 -65.08
C SER B 179 15.61 -4.97 -64.72
N ARG B 180 16.08 -4.02 -65.53
CA ARG B 180 15.79 -2.61 -65.33
C ARG B 180 14.85 -2.04 -66.39
N LEU B 181 14.50 -2.80 -67.42
CA LEU B 181 13.47 -2.42 -68.36
C LEU B 181 12.10 -2.96 -67.98
N ALA B 182 12.03 -4.18 -67.44
CA ALA B 182 10.76 -4.79 -67.07
C ALA B 182 11.02 -5.77 -65.92
N GLU B 183 10.68 -5.36 -64.70
CA GLU B 183 10.81 -6.21 -63.52
C GLU B 183 9.49 -6.36 -62.79
N VAL B 184 8.36 -6.28 -63.48
CA VAL B 184 7.06 -6.51 -62.85
C VAL B 184 6.92 -7.97 -62.45
N LEU B 185 7.68 -8.87 -63.07
CA LEU B 185 7.64 -10.28 -62.70
C LEU B 185 8.11 -10.49 -61.26
N GLN B 186 9.08 -9.71 -60.82
CA GLN B 186 9.58 -9.77 -59.45
C GLN B 186 8.95 -8.71 -58.55
N LEU B 187 7.96 -7.98 -59.05
CA LEU B 187 7.23 -7.01 -58.25
C LEU B 187 5.73 -7.28 -58.34
N GLY B 188 4.92 -6.36 -57.83
CA GLY B 188 3.47 -6.56 -57.83
C GLY B 188 2.97 -7.16 -56.53
N SER B 189 2.77 -8.47 -56.52
CA SER B 189 2.36 -9.18 -55.31
C SER B 189 3.48 -9.30 -54.28
N ASP B 190 4.71 -8.97 -54.66
CA ASP B 190 5.84 -8.99 -53.74
C ASP B 190 5.91 -7.76 -52.84
N ILE B 191 5.03 -6.78 -53.05
CA ILE B 191 4.90 -5.63 -52.18
C ILE B 191 3.52 -5.68 -51.54
N LEU B 192 3.45 -5.34 -50.26
CA LEU B 192 2.21 -5.52 -49.51
C LEU B 192 1.12 -4.66 -50.12
N PRO B 193 -0.02 -5.25 -50.53
CA PRO B 193 -0.80 -4.68 -51.63
C PRO B 193 -1.33 -3.26 -51.50
N GLN B 194 -2.22 -2.98 -50.55
CA GLN B 194 -2.94 -1.71 -50.53
C GLN B 194 -3.33 -1.39 -49.10
N TYR B 195 -4.16 -0.35 -48.93
CA TYR B 195 -4.66 -0.01 -47.61
C TYR B 195 -5.64 -1.04 -47.08
N LYS B 196 -5.82 -2.14 -47.81
CA LYS B 196 -6.57 -3.27 -47.31
C LYS B 196 -6.06 -3.63 -45.92
N GLN B 197 -6.94 -3.61 -44.93
CA GLN B 197 -6.53 -4.03 -43.60
C GLN B 197 -6.04 -5.47 -43.68
N GLU B 198 -4.74 -5.64 -43.47
CA GLU B 198 -4.08 -6.89 -43.79
C GLU B 198 -4.46 -7.99 -42.82
N ALA B 199 -4.51 -9.21 -43.33
CA ALA B 199 -4.66 -10.37 -42.48
C ALA B 199 -3.49 -10.45 -41.51
N PRO B 200 -3.70 -10.95 -40.30
CA PRO B 200 -2.64 -10.90 -39.29
C PRO B 200 -1.48 -11.83 -39.59
N LYS B 201 -0.78 -11.58 -40.70
CA LYS B 201 0.46 -12.28 -41.05
C LYS B 201 0.23 -13.79 -41.14
N THR B 202 -0.60 -14.17 -42.12
CA THR B 202 -1.00 -15.56 -42.31
C THR B 202 -0.61 -16.06 -43.70
N PRO B 203 0.54 -16.72 -43.82
CA PRO B 203 0.85 -17.46 -45.04
C PRO B 203 -0.10 -18.62 -45.21
N PRO B 204 -0.26 -19.13 -46.44
CA PRO B 204 -1.21 -20.21 -46.67
C PRO B 204 -0.82 -21.50 -45.94
N HIS B 205 -1.83 -22.27 -45.58
CA HIS B 205 -1.66 -23.60 -44.96
C HIS B 205 -0.88 -23.51 -43.65
N ILE B 206 -1.15 -22.46 -42.88
CA ILE B 206 -0.64 -22.31 -41.52
C ILE B 206 -1.81 -21.95 -40.62
N ILE B 207 -1.89 -22.60 -39.46
CA ILE B 207 -3.00 -22.41 -38.53
C ILE B 207 -2.58 -21.44 -37.45
N LEU B 208 -3.35 -20.36 -37.28
CA LEU B 208 -3.10 -19.40 -36.22
C LEU B 208 -3.37 -20.03 -34.86
N HIS B 209 -2.52 -19.70 -33.88
CA HIS B 209 -2.59 -20.30 -32.56
C HIS B 209 -3.76 -19.78 -31.74
N TYR B 210 -4.57 -18.89 -32.31
CA TYR B 210 -5.79 -18.46 -31.64
C TYR B 210 -7.02 -18.78 -32.49
N CYS B 211 -6.90 -19.67 -33.46
CA CYS B 211 -8.04 -20.12 -34.24
C CYS B 211 -8.96 -20.98 -33.38
N ALA B 212 -10.23 -21.03 -33.78
CA ALA B 212 -11.19 -21.87 -33.07
C ALA B 212 -10.88 -23.36 -33.23
N PHE B 213 -10.01 -23.71 -34.17
CA PHE B 213 -9.62 -25.11 -34.36
C PHE B 213 -8.54 -25.51 -33.37
N LYS B 214 -7.52 -24.66 -33.18
CA LYS B 214 -6.38 -25.02 -32.35
C LYS B 214 -6.80 -25.18 -30.89
N THR B 215 -7.71 -24.34 -30.41
CA THR B 215 -8.16 -24.47 -29.02
C THR B 215 -8.89 -25.78 -28.80
N THR B 216 -9.74 -26.19 -29.75
CA THR B 216 -10.42 -27.48 -29.63
C THR B 216 -9.43 -28.62 -29.69
N TRP B 217 -8.41 -28.50 -30.54
CA TRP B 217 -7.37 -29.52 -30.60
C TRP B 217 -6.65 -29.64 -29.27
N ASP B 218 -6.34 -28.50 -28.64
CA ASP B 218 -5.67 -28.52 -27.34
C ASP B 218 -6.54 -29.17 -26.27
N TRP B 219 -7.84 -28.85 -26.27
CA TRP B 219 -8.73 -29.47 -25.29
C TRP B 219 -8.81 -30.98 -25.49
N VAL B 220 -8.86 -31.41 -26.76
CA VAL B 220 -8.93 -32.84 -27.05
C VAL B 220 -7.65 -33.54 -26.59
N ILE B 221 -6.50 -32.95 -26.88
CA ILE B 221 -5.26 -33.60 -26.47
C ILE B 221 -5.13 -33.59 -24.95
N LEU B 222 -5.66 -32.58 -24.27
CA LEU B 222 -5.67 -32.60 -22.81
C LEU B 222 -6.52 -33.75 -22.29
N ILE B 223 -7.70 -33.96 -22.88
CA ILE B 223 -8.56 -35.05 -22.45
C ILE B 223 -7.86 -36.40 -22.66
N LEU B 224 -7.22 -36.58 -23.82
CA LEU B 224 -6.54 -37.84 -24.06
C LEU B 224 -5.32 -38.00 -23.16
N THR B 225 -4.66 -36.89 -22.79
CA THR B 225 -3.54 -36.98 -21.85
C THR B 225 -4.01 -37.45 -20.48
N PHE B 226 -5.12 -36.90 -19.99
CA PHE B 226 -5.66 -37.38 -18.73
C PHE B 226 -6.07 -38.85 -18.85
N TYR B 227 -6.65 -39.24 -19.98
CA TYR B 227 -7.00 -40.64 -20.18
C TYR B 227 -5.78 -41.53 -20.04
N THR B 228 -4.69 -41.19 -20.74
CA THR B 228 -3.53 -42.08 -20.73
C THR B 228 -2.83 -42.06 -19.38
N ALA B 229 -2.79 -40.90 -18.71
CA ALA B 229 -2.17 -40.84 -17.39
C ALA B 229 -2.96 -41.65 -16.37
N ILE B 230 -4.30 -41.67 -16.51
CA ILE B 230 -5.12 -42.48 -15.61
C ILE B 230 -4.93 -43.96 -15.91
N MET B 231 -4.91 -44.33 -17.19
CA MET B 231 -5.10 -45.74 -17.55
C MET B 231 -3.79 -46.52 -17.71
N VAL B 232 -2.68 -45.88 -18.04
CA VAL B 232 -1.44 -46.64 -18.24
C VAL B 232 -0.93 -47.29 -16.96
N PRO B 233 -0.77 -46.58 -15.84
CA PRO B 233 -0.27 -47.26 -14.64
C PRO B 233 -1.16 -48.39 -14.17
N TYR B 234 -2.47 -48.27 -14.33
CA TYR B 234 -3.37 -49.36 -13.94
C TYR B 234 -3.08 -50.61 -14.75
N ASN B 235 -2.84 -50.44 -16.05
CA ASN B 235 -2.49 -51.60 -16.87
C ASN B 235 -1.12 -52.14 -16.52
N VAL B 236 -0.21 -51.27 -16.08
CA VAL B 236 1.15 -51.74 -15.75
C VAL B 236 1.14 -52.56 -14.47
N SER B 237 0.44 -52.10 -13.44
CA SER B 237 0.54 -52.73 -12.11
C SER B 237 -0.33 -53.98 -11.99
N PHE B 238 -1.62 -53.85 -12.30
CA PHE B 238 -2.56 -54.93 -12.03
C PHE B 238 -2.39 -56.10 -12.97
N LYS B 239 -1.59 -55.93 -14.01
CA LYS B 239 -1.23 -57.01 -14.93
C LYS B 239 -2.47 -57.70 -15.49
N THR B 240 -3.51 -56.92 -15.81
CA THR B 240 -4.71 -57.48 -16.39
C THR B 240 -4.40 -58.10 -17.75
N LYS B 241 -5.09 -59.18 -18.09
CA LYS B 241 -4.88 -59.83 -19.38
C LYS B 241 -5.22 -58.87 -20.51
N GLN B 242 -4.32 -58.77 -21.48
CA GLN B 242 -4.45 -57.77 -22.54
C GLN B 242 -5.45 -58.19 -23.62
N ASN B 243 -5.78 -59.48 -23.70
CA ASN B 243 -6.67 -59.95 -24.75
C ASN B 243 -8.06 -59.36 -24.57
N ASN B 244 -8.42 -58.43 -25.45
CA ASN B 244 -9.75 -57.82 -25.43
C ASN B 244 -10.08 -57.23 -26.79
N ILE B 245 -11.14 -56.44 -26.87
CA ILE B 245 -11.57 -55.88 -28.15
C ILE B 245 -11.57 -54.36 -28.08
N ALA B 246 -12.37 -53.80 -27.18
CA ALA B 246 -12.54 -52.35 -27.10
C ALA B 246 -11.24 -51.64 -26.74
N TRP B 247 -10.60 -52.08 -25.65
CA TRP B 247 -9.35 -51.46 -25.23
C TRP B 247 -8.18 -51.86 -26.11
N LEU B 248 -8.35 -52.83 -27.00
CA LEU B 248 -7.28 -53.24 -27.88
C LEU B 248 -7.04 -52.26 -29.03
N VAL B 249 -8.10 -51.60 -29.51
CA VAL B 249 -7.98 -50.68 -30.63
C VAL B 249 -8.02 -49.23 -30.21
N LEU B 250 -8.61 -48.90 -29.05
CA LEU B 250 -8.71 -47.51 -28.62
C LEU B 250 -7.34 -46.90 -28.40
N ASP B 251 -6.41 -47.68 -27.82
CA ASP B 251 -5.07 -47.17 -27.56
C ASP B 251 -4.35 -46.80 -28.85
N SER B 252 -4.52 -47.62 -29.90
CA SER B 252 -3.90 -47.28 -31.19
C SER B 252 -4.48 -46.00 -31.75
N VAL B 253 -5.80 -45.80 -31.61
CA VAL B 253 -6.41 -44.55 -32.06
C VAL B 253 -5.83 -43.37 -31.30
N VAL B 254 -5.66 -43.51 -29.99
CA VAL B 254 -5.09 -42.44 -29.20
C VAL B 254 -3.67 -42.14 -29.66
N ASP B 255 -2.87 -43.17 -29.89
CA ASP B 255 -1.51 -42.97 -30.34
C ASP B 255 -1.47 -42.27 -31.69
N VAL B 256 -2.36 -42.65 -32.61
CA VAL B 256 -2.33 -42.00 -33.92
C VAL B 256 -2.82 -40.57 -33.81
N ILE B 257 -3.71 -40.27 -32.86
CA ILE B 257 -4.08 -38.88 -32.61
C ILE B 257 -2.87 -38.08 -32.14
N PHE B 258 -2.06 -38.64 -31.25
CA PHE B 258 -0.85 -37.91 -30.86
C PHE B 258 0.13 -37.77 -32.01
N LEU B 259 0.24 -38.77 -32.89
CA LEU B 259 1.10 -38.62 -34.06
C LEU B 259 0.60 -37.50 -34.97
N VAL B 260 -0.72 -37.44 -35.19
CA VAL B 260 -1.29 -36.35 -35.98
C VAL B 260 -1.01 -35.01 -35.32
N ASP B 261 -1.06 -34.97 -33.99
CA ASP B 261 -0.74 -33.73 -33.28
C ASP B 261 0.72 -33.33 -33.50
N ILE B 262 1.63 -34.30 -33.45
CA ILE B 262 3.04 -34.00 -33.71
C ILE B 262 3.22 -33.44 -35.11
N VAL B 263 2.57 -34.05 -36.10
CA VAL B 263 2.67 -33.55 -37.47
C VAL B 263 2.09 -32.15 -37.56
N LEU B 264 0.91 -31.93 -37.00
CA LEU B 264 0.21 -30.65 -37.11
C LEU B 264 0.92 -29.56 -36.33
N ASN B 265 1.79 -29.89 -35.40
CA ASN B 265 2.52 -28.87 -34.66
C ASN B 265 3.49 -28.09 -35.54
N PHE B 266 3.74 -28.55 -36.76
CA PHE B 266 4.56 -27.82 -37.72
C PHE B 266 3.75 -26.91 -38.62
N HIS B 267 2.43 -26.80 -38.39
CA HIS B 267 1.56 -25.94 -39.18
C HIS B 267 0.89 -24.88 -38.32
N THR B 268 1.45 -24.60 -37.15
CA THR B 268 0.88 -23.64 -36.22
C THR B 268 1.82 -22.47 -36.01
N THR B 269 1.23 -21.30 -35.74
CA THR B 269 2.00 -20.08 -35.59
C THR B 269 2.78 -20.09 -34.28
N PHE B 270 4.01 -19.59 -34.32
CA PHE B 270 4.88 -19.51 -33.16
C PHE B 270 4.78 -18.11 -32.56
N VAL B 271 4.64 -18.05 -31.23
CA VAL B 271 4.45 -16.76 -30.57
C VAL B 271 5.77 -15.98 -30.57
N GLY B 272 5.67 -14.69 -30.86
CA GLY B 272 6.83 -13.83 -30.96
C GLY B 272 7.36 -13.36 -29.62
N PRO B 273 8.62 -12.91 -29.60
CA PRO B 273 9.20 -12.42 -28.34
C PRO B 273 8.71 -11.03 -27.98
N GLY B 274 7.47 -10.93 -27.50
CA GLY B 274 6.90 -9.68 -27.07
C GLY B 274 6.07 -8.96 -28.11
N GLY B 275 6.25 -9.29 -29.39
CA GLY B 275 5.46 -8.67 -30.44
C GLY B 275 4.15 -9.38 -30.69
N GLU B 276 3.85 -9.64 -31.95
CA GLU B 276 2.68 -10.42 -32.35
C GLU B 276 3.16 -11.66 -33.09
N VAL B 277 2.20 -12.39 -33.68
CA VAL B 277 2.47 -13.72 -34.22
C VAL B 277 3.64 -13.70 -35.19
N ILE B 278 4.48 -14.72 -35.12
CA ILE B 278 5.52 -14.99 -36.10
C ILE B 278 5.10 -16.24 -36.87
N SER B 279 4.79 -16.05 -38.15
CA SER B 279 4.29 -17.17 -38.96
C SER B 279 5.23 -17.45 -40.12
N ASP B 280 6.53 -17.46 -39.84
CA ASP B 280 7.53 -17.82 -40.82
C ASP B 280 7.49 -19.32 -41.04
N PRO B 281 7.35 -19.81 -42.28
CA PRO B 281 7.28 -21.27 -42.50
C PRO B 281 8.54 -21.99 -42.10
N LYS B 282 9.66 -21.29 -41.94
CA LYS B 282 10.91 -21.94 -41.57
C LYS B 282 11.21 -21.81 -40.08
N LEU B 283 10.97 -20.63 -39.48
CA LEU B 283 11.31 -20.41 -38.09
C LEU B 283 10.54 -21.34 -37.15
N ILE B 284 9.26 -21.58 -37.45
CA ILE B 284 8.45 -22.43 -36.60
C ILE B 284 9.05 -23.83 -36.50
N ARG B 285 9.52 -24.36 -37.63
CA ARG B 285 10.01 -25.72 -37.66
C ARG B 285 11.22 -25.88 -36.75
N MET B 286 12.23 -25.02 -36.90
CA MET B 286 13.40 -25.17 -36.05
C MET B 286 13.07 -24.86 -34.60
N ASN B 287 12.18 -23.88 -34.35
CA ASN B 287 11.79 -23.59 -32.97
C ASN B 287 11.24 -24.83 -32.29
N TYR B 288 10.25 -25.47 -32.91
CA TYR B 288 9.65 -26.66 -32.32
C TYR B 288 10.67 -27.79 -32.17
N LEU B 289 11.48 -28.01 -33.21
CA LEU B 289 12.45 -29.10 -33.18
C LEU B 289 13.44 -28.92 -32.05
N LYS B 290 13.89 -27.68 -31.83
CA LYS B 290 14.84 -27.42 -30.74
C LYS B 290 14.16 -27.55 -29.39
N THR B 291 12.93 -27.07 -29.25
CA THR B 291 12.40 -26.93 -27.89
C THR B 291 11.72 -28.20 -27.40
N TRP B 292 10.83 -28.81 -28.20
CA TRP B 292 10.01 -29.88 -27.62
C TRP B 292 9.72 -31.02 -28.58
N PHE B 293 10.65 -31.34 -29.48
CA PHE B 293 10.38 -32.46 -30.39
C PHE B 293 10.87 -33.79 -29.83
N VAL B 294 11.98 -33.80 -29.10
CA VAL B 294 12.57 -35.07 -28.65
C VAL B 294 11.65 -35.79 -27.69
N ILE B 295 11.06 -35.06 -26.75
CA ILE B 295 10.19 -35.68 -25.75
C ILE B 295 8.98 -36.32 -26.43
N ASP B 296 8.35 -35.59 -27.35
CA ASP B 296 7.17 -36.13 -28.03
C ASP B 296 7.55 -37.27 -28.96
N LEU B 297 8.77 -37.26 -29.49
CA LEU B 297 9.23 -38.39 -30.28
C LEU B 297 9.37 -39.64 -29.43
N LEU B 298 9.98 -39.50 -28.25
CA LEU B 298 10.12 -40.64 -27.36
C LEU B 298 8.77 -41.15 -26.87
N SER B 299 7.85 -40.24 -26.56
CA SER B 299 6.57 -40.62 -25.96
C SER B 299 5.73 -41.45 -26.91
N CYS B 300 5.69 -41.07 -28.18
CA CYS B 300 4.72 -41.63 -29.13
C CYS B 300 5.34 -42.71 -30.02
N LEU B 301 6.28 -43.49 -29.50
CA LEU B 301 6.86 -44.58 -30.27
C LEU B 301 5.93 -45.80 -30.28
N PHE B 320 6.50 -54.66 -24.08
CA PHE B 320 7.37 -54.73 -22.91
C PHE B 320 6.97 -53.66 -21.90
N SER B 321 7.35 -53.88 -20.63
CA SER B 321 6.93 -52.97 -19.57
C SER B 321 7.47 -51.56 -19.79
N SER B 322 8.76 -51.44 -20.10
CA SER B 322 9.36 -50.11 -20.25
C SER B 322 8.71 -49.34 -21.40
N LEU B 323 8.43 -50.02 -22.50
CA LEU B 323 7.83 -49.35 -23.65
C LEU B 323 6.47 -48.75 -23.30
N LYS B 324 5.65 -49.49 -22.57
CA LYS B 324 4.33 -48.98 -22.23
C LYS B 324 4.33 -48.06 -21.02
N VAL B 325 5.41 -48.01 -20.24
CA VAL B 325 5.42 -47.13 -19.08
C VAL B 325 6.10 -45.80 -19.39
N VAL B 326 6.98 -45.76 -20.40
CA VAL B 326 7.61 -44.49 -20.75
C VAL B 326 6.61 -43.53 -21.38
N ARG B 327 5.41 -44.03 -21.69
CA ARG B 327 4.38 -43.23 -22.37
C ARG B 327 3.89 -42.08 -21.51
N LEU B 328 4.21 -42.10 -20.22
CA LEU B 328 3.77 -41.04 -19.31
C LEU B 328 4.34 -39.67 -19.65
N LEU B 329 5.38 -39.60 -20.46
CA LEU B 329 5.98 -38.31 -20.81
C LEU B 329 5.08 -37.46 -21.69
N ARG B 330 3.88 -37.95 -22.02
CA ARG B 330 2.93 -37.13 -22.76
C ARG B 330 2.44 -35.94 -21.95
N LEU B 331 2.70 -35.90 -20.65
CA LEU B 331 2.27 -34.79 -19.80
C LEU B 331 2.99 -33.49 -20.14
N GLY B 332 4.03 -33.53 -20.97
CA GLY B 332 4.64 -32.31 -21.44
C GLY B 332 3.69 -31.43 -22.22
N ARG B 333 2.71 -32.04 -22.89
CA ARG B 333 1.71 -31.25 -23.60
C ARG B 333 0.89 -30.41 -22.65
N VAL B 334 0.48 -30.99 -21.52
CA VAL B 334 -0.25 -30.22 -20.51
C VAL B 334 0.66 -29.19 -19.86
N ALA B 335 1.89 -29.59 -19.53
CA ALA B 335 2.79 -28.69 -18.80
C ALA B 335 3.16 -27.47 -19.65
N ARG B 336 3.42 -27.68 -20.94
CA ARG B 336 3.93 -26.60 -21.78
C ARG B 336 2.89 -25.51 -22.00
N LYS B 337 1.67 -25.89 -22.34
CA LYS B 337 0.63 -24.94 -22.74
C LYS B 337 -0.38 -24.69 -21.61
N LEU B 338 0.11 -24.70 -20.37
CA LEU B 338 -0.79 -24.53 -19.23
C LEU B 338 -1.32 -23.11 -19.11
N ASP B 339 -0.64 -22.13 -19.70
CA ASP B 339 -1.02 -20.73 -19.52
C ASP B 339 -2.31 -20.36 -20.24
N HIS B 340 -2.65 -21.06 -21.32
CA HIS B 340 -3.80 -20.66 -22.13
C HIS B 340 -5.11 -20.81 -21.35
N TYR B 341 -5.23 -21.87 -20.56
CA TYR B 341 -6.50 -22.25 -19.96
C TYR B 341 -6.44 -22.35 -18.43
N LEU B 342 -5.46 -21.70 -17.80
CA LEU B 342 -5.42 -21.70 -16.35
C LEU B 342 -6.58 -20.89 -15.77
N GLU B 343 -6.94 -19.80 -16.42
CA GLU B 343 -8.02 -18.93 -15.92
C GLU B 343 -9.08 -18.68 -16.99
N TYR B 344 -9.58 -19.75 -17.61
CA TYR B 344 -10.82 -19.61 -18.37
C TYR B 344 -12.00 -19.33 -17.45
N GLY B 345 -11.81 -19.53 -16.14
CA GLY B 345 -12.84 -19.32 -15.14
C GLY B 345 -12.35 -19.81 -13.79
N ALA B 346 -13.18 -20.58 -13.09
CA ALA B 346 -12.75 -21.25 -11.86
C ALA B 346 -12.17 -22.60 -12.23
N ALA B 347 -10.94 -22.58 -12.75
CA ALA B 347 -10.28 -23.77 -13.24
C ALA B 347 -9.17 -24.29 -12.35
N VAL B 348 -8.47 -23.42 -11.62
CA VAL B 348 -7.45 -23.90 -10.70
C VAL B 348 -8.05 -24.78 -9.61
N LEU B 349 -9.26 -24.45 -9.15
CA LEU B 349 -10.00 -25.26 -8.19
C LEU B 349 -10.27 -26.66 -8.70
N VAL B 350 -10.26 -26.89 -10.01
CA VAL B 350 -10.47 -28.22 -10.57
C VAL B 350 -9.11 -28.84 -10.86
N LEU B 351 -8.14 -28.01 -11.23
CA LEU B 351 -6.80 -28.53 -11.51
C LEU B 351 -6.19 -29.16 -10.27
N LEU B 352 -6.39 -28.53 -9.10
CA LEU B 352 -5.80 -29.07 -7.88
C LEU B 352 -6.41 -30.41 -7.53
N VAL B 353 -7.74 -30.54 -7.60
CA VAL B 353 -8.33 -31.83 -7.29
C VAL B 353 -7.97 -32.87 -8.35
N CYS B 354 -7.73 -32.45 -9.59
CA CYS B 354 -7.32 -33.38 -10.62
C CYS B 354 -5.93 -33.94 -10.32
N VAL B 355 -4.98 -33.07 -10.00
CA VAL B 355 -3.64 -33.58 -9.69
C VAL B 355 -3.69 -34.42 -8.41
N PHE B 356 -4.58 -34.07 -7.48
CA PHE B 356 -4.76 -34.89 -6.29
C PHE B 356 -5.20 -36.30 -6.68
N GLY B 357 -6.21 -36.41 -7.53
CA GLY B 357 -6.67 -37.71 -7.97
C GLY B 357 -5.58 -38.50 -8.69
N LEU B 358 -4.82 -37.84 -9.55
CA LEU B 358 -3.78 -38.56 -10.30
C LEU B 358 -2.67 -39.06 -9.39
N VAL B 359 -2.22 -38.23 -8.43
CA VAL B 359 -1.16 -38.71 -7.55
C VAL B 359 -1.68 -39.81 -6.65
N ALA B 360 -2.95 -39.73 -6.24
CA ALA B 360 -3.54 -40.81 -5.47
C ALA B 360 -3.55 -42.11 -6.27
N HIS B 361 -3.91 -42.02 -7.54
CA HIS B 361 -3.96 -43.23 -8.37
C HIS B 361 -2.58 -43.83 -8.56
N TRP B 362 -1.57 -43.00 -8.81
CA TRP B 362 -0.22 -43.51 -8.99
C TRP B 362 0.27 -44.20 -7.73
N LEU B 363 0.09 -43.56 -6.57
CA LEU B 363 0.53 -44.18 -5.33
C LEU B 363 -0.24 -45.46 -5.03
N ALA B 364 -1.53 -45.50 -5.38
CA ALA B 364 -2.28 -46.74 -5.18
C ALA B 364 -1.74 -47.86 -6.05
N CYS B 365 -1.38 -47.54 -7.29
CA CYS B 365 -0.80 -48.57 -8.16
C CYS B 365 0.51 -49.10 -7.60
N ILE B 366 1.38 -48.19 -7.13
CA ILE B 366 2.64 -48.65 -6.54
C ILE B 366 2.38 -49.50 -5.30
N TRP B 367 1.42 -49.09 -4.48
CA TRP B 367 1.11 -49.85 -3.27
C TRP B 367 0.63 -51.25 -3.59
N TYR B 368 -0.24 -51.38 -4.61
CA TYR B 368 -0.69 -52.71 -4.96
C TYR B 368 0.44 -53.54 -5.53
N SER B 369 1.37 -52.92 -6.25
CA SER B 369 2.51 -53.67 -6.75
C SER B 369 3.36 -54.22 -5.60
N ILE B 370 3.61 -53.39 -4.59
CA ILE B 370 4.38 -53.84 -3.44
C ILE B 370 3.64 -54.96 -2.71
N GLY B 371 2.34 -54.80 -2.51
CA GLY B 371 1.57 -55.83 -1.84
C GLY B 371 1.59 -57.15 -2.59
N ASP B 372 1.49 -57.10 -3.92
CA ASP B 372 1.51 -58.32 -4.71
C ASP B 372 2.89 -58.95 -4.73
N TYR B 373 3.94 -58.14 -4.64
CA TYR B 373 5.29 -58.72 -4.59
C TYR B 373 5.54 -59.40 -3.25
N GLU B 374 5.02 -58.85 -2.16
CA GLU B 374 5.26 -59.40 -0.83
C GLU B 374 4.69 -60.81 -0.67
N VAL B 375 3.40 -60.96 -0.98
CA VAL B 375 2.78 -62.28 -1.10
C VAL B 375 3.36 -62.86 -2.39
N ILE B 376 3.16 -64.18 -2.61
CA ILE B 376 3.85 -65.07 -3.54
C ILE B 376 5.00 -65.67 -2.74
N ASP B 377 5.23 -65.10 -1.56
CA ASP B 377 5.97 -65.73 -0.48
C ASP B 377 7.48 -65.68 -0.68
N GLU B 378 7.95 -64.84 -1.59
CA GLU B 378 9.37 -64.58 -1.78
C GLU B 378 10.15 -65.88 -1.97
N VAL B 379 9.64 -66.68 -2.92
CA VAL B 379 10.06 -67.98 -3.45
C VAL B 379 9.37 -69.02 -2.57
N THR B 380 9.58 -70.31 -2.86
CA THR B 380 8.94 -71.40 -2.15
C THR B 380 7.43 -71.16 -2.23
N ASN B 381 6.64 -71.59 -1.26
CA ASN B 381 5.21 -71.28 -1.23
C ASN B 381 4.74 -71.40 0.23
N THR B 382 4.65 -70.25 0.90
CA THR B 382 4.12 -70.19 2.25
C THR B 382 3.64 -68.77 2.50
N ILE B 383 2.33 -68.60 2.57
CA ILE B 383 1.68 -67.29 2.59
C ILE B 383 2.25 -66.46 3.73
N GLN B 384 2.64 -65.23 3.42
CA GLN B 384 3.12 -64.31 4.43
C GLN B 384 1.93 -63.81 5.25
N ILE B 385 1.98 -64.02 6.56
CA ILE B 385 0.88 -63.66 7.44
C ILE B 385 1.00 -62.19 7.82
N ASP B 386 1.88 -61.47 7.12
CA ASP B 386 2.17 -60.08 7.40
C ASP B 386 1.60 -59.13 6.38
N SER B 387 1.83 -59.37 5.08
CA SER B 387 1.52 -58.38 4.07
C SER B 387 0.03 -58.10 3.99
N TRP B 388 -0.30 -56.85 3.68
CA TRP B 388 -1.67 -56.39 3.84
C TRP B 388 -2.66 -57.11 2.92
N LEU B 389 -2.18 -57.80 1.88
CA LEU B 389 -3.10 -58.58 1.05
C LEU B 389 -3.72 -59.71 1.85
N TYR B 390 -2.92 -60.39 2.67
CA TYR B 390 -3.47 -61.45 3.50
C TYR B 390 -4.50 -60.91 4.47
N GLN B 391 -4.22 -59.75 5.08
CA GLN B 391 -5.16 -59.17 6.03
C GLN B 391 -6.44 -58.72 5.35
N LEU B 392 -6.33 -58.14 4.15
CA LEU B 392 -7.53 -57.78 3.41
C LEU B 392 -8.36 -59.00 3.06
N ALA B 393 -7.70 -60.06 2.60
CA ALA B 393 -8.43 -61.29 2.26
C ALA B 393 -9.09 -61.89 3.48
N LEU B 394 -8.46 -61.76 4.65
CA LEU B 394 -9.05 -62.29 5.87
C LEU B 394 -10.22 -61.44 6.33
N SER B 395 -10.13 -60.12 6.17
CA SER B 395 -11.19 -59.25 6.66
C SER B 395 -12.41 -59.28 5.77
N ILE B 396 -12.22 -59.28 4.45
CA ILE B 396 -13.37 -59.36 3.53
C ILE B 396 -14.11 -60.67 3.73
N GLY B 397 -13.37 -61.77 3.83
CA GLY B 397 -13.99 -63.06 4.01
C GLY B 397 -13.47 -64.10 3.05
N THR B 398 -13.03 -63.67 1.88
CA THR B 398 -12.55 -64.60 0.88
C THR B 398 -11.09 -64.97 1.16
N PRO B 399 -10.79 -66.22 1.44
CA PRO B 399 -9.41 -66.61 1.80
C PRO B 399 -8.61 -67.06 0.59
N TYR B 400 -7.34 -67.32 0.84
CA TYR B 400 -6.43 -67.83 -0.19
C TYR B 400 -6.42 -69.36 -0.18
N ARG B 401 -6.40 -69.94 -1.37
CA ARG B 401 -6.45 -71.39 -1.53
C ARG B 401 -5.29 -71.87 -2.38
N TYR B 402 -4.86 -73.10 -2.13
CA TYR B 402 -3.75 -73.71 -2.84
C TYR B 402 -4.28 -74.89 -3.65
N ASN B 403 -3.95 -74.91 -4.94
CA ASN B 403 -4.45 -75.95 -5.84
C ASN B 403 -3.50 -77.15 -5.85
N ILE B 408 -0.61 -72.02 -8.81
CA ILE B 408 -1.00 -72.97 -7.77
C ILE B 408 -1.60 -72.24 -6.58
N TRP B 409 -1.18 -70.99 -6.37
CA TRP B 409 -1.80 -70.11 -5.39
C TRP B 409 -2.83 -69.26 -6.12
N GLU B 410 -4.09 -69.72 -6.11
CA GLU B 410 -5.15 -69.05 -6.83
C GLU B 410 -6.32 -68.80 -5.89
N GLY B 411 -7.12 -67.80 -6.23
CA GLY B 411 -8.27 -67.45 -5.44
C GLY B 411 -7.98 -66.39 -4.39
N GLY B 412 -8.79 -65.34 -4.37
CA GLY B 412 -8.62 -64.28 -3.42
C GLY B 412 -9.58 -63.14 -3.71
N PRO B 413 -9.23 -61.94 -3.24
CA PRO B 413 -10.05 -60.77 -3.55
C PRO B 413 -10.12 -60.53 -5.05
N SER B 414 -11.28 -60.09 -5.51
CA SER B 414 -11.46 -59.80 -6.93
C SER B 414 -10.66 -58.56 -7.32
N LYS B 415 -10.49 -58.37 -8.63
CA LYS B 415 -9.64 -57.27 -9.10
C LYS B 415 -10.20 -55.91 -8.71
N ASP B 416 -11.51 -55.72 -8.87
CA ASP B 416 -12.11 -54.44 -8.51
C ASP B 416 -11.95 -54.15 -7.02
N SER B 417 -12.15 -55.16 -6.17
CA SER B 417 -11.98 -54.95 -4.75
C SER B 417 -10.53 -54.59 -4.42
N LEU B 418 -9.58 -55.25 -5.08
CA LEU B 418 -8.18 -54.93 -4.84
C LEU B 418 -7.87 -53.49 -5.21
N TYR B 419 -8.32 -53.06 -6.39
CA TYR B 419 -8.03 -51.69 -6.80
C TYR B 419 -8.68 -50.68 -5.86
N VAL B 420 -9.94 -50.91 -5.50
CA VAL B 420 -10.62 -49.92 -4.66
C VAL B 420 -10.00 -49.89 -3.28
N SER B 421 -9.54 -51.03 -2.76
CA SER B 421 -8.85 -51.01 -1.47
C SER B 421 -7.55 -50.24 -1.54
N SER B 422 -6.77 -50.43 -2.61
CA SER B 422 -5.53 -49.69 -2.73
C SER B 422 -5.79 -48.19 -2.82
N LEU B 423 -6.80 -47.80 -3.60
CA LEU B 423 -7.13 -46.38 -3.71
C LEU B 423 -7.60 -45.82 -2.37
N TYR B 424 -8.40 -46.60 -1.64
CA TYR B 424 -8.86 -46.15 -0.33
C TYR B 424 -7.69 -45.93 0.61
N PHE B 425 -6.71 -46.84 0.59
CA PHE B 425 -5.56 -46.68 1.49
C PHE B 425 -4.76 -45.44 1.11
N THR B 426 -4.50 -45.25 -0.18
CA THR B 426 -3.74 -44.07 -0.58
C THR B 426 -4.50 -42.78 -0.26
N MET B 427 -5.83 -42.80 -0.38
CA MET B 427 -6.61 -41.62 -0.01
C MET B 427 -6.51 -41.35 1.48
N THR B 428 -6.55 -42.40 2.31
CA THR B 428 -6.39 -42.19 3.74
C THR B 428 -5.05 -41.55 4.05
N SER B 429 -4.00 -41.99 3.36
CA SER B 429 -2.67 -41.46 3.66
C SER B 429 -2.52 -40.02 3.16
N LEU B 430 -3.02 -39.72 1.97
CA LEU B 430 -2.79 -38.40 1.38
C LEU B 430 -3.61 -37.30 2.02
N THR B 431 -4.81 -37.61 2.51
CA THR B 431 -5.64 -36.62 3.16
C THR B 431 -5.31 -36.49 4.64
N THR B 432 -4.31 -37.23 5.11
CA THR B 432 -3.85 -37.16 6.49
C THR B 432 -4.97 -37.47 7.48
N ILE B 433 -5.84 -38.40 7.09
CA ILE B 433 -6.91 -38.82 7.99
C ILE B 433 -6.47 -40.06 8.74
N GLY B 434 -6.27 -41.16 8.03
CA GLY B 434 -5.75 -42.35 8.66
C GLY B 434 -6.83 -43.12 9.37
N PHE B 435 -7.00 -44.40 9.05
CA PHE B 435 -7.99 -45.22 9.72
C PHE B 435 -7.36 -46.42 10.43
N GLY B 436 -6.57 -47.22 9.73
CA GLY B 436 -5.79 -48.25 10.36
C GLY B 436 -6.26 -49.67 10.14
N ASN B 437 -7.43 -49.86 9.52
CA ASN B 437 -7.84 -51.22 9.19
C ASN B 437 -6.98 -51.80 8.08
N ILE B 438 -6.49 -50.95 7.18
CA ILE B 438 -5.46 -51.31 6.20
C ILE B 438 -4.25 -50.46 6.52
N ALA B 439 -3.17 -51.09 6.95
CA ALA B 439 -2.00 -50.37 7.41
C ALA B 439 -0.75 -51.18 7.11
N PRO B 440 0.39 -50.51 6.93
CA PRO B 440 1.64 -51.25 6.67
C PRO B 440 1.97 -52.18 7.81
N THR B 441 2.42 -53.36 7.47
CA THR B 441 2.81 -54.33 8.48
C THR B 441 4.22 -54.88 8.27
N THR B 442 4.62 -55.13 7.03
CA THR B 442 5.90 -55.73 6.73
C THR B 442 7.03 -54.71 6.81
N ASP B 443 8.19 -55.09 6.29
CA ASP B 443 9.33 -54.18 6.29
C ASP B 443 9.30 -53.23 5.11
N VAL B 444 9.24 -53.75 3.89
CA VAL B 444 9.30 -52.91 2.70
C VAL B 444 8.18 -51.88 2.71
N GLU B 445 6.98 -52.29 3.10
CA GLU B 445 5.83 -51.40 3.18
C GLU B 445 6.11 -50.21 4.09
N LYS B 446 6.85 -50.41 5.18
CA LYS B 446 7.20 -49.30 6.07
C LYS B 446 8.24 -48.37 5.47
N MET B 447 9.19 -48.87 4.66
CA MET B 447 10.07 -47.98 3.94
C MET B 447 9.31 -47.16 2.90
N PHE B 448 8.31 -47.76 2.27
CA PHE B 448 7.52 -46.99 1.31
C PHE B 448 6.66 -45.95 2.01
N SER B 449 6.10 -46.30 3.16
CA SER B 449 5.06 -45.48 3.78
C SER B 449 5.63 -44.16 4.29
N VAL B 450 6.89 -44.15 4.72
CA VAL B 450 7.48 -42.90 5.22
C VAL B 450 7.71 -41.91 4.07
N ALA B 451 8.21 -42.39 2.92
CA ALA B 451 8.32 -41.51 1.77
C ALA B 451 6.96 -41.02 1.31
N MET B 452 5.98 -41.91 1.32
CA MET B 452 4.62 -41.52 0.96
C MET B 452 4.06 -40.48 1.93
N MET B 453 4.39 -40.60 3.22
CA MET B 453 3.95 -39.59 4.18
C MET B 453 4.58 -38.23 3.91
N MET B 454 5.88 -38.20 3.63
CA MET B 454 6.52 -36.90 3.37
C MET B 454 5.96 -36.25 2.10
N VAL B 455 5.80 -37.05 1.03
CA VAL B 455 5.24 -36.51 -0.20
C VAL B 455 3.82 -36.01 0.03
N GLY B 456 3.04 -36.76 0.82
CA GLY B 456 1.69 -36.32 1.13
C GLY B 456 1.67 -35.04 1.93
N SER B 457 2.62 -34.88 2.85
CA SER B 457 2.72 -33.62 3.59
C SER B 457 2.96 -32.45 2.65
N LEU B 458 3.92 -32.60 1.75
CA LEU B 458 4.22 -31.52 0.81
C LEU B 458 3.01 -31.21 -0.07
N LEU B 459 2.33 -32.24 -0.55
CA LEU B 459 1.21 -32.02 -1.47
C LEU B 459 0.01 -31.41 -0.75
N TYR B 460 -0.25 -31.85 0.48
CA TYR B 460 -1.35 -31.27 1.25
C TYR B 460 -1.05 -29.83 1.62
N ALA B 461 0.23 -29.49 1.78
CA ALA B 461 0.60 -28.08 1.87
C ALA B 461 0.26 -27.36 0.57
N THR B 462 0.53 -28.01 -0.57
CA THR B 462 0.32 -27.38 -1.88
C THR B 462 -1.16 -27.13 -2.18
N ILE B 463 -2.06 -27.92 -1.58
CA ILE B 463 -3.48 -27.85 -1.91
C ILE B 463 -4.12 -26.46 -1.77
N PHE B 464 -3.48 -25.52 -1.07
CA PHE B 464 -4.16 -24.31 -0.60
C PHE B 464 -4.46 -23.27 -1.70
N GLY B 465 -4.22 -23.60 -2.97
CA GLY B 465 -4.79 -22.78 -4.02
C GLY B 465 -6.29 -22.63 -3.92
N ASN B 466 -6.96 -23.56 -3.24
CA ASN B 466 -8.38 -23.45 -2.93
C ASN B 466 -8.66 -22.49 -1.78
N VAL B 467 -7.80 -22.48 -0.75
CA VAL B 467 -8.01 -21.53 0.32
C VAL B 467 -7.71 -20.13 -0.21
N THR B 468 -7.21 -20.00 -1.44
CA THR B 468 -7.36 -18.66 -2.05
C THR B 468 -8.80 -18.22 -2.27
N THR B 469 -9.65 -19.00 -2.92
CA THR B 469 -11.04 -18.59 -3.06
C THR B 469 -11.73 -18.50 -1.72
N ILE B 470 -11.47 -19.48 -0.85
CA ILE B 470 -11.85 -19.35 0.54
C ILE B 470 -11.28 -18.09 1.18
N PHE B 471 -10.12 -17.60 0.72
CA PHE B 471 -9.52 -16.40 1.26
C PHE B 471 -10.23 -15.16 0.77
N GLN B 472 -10.71 -15.19 -0.47
CA GLN B 472 -11.59 -14.12 -0.93
C GLN B 472 -12.83 -14.01 -0.07
N GLN B 473 -13.46 -15.15 0.22
CA GLN B 473 -14.64 -15.15 1.10
C GLN B 473 -14.31 -14.61 2.49
N MET B 474 -13.28 -15.18 3.12
CA MET B 474 -12.92 -14.80 4.48
C MET B 474 -12.36 -13.38 4.53
N TYR B 475 -11.83 -12.89 3.41
CA TYR B 475 -11.39 -11.50 3.31
C TYR B 475 -12.59 -10.55 3.23
N ALA B 476 -13.65 -10.99 2.56
CA ALA B 476 -14.90 -10.23 2.63
C ALA B 476 -15.39 -10.15 4.06
N ASN B 477 -15.30 -11.27 4.79
CA ASN B 477 -15.64 -11.26 6.21
C ASN B 477 -14.82 -10.21 6.97
N THR B 478 -13.50 -10.23 6.78
CA THR B 478 -12.65 -9.27 7.48
C THR B 478 -12.97 -7.84 7.09
N ASN B 479 -13.29 -7.58 5.83
CA ASN B 479 -13.62 -6.23 5.41
C ASN B 479 -14.91 -5.74 6.05
N ARG B 480 -15.92 -6.61 6.16
CA ARG B 480 -17.13 -6.22 6.87
C ARG B 480 -16.85 -5.94 8.34
N TYR B 481 -16.06 -6.80 8.99
CA TYR B 481 -15.73 -6.54 10.38
C TYR B 481 -14.92 -5.26 10.53
N HIS B 482 -14.07 -4.97 9.55
CA HIS B 482 -13.29 -3.74 9.53
C HIS B 482 -14.18 -2.51 9.43
N GLU B 483 -15.19 -2.55 8.57
CA GLU B 483 -16.09 -1.40 8.46
C GLU B 483 -16.89 -1.23 9.73
N MET B 484 -17.26 -2.34 10.38
CA MET B 484 -17.94 -2.24 11.67
C MET B 484 -17.05 -1.54 12.70
N LEU B 485 -15.78 -1.96 12.78
CA LEU B 485 -14.85 -1.31 13.70
C LEU B 485 -14.68 0.16 13.36
N ASN B 486 -14.58 0.47 12.07
CA ASN B 486 -14.43 1.84 11.61
C ASN B 486 -15.57 2.69 12.14
N ASN B 487 -16.80 2.23 11.91
CA ASN B 487 -17.98 2.96 12.37
C ASN B 487 -17.96 3.18 13.87
N VAL B 488 -17.75 2.11 14.63
CA VAL B 488 -17.84 2.21 16.09
C VAL B 488 -16.77 3.15 16.63
N ARG B 489 -15.52 2.96 16.17
CA ARG B 489 -14.42 3.76 16.70
C ARG B 489 -14.56 5.22 16.29
N ASP B 490 -15.05 5.49 15.07
CA ASP B 490 -15.31 6.86 14.67
C ASP B 490 -16.31 7.49 15.62
N PHE B 491 -17.44 6.80 15.83
CA PHE B 491 -18.49 7.33 16.68
C PHE B 491 -17.98 7.65 18.07
N LEU B 492 -17.19 6.74 18.66
CA LEU B 492 -16.69 6.96 20.01
C LEU B 492 -15.67 8.09 20.05
N LYS B 493 -14.71 8.10 19.11
CA LYS B 493 -13.66 9.12 19.16
C LYS B 493 -14.22 10.49 18.88
N LEU B 494 -15.40 10.57 18.25
CA LEU B 494 -16.06 11.85 18.02
C LEU B 494 -16.35 12.61 19.32
N TYR B 495 -16.14 11.97 20.47
CA TYR B 495 -16.41 12.57 21.77
C TYR B 495 -17.92 12.76 21.86
N GLN B 496 -18.64 12.05 20.97
CA GLN B 496 -20.08 12.13 20.79
C GLN B 496 -20.50 13.48 20.23
N VAL B 497 -21.38 13.44 19.24
CA VAL B 497 -21.95 14.62 18.59
C VAL B 497 -23.42 14.29 18.36
N PRO B 498 -24.28 15.25 17.99
CA PRO B 498 -25.68 14.90 17.71
C PRO B 498 -25.79 13.76 16.71
N LYS B 499 -26.63 12.79 17.05
CA LYS B 499 -26.72 11.53 16.31
C LYS B 499 -27.18 11.72 14.87
N GLY B 500 -27.83 12.83 14.55
CA GLY B 500 -28.18 13.08 13.15
C GLY B 500 -26.95 13.13 12.26
N LEU B 501 -25.86 13.71 12.76
CA LEU B 501 -24.63 13.78 11.98
C LEU B 501 -24.07 12.39 11.70
N SER B 502 -24.06 11.52 12.72
CA SER B 502 -23.58 10.16 12.53
C SER B 502 -24.49 9.41 11.56
N GLU B 503 -25.79 9.65 11.65
CA GLU B 503 -26.73 9.02 10.71
C GLU B 503 -26.45 9.47 9.28
N ARG B 504 -26.19 10.76 9.07
CA ARG B 504 -25.84 11.24 7.75
C ARG B 504 -24.55 10.59 7.25
N VAL B 505 -23.55 10.50 8.13
CA VAL B 505 -22.28 9.89 7.74
C VAL B 505 -22.48 8.44 7.33
N MET B 506 -23.23 7.69 8.13
CA MET B 506 -23.46 6.28 7.84
C MET B 506 -24.20 6.11 6.52
N ASP B 507 -25.25 6.92 6.30
CA ASP B 507 -25.98 6.85 5.03
C ASP B 507 -25.07 7.19 3.86
N TYR B 508 -24.23 8.22 4.00
CA TYR B 508 -23.37 8.61 2.89
C TYR B 508 -22.36 7.53 2.58
N ILE B 509 -21.79 6.90 3.62
CA ILE B 509 -20.80 5.85 3.38
C ILE B 509 -21.43 4.66 2.67
N VAL B 510 -22.61 4.23 3.13
CA VAL B 510 -23.24 3.08 2.47
C VAL B 510 -23.69 3.45 1.06
N SER B 511 -24.14 4.69 0.85
CA SER B 511 -24.51 5.11 -0.50
C SER B 511 -23.29 5.09 -1.43
N THR B 512 -22.19 5.70 -1.00
CA THR B 512 -20.99 5.70 -1.84
C THR B 512 -20.47 4.28 -2.06
N TRP B 513 -20.74 3.39 -1.11
CA TRP B 513 -20.52 1.97 -1.37
C TRP B 513 -21.36 1.50 -2.54
N SER B 514 -22.67 1.77 -2.49
CA SER B 514 -23.56 1.12 -3.46
C SER B 514 -23.80 1.94 -4.72
N MET B 515 -22.75 2.51 -5.30
CA MET B 515 -22.65 2.75 -6.74
C MET B 515 -21.20 2.59 -7.19
N SER B 516 -20.31 2.30 -6.24
CA SER B 516 -18.87 2.19 -6.48
C SER B 516 -18.31 0.98 -5.76
N LYS B 517 -18.94 -0.17 -5.95
CA LYS B 517 -18.60 -1.37 -5.18
C LYS B 517 -17.24 -1.91 -5.59
N GLY B 518 -16.21 -1.53 -4.84
CA GLY B 518 -14.87 -2.04 -5.06
C GLY B 518 -14.03 -1.22 -6.02
N ILE B 519 -14.36 -1.27 -7.31
CA ILE B 519 -13.55 -0.59 -8.32
C ILE B 519 -13.90 0.89 -8.34
N ASP B 520 -12.88 1.74 -8.30
CA ASP B 520 -13.02 3.19 -8.32
C ASP B 520 -13.00 3.71 -9.75
N THR B 521 -13.03 5.04 -9.86
CA THR B 521 -12.95 5.73 -11.14
C THR B 521 -11.61 6.42 -11.36
N GLU B 522 -10.76 6.46 -10.33
CA GLU B 522 -9.49 7.17 -10.39
C GLU B 522 -8.33 6.25 -10.76
N LYS B 523 -8.14 5.15 -10.03
CA LYS B 523 -7.06 4.23 -10.35
C LYS B 523 -7.26 3.61 -11.72
N VAL B 524 -8.52 3.41 -12.13
CA VAL B 524 -8.80 2.89 -13.45
C VAL B 524 -8.31 3.84 -14.53
N LEU B 525 -8.42 5.15 -14.30
CA LEU B 525 -8.11 6.14 -15.31
C LEU B 525 -6.65 6.60 -15.25
N SER B 526 -5.90 6.18 -14.24
CA SER B 526 -4.49 6.50 -14.14
C SER B 526 -3.59 5.46 -14.78
N ILE B 527 -4.14 4.35 -15.25
CA ILE B 527 -3.38 3.34 -15.95
C ILE B 527 -3.65 3.39 -17.47
N CYS B 528 -4.12 4.52 -17.96
CA CYS B 528 -4.55 4.73 -19.33
C CYS B 528 -3.61 5.69 -20.05
N PRO B 529 -3.53 5.61 -21.38
CA PRO B 529 -2.84 6.66 -22.14
C PRO B 529 -3.59 7.97 -22.00
N LYS B 530 -2.91 9.05 -22.38
CA LYS B 530 -3.56 10.35 -22.33
C LYS B 530 -4.78 10.38 -23.23
N ASP B 531 -4.66 9.84 -24.45
CA ASP B 531 -5.76 9.91 -25.40
C ASP B 531 -6.87 8.93 -25.03
N MET B 532 -6.52 7.74 -24.55
CA MET B 532 -7.58 6.79 -24.22
C MET B 532 -8.24 7.15 -22.89
N ARG B 533 -7.49 7.76 -21.98
CA ARG B 533 -8.11 8.35 -20.79
C ARG B 533 -9.06 9.48 -21.18
N ALA B 534 -8.67 10.30 -22.16
CA ALA B 534 -9.60 11.30 -22.67
C ALA B 534 -10.82 10.66 -23.31
N ASP B 535 -10.64 9.52 -23.99
CA ASP B 535 -11.77 8.79 -24.53
C ASP B 535 -12.72 8.35 -23.42
N ILE B 536 -12.16 7.82 -22.34
CA ILE B 536 -12.99 7.38 -21.22
C ILE B 536 -13.74 8.56 -20.62
N CYS B 537 -13.05 9.69 -20.43
CA CYS B 537 -13.69 10.86 -19.86
C CYS B 537 -14.78 11.41 -20.79
N VAL B 538 -14.55 11.32 -22.10
CA VAL B 538 -15.54 11.86 -23.03
C VAL B 538 -16.77 10.96 -23.14
N HIS B 539 -16.62 9.64 -23.05
CA HIS B 539 -17.85 8.83 -23.14
C HIS B 539 -18.40 8.46 -21.78
N LEU B 540 -17.79 8.93 -20.69
CA LEU B 540 -18.41 8.78 -19.39
C LEU B 540 -19.62 9.70 -19.23
N ASN B 541 -19.52 10.93 -19.77
CA ASN B 541 -20.54 11.93 -19.47
C ASN B 541 -21.78 11.74 -20.34
N ARG B 542 -21.66 12.04 -21.64
CA ARG B 542 -22.63 11.65 -22.65
C ARG B 542 -24.07 12.07 -22.37
N LYS B 543 -24.31 12.88 -21.33
CA LYS B 543 -25.67 13.25 -20.94
C LYS B 543 -25.93 14.75 -20.98
N VAL B 544 -24.90 15.58 -21.07
CA VAL B 544 -25.03 16.96 -21.52
C VAL B 544 -24.49 17.14 -22.92
N PHE B 545 -23.42 16.43 -23.26
CA PHE B 545 -22.82 16.45 -24.59
C PHE B 545 -23.75 15.89 -25.66
N ASN B 546 -24.45 14.80 -25.37
CA ASN B 546 -25.33 14.17 -26.36
C ASN B 546 -26.81 14.37 -26.06
N GLU B 547 -27.14 15.10 -25.00
CA GLU B 547 -28.54 15.27 -24.61
C GLU B 547 -28.92 16.74 -24.48
N HIS B 548 -28.04 17.54 -23.92
CA HIS B 548 -28.34 18.96 -23.86
C HIS B 548 -28.14 19.59 -25.23
N PRO B 549 -29.07 20.42 -25.69
CA PRO B 549 -28.95 21.06 -27.00
C PRO B 549 -27.97 22.24 -27.04
N ALA B 550 -26.75 22.00 -26.56
CA ALA B 550 -25.65 22.94 -26.71
C ALA B 550 -24.40 22.32 -27.32
N PHE B 551 -24.12 21.05 -27.00
CA PHE B 551 -22.98 20.34 -27.59
C PHE B 551 -23.43 19.60 -28.86
N ARG B 552 -23.48 20.32 -29.97
CA ARG B 552 -23.79 19.72 -31.25
C ARG B 552 -22.67 19.86 -32.27
N LEU B 553 -22.14 21.08 -32.42
CA LEU B 553 -21.14 21.37 -33.44
C LEU B 553 -19.74 21.28 -32.83
N ALA B 554 -19.38 20.06 -32.44
CA ALA B 554 -18.05 19.74 -31.96
C ALA B 554 -17.84 18.24 -32.12
N SER B 555 -17.00 17.85 -33.07
CA SER B 555 -16.88 16.43 -33.40
C SER B 555 -16.06 15.68 -32.36
N ASP B 556 -14.77 15.99 -32.26
CA ASP B 556 -13.94 15.34 -31.26
C ASP B 556 -12.87 16.25 -30.68
N GLY B 557 -12.80 17.53 -31.05
CA GLY B 557 -11.71 18.37 -30.60
C GLY B 557 -12.06 19.31 -29.46
N CYS B 558 -13.21 19.96 -29.56
CA CYS B 558 -13.66 20.80 -28.46
C CYS B 558 -14.09 19.96 -27.26
N LEU B 559 -14.88 18.92 -27.53
CA LEU B 559 -15.44 18.13 -26.45
C LEU B 559 -14.36 17.43 -25.64
N ARG B 560 -13.44 16.74 -26.31
CA ARG B 560 -12.36 16.09 -25.59
C ARG B 560 -11.40 17.08 -24.96
N ALA B 561 -11.44 18.35 -25.36
CA ALA B 561 -10.76 19.39 -24.62
C ALA B 561 -11.55 19.85 -23.41
N LEU B 562 -12.85 19.61 -23.38
CA LEU B 562 -13.68 19.92 -22.22
C LEU B 562 -14.11 18.69 -21.43
N ALA B 563 -14.46 17.60 -22.10
CA ALA B 563 -15.06 16.46 -21.42
C ALA B 563 -14.09 15.80 -20.44
N VAL B 564 -12.80 16.12 -20.55
CA VAL B 564 -11.83 15.64 -19.56
C VAL B 564 -11.96 16.37 -18.24
N GLU B 565 -12.78 17.42 -18.18
CA GLU B 565 -12.84 18.28 -17.01
C GLU B 565 -14.17 18.28 -16.27
N PHE B 566 -15.29 18.01 -16.94
CA PHE B 566 -16.53 17.81 -16.20
C PHE B 566 -16.40 16.63 -15.25
N GLN B 567 -16.52 16.91 -13.97
CA GLN B 567 -16.59 15.89 -12.93
C GLN B 567 -18.04 15.76 -12.49
N THR B 568 -18.51 14.52 -12.39
CA THR B 568 -19.90 14.23 -12.06
C THR B 568 -20.02 13.96 -10.58
N ILE B 569 -20.82 14.78 -9.90
CA ILE B 569 -21.11 14.56 -8.49
C ILE B 569 -22.51 13.98 -8.36
N HIS B 570 -22.67 13.06 -7.41
CA HIS B 570 -23.96 12.47 -7.07
C HIS B 570 -24.46 13.20 -5.83
N CYS B 571 -25.42 14.10 -6.03
CA CYS B 571 -25.87 14.96 -4.96
C CYS B 571 -26.70 14.18 -3.95
N ALA B 572 -26.89 14.77 -2.77
CA ALA B 572 -27.65 14.17 -1.70
C ALA B 572 -28.70 15.14 -1.17
N PRO B 573 -29.90 14.66 -0.83
CA PRO B 573 -30.96 15.56 -0.36
C PRO B 573 -30.55 16.33 0.89
N GLY B 574 -30.93 17.60 0.93
CA GLY B 574 -30.62 18.46 2.05
C GLY B 574 -29.27 19.12 2.01
N ASP B 575 -28.45 18.85 0.99
CA ASP B 575 -27.11 19.40 0.93
C ASP B 575 -27.14 20.84 0.44
N LEU B 576 -26.21 21.64 0.99
CA LEU B 576 -25.99 23.01 0.55
C LEU B 576 -24.74 23.03 -0.32
N ILE B 577 -24.93 23.21 -1.63
CA ILE B 577 -23.82 23.08 -2.57
C ILE B 577 -23.04 24.39 -2.67
N TYR B 578 -23.71 25.43 -3.18
CA TYR B 578 -23.08 26.73 -3.36
C TYR B 578 -23.84 27.78 -2.56
N HIS B 579 -24.11 27.48 -1.29
CA HIS B 579 -24.89 28.33 -0.40
C HIS B 579 -24.10 29.58 -0.08
N ALA B 580 -24.62 30.39 0.85
CA ALA B 580 -23.88 31.55 1.32
C ALA B 580 -22.77 31.12 2.29
N GLY B 581 -21.88 30.29 1.77
CA GLY B 581 -20.78 29.77 2.56
C GLY B 581 -19.46 29.68 1.82
N GLU B 582 -19.46 29.93 0.52
CA GLU B 582 -18.28 29.77 -0.31
C GLU B 582 -18.29 30.85 -1.38
N SER B 583 -17.44 30.68 -2.40
CA SER B 583 -17.38 31.54 -3.57
C SER B 583 -17.70 30.71 -4.81
N VAL B 584 -18.40 31.33 -5.76
CA VAL B 584 -18.76 30.64 -7.00
C VAL B 584 -17.48 30.46 -7.82
N ASP B 585 -17.17 29.22 -8.18
CA ASP B 585 -15.97 28.93 -8.95
C ASP B 585 -16.21 27.81 -9.96
N ALA B 586 -17.46 27.59 -10.36
CA ALA B 586 -17.76 26.45 -11.21
C ALA B 586 -19.13 26.61 -11.84
N LEU B 587 -19.20 26.43 -13.15
CA LEU B 587 -20.48 26.27 -13.84
C LEU B 587 -21.03 24.89 -13.49
N CYS B 588 -22.34 24.79 -13.35
CA CYS B 588 -22.98 23.52 -13.02
C CYS B 588 -24.19 23.32 -13.91
N PHE B 589 -24.48 22.07 -14.25
CA PHE B 589 -25.66 21.69 -15.00
C PHE B 589 -26.34 20.54 -14.29
N VAL B 590 -27.64 20.37 -14.53
CA VAL B 590 -28.44 19.32 -13.90
C VAL B 590 -28.84 18.31 -14.97
N VAL B 591 -28.71 17.03 -14.64
CA VAL B 591 -29.01 16.00 -15.62
C VAL B 591 -30.04 15.02 -15.09
N SER B 592 -30.09 14.86 -13.77
CA SER B 592 -31.00 13.90 -13.15
C SER B 592 -31.29 14.37 -11.74
N GLY B 593 -32.45 14.99 -11.56
CA GLY B 593 -32.86 15.52 -10.28
C GLY B 593 -33.27 16.97 -10.37
N SER B 594 -33.25 17.63 -9.21
CA SER B 594 -33.70 19.00 -9.14
C SER B 594 -33.02 19.69 -7.96
N LEU B 595 -32.61 20.94 -8.18
CA LEU B 595 -31.91 21.73 -7.18
C LEU B 595 -32.76 22.89 -6.73
N GLU B 596 -32.67 23.22 -5.45
CA GLU B 596 -33.45 24.30 -4.84
C GLU B 596 -32.53 25.46 -4.49
N VAL B 597 -32.98 26.68 -4.78
CA VAL B 597 -32.15 27.88 -4.59
C VAL B 597 -32.95 28.80 -3.67
N ILE B 598 -32.51 28.91 -2.42
CA ILE B 598 -33.13 29.82 -1.45
C ILE B 598 -32.62 31.23 -1.72
N GLN B 599 -33.50 32.22 -1.57
CA GLN B 599 -33.10 33.62 -1.62
C GLN B 599 -33.54 34.28 -0.32
N ASP B 600 -32.74 34.14 0.73
CA ASP B 600 -33.08 34.67 2.05
C ASP B 600 -34.43 34.10 2.53
N ASP B 601 -34.44 32.77 2.72
CA ASP B 601 -35.61 32.04 3.24
C ASP B 601 -36.83 32.19 2.35
N GLU B 602 -36.64 32.28 1.04
CA GLU B 602 -37.76 32.32 0.11
C GLU B 602 -37.27 31.96 -1.28
N VAL B 603 -38.12 31.31 -2.09
CA VAL B 603 -37.67 30.47 -3.18
C VAL B 603 -38.25 30.93 -4.52
N VAL B 604 -37.46 30.83 -5.59
CA VAL B 604 -38.00 30.90 -6.94
C VAL B 604 -37.41 29.83 -7.84
N ALA B 605 -36.33 29.19 -7.40
CA ALA B 605 -35.60 28.34 -8.33
C ALA B 605 -35.64 26.91 -7.83
N ILE B 606 -36.38 26.08 -8.54
CA ILE B 606 -36.28 24.63 -8.43
C ILE B 606 -36.09 24.11 -9.84
N LEU B 607 -34.93 23.49 -10.09
CA LEU B 607 -34.49 23.26 -11.45
C LEU B 607 -35.06 21.96 -12.00
N GLY B 608 -35.05 21.84 -13.32
CA GLY B 608 -35.62 20.65 -13.95
C GLY B 608 -34.61 19.83 -14.72
N LYS B 609 -34.79 19.74 -16.03
CA LYS B 609 -33.93 18.95 -16.89
C LYS B 609 -33.05 19.90 -17.71
N GLY B 610 -31.74 19.68 -17.68
CA GLY B 610 -30.83 20.48 -18.46
C GLY B 610 -30.88 21.96 -18.13
N ASP B 611 -30.81 22.28 -16.84
CA ASP B 611 -30.98 23.65 -16.36
C ASP B 611 -29.71 24.09 -15.64
N VAL B 612 -29.23 25.28 -15.97
CA VAL B 612 -27.92 25.76 -15.54
C VAL B 612 -28.07 26.75 -14.41
N PHE B 613 -27.19 26.64 -13.42
CA PHE B 613 -27.03 27.66 -12.39
C PHE B 613 -25.55 27.99 -12.23
N GLY B 614 -25.28 29.23 -11.85
CA GLY B 614 -23.91 29.70 -11.77
C GLY B 614 -23.69 30.85 -12.72
N ASP B 615 -22.77 31.73 -12.34
CA ASP B 615 -22.50 32.93 -13.12
C ASP B 615 -21.83 32.59 -14.44
N ILE B 616 -22.16 33.36 -15.47
CA ILE B 616 -21.58 33.16 -16.80
C ILE B 616 -20.21 33.81 -16.84
N PHE B 617 -19.30 33.21 -17.61
CA PHE B 617 -17.91 33.68 -17.66
C PHE B 617 -17.42 33.97 -19.07
N TRP B 618 -18.21 33.72 -20.11
CA TRP B 618 -17.70 33.86 -21.46
C TRP B 618 -17.78 35.29 -22.00
N LYS B 619 -18.68 36.13 -21.48
CA LYS B 619 -18.70 37.53 -21.85
C LYS B 619 -18.69 38.46 -20.64
N GLU B 620 -18.30 37.96 -19.47
CA GLU B 620 -18.28 38.78 -18.26
C GLU B 620 -16.88 39.02 -17.73
N THR B 621 -16.13 37.95 -17.48
CA THR B 621 -14.87 38.03 -16.73
C THR B 621 -15.10 38.78 -15.41
N THR B 622 -16.27 38.53 -14.82
CA THR B 622 -16.73 39.20 -13.62
C THR B 622 -17.13 38.12 -12.62
N LEU B 623 -17.05 38.46 -11.34
CA LEU B 623 -17.24 37.47 -10.28
C LEU B 623 -18.52 37.78 -9.51
N ALA B 624 -19.16 36.71 -9.05
CA ALA B 624 -20.29 36.78 -8.14
C ALA B 624 -19.88 36.14 -6.82
N HIS B 625 -20.79 36.15 -5.85
CA HIS B 625 -20.42 35.73 -4.51
C HIS B 625 -21.61 35.03 -3.85
N ALA B 626 -21.56 34.89 -2.54
CA ALA B 626 -22.52 34.12 -1.78
C ALA B 626 -23.82 34.88 -1.56
N CYS B 627 -24.79 34.69 -2.45
CA CYS B 627 -26.09 35.35 -2.34
C CYS B 627 -27.25 34.36 -2.29
N ALA B 628 -27.03 33.14 -1.84
CA ALA B 628 -28.10 32.15 -1.81
C ALA B 628 -27.80 31.09 -0.76
N ASN B 629 -28.77 30.20 -0.56
CA ASN B 629 -28.69 29.11 0.41
C ASN B 629 -29.15 27.83 -0.26
N VAL B 630 -28.59 27.55 -1.45
CA VAL B 630 -29.10 26.53 -2.35
C VAL B 630 -29.13 25.15 -1.69
N ARG B 631 -30.30 24.54 -1.62
CA ARG B 631 -30.45 23.24 -1.01
C ARG B 631 -30.55 22.15 -2.07
N ALA B 632 -30.76 20.92 -1.64
CA ALA B 632 -30.85 19.78 -2.54
C ALA B 632 -32.10 18.97 -2.20
N LEU B 633 -32.81 18.53 -3.23
CA LEU B 633 -34.11 17.90 -3.02
C LEU B 633 -34.02 16.38 -3.14
N THR B 634 -33.64 15.91 -4.33
CA THR B 634 -33.62 14.49 -4.63
C THR B 634 -32.20 13.98 -4.52
N TYR B 635 -31.99 12.74 -4.96
CA TYR B 635 -30.63 12.24 -5.17
C TYR B 635 -30.22 12.62 -6.58
N CYS B 636 -29.61 13.80 -6.71
CA CYS B 636 -29.39 14.42 -8.01
C CYS B 636 -27.98 14.11 -8.52
N ASP B 637 -27.77 14.40 -9.80
CA ASP B 637 -26.46 14.27 -10.43
C ASP B 637 -26.13 15.60 -11.10
N LEU B 638 -25.00 16.18 -10.74
CA LEU B 638 -24.55 17.43 -11.33
C LEU B 638 -23.23 17.23 -12.05
N HIS B 639 -22.98 18.11 -13.02
CA HIS B 639 -21.73 18.13 -13.78
C HIS B 639 -21.04 19.46 -13.48
N ILE B 640 -19.82 19.39 -12.94
CA ILE B 640 -19.13 20.56 -12.42
C ILE B 640 -17.75 20.66 -13.07
N ILE B 641 -17.39 21.86 -13.49
CA ILE B 641 -16.07 22.18 -14.01
C ILE B 641 -15.51 23.38 -13.26
N LYS B 642 -14.24 23.30 -12.88
CA LYS B 642 -13.61 24.42 -12.20
C LYS B 642 -13.45 25.59 -13.15
N ARG B 643 -13.38 26.80 -12.58
CA ARG B 643 -13.32 28.00 -13.40
C ARG B 643 -12.04 28.04 -14.24
N GLU B 644 -10.92 27.64 -13.67
CA GLU B 644 -9.64 27.73 -14.37
C GLU B 644 -9.63 26.92 -15.66
N ALA B 645 -10.29 25.77 -15.67
CA ALA B 645 -10.24 24.86 -16.80
C ALA B 645 -11.37 25.11 -17.81
N LEU B 646 -12.19 26.13 -17.60
CA LEU B 646 -13.25 26.46 -18.55
C LEU B 646 -12.89 27.65 -19.43
N LEU B 647 -12.28 28.70 -18.86
CA LEU B 647 -11.92 29.86 -19.66
C LEU B 647 -10.82 29.55 -20.66
N LYS B 648 -9.86 28.71 -20.28
CA LYS B 648 -8.75 28.37 -21.17
C LYS B 648 -9.25 27.72 -22.45
N VAL B 649 -10.14 26.74 -22.32
CA VAL B 649 -10.60 25.97 -23.48
C VAL B 649 -11.37 26.87 -24.43
N LEU B 650 -12.27 27.71 -23.91
CA LEU B 650 -13.02 28.60 -24.79
C LEU B 650 -12.13 29.68 -25.39
N ASP B 651 -11.07 30.10 -24.68
CA ASP B 651 -10.12 31.03 -25.27
C ASP B 651 -9.42 30.40 -26.46
N PHE B 652 -8.92 29.18 -26.30
CA PHE B 652 -8.29 28.50 -27.43
C PHE B 652 -9.29 28.23 -28.54
N TYR B 653 -10.47 27.74 -28.19
CA TYR B 653 -11.51 27.45 -29.17
C TYR B 653 -12.42 28.68 -29.26
N THR B 654 -11.81 29.81 -29.65
CA THR B 654 -12.56 31.05 -29.81
C THR B 654 -13.63 30.93 -30.89
N ALA B 655 -13.37 30.16 -31.94
CA ALA B 655 -14.40 29.87 -32.93
C ALA B 655 -15.57 29.09 -32.35
N PHE B 656 -15.36 28.37 -31.25
CA PHE B 656 -16.45 27.68 -30.56
C PHE B 656 -17.09 28.54 -29.48
N ALA B 657 -16.62 29.77 -29.30
CA ALA B 657 -17.33 30.75 -28.49
C ALA B 657 -18.55 31.32 -29.20
N ASN B 658 -18.92 30.76 -30.34
CA ASN B 658 -20.13 31.15 -31.06
C ASN B 658 -21.25 30.13 -30.90
N SER B 659 -20.93 28.84 -30.81
CA SER B 659 -21.92 27.78 -30.67
C SER B 659 -22.17 27.39 -29.22
N PHE B 660 -21.33 27.82 -28.28
CA PHE B 660 -21.52 27.55 -26.86
C PHE B 660 -21.59 28.84 -26.05
N SER B 661 -21.84 29.97 -26.71
CA SER B 661 -22.15 31.23 -26.06
C SER B 661 -23.48 31.82 -26.49
N ARG B 662 -24.18 31.20 -27.45
CA ARG B 662 -25.49 31.63 -27.87
C ARG B 662 -26.54 30.53 -27.80
N ASN B 663 -26.12 29.27 -27.59
CA ASN B 663 -27.03 28.15 -27.48
C ASN B 663 -27.27 27.69 -26.05
N LEU B 664 -26.59 28.28 -25.07
CA LEU B 664 -26.89 28.01 -23.68
C LEU B 664 -28.05 28.90 -23.23
N THR B 665 -29.09 28.27 -22.68
CA THR B 665 -30.29 28.98 -22.23
C THR B 665 -30.21 29.09 -20.71
N LEU B 666 -29.96 30.30 -20.22
CA LEU B 666 -29.71 30.52 -18.80
C LEU B 666 -30.97 30.31 -17.99
N THR B 667 -31.00 29.21 -17.22
CA THR B 667 -32.15 28.95 -16.36
C THR B 667 -32.26 29.98 -15.25
N CYS B 668 -31.26 30.04 -14.38
CA CYS B 668 -31.24 31.02 -13.28
C CYS B 668 -29.80 31.29 -12.90
N ASN B 669 -29.28 32.43 -13.35
CA ASN B 669 -27.91 32.82 -13.03
C ASN B 669 -27.82 33.17 -11.56
N LEU B 670 -26.80 32.64 -10.87
CA LEU B 670 -26.49 33.09 -9.52
C LEU B 670 -25.63 34.35 -9.57
N ARG B 671 -26.07 35.30 -10.39
CA ARG B 671 -25.39 36.57 -10.61
C ARG B 671 -26.31 37.76 -10.43
N LYS B 672 -27.56 37.66 -10.85
CA LYS B 672 -28.54 38.73 -10.72
C LYS B 672 -29.56 38.34 -9.64
N ARG B 673 -29.93 39.31 -8.82
CA ARG B 673 -30.89 39.04 -7.75
C ARG B 673 -32.30 38.95 -8.31
N ILE B 674 -32.93 37.80 -8.11
CA ILE B 674 -34.21 37.49 -8.72
C ILE B 674 -35.32 38.27 -8.03
N ILE B 675 -36.46 38.37 -8.69
CA ILE B 675 -37.55 39.28 -8.32
C ILE B 675 -38.84 38.50 -8.24
N PHE B 676 -39.57 38.63 -7.11
CA PHE B 676 -40.66 37.69 -6.81
C PHE B 676 -41.43 38.17 -5.57
N ARG B 677 -42.77 38.29 -5.69
CA ARG B 677 -43.58 39.17 -4.83
C ARG B 677 -44.49 38.41 -3.89
N LYS B 678 -44.50 38.83 -2.62
CA LYS B 678 -45.37 38.24 -1.63
C LYS B 678 -46.83 38.51 -1.97
N ILE B 679 -47.67 37.50 -1.77
CA ILE B 679 -49.11 37.66 -1.92
C ILE B 679 -49.74 37.65 -0.54
N SER B 680 -48.92 37.35 0.48
CA SER B 680 -49.36 37.32 1.87
C SER B 680 -48.72 38.40 2.73
N ASP B 681 -48.06 39.39 2.13
CA ASP B 681 -47.57 40.54 2.90
C ASP B 681 -48.05 41.86 2.32
N VAL B 682 -48.13 41.99 0.99
CA VAL B 682 -48.66 43.22 0.39
C VAL B 682 -50.11 43.41 0.78
N LYS B 683 -50.90 42.33 0.75
CA LYS B 683 -52.27 42.42 1.23
C LYS B 683 -52.33 42.90 2.67
N LYS B 684 -51.52 42.31 3.56
CA LYS B 684 -51.50 42.68 4.96
C LYS B 684 -50.77 43.99 5.24
N GLU B 685 -49.81 44.39 4.39
CA GLU B 685 -49.19 45.69 4.56
C GLU B 685 -50.10 46.82 4.11
N GLU B 686 -50.92 46.58 3.07
CA GLU B 686 -51.98 47.52 2.73
C GLU B 686 -53.05 47.54 3.80
N GLU B 687 -53.32 46.39 4.42
CA GLU B 687 -54.24 46.33 5.54
C GLU B 687 -53.74 47.15 6.73
N GLU B 688 -52.44 47.06 7.02
CA GLU B 688 -51.87 47.78 8.15
C GLU B 688 -51.76 49.27 7.88
N ARG B 689 -51.86 49.70 6.62
CA ARG B 689 -51.79 51.11 6.29
C ARG B 689 -53.11 51.83 6.49
N LEU B 690 -54.23 51.13 6.39
CA LEU B 690 -55.54 51.72 6.64
C LEU B 690 -55.85 51.90 8.12
N ARG B 691 -55.21 51.13 8.99
CA ARG B 691 -55.40 51.25 10.43
C ARG B 691 -54.39 52.17 11.10
N GLN B 692 -53.46 52.73 10.33
CA GLN B 692 -52.42 53.59 10.89
C GLN B 692 -52.35 54.92 10.16
N PRO C 11 38.88 -0.48 -4.54
CA PRO C 11 39.34 -0.01 -5.85
C PRO C 11 39.34 1.51 -5.93
N GLN C 12 40.49 2.14 -5.74
CA GLN C 12 40.57 3.60 -5.71
C GLN C 12 41.99 4.04 -6.02
N ASN C 13 42.22 5.35 -5.97
CA ASN C 13 43.56 5.88 -6.19
C ASN C 13 44.45 5.71 -4.97
N THR C 14 43.89 5.25 -3.84
CA THR C 14 44.64 4.66 -2.73
C THR C 14 45.61 5.66 -2.10
N PHE C 15 45.03 6.73 -1.54
CA PHE C 15 45.83 7.69 -0.79
C PHE C 15 45.39 7.92 0.64
N LEU C 16 44.21 7.44 1.06
CA LEU C 16 43.79 7.65 2.45
C LEU C 16 43.02 6.51 3.10
N GLU C 17 42.80 5.36 2.45
CA GLU C 17 42.01 4.31 3.10
C GLU C 17 42.73 3.72 4.31
N ASN C 18 44.06 3.57 4.23
CA ASN C 18 44.84 3.07 5.35
C ASN C 18 46.07 3.95 5.57
N ILE C 19 45.91 5.26 5.38
CA ILE C 19 47.01 6.21 5.50
C ILE C 19 46.82 7.02 6.78
N VAL C 20 45.60 7.07 7.29
CA VAL C 20 45.28 7.88 8.46
C VAL C 20 45.70 7.16 9.73
N ARG C 21 46.18 5.93 9.61
CA ARG C 21 46.48 5.10 10.77
C ARG C 21 47.96 4.77 10.92
N ARG C 22 48.68 4.51 9.83
CA ARG C 22 50.07 4.07 9.94
C ARG C 22 51.07 5.07 9.36
N SER C 23 50.64 5.96 8.47
CA SER C 23 51.55 6.93 7.89
C SER C 23 52.03 7.92 8.95
N SER C 24 53.00 8.73 8.59
CA SER C 24 53.62 9.68 9.52
C SER C 24 53.64 11.05 8.86
N GLU C 25 54.34 11.99 9.48
CA GLU C 25 54.42 13.35 8.98
C GLU C 25 54.98 13.37 7.57
N SER C 26 54.34 14.13 6.68
CA SER C 26 54.78 14.24 5.31
C SER C 26 54.06 15.44 4.67
N SER C 27 54.26 15.59 3.36
CA SER C 27 53.65 16.67 2.58
C SER C 27 53.11 16.11 1.26
N PHE C 28 52.35 15.01 1.35
CA PHE C 28 51.85 14.28 0.19
C PHE C 28 51.32 15.16 -0.94
N LEU C 29 51.95 15.05 -2.12
CA LEU C 29 51.52 15.72 -3.33
C LEU C 29 50.68 14.77 -4.18
N LEU C 30 49.99 15.32 -5.18
CA LEU C 30 49.23 14.53 -6.13
C LEU C 30 50.01 14.17 -7.39
N GLY C 31 50.47 15.16 -8.16
CA GLY C 31 51.27 14.90 -9.35
C GLY C 31 50.62 13.97 -10.37
N ASN C 32 49.60 14.46 -11.08
CA ASN C 32 48.73 13.58 -11.87
C ASN C 32 48.47 14.19 -13.26
N ALA C 33 49.56 14.52 -13.96
CA ALA C 33 49.62 15.37 -15.14
C ALA C 33 49.11 16.76 -14.80
N GLN C 34 49.62 17.79 -15.49
CA GLN C 34 49.48 19.07 -14.83
C GLN C 34 49.13 20.31 -15.67
N ILE C 35 49.71 20.49 -16.86
CA ILE C 35 50.28 21.76 -17.32
C ILE C 35 49.65 23.01 -16.71
N VAL C 36 50.48 23.88 -16.10
CA VAL C 36 50.33 25.31 -15.73
C VAL C 36 51.31 25.77 -14.63
N ASP C 37 51.05 25.50 -13.33
CA ASP C 37 51.82 26.15 -12.26
C ASP C 37 52.59 25.30 -11.22
N TRP C 38 51.96 24.25 -10.64
CA TRP C 38 52.40 22.99 -9.99
C TRP C 38 52.31 23.04 -8.45
N PRO C 39 51.42 22.18 -7.87
CA PRO C 39 51.03 22.27 -6.45
C PRO C 39 51.80 21.38 -5.48
N VAL C 40 51.42 21.40 -4.20
CA VAL C 40 51.82 20.39 -3.22
C VAL C 40 50.62 19.77 -2.51
N VAL C 41 49.47 20.46 -2.53
CA VAL C 41 48.22 20.14 -1.83
C VAL C 41 48.49 19.80 -0.35
N TYR C 42 47.79 18.81 0.18
CA TYR C 42 47.65 18.62 1.61
C TYR C 42 48.94 18.12 2.22
N SER C 43 49.21 18.51 3.47
CA SER C 43 50.40 18.10 4.22
C SER C 43 49.92 17.30 5.43
N ASN C 44 50.43 16.08 5.57
CA ASN C 44 49.83 15.04 6.40
C ASN C 44 50.54 14.87 7.75
N ASP C 45 49.74 14.53 8.76
CA ASP C 45 50.21 14.08 10.08
C ASP C 45 51.09 15.14 10.76
N GLY C 46 50.46 16.26 11.07
CA GLY C 46 51.08 17.32 11.81
C GLY C 46 51.13 18.68 11.13
N PHE C 47 50.24 18.95 10.18
CA PHE C 47 50.21 20.23 9.47
C PHE C 47 48.83 20.84 9.44
N CYS C 48 48.06 20.71 10.52
CA CYS C 48 46.70 21.25 10.57
C CYS C 48 46.70 22.77 10.47
N LYS C 49 47.19 23.45 11.52
CA LYS C 49 47.27 24.91 11.47
C LYS C 49 48.52 25.47 12.13
N LEU C 50 49.51 24.65 12.46
CA LEU C 50 50.66 25.10 13.24
C LEU C 50 51.96 25.06 12.45
N SER C 51 51.94 24.68 11.18
CA SER C 51 53.20 24.60 10.46
C SER C 51 53.18 25.34 9.12
N GLY C 52 52.03 25.45 8.48
CA GLY C 52 51.97 26.11 7.20
C GLY C 52 50.69 26.90 6.98
N TYR C 53 50.48 27.33 5.75
CA TYR C 53 49.32 28.14 5.39
C TYR C 53 48.10 27.25 5.19
N HIS C 54 47.04 27.80 4.63
CA HIS C 54 45.78 27.08 4.41
C HIS C 54 45.68 26.68 2.94
N ARG C 55 44.55 26.11 2.57
CA ARG C 55 44.30 25.75 1.19
C ARG C 55 44.16 27.00 0.32
N ALA C 56 44.03 26.78 -0.98
CA ALA C 56 44.11 27.84 -1.99
C ALA C 56 45.40 28.65 -1.85
N ASP C 57 46.44 28.04 -1.31
CA ASP C 57 47.70 28.69 -1.04
C ASP C 57 48.81 27.64 -1.17
N VAL C 58 49.98 27.94 -0.64
CA VAL C 58 51.17 27.11 -0.84
C VAL C 58 51.09 25.81 -0.05
N MET C 59 50.02 25.63 0.70
CA MET C 59 49.65 24.31 1.22
C MET C 59 48.53 23.66 0.42
N GLN C 60 48.21 24.22 -0.74
CA GLN C 60 47.29 23.60 -1.69
C GLN C 60 47.89 23.64 -3.09
N LYS C 61 48.74 24.63 -3.33
CA LYS C 61 49.39 24.81 -4.63
C LYS C 61 50.84 25.21 -4.39
N SER C 62 51.58 25.39 -5.49
CA SER C 62 52.88 26.06 -5.49
C SER C 62 53.87 25.37 -4.53
N SER C 63 54.18 24.11 -4.84
CA SER C 63 55.20 23.40 -4.08
C SER C 63 56.60 23.90 -4.39
N THR C 64 56.75 24.65 -5.48
CA THR C 64 57.96 25.46 -5.65
C THR C 64 58.16 26.31 -4.40
N CYS C 65 59.35 26.24 -3.83
CA CYS C 65 59.55 26.90 -2.55
C CYS C 65 59.46 28.40 -2.75
N SER C 66 58.32 28.96 -2.38
CA SER C 66 58.01 30.37 -2.60
C SER C 66 56.71 30.67 -1.85
N PHE C 67 56.58 31.93 -1.42
CA PHE C 67 55.41 32.46 -0.72
C PHE C 67 55.35 31.91 0.70
N MET C 68 56.17 30.90 1.00
CA MET C 68 56.52 30.54 2.37
C MET C 68 57.92 31.10 2.64
N TYR C 69 58.07 32.40 2.40
CA TYR C 69 59.39 32.98 2.22
C TYR C 69 59.80 33.92 3.34
N GLY C 70 59.10 35.04 3.52
CA GLY C 70 59.29 35.94 4.64
C GLY C 70 60.72 36.20 5.10
N GLU C 71 61.69 36.13 4.19
CA GLU C 71 63.10 36.15 4.58
C GLU C 71 63.91 36.79 3.47
N LEU C 72 65.23 36.57 3.51
CA LEU C 72 66.17 37.14 2.56
C LEU C 72 66.45 36.16 1.42
N THR C 73 66.83 36.71 0.26
CA THR C 73 67.09 35.90 -0.93
C THR C 73 68.54 35.44 -0.91
N ASP C 74 68.75 34.22 -0.42
CA ASP C 74 70.05 33.56 -0.52
C ASP C 74 69.97 32.38 -1.47
N LYS C 75 71.03 32.21 -2.27
CA LYS C 75 71.12 31.05 -3.14
C LYS C 75 71.14 29.76 -2.32
N LYS C 76 71.69 29.84 -1.10
CA LYS C 76 71.62 28.73 -0.17
C LYS C 76 70.18 28.44 0.27
N THR C 77 69.27 29.40 0.08
CA THR C 77 67.89 29.27 0.53
C THR C 77 66.89 29.20 -0.60
N ILE C 78 67.33 29.21 -1.86
CA ILE C 78 66.41 29.27 -2.99
C ILE C 78 66.40 27.95 -3.76
N GLU C 79 67.58 27.45 -4.14
CA GLU C 79 67.66 26.35 -5.08
C GLU C 79 68.24 25.10 -4.45
N LYS C 80 67.82 24.78 -3.22
CA LYS C 80 68.25 23.57 -2.54
C LYS C 80 67.29 22.40 -2.81
N VAL C 81 66.01 22.58 -2.52
CA VAL C 81 65.00 21.57 -2.81
C VAL C 81 64.06 22.01 -3.93
N ARG C 82 63.98 23.31 -4.24
CA ARG C 82 63.13 23.78 -5.31
C ARG C 82 63.60 23.28 -6.67
N GLN C 83 64.89 22.96 -6.80
CA GLN C 83 65.41 22.44 -8.06
C GLN C 83 65.25 20.93 -8.15
N THR C 84 65.69 20.21 -7.13
CA THR C 84 65.64 18.75 -7.13
C THR C 84 64.33 18.23 -6.54
N PHE C 85 63.22 18.78 -7.03
CA PHE C 85 61.89 18.27 -6.68
C PHE C 85 61.38 17.29 -7.73
N ASP C 86 61.27 17.73 -8.98
CA ASP C 86 60.82 16.86 -10.06
C ASP C 86 61.94 15.97 -10.61
N ASN C 87 63.02 15.78 -9.86
CA ASN C 87 64.12 14.92 -10.29
C ASN C 87 64.24 13.65 -9.46
N TYR C 88 63.96 13.74 -8.15
CA TYR C 88 63.76 12.55 -7.30
C TYR C 88 64.88 11.52 -7.39
N GLU C 89 66.07 11.88 -6.94
CA GLU C 89 67.15 10.89 -6.82
C GLU C 89 67.50 10.62 -5.35
N SER C 90 68.03 11.62 -4.65
CA SER C 90 68.31 11.54 -3.21
C SER C 90 68.77 12.92 -2.76
N ASN C 91 68.29 13.42 -1.63
CA ASN C 91 68.64 14.77 -1.27
C ASN C 91 68.59 14.95 0.24
N CYS C 92 69.42 15.87 0.73
CA CYS C 92 69.40 16.36 2.09
C CYS C 92 69.49 17.89 2.13
N PHE C 93 69.22 18.55 0.99
CA PHE C 93 69.48 19.98 0.86
C PHE C 93 68.53 20.78 1.72
N GLU C 94 68.97 21.99 2.08
CA GLU C 94 68.26 22.85 3.04
C GLU C 94 67.66 24.06 2.31
N VAL C 95 66.44 23.90 1.82
CA VAL C 95 65.70 24.98 1.18
C VAL C 95 64.99 25.79 2.26
N LEU C 96 64.47 26.96 1.89
CA LEU C 96 63.77 27.85 2.82
C LEU C 96 62.26 27.69 2.65
N LEU C 97 61.58 27.34 3.75
CA LEU C 97 60.12 27.27 3.79
C LEU C 97 59.67 27.76 5.17
N TYR C 98 59.04 28.93 5.20
CA TYR C 98 58.76 29.64 6.44
C TYR C 98 57.84 28.82 7.34
N LYS C 99 58.18 28.77 8.64
CA LYS C 99 57.45 27.99 9.63
C LYS C 99 56.99 28.90 10.75
N LYS C 100 56.51 28.29 11.83
CA LYS C 100 55.97 29.04 12.97
C LYS C 100 57.04 29.88 13.66
N ASN C 101 58.28 29.40 13.70
CA ASN C 101 59.33 30.07 14.46
C ASN C 101 59.85 31.35 13.78
N ARG C 102 59.32 31.68 12.59
CA ARG C 102 59.67 32.92 11.89
C ARG C 102 61.16 32.99 11.56
N THR C 103 61.68 31.94 10.95
CA THR C 103 63.12 31.79 10.72
C THR C 103 63.40 31.40 9.29
N PRO C 104 64.62 31.63 8.80
CA PRO C 104 65.01 31.08 7.50
C PRO C 104 65.18 29.57 7.57
N VAL C 105 64.06 28.85 7.47
CA VAL C 105 64.04 27.42 7.73
C VAL C 105 64.94 26.69 6.76
N TRP C 106 65.62 25.66 7.27
CA TRP C 106 66.58 24.86 6.50
C TRP C 106 66.26 23.39 6.70
N PHE C 107 66.37 22.64 5.60
CA PHE C 107 65.67 21.37 5.42
C PHE C 107 66.61 20.16 5.42
N TYR C 108 66.16 19.07 6.04
CA TYR C 108 66.70 17.73 5.86
C TYR C 108 65.55 16.80 5.47
N MET C 109 65.80 15.90 4.52
CA MET C 109 64.78 14.94 4.11
C MET C 109 65.46 13.73 3.47
N GLN C 110 64.63 12.76 3.06
CA GLN C 110 65.08 11.61 2.28
C GLN C 110 63.93 11.21 1.36
N ILE C 111 63.96 11.68 0.12
CA ILE C 111 62.89 11.38 -0.82
C ILE C 111 62.95 9.91 -1.22
N ALA C 112 61.79 9.34 -1.55
CA ALA C 112 61.69 7.97 -2.04
C ALA C 112 60.93 7.95 -3.37
N PRO C 113 61.54 7.44 -4.44
CA PRO C 113 60.89 7.54 -5.77
C PRO C 113 60.01 6.36 -6.14
N ILE C 114 58.95 6.64 -6.89
CA ILE C 114 58.10 5.63 -7.53
C ILE C 114 57.50 6.27 -8.78
N ARG C 115 56.95 5.46 -9.68
CA ARG C 115 56.80 5.87 -11.07
C ARG C 115 55.36 6.17 -11.48
N ASN C 116 54.46 5.17 -11.49
CA ASN C 116 53.10 5.41 -11.96
C ASN C 116 52.32 4.09 -11.90
N GLU C 117 51.03 4.18 -12.22
CA GLU C 117 50.19 3.03 -12.57
C GLU C 117 49.68 3.08 -14.00
N HIS C 118 49.43 4.27 -14.53
CA HIS C 118 48.92 4.44 -15.88
C HIS C 118 50.01 4.40 -16.94
N GLU C 119 51.26 4.15 -16.54
CA GLU C 119 52.39 3.99 -17.45
C GLU C 119 52.65 5.29 -18.23
N LYS C 120 52.71 6.41 -17.49
CA LYS C 120 52.90 7.71 -18.10
C LYS C 120 53.85 8.60 -17.30
N VAL C 121 54.54 8.05 -16.29
CA VAL C 121 55.46 8.82 -15.45
C VAL C 121 54.63 9.91 -14.78
N VAL C 122 53.64 9.50 -13.98
CA VAL C 122 52.73 10.46 -13.38
C VAL C 122 52.98 10.59 -11.89
N LEU C 123 52.95 9.48 -11.16
CA LEU C 123 52.98 9.51 -9.70
C LEU C 123 54.41 9.53 -9.16
N PHE C 124 54.56 10.20 -8.02
CA PHE C 124 55.76 10.08 -7.20
C PHE C 124 55.32 10.13 -5.74
N LEU C 125 56.08 9.45 -4.88
CA LEU C 125 55.70 9.26 -3.49
C LEU C 125 55.68 10.59 -2.73
N CYS C 126 56.69 11.44 -2.95
CA CYS C 126 56.71 12.81 -2.44
C CYS C 126 56.63 12.85 -0.92
N THR C 127 57.66 12.32 -0.25
CA THR C 127 57.71 12.29 1.21
C THR C 127 58.67 13.36 1.70
N PHE C 128 58.21 14.22 2.62
CA PHE C 128 59.02 15.26 3.23
C PHE C 128 59.20 15.00 4.72
N LYS C 129 60.07 15.81 5.34
CA LYS C 129 60.29 15.74 6.78
C LYS C 129 60.16 17.10 7.45
N ASP C 130 60.66 18.16 6.81
CA ASP C 130 60.43 19.54 7.24
C ASP C 130 60.88 19.78 8.68
N ILE C 131 62.21 19.78 8.86
CA ILE C 131 62.80 20.17 10.13
C ILE C 131 63.37 21.57 10.02
N THR C 132 63.43 22.29 11.14
CA THR C 132 64.07 23.59 11.22
C THR C 132 65.19 23.64 12.24
N LEU C 133 64.94 23.13 13.44
CA LEU C 133 65.78 23.44 14.60
C LEU C 133 67.14 22.76 14.52
N PHE C 134 67.21 21.62 13.82
CA PHE C 134 68.32 20.69 14.03
C PHE C 134 69.68 21.30 13.72
N LYS C 135 69.82 22.01 12.59
CA LYS C 135 71.18 22.40 12.21
C LYS C 135 71.49 23.85 12.56
N GLN C 136 70.77 24.83 12.00
CA GLN C 136 70.98 26.24 12.32
C GLN C 136 69.75 27.11 12.07
N PRO C 137 69.10 27.61 13.12
CA PRO C 137 68.26 28.81 12.95
C PRO C 137 69.07 30.07 13.24
N ILE C 138 69.06 31.04 12.33
CA ILE C 138 69.91 32.22 12.49
C ILE C 138 69.11 33.51 12.34
N GLU C 139 67.86 33.50 12.82
CA GLU C 139 67.00 34.68 12.74
C GLU C 139 67.17 35.54 13.98
N ASP C 140 67.06 36.86 13.80
CA ASP C 140 67.39 37.83 14.85
C ASP C 140 66.27 38.85 15.06
N ASP C 141 65.03 38.39 15.20
CA ASP C 141 63.94 39.32 15.51
C ASP C 141 64.12 39.92 16.90
N SER C 142 64.50 39.09 17.88
CA SER C 142 64.79 39.54 19.23
C SER C 142 65.97 38.73 19.75
N THR C 143 67.01 39.42 20.21
CA THR C 143 68.27 38.80 20.61
C THR C 143 68.47 38.87 22.12
N LYS C 144 67.37 38.77 22.87
CA LYS C 144 67.44 38.80 24.33
C LYS C 144 67.97 37.45 24.83
N GLY C 145 69.29 37.30 24.74
CA GLY C 145 69.96 36.12 25.24
C GLY C 145 69.48 34.82 24.62
N TRP C 146 68.77 34.02 25.43
CA TRP C 146 68.26 32.72 24.99
C TRP C 146 66.91 32.89 24.30
N THR C 147 66.98 33.28 23.02
CA THR C 147 65.81 33.38 22.17
C THR C 147 66.04 32.57 20.91
N LYS C 148 67.30 32.42 20.51
CA LYS C 148 67.66 31.61 19.36
C LYS C 148 68.82 30.67 19.63
N PHE C 149 69.50 30.78 20.76
CA PHE C 149 70.63 29.91 21.10
C PHE C 149 70.24 28.80 22.06
N ALA C 150 69.48 29.12 23.11
CA ALA C 150 68.96 28.12 24.03
C ALA C 150 67.47 27.89 23.90
N ARG C 151 66.73 28.81 23.25
CA ARG C 151 65.34 28.56 22.89
C ARG C 151 65.22 27.64 21.68
N LEU C 152 66.32 27.03 21.26
CA LEU C 152 66.37 26.14 20.11
C LEU C 152 65.35 25.01 20.25
N THR C 153 65.07 24.61 21.50
CA THR C 153 64.16 23.52 21.77
C THR C 153 62.70 23.96 21.91
N ARG C 154 62.40 25.24 21.71
CA ARG C 154 61.04 25.74 21.84
C ARG C 154 60.53 26.47 20.61
N ALA C 155 61.37 26.69 19.59
CA ALA C 155 60.97 27.55 18.47
C ALA C 155 59.95 26.86 17.57
N LEU C 156 60.18 25.59 17.23
CA LEU C 156 59.35 24.88 16.27
C LEU C 156 58.62 23.72 16.95
N THR C 157 57.35 23.53 16.57
CA THR C 157 56.55 22.39 16.98
C THR C 157 55.97 21.78 15.69
N ASN C 158 56.71 20.84 15.11
CA ASN C 158 56.30 20.23 13.85
C ASN C 158 56.91 18.84 13.70
N SER C 159 58.03 18.75 12.99
CA SER C 159 58.69 17.46 12.79
C SER C 159 59.25 16.91 14.10
N ARG C 160 59.76 17.80 14.96
CA ARG C 160 60.26 17.35 16.25
C ARG C 160 59.17 16.74 17.10
N SER C 161 57.94 17.25 16.98
CA SER C 161 56.81 16.77 17.76
C SER C 161 56.15 15.53 17.15
N VAL C 162 56.88 14.79 16.32
CA VAL C 162 56.33 13.60 15.69
C VAL C 162 56.78 12.36 16.45
N LEU C 163 58.09 12.10 16.46
CA LEU C 163 58.64 10.91 17.10
C LEU C 163 59.59 11.26 18.25
N GLN C 164 60.59 12.10 18.01
CA GLN C 164 61.59 12.45 19.02
C GLN C 164 61.39 13.92 19.40
N GLN C 165 60.71 14.14 20.53
CA GLN C 165 60.29 15.46 20.97
C GLN C 165 61.35 16.20 21.78
N LEU C 166 62.51 15.59 22.02
CA LEU C 166 63.54 16.18 22.85
C LEU C 166 64.49 17.04 22.02
N THR C 167 65.53 17.52 22.68
CA THR C 167 66.52 18.37 22.03
C THR C 167 67.20 17.60 20.90
N PRO C 168 67.52 18.25 19.77
CA PRO C 168 68.17 17.52 18.67
C PRO C 168 69.46 16.81 19.08
N MET C 169 70.29 17.43 19.92
CA MET C 169 71.51 16.75 20.35
C MET C 169 71.25 15.80 21.52
N ASN C 170 70.83 16.35 22.67
CA ASN C 170 70.38 15.65 23.87
C ASN C 170 71.10 14.32 24.11
N LYS C 171 72.43 14.33 23.96
CA LYS C 171 73.31 13.18 24.13
C LYS C 171 72.90 11.99 23.25
N THR C 172 71.97 12.22 22.31
CA THR C 172 71.48 11.18 21.40
C THR C 172 71.46 11.74 19.98
N GLU C 173 72.58 12.33 19.56
CA GLU C 173 72.63 13.00 18.26
C GLU C 173 72.40 12.02 17.11
N VAL C 174 72.92 10.80 17.23
CA VAL C 174 72.83 9.83 16.13
C VAL C 174 71.37 9.49 15.84
N VAL C 175 70.60 9.21 16.89
CA VAL C 175 69.20 8.82 16.71
C VAL C 175 68.40 9.97 16.12
N HIS C 176 68.61 11.19 16.63
CA HIS C 176 67.83 12.33 16.17
C HIS C 176 68.19 12.71 14.74
N LYS C 177 69.47 12.60 14.37
CA LYS C 177 69.93 13.00 13.05
C LYS C 177 69.97 11.85 12.05
N HIS C 178 69.51 10.65 12.45
CA HIS C 178 69.35 9.54 11.52
C HIS C 178 67.89 9.20 11.29
N SER C 179 66.97 9.97 11.88
CA SER C 179 65.55 9.82 11.62
C SER C 179 64.95 10.98 10.83
N ARG C 180 65.61 12.14 10.80
CA ARG C 180 65.19 13.26 9.98
C ARG C 180 66.12 13.53 8.80
N LEU C 181 67.25 12.83 8.71
CA LEU C 181 68.10 12.88 7.53
C LEU C 181 67.79 11.77 6.54
N ALA C 182 67.45 10.57 7.03
CA ALA C 182 67.16 9.44 6.15
C ALA C 182 66.19 8.51 6.88
N GLU C 183 64.91 8.57 6.51
CA GLU C 183 63.89 7.70 7.07
C GLU C 183 63.16 6.90 5.99
N VAL C 184 63.81 6.60 4.86
CA VAL C 184 63.20 5.77 3.85
C VAL C 184 63.04 4.34 4.34
N LEU C 185 63.81 3.94 5.36
CA LEU C 185 63.66 2.60 5.92
C LEU C 185 62.30 2.41 6.56
N GLN C 186 61.74 3.46 7.16
CA GLN C 186 60.42 3.42 7.75
C GLN C 186 59.34 3.99 6.82
N LEU C 187 59.70 4.30 5.58
CA LEU C 187 58.74 4.75 4.58
C LEU C 187 58.85 3.90 3.32
N GLY C 188 58.18 4.31 2.25
CA GLY C 188 58.19 3.54 1.02
C GLY C 188 56.99 2.61 0.92
N SER C 189 57.19 1.34 1.28
CA SER C 189 56.10 0.37 1.29
C SER C 189 55.12 0.59 2.45
N ASP C 190 55.47 1.45 3.40
CA ASP C 190 54.59 1.78 4.51
C ASP C 190 53.50 2.78 4.14
N ILE C 191 53.54 3.32 2.92
CA ILE C 191 52.49 4.18 2.41
C ILE C 191 51.84 3.47 1.23
N LEU C 192 50.52 3.58 1.13
CA LEU C 192 49.78 2.79 0.14
C LEU C 192 50.24 3.20 -1.25
N PRO C 193 50.71 2.25 -2.08
CA PRO C 193 51.69 2.58 -3.12
C PRO C 193 51.32 3.62 -4.17
N GLN C 194 50.33 3.37 -5.01
CA GLN C 194 50.09 4.21 -6.18
C GLN C 194 48.62 4.14 -6.55
N TYR C 195 48.27 4.70 -7.71
CA TYR C 195 46.90 4.61 -8.20
C TYR C 195 46.52 3.21 -8.62
N LYS C 196 47.42 2.25 -8.40
CA LYS C 196 47.09 0.85 -8.58
C LYS C 196 45.79 0.55 -7.85
N GLN C 197 44.79 0.06 -8.57
CA GLN C 197 43.55 -0.33 -7.92
C GLN C 197 43.87 -1.40 -6.89
N GLU C 198 43.72 -1.05 -5.62
CA GLU C 198 44.25 -1.85 -4.53
C GLU C 198 43.46 -3.14 -4.35
N ALA C 199 44.16 -4.18 -3.94
CA ALA C 199 43.50 -5.40 -3.53
C ALA C 199 42.58 -5.11 -2.35
N PRO C 200 41.46 -5.82 -2.24
CA PRO C 200 40.48 -5.47 -1.21
C PRO C 200 40.94 -5.78 0.20
N LYS C 201 42.01 -5.11 0.65
CA LYS C 201 42.49 -5.17 2.02
C LYS C 201 42.81 -6.61 2.43
N THR C 202 43.82 -7.17 1.74
CA THR C 202 44.23 -8.56 1.94
C THR C 202 45.69 -8.66 2.37
N PRO C 203 45.93 -8.75 3.68
CA PRO C 203 47.26 -9.12 4.17
C PRO C 203 47.60 -10.53 3.76
N PRO C 204 48.89 -10.89 3.72
CA PRO C 204 49.27 -12.23 3.28
C PRO C 204 48.77 -13.31 4.22
N HIS C 205 48.51 -14.48 3.65
CA HIS C 205 48.11 -15.69 4.40
C HIS C 205 46.83 -15.46 5.18
N ILE C 206 45.89 -14.73 4.57
CA ILE C 206 44.54 -14.58 5.09
C ILE C 206 43.57 -14.87 3.95
N ILE C 207 42.53 -15.64 4.24
CA ILE C 207 41.56 -16.06 3.23
C ILE C 207 40.34 -15.17 3.31
N LEU C 208 39.99 -14.55 2.18
CA LEU C 208 38.80 -13.72 2.11
C LEU C 208 37.55 -14.59 2.23
N HIS C 209 36.55 -14.07 2.95
CA HIS C 209 35.34 -14.82 3.24
C HIS C 209 34.43 -14.96 2.03
N TYR C 210 34.83 -14.41 0.89
CA TYR C 210 34.07 -14.64 -0.34
C TYR C 210 34.94 -15.32 -1.40
N CYS C 211 36.05 -15.93 -1.01
CA CYS C 211 36.87 -16.70 -1.92
C CYS C 211 36.14 -17.98 -2.34
N ALA C 212 36.52 -18.50 -3.51
CA ALA C 212 35.93 -19.75 -3.97
C ALA C 212 36.34 -20.94 -3.09
N PHE C 213 37.34 -20.76 -2.24
CA PHE C 213 37.75 -21.83 -1.34
C PHE C 213 36.86 -21.87 -0.10
N LYS C 214 36.56 -20.71 0.49
CA LYS C 214 35.82 -20.68 1.74
C LYS C 214 34.40 -21.19 1.56
N THR C 215 33.77 -20.89 0.42
CA THR C 215 32.41 -21.38 0.18
C THR C 215 32.38 -22.90 0.07
N THR C 216 33.38 -23.48 -0.62
CA THR C 216 33.45 -24.94 -0.69
C THR C 216 33.71 -25.54 0.67
N TRP C 217 34.55 -24.89 1.48
CA TRP C 217 34.79 -25.37 2.83
C TRP C 217 33.51 -25.36 3.65
N ASP C 218 32.71 -24.29 3.52
CA ASP C 218 31.44 -24.22 4.24
C ASP C 218 30.48 -25.31 3.80
N TRP C 219 30.40 -25.56 2.49
CA TRP C 219 29.52 -26.62 2.02
C TRP C 219 29.96 -27.98 2.55
N VAL C 220 31.28 -28.23 2.57
CA VAL C 220 31.79 -29.50 3.07
C VAL C 220 31.47 -29.65 4.56
N ILE C 221 31.68 -28.60 5.34
CA ILE C 221 31.41 -28.72 6.76
C ILE C 221 29.91 -28.87 7.01
N LEU C 222 29.07 -28.28 6.17
CA LEU C 222 27.63 -28.50 6.28
C LEU C 222 27.28 -29.97 6.03
N ILE C 223 27.88 -30.56 4.99
CA ILE C 223 27.61 -31.96 4.69
C ILE C 223 28.04 -32.85 5.86
N LEU C 224 29.23 -32.58 6.42
CA LEU C 224 29.68 -33.40 7.54
C LEU C 224 28.84 -33.16 8.78
N THR C 225 28.31 -31.94 8.96
CA THR C 225 27.43 -31.68 10.10
C THR C 225 26.14 -32.48 9.98
N PHE C 226 25.54 -32.52 8.78
CA PHE C 226 24.36 -33.37 8.59
C PHE C 226 24.71 -34.83 8.80
N TYR C 227 25.88 -35.26 8.35
CA TYR C 227 26.30 -36.64 8.59
C TYR C 227 26.32 -36.95 10.08
N THR C 228 26.98 -36.10 10.86
CA THR C 228 27.14 -36.41 12.28
C THR C 228 25.81 -36.29 13.01
N ALA C 229 24.96 -35.32 12.64
CA ALA C 229 23.66 -35.19 13.29
C ALA C 229 22.77 -36.39 12.98
N ILE C 230 22.89 -36.95 11.77
CA ILE C 230 22.11 -38.14 11.43
C ILE C 230 22.65 -39.35 12.18
N MET C 231 23.97 -39.50 12.25
CA MET C 231 24.55 -40.79 12.62
C MET C 231 24.85 -40.93 14.10
N VAL C 232 25.10 -39.85 14.84
CA VAL C 232 25.44 -39.98 16.26
C VAL C 232 24.30 -40.53 17.09
N PRO C 233 23.08 -39.98 17.04
CA PRO C 233 22.01 -40.55 17.87
C PRO C 233 21.71 -42.00 17.57
N TYR C 234 21.83 -42.42 16.31
CA TYR C 234 21.60 -43.82 15.97
C TYR C 234 22.61 -44.71 16.68
N ASN C 235 23.87 -44.28 16.72
CA ASN C 235 24.87 -45.06 17.45
C ASN C 235 24.63 -45.03 18.95
N VAL C 236 24.07 -43.93 19.45
CA VAL C 236 23.85 -43.82 20.90
C VAL C 236 22.72 -44.74 21.33
N SER C 237 21.61 -44.77 20.60
CA SER C 237 20.41 -45.47 21.06
C SER C 237 20.46 -46.97 20.79
N PHE C 238 20.73 -47.35 19.54
CA PHE C 238 20.62 -48.75 19.15
C PHE C 238 21.74 -49.61 19.70
N LYS C 239 22.75 -48.97 20.28
CA LYS C 239 23.84 -49.67 20.97
C LYS C 239 24.48 -50.73 20.08
N THR C 240 24.65 -50.41 18.79
CA THR C 240 25.29 -51.34 17.88
C THR C 240 26.74 -51.58 18.31
N LYS C 241 27.24 -52.79 18.08
CA LYS C 241 28.62 -53.11 18.44
C LYS C 241 29.57 -52.23 17.64
N GLN C 242 30.53 -51.63 18.33
CA GLN C 242 31.42 -50.64 17.72
C GLN C 242 32.53 -51.29 16.89
N ASN C 243 32.81 -52.57 17.11
CA ASN C 243 33.90 -53.22 16.41
C ASN C 243 33.61 -53.30 14.91
N ASN C 244 34.32 -52.49 14.13
CA ASN C 244 34.17 -52.50 12.68
C ASN C 244 35.42 -51.91 12.03
N ILE C 245 35.35 -51.64 10.73
CA ILE C 245 36.52 -51.14 10.01
C ILE C 245 36.20 -49.78 9.39
N ALA C 246 35.21 -49.74 8.51
CA ALA C 246 34.90 -48.52 7.76
C ALA C 246 34.45 -47.39 8.69
N TRP C 247 33.46 -47.67 9.54
CA TRP C 247 32.97 -46.65 10.46
C TRP C 247 33.92 -46.39 11.61
N LEU C 248 34.95 -47.22 11.78
CA LEU C 248 35.91 -47.02 12.85
C LEU C 248 36.89 -45.87 12.56
N VAL C 249 37.23 -45.65 11.30
CA VAL C 249 38.20 -44.63 10.94
C VAL C 249 37.55 -43.40 10.33
N LEU C 250 36.35 -43.52 9.76
CA LEU C 250 35.70 -42.37 9.14
C LEU C 250 35.40 -41.28 10.16
N ASP C 251 34.97 -41.67 11.36
CA ASP C 251 34.66 -40.69 12.40
C ASP C 251 35.89 -39.88 12.79
N SER C 252 37.05 -40.53 12.89
CA SER C 252 38.28 -39.80 13.20
C SER C 252 38.62 -38.81 12.11
N VAL C 253 38.42 -39.20 10.84
CA VAL C 253 38.65 -38.27 9.74
C VAL C 253 37.73 -37.08 9.84
N VAL C 254 36.46 -37.31 10.16
CA VAL C 254 35.52 -36.22 10.31
C VAL C 254 35.95 -35.29 11.44
N ASP C 255 36.36 -35.86 12.57
CA ASP C 255 36.80 -35.04 13.69
C ASP C 255 38.02 -34.21 13.31
N VAL C 256 38.97 -34.80 12.59
CA VAL C 256 40.16 -34.02 12.24
C VAL C 256 39.81 -32.95 11.22
N ILE C 257 38.80 -33.19 10.37
CA ILE C 257 38.34 -32.13 9.49
C ILE C 257 37.76 -30.97 10.29
N PHE C 258 36.99 -31.26 11.33
CA PHE C 258 36.51 -30.16 12.17
C PHE C 258 37.64 -29.46 12.91
N LEU C 259 38.67 -30.19 13.35
CA LEU C 259 39.82 -29.54 13.96
C LEU C 259 40.53 -28.61 12.98
N VAL C 260 40.71 -29.07 11.73
CA VAL C 260 41.30 -28.23 10.71
C VAL C 260 40.45 -27.00 10.47
N ASP C 261 39.12 -27.16 10.51
CA ASP C 261 38.23 -26.02 10.36
C ASP C 261 38.41 -25.02 11.50
N ILE C 262 38.53 -25.52 12.73
CA ILE C 262 38.76 -24.62 13.87
C ILE C 262 40.06 -23.85 13.68
N VAL C 263 41.13 -24.53 13.26
CA VAL C 263 42.40 -23.86 13.03
C VAL C 263 42.26 -22.82 11.93
N LEU C 264 41.65 -23.20 10.81
CA LEU C 264 41.53 -22.33 9.64
C LEU C 264 40.61 -21.16 9.90
N ASN C 265 39.75 -21.22 10.91
CA ASN C 265 38.88 -20.10 11.22
C ASN C 265 39.64 -18.87 11.71
N PHE C 266 40.92 -19.02 12.02
CA PHE C 266 41.76 -17.88 12.39
C PHE C 266 42.49 -17.29 11.20
N HIS C 267 42.23 -17.77 9.98
CA HIS C 267 42.85 -17.24 8.76
C HIS C 267 41.82 -16.69 7.80
N THR C 268 40.63 -16.36 8.29
CA THR C 268 39.54 -15.87 7.45
C THR C 268 39.17 -14.45 7.85
N THR C 269 38.71 -13.69 6.85
CA THR C 269 38.38 -12.29 7.07
C THR C 269 37.10 -12.16 7.88
N PHE C 270 37.08 -11.19 8.80
CA PHE C 270 35.94 -10.92 9.65
C PHE C 270 35.12 -9.79 9.04
N VAL C 271 33.80 -9.97 9.00
CA VAL C 271 32.93 -8.99 8.36
C VAL C 271 32.83 -7.73 9.23
N GLY C 272 32.91 -6.57 8.59
CA GLY C 272 32.90 -5.30 9.29
C GLY C 272 31.51 -4.84 9.68
N PRO C 273 31.43 -3.92 10.65
CA PRO C 273 30.12 -3.41 11.08
C PRO C 273 29.54 -2.41 10.09
N GLY C 274 29.03 -2.90 8.97
CA GLY C 274 28.39 -2.08 7.97
C GLY C 274 29.29 -1.64 6.84
N GLY C 275 30.61 -1.68 7.03
CA GLY C 275 31.53 -1.31 5.97
C GLY C 275 31.87 -2.46 5.05
N GLU C 276 33.15 -2.65 4.78
CA GLU C 276 33.64 -3.78 4.00
C GLU C 276 34.58 -4.59 4.89
N VAL C 277 35.26 -5.56 4.26
CA VAL C 277 36.01 -6.58 5.01
C VAL C 277 36.99 -5.93 5.98
N ILE C 278 37.10 -6.52 7.17
CA ILE C 278 38.13 -6.19 8.14
C ILE C 278 39.08 -7.37 8.21
N SER C 279 40.31 -7.16 7.74
CA SER C 279 41.27 -8.25 7.68
C SER C 279 42.48 -7.96 8.55
N ASP C 280 42.23 -7.46 9.76
CA ASP C 280 43.28 -7.23 10.73
C ASP C 280 43.73 -8.57 11.30
N PRO C 281 45.03 -8.89 11.26
CA PRO C 281 45.48 -10.20 11.77
C PRO C 281 45.23 -10.38 13.25
N LYS C 282 44.98 -9.31 13.99
CA LYS C 282 44.74 -9.42 15.43
C LYS C 282 43.26 -9.39 15.77
N LEU C 283 42.47 -8.51 15.12
CA LEU C 283 41.06 -8.36 15.45
C LEU C 283 40.28 -9.65 15.22
N ILE C 284 40.59 -10.35 14.14
CA ILE C 284 39.87 -11.58 13.81
C ILE C 284 40.01 -12.60 14.93
N ARG C 285 41.21 -12.72 15.48
CA ARG C 285 41.47 -13.74 16.48
C ARG C 285 40.62 -13.50 17.72
N MET C 286 40.65 -12.28 18.27
CA MET C 286 39.85 -12.04 19.48
C MET C 286 38.37 -12.11 19.16
N ASN C 287 37.95 -11.63 17.98
CA ASN C 287 36.54 -11.72 17.63
C ASN C 287 36.05 -13.16 17.69
N TYR C 288 36.75 -14.06 17.00
CA TYR C 288 36.35 -15.47 16.98
C TYR C 288 36.40 -16.07 18.38
N LEU C 289 37.47 -15.79 19.12
CA LEU C 289 37.63 -16.37 20.45
C LEU C 289 36.51 -15.95 21.38
N LYS C 290 36.10 -14.68 21.30
CA LYS C 290 35.01 -14.20 22.14
C LYS C 290 33.68 -14.79 21.70
N THR C 291 33.44 -14.89 20.39
CA THR C 291 32.07 -15.17 19.97
C THR C 291 31.78 -16.67 19.91
N TRP C 292 32.64 -17.48 19.28
CA TRP C 292 32.22 -18.86 19.02
C TRP C 292 33.35 -19.87 19.15
N PHE C 293 34.31 -19.64 20.05
CA PHE C 293 35.38 -20.63 20.18
C PHE C 293 35.05 -21.70 21.22
N VAL C 294 34.35 -21.35 22.30
CA VAL C 294 34.12 -22.30 23.39
C VAL C 294 33.27 -23.47 22.93
N ILE C 295 32.22 -23.19 22.17
CA ILE C 295 31.32 -24.25 21.71
C ILE C 295 32.06 -25.23 20.81
N ASP C 296 32.84 -24.71 19.87
CA ASP C 296 33.58 -25.60 18.96
C ASP C 296 34.68 -26.34 19.69
N LEU C 297 35.23 -25.74 20.76
CA LEU C 297 36.20 -26.46 21.57
C LEU C 297 35.56 -27.64 22.28
N LEU C 298 34.39 -27.42 22.88
CA LEU C 298 33.69 -28.51 23.54
C LEU C 298 33.27 -29.60 22.57
N SER C 299 32.80 -29.20 21.39
CA SER C 299 32.24 -30.16 20.43
C SER C 299 33.30 -31.13 19.92
N CYS C 300 34.49 -30.63 19.63
CA CYS C 300 35.50 -31.41 18.91
C CYS C 300 36.56 -32.00 19.82
N LEU C 301 36.19 -32.38 21.04
CA LEU C 301 37.14 -33.01 21.95
C LEU C 301 37.32 -34.49 21.61
N PHE C 320 32.63 -43.06 26.27
CA PHE C 320 31.51 -42.93 27.18
C PHE C 320 30.33 -42.27 26.47
N SER C 321 29.13 -42.49 27.01
CA SER C 321 27.92 -41.99 26.34
C SER C 321 27.93 -40.47 26.24
N SER C 322 28.23 -39.78 27.33
CA SER C 322 28.18 -38.32 27.32
C SER C 322 29.18 -37.73 26.32
N LEU C 323 30.38 -38.31 26.26
CA LEU C 323 31.39 -37.80 25.34
C LEU C 323 30.92 -37.88 23.90
N LYS C 324 30.30 -38.98 23.51
CA LYS C 324 29.86 -39.13 22.13
C LYS C 324 28.52 -38.46 21.85
N VAL C 325 27.76 -38.08 22.88
CA VAL C 325 26.48 -37.44 22.61
C VAL C 325 26.58 -35.92 22.67
N VAL C 326 27.58 -35.38 23.37
CA VAL C 326 27.74 -33.93 23.39
C VAL C 326 28.19 -33.40 22.03
N ARG C 327 28.55 -34.30 21.12
CA ARG C 327 29.08 -33.92 19.81
C ARG C 327 28.04 -33.21 18.95
N LEU C 328 26.77 -33.27 19.36
CA LEU C 328 25.69 -32.63 18.61
C LEU C 328 25.82 -31.12 18.54
N LEU C 329 26.64 -30.50 19.40
CA LEU C 329 26.78 -29.05 19.38
C LEU C 329 27.49 -28.54 18.13
N ARG C 330 27.88 -29.43 17.22
CA ARG C 330 28.45 -28.99 15.95
C ARG C 330 27.46 -28.24 15.09
N LEU C 331 26.18 -28.28 15.42
CA LEU C 331 25.15 -27.57 14.66
C LEU C 331 25.30 -26.06 14.74
N GLY C 332 26.14 -25.55 15.64
CA GLY C 332 26.42 -24.13 15.65
C GLY C 332 27.03 -23.63 14.36
N ARG C 333 27.77 -24.49 13.66
CA ARG C 333 28.33 -24.10 12.37
C ARG C 333 27.24 -23.82 11.36
N VAL C 334 26.21 -24.67 11.32
CA VAL C 334 25.08 -24.42 10.42
C VAL C 334 24.28 -23.21 10.88
N ALA C 335 24.05 -23.10 12.20
CA ALA C 335 23.20 -22.01 12.70
C ALA C 335 23.85 -20.65 12.47
N ARG C 336 25.16 -20.55 12.69
CA ARG C 336 25.83 -19.25 12.64
C ARG C 336 25.85 -18.67 11.23
N LYS C 337 26.23 -19.48 10.25
CA LYS C 337 26.45 -19.01 8.88
C LYS C 337 25.28 -19.35 7.96
N LEU C 338 24.06 -19.33 8.50
CA LEU C 338 22.89 -19.71 7.72
C LEU C 338 22.53 -18.67 6.67
N ASP C 339 22.97 -17.43 6.83
CA ASP C 339 22.57 -16.36 5.93
C ASP C 339 23.19 -16.47 4.54
N HIS C 340 24.37 -17.08 4.43
CA HIS C 340 25.08 -17.09 3.16
C HIS C 340 24.30 -17.88 2.10
N TYR C 341 23.70 -18.99 2.48
CA TYR C 341 23.14 -19.95 1.54
C TYR C 341 21.65 -20.22 1.75
N LEU C 342 20.94 -19.32 2.44
CA LEU C 342 19.51 -19.50 2.59
C LEU C 342 18.79 -19.34 1.26
N GLU C 343 19.25 -18.41 0.42
CA GLU C 343 18.60 -18.15 -0.87
C GLU C 343 19.59 -18.23 -2.02
N TYR C 344 20.37 -19.31 -2.09
CA TYR C 344 21.07 -19.60 -3.34
C TYR C 344 20.09 -19.96 -4.44
N GLY C 345 18.84 -20.24 -4.08
CA GLY C 345 17.80 -20.62 -5.02
C GLY C 345 16.55 -21.05 -4.26
N ALA C 346 15.97 -22.18 -4.64
CA ALA C 346 14.87 -22.77 -3.88
C ALA C 346 15.46 -23.69 -2.83
N ALA C 347 15.99 -23.09 -1.77
CA ALA C 347 16.69 -23.82 -0.72
C ALA C 347 15.91 -23.94 0.58
N VAL C 348 15.06 -22.97 0.91
CA VAL C 348 14.25 -23.10 2.12
C VAL C 348 13.31 -24.29 2.02
N LEU C 349 12.78 -24.56 0.83
CA LEU C 349 11.95 -25.73 0.57
C LEU C 349 12.66 -27.04 0.85
N VAL C 350 14.00 -27.05 0.84
CA VAL C 350 14.75 -28.26 1.15
C VAL C 350 15.17 -28.21 2.61
N LEU C 351 15.42 -27.01 3.13
CA LEU C 351 15.81 -26.88 4.54
C LEU C 351 14.69 -27.36 5.45
N LEU C 352 13.43 -27.04 5.11
CA LEU C 352 12.33 -27.44 5.97
C LEU C 352 12.18 -28.96 6.00
N VAL C 353 12.25 -29.61 4.84
CA VAL C 353 12.14 -31.06 4.85
C VAL C 353 13.36 -31.70 5.51
N CYS C 354 14.51 -31.05 5.45
CA CYS C 354 15.70 -31.57 6.12
C CYS C 354 15.51 -31.54 7.64
N VAL C 355 15.07 -30.40 8.17
CA VAL C 355 14.87 -30.35 9.62
C VAL C 355 13.75 -31.30 10.03
N PHE C 356 12.75 -31.48 9.16
CA PHE C 356 11.71 -32.47 9.43
C PHE C 356 12.31 -33.86 9.57
N GLY C 357 13.15 -34.26 8.63
CA GLY C 357 13.79 -35.56 8.71
C GLY C 357 14.64 -35.72 9.96
N LEU C 358 15.40 -34.69 10.31
CA LEU C 358 16.27 -34.79 11.49
C LEU C 358 15.47 -34.91 12.78
N VAL C 359 14.41 -34.11 12.93
CA VAL C 359 13.63 -34.21 14.15
C VAL C 359 12.91 -35.55 14.21
N ALA C 360 12.46 -36.06 13.06
CA ALA C 360 11.87 -37.38 13.03
C ALA C 360 12.87 -38.44 13.49
N HIS C 361 14.10 -38.34 13.01
CA HIS C 361 15.11 -39.33 13.39
C HIS C 361 15.42 -39.27 14.88
N TRP C 362 15.55 -38.06 15.44
CA TRP C 362 15.84 -37.94 16.85
C TRP C 362 14.71 -38.52 17.69
N LEU C 363 13.46 -38.18 17.36
CA LEU C 363 12.34 -38.73 18.12
C LEU C 363 12.24 -40.24 17.96
N ALA C 364 12.56 -40.77 16.78
CA ALA C 364 12.55 -42.22 16.62
C ALA C 364 13.60 -42.88 17.50
N CYS C 365 14.78 -42.28 17.59
CA CYS C 365 15.81 -42.84 18.46
C CYS C 365 15.37 -42.85 19.92
N ILE C 366 14.78 -41.73 20.38
CA ILE C 366 14.29 -41.70 21.76
C ILE C 366 13.20 -42.74 21.97
N TRP C 367 12.31 -42.89 21.00
CA TRP C 367 11.23 -43.87 21.13
C TRP C 367 11.76 -45.28 21.24
N TYR C 368 12.77 -45.62 20.43
CA TYR C 368 13.33 -46.96 20.53
C TYR C 368 14.04 -47.15 21.86
N SER C 369 14.67 -46.10 22.38
CA SER C 369 15.31 -46.23 23.68
C SER C 369 14.27 -46.53 24.77
N ILE C 370 13.15 -45.82 24.74
CA ILE C 370 12.09 -46.06 25.72
C ILE C 370 11.54 -47.48 25.57
N GLY C 371 11.29 -47.90 24.34
CA GLY C 371 10.79 -49.25 24.12
C GLY C 371 11.74 -50.32 24.62
N ASP C 372 13.04 -50.13 24.39
CA ASP C 372 14.01 -51.11 24.85
C ASP C 372 14.16 -51.09 26.35
N TYR C 373 13.96 -49.94 26.99
CA TYR C 373 14.03 -49.91 28.45
C TYR C 373 12.82 -50.60 29.07
N GLU C 374 11.65 -50.47 28.46
CA GLU C 374 10.42 -51.05 29.02
C GLU C 374 10.48 -52.57 29.08
N VAL C 375 10.79 -53.21 27.95
CA VAL C 375 11.11 -54.63 27.92
C VAL C 375 12.48 -54.74 28.57
N ILE C 376 12.91 -55.97 28.91
CA ILE C 376 13.99 -56.35 29.83
C ILE C 376 13.31 -56.53 31.19
N ASP C 377 12.06 -56.08 31.26
CA ASP C 377 11.10 -56.49 32.28
C ASP C 377 11.32 -55.79 33.61
N GLU C 378 12.09 -54.72 33.62
CA GLU C 378 12.27 -53.86 34.79
C GLU C 378 12.68 -54.67 36.02
N VAL C 379 13.73 -55.48 35.80
CA VAL C 379 14.48 -56.40 36.67
C VAL C 379 13.76 -57.74 36.54
N THR C 380 14.25 -58.77 37.23
CA THR C 380 13.72 -60.11 37.17
C THR C 380 13.73 -60.52 35.68
N ASN C 381 12.83 -61.37 35.22
CA ASN C 381 12.72 -61.68 33.80
C ASN C 381 11.30 -62.19 33.54
N THR C 382 10.45 -61.29 33.05
CA THR C 382 9.09 -61.64 32.65
C THR C 382 8.61 -60.60 31.66
N ILE C 383 8.49 -61.01 30.40
CA ILE C 383 8.25 -60.10 29.28
C ILE C 383 7.01 -59.28 29.55
N GLN C 384 7.12 -57.97 29.38
CA GLN C 384 5.98 -57.08 29.52
C GLN C 384 5.07 -57.24 28.30
N ILE C 385 3.81 -57.59 28.54
CA ILE C 385 2.86 -57.84 27.47
C ILE C 385 2.26 -56.52 27.01
N ASP C 386 2.85 -55.42 27.46
CA ASP C 386 2.35 -54.08 27.17
C ASP C 386 3.20 -53.33 26.18
N SER C 387 4.52 -53.27 26.37
CA SER C 387 5.36 -52.37 25.61
C SER C 387 5.36 -52.73 24.13
N TRP C 388 5.47 -51.70 23.29
CA TRP C 388 5.21 -51.89 21.87
C TRP C 388 6.21 -52.81 21.20
N LEU C 389 7.36 -53.09 21.83
CA LEU C 389 8.28 -54.06 21.24
C LEU C 389 7.67 -55.45 21.21
N TYR C 390 6.98 -55.83 22.28
CA TYR C 390 6.33 -57.13 22.29
C TYR C 390 5.25 -57.21 21.20
N GLN C 391 4.47 -56.14 21.04
CA GLN C 391 3.43 -56.14 20.02
C GLN C 391 4.01 -56.18 18.62
N LEU C 392 5.10 -55.44 18.38
CA LEU C 392 5.75 -55.51 17.08
C LEU C 392 6.28 -56.90 16.80
N ALA C 393 6.91 -57.53 17.80
CA ALA C 393 7.43 -58.88 17.61
C ALA C 393 6.30 -59.86 17.36
N LEU C 394 5.15 -59.65 17.97
CA LEU C 394 4.02 -60.54 17.75
C LEU C 394 3.41 -60.33 16.38
N SER C 395 3.35 -59.08 15.91
CA SER C 395 2.70 -58.81 14.63
C SER C 395 3.57 -59.22 13.46
N ILE C 396 4.88 -58.96 13.52
CA ILE C 396 5.77 -59.39 12.44
C ILE C 396 5.77 -60.90 12.31
N GLY C 397 5.86 -61.59 13.44
CA GLY C 397 5.89 -63.04 13.42
C GLY C 397 7.00 -63.62 14.25
N THR C 398 8.10 -62.89 14.37
CA THR C 398 9.25 -63.39 15.11
C THR C 398 9.05 -63.14 16.60
N PRO C 399 8.98 -64.19 17.41
CA PRO C 399 8.72 -64.01 18.85
C PRO C 399 10.00 -63.91 19.66
N TYR C 400 9.82 -63.65 20.96
CA TYR C 400 10.92 -63.58 21.90
C TYR C 400 11.16 -64.96 22.53
N ARG C 401 12.44 -65.31 22.69
CA ARG C 401 12.82 -66.61 23.22
C ARG C 401 13.76 -66.44 24.40
N TYR C 402 13.72 -67.39 25.32
CA TYR C 402 14.54 -67.39 26.52
C TYR C 402 15.51 -68.55 26.45
N ASN C 403 16.80 -68.26 26.65
CA ASN C 403 17.84 -69.28 26.55
C ASN C 403 18.06 -69.95 27.90
N ILE C 408 20.21 -63.74 28.18
CA ILE C 408 19.34 -64.89 28.31
C ILE C 408 18.03 -64.65 27.55
N TRP C 409 17.63 -63.38 27.44
CA TRP C 409 16.51 -62.98 26.60
C TRP C 409 17.08 -62.55 25.26
N GLU C 410 17.12 -63.49 24.31
CA GLU C 410 17.70 -63.24 23.00
C GLU C 410 16.71 -63.62 21.92
N GLY C 411 16.88 -63.01 20.75
CA GLY C 411 16.01 -63.29 19.63
C GLY C 411 14.82 -62.36 19.56
N GLY C 412 14.61 -61.76 18.39
CA GLY C 412 13.51 -60.86 18.18
C GLY C 412 13.59 -60.20 16.82
N PRO C 413 12.95 -59.05 16.68
CA PRO C 413 13.05 -58.29 15.43
C PRO C 413 14.49 -57.90 15.16
N SER C 414 14.85 -57.93 13.88
CA SER C 414 16.20 -57.54 13.48
C SER C 414 16.40 -56.04 13.66
N LYS C 415 17.67 -55.62 13.64
CA LYS C 415 17.98 -54.21 13.92
C LYS C 415 17.36 -53.28 12.88
N ASP C 416 17.46 -53.63 11.60
CA ASP C 416 16.89 -52.78 10.57
C ASP C 416 15.38 -52.66 10.71
N SER C 417 14.70 -53.77 11.01
CA SER C 417 13.26 -53.70 11.21
C SER C 417 12.91 -52.82 12.40
N LEU C 418 13.68 -52.93 13.48
CA LEU C 418 13.42 -52.09 14.64
C LEU C 418 13.56 -50.62 14.30
N TYR C 419 14.65 -50.25 13.62
CA TYR C 419 14.84 -48.85 13.29
C TYR C 419 13.74 -48.34 12.36
N VAL C 420 13.40 -49.12 11.34
CA VAL C 420 12.40 -48.63 10.39
C VAL C 420 11.04 -48.53 11.06
N SER C 421 10.72 -49.44 11.98
CA SER C 421 9.45 -49.31 12.71
C SER C 421 9.43 -48.06 13.57
N SER C 422 10.53 -47.77 14.27
CA SER C 422 10.55 -46.56 15.08
C SER C 422 10.40 -45.31 14.22
N LEU C 423 11.08 -45.28 13.08
CA LEU C 423 10.96 -44.12 12.19
C LEU C 423 9.54 -44.00 11.64
N TYR C 424 8.92 -45.14 11.30
CA TYR C 424 7.55 -45.10 10.81
C TYR C 424 6.61 -44.55 11.86
N PHE C 425 6.79 -44.96 13.11
CA PHE C 425 5.91 -44.45 14.17
C PHE C 425 6.09 -42.96 14.36
N THR C 426 7.34 -42.50 14.41
CA THR C 426 7.56 -41.07 14.58
C THR C 426 7.03 -40.27 13.40
N MET C 427 7.12 -40.82 12.19
CA MET C 427 6.56 -40.14 11.03
C MET C 427 5.04 -40.07 11.12
N THR C 428 4.38 -41.14 11.59
CA THR C 428 2.95 -41.08 11.77
C THR C 428 2.56 -39.99 12.75
N SER C 429 3.33 -39.85 13.83
CA SER C 429 2.98 -38.86 14.84
C SER C 429 3.24 -37.44 14.35
N LEU C 430 4.36 -37.21 13.67
CA LEU C 430 4.74 -35.85 13.30
C LEU C 430 3.91 -35.29 12.15
N THR C 431 3.46 -36.14 11.23
CA THR C 431 2.64 -35.68 10.12
C THR C 431 1.16 -35.63 10.50
N THR C 432 0.83 -35.94 11.74
CA THR C 432 -0.53 -35.88 12.25
C THR C 432 -1.47 -36.76 11.43
N ILE C 433 -0.96 -37.91 10.99
CA ILE C 433 -1.79 -38.85 10.27
C ILE C 433 -2.33 -39.89 11.24
N GLY C 434 -1.45 -40.70 11.81
CA GLY C 434 -1.88 -41.64 12.82
C GLY C 434 -2.47 -42.88 12.22
N PHE C 435 -1.95 -44.05 12.56
CA PHE C 435 -2.50 -45.30 12.06
C PHE C 435 -3.00 -46.21 13.17
N GLY C 436 -2.16 -46.50 14.16
CA GLY C 436 -2.61 -47.18 15.35
C GLY C 436 -2.17 -48.63 15.48
N ASN C 437 -1.55 -49.20 14.44
CA ASN C 437 -1.02 -50.55 14.60
C ASN C 437 0.19 -50.56 15.53
N ILE C 438 0.95 -49.47 15.55
CA ILE C 438 2.00 -49.23 16.55
C ILE C 438 1.57 -48.00 17.33
N ALA C 439 1.26 -48.18 18.60
CA ALA C 439 0.72 -47.11 19.41
C ALA C 439 1.17 -47.27 20.86
N PRO C 440 1.26 -46.17 21.60
CA PRO C 440 1.65 -46.27 23.01
C PRO C 440 0.69 -47.13 23.80
N THR C 441 1.22 -47.95 24.66
CA THR C 441 0.38 -48.80 25.49
C THR C 441 0.70 -48.68 26.98
N THR C 442 1.97 -48.56 27.34
CA THR C 442 2.39 -48.53 28.73
C THR C 442 2.16 -47.15 29.34
N ASP C 443 2.76 -46.94 30.51
CA ASP C 443 2.63 -45.64 31.18
C ASP C 443 3.65 -44.64 30.66
N VAL C 444 4.94 -44.97 30.71
CA VAL C 444 5.98 -44.02 30.32
C VAL C 444 5.79 -43.56 28.88
N GLU C 445 5.44 -44.49 27.99
CA GLU C 445 5.20 -44.18 26.60
C GLU C 445 4.11 -43.12 26.44
N LYS C 446 3.08 -43.14 27.28
CA LYS C 446 2.04 -42.12 27.23
C LYS C 446 2.50 -40.76 27.74
N MET C 447 3.39 -40.72 28.73
CA MET C 447 3.98 -39.44 29.11
C MET C 447 4.86 -38.88 28.00
N PHE C 448 5.56 -39.75 27.28
CA PHE C 448 6.37 -39.25 26.17
C PHE C 448 5.49 -38.78 25.02
N SER C 449 4.40 -39.49 24.74
CA SER C 449 3.65 -39.27 23.53
C SER C 449 2.94 -37.91 23.55
N VAL C 450 2.54 -37.44 24.72
CA VAL C 450 1.86 -36.14 24.79
C VAL C 450 2.83 -34.99 24.49
N ALA C 451 4.05 -35.06 25.03
CA ALA C 451 5.05 -34.06 24.70
C ALA C 451 5.40 -34.12 23.22
N MET C 452 5.52 -35.34 22.69
CA MET C 452 5.78 -35.50 21.26
C MET C 452 4.65 -34.93 20.42
N MET C 453 3.41 -35.08 20.87
CA MET C 453 2.28 -34.49 20.14
C MET C 453 2.35 -32.97 20.13
N MET C 454 2.64 -32.36 21.28
CA MET C 454 2.70 -30.90 21.30
C MET C 454 3.84 -30.36 20.43
N VAL C 455 5.02 -31.00 20.51
CA VAL C 455 6.14 -30.58 19.68
C VAL C 455 5.81 -30.76 18.21
N GLY C 456 5.13 -31.86 17.87
CA GLY C 456 4.73 -32.08 16.50
C GLY C 456 3.74 -31.05 16.01
N SER C 457 2.82 -30.63 16.89
CA SER C 457 1.89 -29.56 16.53
C SER C 457 2.64 -28.28 16.19
N LEU C 458 3.57 -27.89 17.05
CA LEU C 458 4.33 -26.66 16.80
C LEU C 458 5.12 -26.77 15.50
N LEU C 459 5.75 -27.92 15.26
CA LEU C 459 6.60 -28.06 14.08
C LEU C 459 5.77 -28.11 12.80
N TYR C 460 4.62 -28.78 12.85
CA TYR C 460 3.75 -28.83 11.67
C TYR C 460 3.16 -27.46 11.39
N ALA C 461 2.97 -26.64 12.42
CA ALA C 461 2.66 -25.23 12.19
C ALA C 461 3.83 -24.55 11.48
N THR C 462 5.05 -24.86 11.90
CA THR C 462 6.24 -24.20 11.34
C THR C 462 6.47 -24.55 9.87
N ILE C 463 5.99 -25.72 9.42
CA ILE C 463 6.28 -26.20 8.07
C ILE C 463 5.91 -25.24 6.94
N PHE C 464 5.08 -24.23 7.19
CA PHE C 464 4.41 -23.49 6.12
C PHE C 464 5.32 -22.53 5.32
N GLY C 465 6.63 -22.55 5.57
CA GLY C 465 7.53 -21.91 4.63
C GLY C 465 7.38 -22.42 3.22
N ASN C 466 6.84 -23.62 3.05
CA ASN C 466 6.49 -24.15 1.73
C ASN C 466 5.19 -23.56 1.19
N VAL C 467 4.19 -23.35 2.05
CA VAL C 467 2.98 -22.73 1.55
C VAL C 467 3.29 -21.27 1.21
N THR C 468 4.50 -20.77 1.51
CA THR C 468 4.88 -19.55 0.78
C THR C 468 4.99 -19.72 -0.73
N THR C 469 5.75 -20.69 -1.24
CA THR C 469 5.80 -20.88 -2.68
C THR C 469 4.44 -21.28 -3.23
N ILE C 470 3.75 -22.17 -2.52
CA ILE C 470 2.34 -22.40 -2.81
C ILE C 470 1.52 -21.12 -2.75
N PHE C 471 1.93 -20.13 -1.93
CA PHE C 471 1.20 -18.88 -1.83
C PHE C 471 1.48 -17.99 -3.03
N GLN C 472 2.70 -18.05 -3.55
CA GLN C 472 2.96 -17.38 -4.82
C GLN C 472 2.07 -17.93 -5.93
N GLN C 473 1.96 -19.26 -6.01
CA GLN C 473 1.07 -19.87 -7.01
C GLN C 473 -0.38 -19.43 -6.81
N MET C 474 -0.89 -19.61 -5.59
CA MET C 474 -2.28 -19.30 -5.31
C MET C 474 -2.55 -17.80 -5.38
N TYR C 475 -1.52 -16.98 -5.19
CA TYR C 475 -1.63 -15.54 -5.37
C TYR C 475 -1.73 -15.18 -6.85
N ALA C 476 -1.02 -15.92 -7.69
CA ALA C 476 -1.23 -15.77 -9.13
C ALA C 476 -2.67 -16.10 -9.50
N ASN C 477 -3.20 -17.17 -8.89
CA ASN C 477 -4.62 -17.49 -9.09
C ASN C 477 -5.52 -16.32 -8.71
N THR C 478 -5.30 -15.76 -7.52
CA THR C 478 -6.13 -14.64 -7.08
C THR C 478 -5.98 -13.43 -7.98
N ASN C 479 -4.78 -13.16 -8.49
CA ASN C 479 -4.59 -12.02 -9.37
C ASN C 479 -5.33 -12.21 -10.69
N ARG C 480 -5.31 -13.43 -11.24
CA ARG C 480 -6.10 -13.68 -12.45
C ARG C 480 -7.59 -13.52 -12.19
N TYR C 481 -8.08 -14.04 -11.06
CA TYR C 481 -9.49 -13.87 -10.75
C TYR C 481 -9.82 -12.41 -10.53
N HIS C 482 -8.89 -11.65 -9.95
CA HIS C 482 -9.05 -10.22 -9.76
C HIS C 482 -9.17 -9.47 -11.08
N GLU C 483 -8.33 -9.81 -12.05
CA GLU C 483 -8.42 -9.14 -13.34
C GLU C 483 -9.72 -9.49 -14.03
N MET C 484 -10.18 -10.73 -13.86
CA MET C 484 -11.49 -11.10 -14.41
C MET C 484 -12.60 -10.24 -13.81
N LEU C 485 -12.59 -10.10 -12.47
CA LEU C 485 -13.59 -9.26 -11.82
C LEU C 485 -13.48 -7.82 -12.29
N ASN C 486 -12.26 -7.32 -12.44
CA ASN C 486 -12.02 -5.97 -12.90
C ASN C 486 -12.70 -5.75 -14.24
N ASN C 487 -12.42 -6.65 -15.19
CA ASN C 487 -13.01 -6.55 -16.52
C ASN C 487 -14.53 -6.55 -16.47
N VAL C 488 -15.11 -7.53 -15.77
CA VAL C 488 -16.56 -7.68 -15.78
C VAL C 488 -17.23 -6.46 -15.14
N ARG C 489 -16.72 -6.05 -13.98
CA ARG C 489 -17.35 -4.94 -13.25
C ARG C 489 -17.18 -3.64 -14.01
N ASP C 490 -16.03 -3.43 -14.66
CA ASP C 490 -15.86 -2.25 -15.49
C ASP C 490 -16.92 -2.23 -16.58
N PHE C 491 -17.04 -3.35 -17.31
CA PHE C 491 -17.98 -3.43 -18.41
C PHE C 491 -19.39 -3.12 -17.96
N LEU C 492 -19.81 -3.70 -16.83
CA LEU C 492 -21.17 -3.47 -16.35
C LEU C 492 -21.37 -2.03 -15.88
N LYS C 493 -20.43 -1.49 -15.09
CA LYS C 493 -20.62 -0.15 -14.54
C LYS C 493 -20.58 0.89 -15.65
N LEU C 494 -19.99 0.55 -16.80
CA LEU C 494 -19.98 1.45 -17.94
C LEU C 494 -21.38 1.84 -18.40
N TYR C 495 -22.41 1.20 -17.85
CA TYR C 495 -23.80 1.45 -18.24
C TYR C 495 -23.95 0.97 -19.69
N GLN C 496 -22.97 0.15 -20.12
CA GLN C 496 -22.83 -0.35 -21.48
C GLN C 496 -22.50 0.77 -22.46
N VAL C 497 -21.53 0.50 -23.33
CA VAL C 497 -21.10 1.41 -24.38
C VAL C 497 -20.84 0.53 -25.60
N PRO C 498 -20.64 1.09 -26.80
CA PRO C 498 -20.34 0.23 -27.95
C PRO C 498 -19.17 -0.71 -27.67
N LYS C 499 -19.36 -1.98 -28.01
CA LYS C 499 -18.44 -3.04 -27.64
C LYS C 499 -17.05 -2.86 -28.24
N GLY C 500 -16.92 -2.09 -29.31
CA GLY C 500 -15.59 -1.82 -29.86
C GLY C 500 -14.70 -1.14 -28.84
N LEU C 501 -15.26 -0.23 -28.05
CA LEU C 501 -14.48 0.46 -27.02
C LEU C 501 -13.98 -0.53 -25.97
N SER C 502 -14.84 -1.44 -25.52
CA SER C 502 -14.43 -2.44 -24.54
C SER C 502 -13.37 -3.36 -25.14
N GLU C 503 -13.51 -3.70 -26.42
CA GLU C 503 -12.51 -4.52 -27.09
C GLU C 503 -11.16 -3.81 -27.13
N ARG C 504 -11.16 -2.51 -27.45
CA ARG C 504 -9.92 -1.75 -27.43
C ARG C 504 -9.31 -1.73 -26.04
N VAL C 505 -10.13 -1.52 -25.02
CA VAL C 505 -9.63 -1.48 -23.64
C VAL C 505 -9.00 -2.80 -23.27
N MET C 506 -9.68 -3.91 -23.59
CA MET C 506 -9.17 -5.23 -23.23
C MET C 506 -7.85 -5.51 -23.95
N ASP C 507 -7.78 -5.19 -25.25
CA ASP C 507 -6.54 -5.38 -25.99
C ASP C 507 -5.42 -4.54 -25.40
N TYR C 508 -5.71 -3.28 -25.06
CA TYR C 508 -4.67 -2.41 -24.52
C TYR C 508 -4.16 -2.92 -23.18
N ILE C 509 -5.07 -3.39 -22.32
CA ILE C 509 -4.66 -3.89 -21.01
C ILE C 509 -3.77 -5.13 -21.16
N VAL C 510 -4.19 -6.07 -22.02
CA VAL C 510 -3.36 -7.27 -22.17
C VAL C 510 -2.03 -6.94 -22.85
N SER C 511 -2.03 -5.97 -23.78
CA SER C 511 -0.77 -5.56 -24.40
C SER C 511 0.17 -4.95 -23.37
N THR C 512 -0.33 -3.99 -22.58
CA THR C 512 0.52 -3.38 -21.55
C THR C 512 0.97 -4.41 -20.52
N TRP C 513 0.17 -5.46 -20.32
CA TRP C 513 0.66 -6.60 -19.56
C TRP C 513 1.88 -7.22 -20.24
N SER C 514 1.76 -7.53 -21.53
CA SER C 514 2.80 -8.34 -22.16
C SER C 514 3.91 -7.53 -22.82
N MET C 515 4.41 -6.50 -22.14
CA MET C 515 5.80 -6.05 -22.26
C MET C 515 6.29 -5.52 -20.92
N SER C 516 5.42 -5.55 -19.92
CA SER C 516 5.70 -5.01 -18.58
C SER C 516 5.19 -5.96 -17.52
N LYS C 517 5.55 -7.23 -17.64
CA LYS C 517 4.99 -8.27 -16.77
C LYS C 517 5.51 -8.14 -15.35
N GLY C 518 4.73 -7.47 -14.50
CA GLY C 518 5.04 -7.34 -13.09
C GLY C 518 5.88 -6.12 -12.75
N ILE C 519 7.15 -6.12 -13.13
CA ILE C 519 8.05 -5.03 -12.77
C ILE C 519 7.83 -3.85 -13.69
N ASP C 520 7.68 -2.67 -13.10
CA ASP C 520 7.46 -1.42 -13.83
C ASP C 520 8.79 -0.75 -14.15
N THR C 521 8.69 0.45 -14.72
CA THR C 521 9.84 1.28 -15.04
C THR C 521 9.97 2.49 -14.12
N GLU C 522 8.96 2.74 -13.28
CA GLU C 522 8.93 3.92 -12.42
C GLU C 522 9.47 3.62 -11.02
N LYS C 523 8.92 2.61 -10.34
CA LYS C 523 9.41 2.28 -9.01
C LYS C 523 10.86 1.83 -9.05
N VAL C 524 11.27 1.18 -10.14
CA VAL C 524 12.65 0.78 -10.30
C VAL C 524 13.58 1.99 -10.33
N LEU C 525 13.14 3.08 -10.95
CA LEU C 525 13.98 4.24 -11.16
C LEU C 525 13.87 5.26 -10.02
N SER C 526 12.95 5.05 -9.08
CA SER C 526 12.83 5.92 -7.92
C SER C 526 13.65 5.45 -6.72
N ILE C 527 14.27 4.29 -6.81
CA ILE C 527 15.15 3.79 -5.77
C ILE C 527 16.63 3.93 -6.16
N CYS C 528 16.93 4.82 -7.09
CA CYS C 528 18.23 5.02 -7.69
C CYS C 528 18.81 6.37 -7.28
N PRO C 529 20.13 6.52 -7.28
CA PRO C 529 20.73 7.85 -7.15
C PRO C 529 20.38 8.70 -8.35
N LYS C 530 20.59 10.01 -8.21
CA LYS C 530 20.32 10.90 -9.33
C LYS C 530 21.18 10.54 -10.53
N ASP C 531 22.47 10.27 -10.30
CA ASP C 531 23.37 10.00 -11.41
C ASP C 531 23.14 8.61 -11.98
N MET C 532 22.87 7.62 -11.13
CA MET C 532 22.68 6.28 -11.68
C MET C 532 21.30 6.14 -12.32
N ARG C 533 20.31 6.88 -11.81
CA ARG C 533 19.03 6.99 -12.52
C ARG C 533 19.22 7.66 -13.88
N ALA C 534 20.06 8.69 -13.94
CA ALA C 534 20.39 9.28 -15.24
C ALA C 534 21.10 8.28 -16.14
N ASP C 535 21.95 7.43 -15.56
CA ASP C 535 22.59 6.37 -16.33
C ASP C 535 21.55 5.42 -16.92
N ILE C 536 20.57 5.03 -16.11
CA ILE C 536 19.52 4.14 -16.59
C ILE C 536 18.73 4.81 -17.71
N CYS C 537 18.37 6.08 -17.52
CA CYS C 537 17.61 6.78 -18.54
C CYS C 537 18.42 6.95 -19.82
N VAL C 538 19.73 7.15 -19.70
CA VAL C 538 20.54 7.34 -20.89
C VAL C 538 20.77 6.05 -21.65
N HIS C 539 20.90 4.91 -20.97
CA HIS C 539 21.10 3.68 -21.76
C HIS C 539 19.80 2.93 -21.99
N LEU C 540 18.67 3.46 -21.54
CA LEU C 540 17.39 2.88 -21.94
C LEU C 540 17.07 3.19 -23.40
N ASN C 541 17.40 4.40 -23.85
CA ASN C 541 16.93 4.83 -25.17
C ASN C 541 17.80 4.27 -26.29
N ARG C 542 19.03 4.76 -26.41
CA ARG C 542 20.07 4.15 -27.22
C ARG C 542 19.70 3.89 -28.67
N LYS C 543 18.54 4.37 -29.14
CA LYS C 543 18.07 4.08 -30.49
C LYS C 543 17.86 5.33 -31.35
N VAL C 544 17.84 6.51 -30.75
CA VAL C 544 18.06 7.76 -31.47
C VAL C 544 19.43 8.34 -31.17
N PHE C 545 19.90 8.19 -29.94
CA PHE C 545 21.21 8.65 -29.51
C PHE C 545 22.34 7.91 -30.22
N ASN C 546 22.22 6.60 -30.39
CA ASN C 546 23.28 5.80 -31.01
C ASN C 546 22.92 5.32 -32.41
N GLU C 547 21.75 5.69 -32.93
CA GLU C 547 21.32 5.21 -34.23
C GLU C 547 20.95 6.35 -35.17
N HIS C 548 20.29 7.36 -34.65
CA HIS C 548 19.99 8.51 -35.50
C HIS C 548 21.24 9.34 -35.69
N PRO C 549 21.55 9.76 -36.91
CA PRO C 549 22.75 10.57 -37.17
C PRO C 549 22.62 12.04 -36.77
N ALA C 550 22.20 12.26 -35.52
CA ALA C 550 22.22 13.59 -34.92
C ALA C 550 22.94 13.64 -33.58
N PHE C 551 22.83 12.58 -32.78
CA PHE C 551 23.55 12.49 -31.51
C PHE C 551 24.91 11.81 -31.71
N ARG C 552 25.89 12.60 -32.15
CA ARG C 552 27.25 12.10 -32.29
C ARG C 552 28.25 12.84 -31.41
N LEU C 553 28.21 14.18 -31.44
CA LEU C 553 29.19 14.99 -30.73
C LEU C 553 28.63 15.41 -29.37
N ALA C 554 28.45 14.41 -28.52
CA ALA C 554 28.05 14.61 -27.14
C ALA C 554 28.45 13.37 -26.35
N SER C 555 29.47 13.51 -25.49
CA SER C 555 30.02 12.33 -24.85
C SER C 555 29.13 11.85 -23.71
N ASP C 556 29.01 12.66 -22.65
CA ASP C 556 28.14 12.28 -21.55
C ASP C 556 27.44 13.46 -20.90
N GLY C 557 27.60 14.69 -21.39
CA GLY C 557 27.05 15.84 -20.70
C GLY C 557 25.77 16.38 -21.30
N CYS C 558 25.74 16.49 -22.64
CA CYS C 558 24.51 16.91 -23.29
C CYS C 558 23.45 15.81 -23.24
N LEU C 559 23.86 14.58 -23.56
CA LEU C 559 22.92 13.50 -23.66
C LEU C 559 22.25 13.21 -22.31
N ARG C 560 23.04 13.06 -21.26
CA ARG C 560 22.45 12.82 -19.95
C ARG C 560 21.69 14.03 -19.43
N ALA C 561 21.89 15.21 -20.02
CA ALA C 561 21.00 16.33 -19.76
C ALA C 561 19.71 16.25 -20.57
N LEU C 562 19.69 15.48 -21.65
CA LEU C 562 18.49 15.25 -22.43
C LEU C 562 17.90 13.86 -22.25
N ALA C 563 18.73 12.82 -22.18
CA ALA C 563 18.23 11.46 -22.20
C ALA C 563 17.39 11.14 -20.98
N VAL C 564 17.46 11.98 -19.94
CA VAL C 564 16.59 11.81 -18.78
C VAL C 564 15.16 12.23 -19.09
N GLU C 565 14.92 12.83 -20.25
CA GLU C 565 13.63 13.41 -20.56
C GLU C 565 12.87 12.75 -21.71
N PHE C 566 13.55 12.14 -22.68
CA PHE C 566 12.83 11.34 -23.65
C PHE C 566 12.09 10.20 -22.98
N GLN C 567 10.77 10.22 -23.09
CA GLN C 567 9.91 9.14 -22.66
C GLN C 567 9.47 8.36 -23.88
N THR C 568 9.56 7.03 -23.79
CA THR C 568 9.26 6.14 -24.91
C THR C 568 7.83 5.65 -24.79
N ILE C 569 7.02 5.95 -25.79
CA ILE C 569 5.66 5.44 -25.85
C ILE C 569 5.60 4.32 -26.87
N HIS C 570 4.80 3.30 -26.56
CA HIS C 570 4.54 2.18 -27.46
C HIS C 570 3.19 2.46 -28.11
N CYS C 571 3.23 2.89 -29.36
CA CYS C 571 2.02 3.33 -30.04
C CYS C 571 1.14 2.14 -30.39
N ALA C 572 -0.12 2.44 -30.71
CA ALA C 572 -1.10 1.42 -31.06
C ALA C 572 -1.80 1.79 -32.37
N PRO C 573 -2.08 0.81 -33.23
CA PRO C 573 -2.71 1.12 -34.53
C PRO C 573 -4.05 1.80 -34.36
N GLY C 574 -4.31 2.78 -35.23
CA GLY C 574 -5.54 3.52 -35.21
C GLY C 574 -5.58 4.69 -34.25
N ASP C 575 -4.52 4.92 -33.48
CA ASP C 575 -4.52 5.99 -32.49
C ASP C 575 -4.28 7.34 -33.15
N LEU C 576 -4.92 8.36 -32.59
CA LEU C 576 -4.71 9.75 -32.99
C LEU C 576 -3.83 10.41 -31.94
N ILE C 577 -2.56 10.67 -32.28
CA ILE C 577 -1.60 11.15 -31.30
C ILE C 577 -1.70 12.67 -31.15
N TYR C 578 -1.37 13.39 -32.22
CA TYR C 578 -1.39 14.85 -32.19
C TYR C 578 -2.36 15.36 -33.24
N HIS C 579 -3.57 14.81 -33.25
CA HIS C 579 -4.59 15.12 -34.24
C HIS C 579 -5.10 16.53 -34.00
N ALA C 580 -6.16 16.91 -34.73
CA ALA C 580 -6.79 18.20 -34.50
C ALA C 580 -7.66 18.14 -33.24
N GLY C 581 -7.00 17.84 -32.13
CA GLY C 581 -7.68 17.72 -30.85
C GLY C 581 -6.91 18.30 -29.67
N GLU C 582 -5.67 18.69 -29.90
CA GLU C 582 -4.80 19.16 -28.82
C GLU C 582 -3.91 20.27 -29.36
N SER C 583 -2.87 20.62 -28.60
CA SER C 583 -1.85 21.58 -28.99
C SER C 583 -0.50 20.87 -29.05
N VAL C 584 0.33 21.26 -30.01
CA VAL C 584 1.65 20.66 -30.17
C VAL C 584 2.52 21.15 -29.00
N ASP C 585 3.08 20.21 -28.24
CA ASP C 585 3.90 20.56 -27.09
C ASP C 585 5.08 19.60 -26.94
N ALA C 586 5.49 18.93 -28.02
CA ALA C 586 6.50 17.90 -27.90
C ALA C 586 7.07 17.56 -29.26
N LEU C 587 8.39 17.54 -29.36
CA LEU C 587 9.08 16.96 -30.51
C LEU C 587 8.94 15.45 -30.42
N CYS C 588 8.79 14.79 -31.55
CA CYS C 588 8.66 13.34 -31.59
C CYS C 588 9.55 12.77 -32.69
N PHE C 589 10.08 11.58 -32.45
CA PHE C 589 10.86 10.85 -33.44
C PHE C 589 10.33 9.43 -33.53
N VAL C 590 10.57 8.78 -34.66
CA VAL C 590 10.10 7.41 -34.90
C VAL C 590 11.31 6.49 -34.95
N VAL C 591 11.20 5.35 -34.27
CA VAL C 591 12.32 4.42 -34.20
C VAL C 591 11.93 3.04 -34.70
N SER C 592 10.65 2.70 -34.56
CA SER C 592 10.18 1.37 -34.95
C SER C 592 8.71 1.47 -35.30
N GLY C 593 8.42 1.53 -36.58
CA GLY C 593 7.06 1.65 -37.06
C GLY C 593 6.91 2.80 -38.04
N SER C 594 5.66 3.24 -38.19
CA SER C 594 5.36 4.27 -39.16
C SER C 594 4.10 5.02 -38.72
N LEU C 595 4.12 6.34 -38.88
CA LEU C 595 3.02 7.20 -38.48
C LEU C 595 2.38 7.83 -39.69
N GLU C 596 1.06 7.98 -39.64
CA GLU C 596 0.27 8.54 -40.74
C GLU C 596 -0.25 9.92 -40.35
N VAL C 597 -0.16 10.87 -41.29
CA VAL C 597 -0.52 12.26 -41.00
C VAL C 597 -1.60 12.63 -42.03
N ILE C 598 -2.84 12.74 -41.57
CA ILE C 598 -3.95 13.16 -42.43
C ILE C 598 -3.91 14.68 -42.56
N GLN C 599 -4.23 15.18 -43.75
CA GLN C 599 -4.39 16.62 -43.97
C GLN C 599 -5.79 16.85 -44.53
N ASP C 600 -6.79 16.91 -43.65
CA ASP C 600 -8.18 17.06 -44.08
C ASP C 600 -8.59 15.92 -45.01
N ASP C 601 -8.56 14.70 -44.48
CA ASP C 601 -8.99 13.48 -45.20
C ASP C 601 -8.15 13.23 -46.45
N GLU C 602 -6.87 13.57 -46.41
CA GLU C 602 -5.98 13.26 -47.53
C GLU C 602 -4.54 13.34 -47.05
N VAL C 603 -3.66 12.51 -47.62
CA VAL C 603 -2.43 12.10 -46.96
C VAL C 603 -1.20 12.45 -47.79
N VAL C 604 -0.11 12.84 -47.12
CA VAL C 604 1.20 12.86 -47.75
C VAL C 604 2.27 12.27 -46.85
N ALA C 605 1.97 12.09 -45.57
CA ALA C 605 3.03 11.75 -44.64
C ALA C 605 2.76 10.38 -44.05
N ILE C 606 3.58 9.43 -44.43
CA ILE C 606 3.71 8.15 -43.75
C ILE C 606 5.19 7.96 -43.48
N LEU C 607 5.55 7.92 -42.19
CA LEU C 607 6.94 8.09 -41.81
C LEU C 607 7.68 6.76 -41.84
N GLY C 608 9.01 6.83 -41.89
CA GLY C 608 9.80 5.62 -41.97
C GLY C 608 10.71 5.40 -40.79
N LYS C 609 12.02 5.43 -41.02
CA LYS C 609 13.01 5.20 -39.99
C LYS C 609 13.69 6.53 -39.65
N GLY C 610 13.71 6.87 -38.36
CA GLY C 610 14.38 8.08 -37.93
C GLY C 610 13.81 9.35 -38.55
N ASP C 611 12.49 9.48 -38.51
CA ASP C 611 11.79 10.58 -39.19
C ASP C 611 11.04 11.40 -38.16
N VAL C 612 11.17 12.72 -38.24
CA VAL C 612 10.70 13.64 -37.20
C VAL C 612 9.42 14.31 -37.66
N PHE C 613 8.48 14.44 -36.73
CA PHE C 613 7.30 15.28 -36.91
C PHE C 613 7.12 16.17 -35.69
N GLY C 614 6.55 17.35 -35.92
CA GLY C 614 6.42 18.33 -34.86
C GLY C 614 7.18 19.58 -35.21
N ASP C 615 6.68 20.71 -34.70
CA ASP C 615 7.26 22.01 -35.01
C ASP C 615 8.63 22.16 -34.38
N ILE C 616 9.52 22.86 -35.07
CA ILE C 616 10.87 23.10 -34.58
C ILE C 616 10.83 24.27 -33.60
N PHE C 617 11.71 24.22 -32.58
CA PHE C 617 11.71 25.22 -31.53
C PHE C 617 13.06 25.88 -31.31
N TRP C 618 14.11 25.47 -32.02
CA TRP C 618 15.43 25.99 -31.73
C TRP C 618 15.73 27.32 -32.43
N LYS C 619 15.07 27.62 -33.55
CA LYS C 619 15.21 28.93 -34.17
C LYS C 619 13.87 29.60 -34.44
N GLU C 620 12.80 29.15 -33.79
CA GLU C 620 11.48 29.73 -34.00
C GLU C 620 10.94 30.45 -32.78
N THR C 621 10.88 29.78 -31.64
CA THR C 621 10.15 30.27 -30.47
C THR C 621 8.72 30.66 -30.87
N THR C 622 8.16 29.86 -31.79
CA THR C 622 6.86 30.11 -32.38
C THR C 622 6.04 28.84 -32.21
N LEU C 623 4.72 28.99 -32.17
CA LEU C 623 3.83 27.89 -31.86
C LEU C 623 3.00 27.52 -33.08
N ALA C 624 2.70 26.23 -33.18
CA ALA C 624 1.77 25.70 -34.17
C ALA C 624 0.57 25.11 -33.42
N HIS C 625 -0.40 24.60 -34.17
CA HIS C 625 -1.65 24.20 -33.55
C HIS C 625 -2.20 22.99 -34.29
N ALA C 626 -3.48 22.70 -34.08
CA ALA C 626 -4.12 21.50 -34.57
C ALA C 626 -4.48 21.61 -36.04
N CYS C 627 -3.59 21.16 -36.93
CA CYS C 627 -3.83 21.19 -38.37
C CYS C 627 -3.74 19.82 -39.01
N ALA C 628 -3.99 18.75 -38.28
CA ALA C 628 -3.87 17.41 -38.84
C ALA C 628 -4.74 16.44 -38.04
N ASN C 629 -4.81 15.21 -38.55
CA ASN C 629 -5.59 14.13 -37.95
C ASN C 629 -4.73 12.87 -37.90
N VAL C 630 -3.51 13.02 -37.37
CA VAL C 630 -2.46 12.02 -37.50
C VAL C 630 -2.89 10.68 -36.90
N ARG C 631 -2.88 9.63 -37.71
CA ARG C 631 -3.28 8.31 -37.26
C ARG C 631 -2.06 7.44 -37.00
N ALA C 632 -2.30 6.19 -36.64
CA ALA C 632 -1.23 5.25 -36.34
C ALA C 632 -1.46 3.95 -37.11
N LEU C 633 -0.39 3.40 -37.67
CA LEU C 633 -0.52 2.26 -38.57
C LEU C 633 -0.15 0.96 -37.87
N THR C 634 1.10 0.85 -37.45
CA THR C 634 1.63 -0.37 -36.87
C THR C 634 1.63 -0.25 -35.35
N TYR C 635 2.27 -1.22 -34.69
CA TYR C 635 2.58 -1.07 -33.27
C TYR C 635 3.91 -0.37 -33.17
N CYS C 636 3.87 0.96 -33.11
CA CYS C 636 5.05 1.80 -33.27
C CYS C 636 5.64 2.18 -31.91
N ASP C 637 6.86 2.70 -31.94
CA ASP C 637 7.52 3.22 -30.75
C ASP C 637 7.97 4.65 -31.05
N LEU C 638 7.55 5.59 -30.23
CA LEU C 638 7.94 6.97 -30.38
C LEU C 638 8.71 7.45 -29.16
N HIS C 639 9.53 8.48 -29.37
CA HIS C 639 10.30 9.12 -28.31
C HIS C 639 9.80 10.56 -28.20
N ILE C 640 9.30 10.94 -27.02
CA ILE C 640 8.62 12.20 -26.83
C ILE C 640 9.26 12.96 -25.67
N ILE C 641 9.49 14.25 -25.87
CA ILE C 641 9.98 15.15 -24.84
C ILE C 641 9.06 16.36 -24.77
N LYS C 642 8.72 16.76 -23.55
CA LYS C 642 7.88 17.94 -23.38
C LYS C 642 8.64 19.19 -23.79
N ARG C 643 7.88 20.23 -24.17
CA ARG C 643 8.50 21.44 -24.68
C ARG C 643 9.34 22.13 -23.60
N GLU C 644 8.86 22.16 -22.37
CA GLU C 644 9.56 22.88 -21.30
C GLU C 644 10.96 22.32 -21.07
N ALA C 645 11.15 21.01 -21.20
CA ALA C 645 12.41 20.38 -20.88
C ALA C 645 13.35 20.27 -22.08
N LEU C 646 12.96 20.82 -23.24
CA LEU C 646 13.83 20.80 -24.41
C LEU C 646 14.51 22.14 -24.64
N LEU C 647 13.79 23.26 -24.47
CA LEU C 647 14.40 24.56 -24.69
C LEU C 647 15.46 24.88 -23.65
N LYS C 648 15.23 24.48 -22.39
CA LYS C 648 16.19 24.76 -21.33
C LYS C 648 17.55 24.14 -21.62
N VAL C 649 17.56 22.87 -22.02
CA VAL C 649 18.82 22.15 -22.22
C VAL C 649 19.60 22.77 -23.36
N LEU C 650 18.93 23.07 -24.47
CA LEU C 650 19.65 23.68 -25.60
C LEU C 650 20.08 25.11 -25.28
N ASP C 651 19.33 25.82 -24.44
CA ASP C 651 19.78 27.13 -24.00
C ASP C 651 21.07 27.03 -23.20
N PHE C 652 21.12 26.12 -22.23
CA PHE C 652 22.35 25.93 -21.48
C PHE C 652 23.48 25.42 -22.37
N TYR C 653 23.18 24.44 -23.21
CA TYR C 653 24.18 23.88 -24.12
C TYR C 653 24.06 24.62 -25.45
N THR C 654 24.27 25.94 -25.39
CA THR C 654 24.22 26.76 -26.60
C THR C 654 25.28 26.37 -27.61
N ALA C 655 26.45 25.92 -27.15
CA ALA C 655 27.45 25.37 -28.06
C ALA C 655 26.98 24.10 -28.74
N PHE C 656 26.01 23.39 -28.17
CA PHE C 656 25.43 22.22 -28.82
C PHE C 656 24.21 22.57 -29.66
N ALA C 657 23.84 23.85 -29.73
CA ALA C 657 22.87 24.32 -30.71
C ALA C 657 23.46 24.42 -32.11
N ASN C 658 24.67 23.93 -32.31
CA ASN C 658 25.30 23.87 -33.63
C ASN C 658 25.28 22.47 -34.22
N SER C 659 25.40 21.43 -33.38
CA SER C 659 25.42 20.04 -33.83
C SER C 659 24.04 19.39 -33.79
N PHE C 660 23.06 19.99 -33.12
CA PHE C 660 21.70 19.48 -33.06
C PHE C 660 20.69 20.49 -33.59
N SER C 661 21.16 21.50 -34.34
CA SER C 661 20.31 22.41 -35.08
C SER C 661 20.61 22.44 -36.56
N ARG C 662 21.65 21.73 -37.02
CA ARG C 662 21.97 21.62 -38.43
C ARG C 662 22.06 20.19 -38.92
N ASN C 663 22.06 19.21 -38.01
CA ASN C 663 22.12 17.80 -38.37
C ASN C 663 20.78 17.09 -38.28
N LEU C 664 19.73 17.77 -37.82
CA LEU C 664 18.39 17.21 -37.87
C LEU C 664 17.78 17.46 -39.25
N THR C 665 17.32 16.39 -39.89
CA THR C 665 16.74 16.46 -41.23
C THR C 665 15.23 16.39 -41.08
N LEU C 666 14.55 17.51 -41.32
CA LEU C 666 13.12 17.62 -41.05
C LEU C 666 12.33 16.79 -42.04
N THR C 667 11.74 15.68 -41.55
CA THR C 667 10.92 14.85 -42.42
C THR C 667 9.66 15.57 -42.85
N CYS C 668 8.81 15.93 -41.89
CA CYS C 668 7.57 16.66 -42.19
C CYS C 668 7.17 17.46 -40.95
N ASN C 669 7.44 18.76 -40.98
CA ASN C 669 7.09 19.64 -39.88
C ASN C 669 5.59 19.79 -39.81
N LEU C 670 5.01 19.64 -38.61
CA LEU C 670 3.61 19.99 -38.41
C LEU C 670 3.47 21.49 -38.15
N ARG C 671 4.12 22.26 -39.00
CA ARG C 671 4.15 23.72 -38.92
C ARG C 671 3.77 24.39 -40.23
N LYS C 672 4.17 23.83 -41.36
CA LYS C 672 3.85 24.36 -42.67
C LYS C 672 2.83 23.44 -43.35
N ARG C 673 1.86 24.04 -44.02
CA ARG C 673 0.83 23.25 -44.69
C ARG C 673 1.37 22.66 -45.98
N ILE C 674 1.35 21.33 -46.06
CA ILE C 674 1.97 20.61 -47.15
C ILE C 674 1.15 20.75 -48.42
N ILE C 675 1.77 20.45 -49.56
CA ILE C 675 1.24 20.77 -50.88
C ILE C 675 1.25 19.51 -51.73
N PHE C 676 0.10 19.18 -52.34
CA PHE C 676 -0.07 17.84 -52.93
C PHE C 676 -1.38 17.78 -53.72
N ARG C 677 -1.30 17.35 -54.99
CA ARG C 677 -2.30 17.67 -56.03
C ARG C 677 -3.13 16.48 -56.47
N LYS C 678 -4.45 16.68 -56.54
CA LYS C 678 -5.35 15.64 -57.01
C LYS C 678 -5.08 15.33 -58.47
N ILE C 679 -5.13 14.04 -58.81
CA ILE C 679 -5.04 13.61 -60.20
C ILE C 679 -6.41 13.15 -60.64
N SER C 680 -7.35 13.08 -59.69
CA SER C 680 -8.72 12.67 -59.96
C SER C 680 -9.73 13.79 -59.75
N ASP C 681 -9.30 15.04 -59.61
CA ASP C 681 -10.22 16.17 -59.58
C ASP C 681 -9.88 17.23 -60.60
N VAL C 682 -8.59 17.51 -60.83
CA VAL C 682 -8.20 18.47 -61.86
C VAL C 682 -8.65 17.98 -63.23
N LYS C 683 -8.45 16.68 -63.51
CA LYS C 683 -8.97 16.13 -64.75
C LYS C 683 -10.47 16.34 -64.88
N LYS C 684 -11.23 16.02 -63.83
CA LYS C 684 -12.68 16.17 -63.85
C LYS C 684 -13.15 17.62 -63.69
N GLU C 685 -12.35 18.49 -63.06
CA GLU C 685 -12.72 19.89 -63.01
C GLU C 685 -12.47 20.59 -64.34
N GLU C 686 -11.42 20.18 -65.07
CA GLU C 686 -11.26 20.63 -66.45
C GLU C 686 -12.34 20.05 -67.34
N GLU C 687 -12.77 18.81 -67.06
CA GLU C 687 -13.88 18.23 -67.78
C GLU C 687 -15.18 19.01 -67.56
N GLU C 688 -15.43 19.43 -66.32
CA GLU C 688 -16.65 20.16 -66.00
C GLU C 688 -16.62 21.58 -66.53
N ARG C 689 -15.45 22.09 -66.90
CA ARG C 689 -15.34 23.45 -67.44
C ARG C 689 -15.69 23.51 -68.93
N LEU C 690 -15.49 22.42 -69.66
CA LEU C 690 -15.85 22.37 -71.07
C LEU C 690 -17.35 22.21 -71.31
N ARG C 691 -18.08 21.66 -70.34
CA ARG C 691 -19.52 21.48 -70.44
C ARG C 691 -20.30 22.64 -69.84
N GLN C 692 -19.62 23.64 -69.29
CA GLN C 692 -20.29 24.77 -68.65
C GLN C 692 -19.79 26.09 -69.19
N PRO D 11 5.27 16.41 35.15
CA PRO D 11 6.49 17.21 35.26
C PRO D 11 6.34 18.59 34.63
N GLN D 12 6.07 19.61 35.44
CA GLN D 12 5.80 20.94 34.91
C GLN D 12 6.07 21.97 36.00
N ASN D 13 5.82 23.24 35.68
CA ASN D 13 5.97 24.31 36.65
C ASN D 13 4.81 24.36 37.64
N THR D 14 3.76 23.56 37.41
CA THR D 14 2.77 23.18 38.42
C THR D 14 2.00 24.40 38.95
N PHE D 15 1.27 25.04 38.04
CA PHE D 15 0.39 26.13 38.44
C PHE D 15 -1.07 25.96 38.05
N LEU D 16 -1.43 24.98 37.21
CA LEU D 16 -2.84 24.80 36.87
C LEU D 16 -3.31 23.36 36.68
N GLU D 17 -2.49 22.33 36.90
CA GLU D 17 -2.97 20.97 36.67
C GLU D 17 -4.06 20.57 37.66
N ASN D 18 -3.94 21.00 38.91
CA ASN D 18 -4.94 20.73 39.93
C ASN D 18 -5.28 22.00 40.71
N ILE D 19 -5.31 23.13 40.01
CA ILE D 19 -5.56 24.43 40.63
C ILE D 19 -6.95 24.90 40.24
N VAL D 20 -7.49 24.37 39.15
CA VAL D 20 -8.78 24.80 38.62
C VAL D 20 -9.91 24.16 39.40
N ARG D 21 -9.59 23.27 40.34
CA ARG D 21 -10.59 22.49 41.06
C ARG D 21 -10.66 22.79 42.54
N ARG D 22 -9.53 23.00 43.21
CA ARG D 22 -9.54 23.17 44.66
C ARG D 22 -9.11 24.57 45.11
N SER D 23 -8.38 25.31 44.28
CA SER D 23 -7.95 26.64 44.67
C SER D 23 -9.15 27.58 44.78
N SER D 24 -8.90 28.77 45.30
CA SER D 24 -9.96 29.75 45.55
C SER D 24 -9.53 31.08 44.96
N GLU D 25 -10.28 32.13 45.26
CA GLU D 25 -10.00 33.45 44.73
C GLU D 25 -8.60 33.91 45.12
N SER D 26 -7.86 34.44 44.15
CA SER D 26 -6.51 34.91 44.38
C SER D 26 -6.09 35.78 43.19
N SER D 27 -4.81 36.18 43.20
CA SER D 27 -4.23 37.00 42.14
C SER D 27 -2.85 36.45 41.77
N PHE D 28 -2.78 35.14 41.54
CA PHE D 28 -1.52 34.43 41.28
C PHE D 28 -0.55 35.16 40.35
N LEU D 29 0.63 35.48 40.87
CA LEU D 29 1.71 36.07 40.10
C LEU D 29 2.69 34.99 39.66
N LEU D 30 3.58 35.33 38.72
CA LEU D 30 4.63 34.44 38.28
C LEU D 30 5.94 34.61 39.03
N GLY D 31 6.56 35.80 38.97
CA GLY D 31 7.79 36.07 39.71
C GLY D 31 8.93 35.10 39.42
N ASN D 32 9.54 35.21 38.23
CA ASN D 32 10.44 34.17 37.73
C ASN D 32 11.71 34.79 37.13
N ALA D 33 12.36 35.64 37.93
CA ALA D 33 13.39 36.60 37.54
C ALA D 33 12.82 37.59 36.53
N GLN D 34 13.35 38.81 36.51
CA GLN D 34 12.49 39.82 35.92
C GLN D 34 13.11 40.90 35.02
N ILE D 35 14.28 41.47 35.38
CA ILE D 35 14.53 42.91 35.34
C ILE D 35 13.72 43.69 34.30
N VAL D 36 12.99 44.74 34.77
CA VAL D 36 12.39 45.91 34.06
C VAL D 36 11.25 46.57 34.85
N ASP D 37 10.01 46.04 34.84
CA ASP D 37 8.86 46.80 35.37
C ASP D 37 7.99 46.21 36.50
N TRP D 38 7.57 44.92 36.41
CA TRP D 38 7.14 43.89 37.37
C TRP D 38 5.62 43.68 37.40
N PRO D 39 5.16 42.46 36.99
CA PRO D 39 3.74 42.18 36.72
C PRO D 39 2.94 41.57 37.87
N VAL D 40 1.66 41.25 37.62
CA VAL D 40 0.87 40.38 38.48
C VAL D 40 0.25 39.22 37.70
N VAL D 41 0.14 39.36 36.37
CA VAL D 41 -0.53 38.46 35.42
C VAL D 41 -1.93 38.07 35.92
N TYR D 42 -2.31 36.81 35.74
CA TYR D 42 -3.70 36.38 35.81
C TYR D 42 -4.19 36.39 37.25
N SER D 43 -5.48 36.68 37.43
CA SER D 43 -6.13 36.70 38.74
C SER D 43 -7.21 35.62 38.74
N ASN D 44 -7.14 34.71 39.71
CA ASN D 44 -7.81 33.42 39.66
C ASN D 44 -9.10 33.37 40.49
N ASP D 45 -10.06 32.59 39.98
CA ASP D 45 -11.28 32.21 40.70
C ASP D 45 -12.10 33.42 41.12
N GLY D 46 -12.60 34.13 40.12
CA GLY D 46 -13.49 35.24 40.31
C GLY D 46 -13.04 36.58 39.75
N PHE D 47 -12.16 36.58 38.75
CA PHE D 47 -11.66 37.81 38.14
C PHE D 47 -11.76 37.78 36.62
N CYS D 48 -12.82 37.20 36.07
CA CYS D 48 -12.97 37.12 34.62
C CYS D 48 -13.12 38.49 33.99
N LYS D 49 -14.25 39.16 34.24
CA LYS D 49 -14.44 40.51 33.71
C LYS D 49 -15.16 41.45 34.68
N LEU D 50 -15.34 41.08 35.94
CA LEU D 50 -16.15 41.85 36.87
C LEU D 50 -15.34 42.47 38.00
N SER D 51 -14.03 42.29 38.03
CA SER D 51 -13.28 42.85 39.15
C SER D 51 -12.08 43.69 38.71
N GLY D 52 -11.49 43.39 37.57
CA GLY D 52 -10.33 44.14 37.14
C GLY D 52 -10.26 44.35 35.64
N TYR D 53 -9.12 44.81 35.16
CA TYR D 53 -8.92 45.11 33.75
C TYR D 53 -8.60 43.83 32.99
N HIS D 54 -8.16 43.95 31.75
CA HIS D 54 -7.84 42.82 30.89
C HIS D 54 -6.33 42.62 30.84
N ARG D 55 -5.90 41.69 30.01
CA ARG D 55 -4.48 41.45 29.82
C ARG D 55 -3.83 42.63 29.10
N ALA D 56 -2.51 42.56 28.97
CA ALA D 56 -1.68 43.69 28.52
C ALA D 56 -1.92 44.93 29.37
N ASP D 57 -2.34 44.74 30.61
CA ASP D 57 -2.69 45.81 31.52
C ASP D 57 -2.37 45.35 32.94
N VAL D 58 -2.93 46.04 33.93
CA VAL D 58 -2.57 45.82 35.33
C VAL D 58 -3.14 44.51 35.85
N MET D 59 -3.88 43.79 35.02
CA MET D 59 -4.19 42.38 35.27
C MET D 59 -3.31 41.45 34.46
N GLN D 60 -2.26 41.97 33.83
CA GLN D 60 -1.24 41.16 33.17
C GLN D 60 0.14 41.64 33.59
N LYS D 61 0.24 42.92 33.93
CA LYS D 61 1.51 43.53 34.34
C LYS D 61 1.23 44.46 35.51
N SER D 62 2.30 45.09 36.02
CA SER D 62 2.22 46.23 36.93
C SER D 62 1.40 45.89 38.19
N SER D 63 1.92 44.93 38.96
CA SER D 63 1.29 44.61 40.24
C SER D 63 1.54 45.69 41.28
N THR D 64 2.50 46.57 41.03
CA THR D 64 2.56 47.82 41.77
C THR D 64 1.20 48.51 41.71
N CYS D 65 0.67 48.86 42.87
CA CYS D 65 -0.70 49.36 42.89
C CYS D 65 -0.74 50.70 42.18
N SER D 66 -1.21 50.67 40.94
CA SER D 66 -1.23 51.84 40.07
C SER D 66 -2.04 51.47 38.82
N PHE D 67 -2.67 52.48 38.23
CA PHE D 67 -3.46 52.37 37.01
C PHE D 67 -4.78 51.66 37.29
N MET D 68 -4.91 51.05 38.48
CA MET D 68 -6.19 50.69 39.06
C MET D 68 -6.52 51.73 40.12
N TYR D 69 -6.49 53.00 39.71
CA TYR D 69 -6.38 54.09 40.66
C TYR D 69 -7.63 54.96 40.74
N GLY D 70 -7.99 55.64 39.65
CA GLY D 70 -9.25 56.38 39.55
C GLY D 70 -9.71 57.14 40.78
N GLU D 71 -8.78 57.61 41.62
CA GLU D 71 -9.15 58.16 42.92
C GLU D 71 -8.14 59.23 43.31
N LEU D 72 -8.12 59.58 44.60
CA LEU D 72 -7.26 60.62 45.14
C LEU D 72 -5.97 60.00 45.70
N THR D 73 -4.91 60.82 45.72
CA THR D 73 -3.60 60.37 46.19
C THR D 73 -3.52 60.56 47.70
N ASP D 74 -3.80 59.48 48.44
CA ASP D 74 -3.58 59.44 49.87
C ASP D 74 -2.45 58.47 50.21
N LYS D 75 -1.62 58.88 51.17
CA LYS D 75 -0.57 57.99 51.65
C LYS D 75 -1.17 56.74 52.27
N LYS D 76 -2.37 56.86 52.84
CA LYS D 76 -3.12 55.70 53.30
C LYS D 76 -3.53 54.79 52.15
N THR D 77 -3.52 55.30 50.91
CA THR D 77 -3.96 54.54 49.76
C THR D 77 -2.85 54.21 48.78
N ILE D 78 -1.61 54.58 49.07
CA ILE D 78 -0.51 54.41 48.11
C ILE D 78 0.46 53.32 48.59
N GLU D 79 0.93 53.43 49.82
CA GLU D 79 2.04 52.60 50.27
C GLU D 79 1.63 51.63 51.37
N LYS D 80 0.46 51.00 51.21
CA LYS D 80 -0.01 49.99 52.16
C LYS D 80 0.43 48.58 51.74
N VAL D 81 0.08 48.17 50.53
CA VAL D 81 0.52 46.88 50.00
C VAL D 81 1.53 47.03 48.88
N ARG D 82 1.62 48.21 48.25
CA ARG D 82 2.59 48.43 47.19
C ARG D 82 4.02 48.37 47.71
N GLN D 83 4.23 48.64 49.00
CA GLN D 83 5.57 48.56 49.58
C GLN D 83 5.89 47.15 50.06
N THR D 84 5.01 46.54 50.83
CA THR D 84 5.24 45.21 51.38
C THR D 84 4.72 44.11 50.45
N PHE D 85 5.09 44.21 49.17
CA PHE D 85 4.81 43.15 48.20
C PHE D 85 5.99 42.21 48.05
N ASP D 86 7.15 42.73 47.66
CA ASP D 86 8.35 41.90 47.53
C ASP D 86 9.05 41.65 48.86
N ASN D 87 8.36 41.83 49.99
CA ASN D 87 8.95 41.57 51.30
C ASN D 87 8.33 40.36 52.00
N TYR D 88 7.02 40.15 51.82
CA TYR D 88 6.37 38.88 52.19
C TYR D 88 6.65 38.43 53.62
N GLU D 89 6.16 39.19 54.60
CA GLU D 89 6.22 38.74 55.99
C GLU D 89 4.82 38.44 56.54
N SER D 90 3.98 39.46 56.68
CA SER D 90 2.58 39.31 57.08
C SER D 90 1.92 40.68 56.97
N ASN D 91 0.72 40.76 56.42
CA ASN D 91 0.15 42.08 56.22
C ASN D 91 -1.37 42.01 56.23
N CYS D 92 -1.98 43.12 56.65
CA CYS D 92 -3.41 43.36 56.54
C CYS D 92 -3.68 44.77 56.00
N PHE D 93 -2.68 45.40 55.40
CA PHE D 93 -2.77 46.81 55.03
C PHE D 93 -3.77 47.02 53.90
N GLU D 94 -4.31 48.24 53.84
CA GLU D 94 -5.40 48.58 52.93
C GLU D 94 -4.88 49.53 51.83
N VAL D 95 -4.40 48.94 50.74
CA VAL D 95 -3.96 49.69 49.57
C VAL D 95 -5.16 49.97 48.69
N LEU D 96 -4.99 50.85 47.71
CA LEU D 96 -6.06 51.23 46.79
C LEU D 96 -5.91 50.48 45.47
N LEU D 97 -6.95 49.73 45.08
CA LEU D 97 -7.00 49.05 43.78
C LEU D 97 -8.44 49.11 43.29
N TYR D 98 -8.68 49.90 42.24
CA TYR D 98 -10.02 50.25 41.81
C TYR D 98 -10.80 49.00 41.38
N LYS D 99 -12.06 48.93 41.81
CA LYS D 99 -12.92 47.78 41.56
C LYS D 99 -14.19 48.25 40.86
N LYS D 100 -15.17 47.35 40.76
CA LYS D 100 -16.42 47.64 40.06
C LYS D 100 -17.21 48.76 40.74
N ASN D 101 -17.15 48.84 42.07
CA ASN D 101 -17.99 49.77 42.80
C ASN D 101 -17.52 51.22 42.70
N ARG D 102 -16.40 51.47 41.99
CA ARG D 102 -15.91 52.82 41.74
C ARG D 102 -15.57 53.56 43.03
N THR D 103 -14.79 52.91 43.89
CA THR D 103 -14.51 53.41 45.23
C THR D 103 -13.03 53.37 45.53
N PRO D 104 -12.56 54.15 46.51
CA PRO D 104 -11.18 54.00 46.98
C PRO D 104 -11.01 52.71 47.76
N VAL D 105 -10.82 51.61 47.02
CA VAL D 105 -10.85 50.28 47.61
C VAL D 105 -9.75 50.13 48.65
N TRP D 106 -10.08 49.42 49.74
CA TRP D 106 -9.17 49.21 50.86
C TRP D 106 -9.14 47.73 51.20
N PHE D 107 -7.93 47.25 51.51
CA PHE D 107 -7.56 45.85 51.38
C PHE D 107 -7.35 45.15 52.73
N TYR D 108 -7.80 43.90 52.82
CA TYR D 108 -7.39 42.94 53.84
C TYR D 108 -6.89 41.68 53.14
N MET D 109 -5.80 41.11 53.66
CA MET D 109 -5.25 39.88 53.09
C MET D 109 -4.42 39.16 54.15
N GLN D 110 -3.87 38.00 53.76
CA GLN D 110 -2.92 37.26 54.57
C GLN D 110 -1.96 36.55 53.62
N ILE D 111 -0.81 37.16 53.35
CA ILE D 111 0.14 36.57 52.42
C ILE D 111 0.77 35.33 53.04
N ALA D 112 1.17 34.38 52.19
CA ALA D 112 1.88 33.17 52.63
C ALA D 112 3.17 33.02 51.83
N PRO D 113 4.32 32.97 52.50
CA PRO D 113 5.60 32.97 51.76
C PRO D 113 6.15 31.59 51.42
N ILE D 114 6.82 31.51 50.27
CA ILE D 114 7.60 30.33 49.85
C ILE D 114 8.72 30.83 48.95
N ARG D 115 9.73 29.99 48.71
CA ARG D 115 11.03 30.49 48.28
C ARG D 115 11.36 30.22 46.82
N ASN D 116 11.51 28.95 46.41
CA ASN D 116 11.92 28.66 45.04
C ASN D 116 12.05 27.14 44.88
N GLU D 117 12.33 26.73 43.64
CA GLU D 117 12.84 25.39 43.31
C GLU D 117 14.23 25.43 42.72
N HIS D 118 14.56 26.46 41.95
CA HIS D 118 15.87 26.59 41.31
C HIS D 118 16.93 27.15 42.24
N GLU D 119 16.60 27.39 43.50
CA GLU D 119 17.55 27.85 44.51
C GLU D 119 18.11 29.23 44.15
N LYS D 120 17.20 30.16 43.81
CA LYS D 120 17.60 31.49 43.41
C LYS D 120 16.68 32.58 43.96
N VAL D 121 15.79 32.23 44.91
CA VAL D 121 14.86 33.19 45.50
C VAL D 121 14.00 33.73 44.35
N VAL D 122 13.26 32.84 43.69
CA VAL D 122 12.50 33.24 42.52
C VAL D 122 11.01 33.26 42.82
N LEU D 123 10.47 32.15 43.30
CA LEU D 123 9.03 31.98 43.45
C LEU D 123 8.52 32.52 44.77
N PHE D 124 7.28 33.03 44.74
CA PHE D 124 6.51 33.31 45.93
C PHE D 124 5.06 32.97 45.64
N LEU D 125 4.34 32.55 46.68
CA LEU D 125 2.99 32.04 46.53
C LEU D 125 2.02 33.12 46.03
N CYS D 126 2.12 34.33 46.58
CA CYS D 126 1.40 35.50 46.09
C CYS D 126 -0.11 35.30 46.12
N THR D 127 -0.66 35.15 47.33
CA THR D 127 -2.10 34.95 47.50
C THR D 127 -2.74 36.24 47.99
N PHE D 128 -3.79 36.70 47.29
CA PHE D 128 -4.54 37.89 47.65
C PHE D 128 -5.97 37.52 48.05
N LYS D 129 -6.70 38.52 48.56
CA LYS D 129 -8.11 38.36 48.91
C LYS D 129 -8.99 39.43 48.28
N ASP D 130 -8.51 40.68 48.25
CA ASP D 130 -9.16 41.77 47.52
C ASP D 130 -10.62 41.97 47.95
N ILE D 131 -10.77 42.50 49.17
CA ILE D 131 -12.08 42.91 49.64
C ILE D 131 -12.17 44.43 49.59
N THR D 132 -13.40 44.94 49.44
CA THR D 132 -13.67 46.37 49.50
C THR D 132 -14.67 46.75 50.58
N LEU D 133 -15.78 46.01 50.66
CA LEU D 133 -16.95 46.49 51.39
C LEU D 133 -16.74 46.45 52.91
N PHE D 134 -15.86 45.55 53.37
CA PHE D 134 -15.90 45.15 54.78
C PHE D 134 -15.67 46.31 55.74
N LYS D 135 -14.67 47.17 55.49
CA LYS D 135 -14.33 48.13 56.53
C LYS D 135 -14.90 49.52 56.25
N GLN D 136 -14.51 50.17 55.14
CA GLN D 136 -15.05 51.48 54.79
C GLN D 136 -14.97 51.78 53.29
N PRO D 137 -16.10 51.82 52.58
CA PRO D 137 -16.14 52.57 51.32
C PRO D 137 -16.62 54.00 51.55
N ILE D 138 -15.87 54.99 51.08
CA ILE D 138 -16.20 56.39 51.38
C ILE D 138 -16.28 57.23 50.11
N GLU D 139 -16.77 56.64 49.02
CA GLU D 139 -16.90 57.35 47.75
C GLU D 139 -18.25 58.02 47.66
N ASP D 140 -18.29 59.19 47.00
CA ASP D 140 -19.47 60.05 46.99
C ASP D 140 -19.86 60.47 45.57
N ASP D 141 -19.95 59.52 44.65
CA ASP D 141 -20.43 59.85 43.30
C ASP D 141 -21.89 60.27 43.34
N SER D 142 -22.72 59.56 44.10
CA SER D 142 -24.12 59.89 44.30
C SER D 142 -24.48 59.59 45.74
N THR D 143 -25.02 60.58 46.44
CA THR D 143 -25.30 60.49 47.87
C THR D 143 -26.79 60.43 48.16
N LYS D 144 -27.54 59.77 47.26
CA LYS D 144 -28.99 59.63 47.43
C LYS D 144 -29.25 58.57 48.51
N GLY D 145 -29.12 59.00 49.75
CA GLY D 145 -29.41 58.15 50.89
C GLY D 145 -28.60 56.87 50.93
N TRP D 146 -29.28 55.74 50.68
CA TRP D 146 -28.65 54.42 50.72
C TRP D 146 -28.01 54.11 49.36
N THR D 147 -26.82 54.66 49.17
CA THR D 147 -26.02 54.38 47.99
C THR D 147 -24.63 53.92 48.42
N LYS D 148 -24.19 54.37 49.59
CA LYS D 148 -22.92 53.95 50.15
C LYS D 148 -23.01 53.55 51.62
N PHE D 149 -24.14 53.78 52.28
CA PHE D 149 -24.31 53.42 53.69
C PHE D 149 -25.09 52.13 53.87
N ALA D 150 -26.20 51.95 53.15
CA ALA D 150 -26.95 50.71 53.16
C ALA D 150 -26.81 49.90 51.88
N ARG D 151 -26.33 50.51 50.79
CA ARG D 151 -25.96 49.75 49.60
C ARG D 151 -24.62 49.05 49.76
N LEU D 152 -24.09 49.02 50.97
CA LEU D 152 -22.81 48.39 51.29
C LEU D 152 -22.79 46.93 50.83
N THR D 153 -23.96 46.29 50.84
CA THR D 153 -24.08 44.89 50.48
C THR D 153 -24.30 44.66 49.00
N ARG D 154 -24.32 45.71 48.18
CA ARG D 154 -24.55 45.57 46.75
C ARG D 154 -23.46 46.18 45.88
N ALA D 155 -22.48 46.88 46.47
CA ALA D 155 -21.52 47.63 45.66
C ALA D 155 -20.54 46.72 44.95
N LEU D 156 -20.00 45.71 45.65
CA LEU D 156 -18.95 44.86 45.10
C LEU D 156 -19.45 43.42 44.97
N THR D 157 -19.07 42.78 43.87
CA THR D 157 -19.30 41.36 43.63
C THR D 157 -17.95 40.75 43.25
N ASN D 158 -17.21 40.29 44.26
CA ASN D 158 -15.87 39.74 44.03
C ASN D 158 -15.49 38.77 45.15
N SER D 159 -14.76 39.26 46.14
CA SER D 159 -14.34 38.40 47.25
C SER D 159 -15.53 37.97 48.09
N ARG D 160 -16.51 38.86 48.26
CA ARG D 160 -17.71 38.49 49.01
C ARG D 160 -18.47 37.36 48.33
N SER D 161 -18.45 37.32 47.00
CA SER D 161 -19.16 36.32 46.23
C SER D 161 -18.38 35.01 46.10
N VAL D 162 -17.43 34.76 46.99
CA VAL D 162 -16.63 33.55 46.93
C VAL D 162 -17.17 32.52 47.91
N LEU D 163 -17.11 32.84 49.21
CA LEU D 163 -17.54 31.91 50.25
C LEU D 163 -18.71 32.46 51.06
N GLN D 164 -18.60 33.66 51.60
CA GLN D 164 -19.63 34.26 52.45
C GLN D 164 -20.25 35.43 51.69
N GLN D 165 -21.41 35.19 51.09
CA GLN D 165 -22.06 36.15 50.21
C GLN D 165 -22.96 37.14 50.93
N LEU D 166 -23.07 37.04 52.26
CA LEU D 166 -23.98 37.89 53.02
C LEU D 166 -23.28 39.17 53.46
N THR D 167 -23.99 39.95 54.27
CA THR D 167 -23.46 41.22 54.76
C THR D 167 -22.21 40.96 55.60
N PRO D 168 -21.19 41.83 55.53
CA PRO D 168 -19.98 41.60 56.33
C PRO D 168 -20.25 41.45 57.82
N MET D 169 -21.16 42.23 58.40
CA MET D 169 -21.45 42.07 59.82
C MET D 169 -22.46 40.95 60.07
N ASN D 170 -23.69 41.11 59.56
CA ASN D 170 -24.77 40.13 59.53
C ASN D 170 -24.78 39.20 60.75
N LYS D 171 -24.61 39.78 61.95
CA LYS D 171 -24.57 39.09 63.23
C LYS D 171 -23.52 37.97 63.27
N THR D 172 -22.65 37.92 62.25
CA THR D 172 -21.60 36.92 62.16
C THR D 172 -20.28 37.60 61.80
N GLU D 173 -19.94 38.66 62.53
CA GLU D 173 -18.77 39.45 62.19
C GLU D 173 -17.48 38.63 62.29
N VAL D 174 -17.40 37.74 63.28
CA VAL D 174 -16.15 36.99 63.50
C VAL D 174 -15.84 36.11 62.29
N VAL D 175 -16.85 35.39 61.79
CA VAL D 175 -16.63 34.48 60.66
C VAL D 175 -16.25 35.26 59.41
N HIS D 176 -16.94 36.38 59.15
CA HIS D 176 -16.68 37.14 57.94
C HIS D 176 -15.33 37.83 57.99
N LYS D 177 -14.92 38.32 59.16
CA LYS D 177 -13.67 39.05 59.31
C LYS D 177 -12.50 38.17 59.73
N HIS D 178 -12.72 36.85 59.84
CA HIS D 178 -11.62 35.91 60.07
C HIS D 178 -11.37 35.03 58.86
N SER D 179 -12.09 35.26 57.76
CA SER D 179 -11.83 34.57 56.51
C SER D 179 -11.25 35.46 55.43
N ARG D 180 -11.39 36.79 55.55
CA ARG D 180 -10.77 37.73 54.64
C ARG D 180 -9.63 38.52 55.27
N LEU D 181 -9.41 38.38 56.58
CA LEU D 181 -8.24 38.94 57.23
C LEU D 181 -7.10 37.95 57.33
N ALA D 182 -7.39 36.66 57.54
CA ALA D 182 -6.34 35.64 57.67
C ALA D 182 -6.94 34.31 57.23
N GLU D 183 -6.60 33.88 56.01
CA GLU D 183 -7.03 32.59 55.49
C GLU D 183 -5.86 31.72 55.06
N VAL D 184 -4.68 31.88 55.68
CA VAL D 184 -3.56 31.02 55.39
C VAL D 184 -3.82 29.60 55.87
N LEU D 185 -4.74 29.42 56.82
CA LEU D 185 -5.09 28.08 57.28
C LEU D 185 -5.72 27.25 56.17
N GLN D 186 -6.48 27.88 55.28
CA GLN D 186 -7.08 27.21 54.14
C GLN D 186 -6.28 27.40 52.87
N LEU D 187 -5.10 27.99 52.95
CA LEU D 187 -4.20 28.14 51.81
C LEU D 187 -2.82 27.60 52.15
N GLY D 188 -1.84 27.83 51.29
CA GLY D 188 -0.50 27.31 51.51
C GLY D 188 -0.28 25.99 50.79
N SER D 189 -0.43 24.88 51.51
CA SER D 189 -0.30 23.56 50.93
C SER D 189 -1.50 23.19 50.05
N ASP D 190 -2.56 23.97 50.09
CA ASP D 190 -3.73 23.75 49.25
C ASP D 190 -3.55 24.25 47.82
N ILE D 191 -2.43 24.92 47.53
CA ILE D 191 -2.09 25.32 46.18
C ILE D 191 -0.82 24.58 45.79
N LEU D 192 -0.76 24.14 44.54
CA LEU D 192 0.33 23.26 44.10
C LEU D 192 1.65 24.00 44.23
N PRO D 193 2.63 23.46 44.98
CA PRO D 193 3.62 24.32 45.66
C PRO D 193 4.47 25.24 44.81
N GLN D 194 5.33 24.72 43.93
CA GLN D 194 6.35 25.53 43.27
C GLN D 194 6.70 24.90 41.94
N TYR D 195 7.75 25.42 41.30
CA TYR D 195 8.21 24.84 40.05
C TYR D 195 8.85 23.48 40.24
N LYS D 196 8.80 22.96 41.47
CA LYS D 196 9.19 21.59 41.73
C LYS D 196 8.50 20.68 40.73
N GLN D 197 9.27 19.92 39.96
CA GLN D 197 8.67 18.96 39.05
C GLN D 197 7.83 17.99 39.86
N GLU D 198 6.51 18.07 39.68
CA GLU D 198 5.58 17.42 40.58
C GLU D 198 5.60 15.91 40.41
N ALA D 199 5.37 15.21 41.51
CA ALA D 199 5.15 13.78 41.45
C ALA D 199 3.92 13.49 40.58
N PRO D 200 3.91 12.38 39.86
CA PRO D 200 2.82 12.14 38.91
C PRO D 200 1.48 11.86 39.58
N LYS D 201 0.95 12.85 40.32
CA LYS D 201 -0.39 12.80 40.89
C LYS D 201 -0.55 11.58 41.81
N THR D 202 0.23 11.60 42.90
CA THR D 202 0.27 10.50 43.86
C THR D 202 -0.12 10.96 45.26
N PRO D 203 -1.39 10.80 45.62
CA PRO D 203 -1.79 10.95 47.02
C PRO D 203 -1.15 9.88 47.88
N PRO D 204 -1.03 10.10 49.19
CA PRO D 204 -0.37 9.12 50.05
C PRO D 204 -1.14 7.80 50.11
N HIS D 205 -0.39 6.72 50.31
CA HIS D 205 -0.94 5.37 50.50
C HIS D 205 -1.78 4.93 49.31
N ILE D 206 -1.31 5.28 48.11
CA ILE D 206 -1.87 4.79 46.86
C ILE D 206 -0.72 4.28 46.00
N ILE D 207 -0.90 3.11 45.40
CA ILE D 207 0.15 2.46 44.62
C ILE D 207 -0.10 2.75 43.14
N LEU D 208 0.92 3.31 42.47
CA LEU D 208 0.83 3.57 41.05
C LEU D 208 0.83 2.25 40.27
N HIS D 209 0.01 2.20 39.21
CA HIS D 209 -0.18 0.98 38.45
C HIS D 209 1.03 0.65 37.57
N TYR D 210 2.07 1.46 37.62
CA TYR D 210 3.31 1.11 36.92
C TYR D 210 4.48 1.01 37.89
N CYS D 211 4.21 0.86 39.19
CA CYS D 211 5.25 0.64 40.17
C CYS D 211 5.85 -0.75 40.00
N ALA D 212 7.09 -0.90 40.46
CA ALA D 212 7.74 -2.21 40.40
C ALA D 212 7.07 -3.22 41.32
N PHE D 213 6.22 -2.76 42.24
CA PHE D 213 5.51 -3.67 43.12
C PHE D 213 4.28 -4.26 42.44
N LYS D 214 3.51 -3.42 41.73
CA LYS D 214 2.25 -3.87 41.15
C LYS D 214 2.49 -4.90 40.06
N THR D 215 3.55 -4.74 39.26
CA THR D 215 3.84 -5.71 38.22
C THR D 215 4.19 -7.07 38.80
N THR D 216 4.98 -7.09 39.87
CA THR D 216 5.29 -8.36 40.53
C THR D 216 4.05 -8.98 41.14
N TRP D 217 3.16 -8.15 41.71
CA TRP D 217 1.90 -8.67 42.23
C TRP D 217 1.08 -9.30 41.12
N ASP D 218 1.02 -8.66 39.95
CA ASP D 218 0.27 -9.22 38.83
C ASP D 218 0.86 -10.55 38.37
N TRP D 219 2.19 -10.62 38.29
CA TRP D 219 2.81 -11.88 37.88
C TRP D 219 2.52 -12.99 38.88
N VAL D 220 2.56 -12.66 40.18
CA VAL D 220 2.28 -13.66 41.21
C VAL D 220 0.83 -14.14 41.11
N ILE D 221 -0.11 -13.21 40.94
CA ILE D 221 -1.50 -13.63 40.86
C ILE D 221 -1.75 -14.43 39.58
N LEU D 222 -1.03 -14.13 38.50
CA LEU D 222 -1.13 -14.95 37.29
C LEU D 222 -0.65 -16.37 37.55
N ILE D 223 0.48 -16.51 38.25
CA ILE D 223 1.00 -17.84 38.56
C ILE D 223 -0.01 -18.62 39.41
N LEU D 224 -0.58 -17.96 40.43
CA LEU D 224 -1.55 -18.66 41.26
C LEU D 224 -2.83 -18.97 40.51
N THR D 225 -3.21 -18.12 39.54
CA THR D 225 -4.39 -18.41 38.72
C THR D 225 -4.16 -19.65 37.87
N PHE D 226 -2.99 -19.77 37.24
CA PHE D 226 -2.69 -21.00 36.51
C PHE D 226 -2.66 -22.20 37.43
N TYR D 227 -2.12 -22.03 38.64
CA TYR D 227 -2.13 -23.13 39.60
C TYR D 227 -3.54 -23.61 39.87
N THR D 228 -4.44 -22.67 40.19
CA THR D 228 -5.79 -23.08 40.58
C THR D 228 -6.56 -23.63 39.38
N ALA D 229 -6.36 -23.06 38.19
CA ALA D 229 -7.05 -23.58 37.01
C ALA D 229 -6.57 -24.98 36.66
N ILE D 230 -5.28 -25.27 36.90
CA ILE D 230 -4.77 -26.62 36.65
C ILE D 230 -5.30 -27.58 37.71
N MET D 231 -5.32 -27.17 38.97
CA MET D 231 -5.47 -28.14 40.05
C MET D 231 -6.91 -28.34 40.50
N VAL D 232 -7.80 -27.37 40.35
CA VAL D 232 -9.17 -27.54 40.84
C VAL D 232 -9.93 -28.63 40.09
N PRO D 233 -10.00 -28.64 38.75
CA PRO D 233 -10.74 -29.71 38.07
C PRO D 233 -10.22 -31.09 38.38
N TYR D 234 -8.90 -31.25 38.55
CA TYR D 234 -8.35 -32.56 38.89
C TYR D 234 -8.88 -33.03 40.22
N ASN D 235 -8.97 -32.13 41.20
CA ASN D 235 -9.55 -32.51 42.49
C ASN D 235 -11.04 -32.78 42.39
N VAL D 236 -11.72 -32.10 41.47
CA VAL D 236 -13.17 -32.30 41.34
C VAL D 236 -13.47 -33.66 40.73
N SER D 237 -12.76 -34.04 39.67
CA SER D 237 -13.13 -35.23 38.90
C SER D 237 -12.62 -36.52 39.55
N PHE D 238 -11.32 -36.58 39.84
CA PHE D 238 -10.71 -37.83 40.28
C PHE D 238 -11.10 -38.21 41.69
N LYS D 239 -11.75 -37.30 42.40
CA LYS D 239 -12.30 -37.56 43.73
C LYS D 239 -11.24 -38.13 44.67
N THR D 240 -10.02 -37.60 44.59
CA THR D 240 -8.96 -38.04 45.48
C THR D 240 -9.32 -37.69 46.92
N LYS D 241 -8.89 -38.56 47.86
CA LYS D 241 -9.17 -38.31 49.26
C LYS D 241 -8.50 -37.01 49.71
N GLN D 242 -9.27 -36.17 50.39
CA GLN D 242 -8.80 -34.83 50.75
C GLN D 242 -7.85 -34.83 51.95
N ASN D 243 -7.86 -35.90 52.75
CA ASN D 243 -7.05 -35.93 53.95
C ASN D 243 -5.57 -35.91 53.59
N ASN D 244 -4.91 -34.78 53.84
CA ASN D 244 -3.48 -34.65 53.59
C ASN D 244 -2.91 -33.52 54.43
N ILE D 245 -1.68 -33.12 54.15
CA ILE D 245 -1.02 -32.08 54.94
C ILE D 245 -0.63 -30.91 54.05
N ALA D 246 0.21 -31.17 53.05
CA ALA D 246 0.75 -30.09 52.21
C ALA D 246 -0.36 -29.40 51.42
N TRP D 247 -1.17 -30.17 50.70
CA TRP D 247 -2.24 -29.60 49.91
C TRP D 247 -3.40 -29.13 50.77
N LEU D 248 -3.42 -29.46 52.06
CA LEU D 248 -4.49 -29.03 52.94
C LEU D 248 -4.37 -27.55 53.34
N VAL D 249 -3.16 -27.04 53.45
CA VAL D 249 -2.95 -25.66 53.88
C VAL D 249 -2.56 -24.74 52.74
N LEU D 250 -2.00 -25.27 51.64
CA LEU D 250 -1.58 -24.43 50.53
C LEU D 250 -2.77 -23.71 49.90
N ASP D 251 -3.90 -24.41 49.77
CA ASP D 251 -5.08 -23.80 49.17
C ASP D 251 -5.58 -22.62 49.99
N SER D 252 -5.55 -22.73 51.33
CA SER D 252 -5.95 -21.61 52.17
C SER D 252 -5.02 -20.42 51.98
N VAL D 253 -3.72 -20.68 51.86
CA VAL D 253 -2.77 -19.60 51.59
C VAL D 253 -3.08 -18.92 50.28
N VAL D 254 -3.38 -19.71 49.24
CA VAL D 254 -3.72 -19.14 47.95
C VAL D 254 -4.98 -18.28 48.06
N ASP D 255 -5.99 -18.78 48.76
CA ASP D 255 -7.22 -18.02 48.91
C ASP D 255 -6.96 -16.71 49.66
N VAL D 256 -6.14 -16.74 50.70
CA VAL D 256 -5.90 -15.50 51.43
C VAL D 256 -5.07 -14.54 50.59
N ILE D 257 -4.20 -15.05 49.70
CA ILE D 257 -3.51 -14.18 48.77
C ILE D 257 -4.50 -13.49 47.84
N PHE D 258 -5.50 -14.21 47.34
CA PHE D 258 -6.51 -13.54 46.53
C PHE D 258 -7.33 -12.54 47.33
N LEU D 259 -7.63 -12.83 48.61
CA LEU D 259 -8.31 -11.85 49.43
C LEU D 259 -7.48 -10.58 49.62
N VAL D 260 -6.18 -10.75 49.87
CA VAL D 260 -5.29 -9.60 49.97
C VAL D 260 -5.26 -8.82 48.67
N ASP D 261 -5.31 -9.53 47.54
CA ASP D 261 -5.35 -8.85 46.25
C ASP D 261 -6.64 -8.04 46.10
N ILE D 262 -7.76 -8.60 46.51
CA ILE D 262 -9.03 -7.86 46.45
C ILE D 262 -8.95 -6.60 47.30
N VAL D 263 -8.40 -6.71 48.51
CA VAL D 263 -8.26 -5.54 49.37
C VAL D 263 -7.34 -4.52 48.73
N LEU D 264 -6.18 -4.96 48.24
CA LEU D 264 -5.18 -4.06 47.68
C LEU D 264 -5.64 -3.43 46.38
N ASN D 265 -6.64 -3.98 45.72
CA ASN D 265 -7.14 -3.38 44.49
C ASN D 265 -7.80 -2.03 44.72
N PHE D 266 -8.06 -1.67 45.97
CA PHE D 266 -8.59 -0.35 46.30
C PHE D 266 -7.50 0.65 46.62
N HIS D 267 -6.23 0.28 46.47
CA HIS D 267 -5.10 1.18 46.72
C HIS D 267 -4.26 1.37 45.48
N THR D 268 -4.81 1.11 44.30
CA THR D 268 -4.09 1.21 43.05
C THR D 268 -4.71 2.27 42.16
N THR D 269 -3.86 2.91 41.34
CA THR D 269 -4.31 4.00 40.49
C THR D 269 -5.15 3.46 39.34
N PHE D 270 -6.21 4.21 39.01
CA PHE D 270 -7.12 3.85 37.93
C PHE D 270 -6.71 4.61 36.67
N VAL D 271 -6.67 3.90 35.54
CA VAL D 271 -6.20 4.51 34.30
C VAL D 271 -7.27 5.47 33.76
N GLY D 272 -6.82 6.64 33.31
CA GLY D 272 -7.71 7.68 32.84
C GLY D 272 -8.20 7.46 31.42
N PRO D 273 -9.30 8.13 31.05
CA PRO D 273 -9.83 7.98 29.69
C PRO D 273 -9.03 8.76 28.67
N GLY D 274 -7.85 8.27 28.32
CA GLY D 274 -7.01 8.87 27.31
C GLY D 274 -5.95 9.81 27.86
N GLY D 275 -6.10 10.29 29.09
CA GLY D 275 -5.10 11.15 29.68
C GLY D 275 -4.01 10.38 30.39
N GLU D 276 -3.68 10.79 31.60
CA GLU D 276 -2.72 10.09 32.45
C GLU D 276 -3.45 9.63 33.71
N VAL D 277 -2.67 9.12 34.67
CA VAL D 277 -3.22 8.43 35.83
C VAL D 277 -4.27 9.28 36.54
N ILE D 278 -5.35 8.63 36.96
CA ILE D 278 -6.34 9.22 37.85
C ILE D 278 -6.20 8.55 39.21
N SER D 279 -5.75 9.32 40.20
CA SER D 279 -5.50 8.74 41.52
C SER D 279 -6.38 9.39 42.57
N ASP D 280 -7.66 9.57 42.24
CA ASP D 280 -8.64 10.08 43.18
C ASP D 280 -8.97 8.99 44.19
N PRO D 281 -8.86 9.24 45.50
CA PRO D 281 -9.15 8.18 46.48
C PRO D 281 -10.58 7.71 46.45
N LYS D 282 -11.49 8.47 45.85
CA LYS D 282 -12.89 8.08 45.79
C LYS D 282 -13.27 7.44 44.46
N LEU D 283 -12.77 7.99 43.34
CA LEU D 283 -13.16 7.49 42.02
C LEU D 283 -12.73 6.04 41.81
N ILE D 284 -11.55 5.69 42.29
CA ILE D 284 -11.04 4.33 42.11
C ILE D 284 -11.98 3.31 42.75
N ARG D 285 -12.48 3.63 43.94
CA ARG D 285 -13.31 2.69 44.68
C ARG D 285 -14.58 2.37 43.90
N MET D 286 -15.32 3.40 43.48
CA MET D 286 -16.56 3.12 42.76
C MET D 286 -16.27 2.49 41.41
N ASN D 287 -15.18 2.91 40.74
CA ASN D 287 -14.85 2.28 39.47
C ASN D 287 -14.69 0.77 39.62
N TYR D 288 -13.85 0.35 40.56
CA TYR D 288 -13.62 -1.07 40.77
C TYR D 288 -14.90 -1.79 41.18
N LEU D 289 -15.65 -1.19 42.10
CA LEU D 289 -16.87 -1.83 42.59
C LEU D 289 -17.87 -2.04 41.48
N LYS D 290 -18.01 -1.06 40.59
CA LYS D 290 -18.93 -1.21 39.46
C LYS D 290 -18.43 -2.23 38.46
N THR D 291 -17.12 -2.24 38.17
CA THR D 291 -16.69 -3.00 37.01
C THR D 291 -16.40 -4.46 37.35
N TRP D 292 -15.63 -4.74 38.42
CA TRP D 292 -15.16 -6.12 38.58
C TRP D 292 -15.10 -6.57 40.03
N PHE D 293 -16.01 -6.10 40.88
CA PHE D 293 -15.96 -6.56 42.27
C PHE D 293 -16.83 -7.80 42.50
N VAL D 294 -17.95 -7.92 41.82
CA VAL D 294 -18.88 -9.03 42.08
C VAL D 294 -18.26 -10.37 41.75
N ILE D 295 -17.57 -10.45 40.61
CA ILE D 295 -16.97 -11.71 40.19
C ILE D 295 -15.91 -12.16 41.19
N ASP D 296 -15.05 -11.24 41.61
CA ASP D 296 -14.00 -11.60 42.56
C ASP D 296 -14.58 -11.91 43.93
N LEU D 297 -15.72 -11.29 44.28
CA LEU D 297 -16.39 -11.64 45.52
C LEU D 297 -16.91 -13.06 45.48
N LEU D 298 -17.56 -13.45 44.37
CA LEU D 298 -18.05 -14.81 44.24
C LEU D 298 -16.92 -15.82 44.22
N SER D 299 -15.83 -15.50 43.54
CA SER D 299 -14.74 -16.46 43.34
C SER D 299 -14.07 -16.82 44.65
N CYS D 300 -13.83 -15.84 45.51
CA CYS D 300 -12.97 -16.01 46.68
C CYS D 300 -13.77 -16.23 47.97
N LEU D 301 -14.92 -16.89 47.89
CA LEU D 301 -15.70 -17.18 49.08
C LEU D 301 -15.12 -18.39 49.83
N PHE D 320 -18.43 -28.69 49.47
CA PHE D 320 -19.37 -29.17 48.46
C PHE D 320 -18.79 -28.97 47.06
N SER D 321 -19.32 -29.74 46.10
CA SER D 321 -18.76 -29.71 44.74
C SER D 321 -18.90 -28.32 44.12
N SER D 322 -20.08 -27.73 44.21
CA SER D 322 -20.31 -26.43 43.57
C SER D 322 -19.39 -25.36 44.14
N LEU D 323 -19.22 -25.37 45.47
CA LEU D 323 -18.38 -24.36 46.10
C LEU D 323 -16.95 -24.42 45.59
N LYS D 324 -16.40 -25.62 45.44
CA LYS D 324 -15.02 -25.74 44.99
C LYS D 324 -14.88 -25.67 43.47
N VAL D 325 -15.97 -25.78 42.71
CA VAL D 325 -15.84 -25.71 41.26
C VAL D 325 -16.13 -24.31 40.74
N VAL D 326 -16.89 -23.49 41.49
CA VAL D 326 -17.14 -22.13 41.03
C VAL D 326 -15.88 -21.28 41.12
N ARG D 327 -14.83 -21.81 41.74
CA ARG D 327 -13.58 -21.07 41.95
C ARG D 327 -12.87 -20.75 40.64
N LEU D 328 -13.29 -21.39 39.55
CA LEU D 328 -12.67 -21.16 38.25
C LEU D 328 -12.84 -19.74 37.74
N LEU D 329 -13.77 -18.96 38.30
CA LEU D 329 -13.98 -17.59 37.84
C LEU D 329 -12.82 -16.67 38.17
N ARG D 330 -11.77 -17.18 38.81
CA ARG D 330 -10.57 -16.37 39.06
C ARG D 330 -9.87 -15.99 37.76
N LEU D 331 -10.21 -16.61 36.64
CA LEU D 331 -9.59 -16.30 35.36
C LEU D 331 -9.91 -14.89 34.88
N GLY D 332 -10.86 -14.20 35.51
CA GLY D 332 -11.10 -12.81 35.18
C GLY D 332 -9.90 -11.93 35.42
N ARG D 333 -9.05 -12.30 36.40
CA ARG D 333 -7.83 -11.54 36.63
C ARG D 333 -6.90 -11.60 35.44
N VAL D 334 -6.75 -12.79 34.85
CA VAL D 334 -5.92 -12.91 33.65
C VAL D 334 -6.58 -12.22 32.47
N ALA D 335 -7.90 -12.40 32.32
CA ALA D 335 -8.59 -11.85 31.15
C ALA D 335 -8.56 -10.32 31.16
N ARG D 336 -8.77 -9.71 32.33
CA ARG D 336 -8.92 -8.26 32.40
C ARG D 336 -7.62 -7.54 32.06
N LYS D 337 -6.51 -7.97 32.65
CA LYS D 337 -5.24 -7.27 32.55
C LYS D 337 -4.29 -7.94 31.55
N LEU D 338 -4.86 -8.50 30.48
CA LEU D 338 -4.04 -9.22 29.51
C LEU D 338 -3.18 -8.29 28.67
N ASP D 339 -3.53 -7.01 28.57
CA ASP D 339 -2.82 -6.10 27.69
C ASP D 339 -1.42 -5.74 28.19
N HIS D 340 -1.19 -5.79 29.50
CA HIS D 340 0.08 -5.33 30.05
C HIS D 340 1.24 -6.21 29.57
N TYR D 341 1.03 -7.52 29.51
CA TYR D 341 2.10 -8.48 29.32
C TYR D 341 1.91 -9.37 28.09
N LEU D 342 1.07 -8.95 27.13
CA LEU D 342 0.92 -9.73 25.92
C LEU D 342 2.20 -9.71 25.09
N GLU D 343 2.89 -8.57 25.06
CA GLU D 343 4.10 -8.43 24.26
C GLU D 343 5.28 -7.92 25.09
N TYR D 344 5.53 -8.56 26.23
CA TYR D 344 6.82 -8.35 26.89
C TYR D 344 7.95 -8.94 26.05
N GLY D 345 7.62 -9.76 25.06
CA GLY D 345 8.58 -10.41 24.19
C GLY D 345 7.88 -11.41 23.30
N ALA D 346 8.43 -12.62 23.20
CA ALA D 346 7.75 -13.71 22.51
C ALA D 346 6.87 -14.44 23.51
N ALA D 347 5.74 -13.82 23.83
CA ALA D 347 4.83 -14.33 24.85
C ALA D 347 3.55 -14.95 24.29
N VAL D 348 3.05 -14.48 23.16
CA VAL D 348 1.86 -15.10 22.56
C VAL D 348 2.14 -16.55 22.20
N LEU D 349 3.35 -16.84 21.73
CA LEU D 349 3.77 -18.21 21.43
C LEU D 349 3.72 -19.12 22.64
N VAL D 350 3.76 -18.58 23.86
CA VAL D 350 3.66 -19.39 25.06
C VAL D 350 2.22 -19.37 25.54
N LEU D 351 1.51 -18.26 25.32
CA LEU D 351 0.12 -18.18 25.74
C LEU D 351 -0.73 -19.20 25.00
N LEU D 352 -0.47 -19.39 23.70
CA LEU D 352 -1.27 -20.33 22.93
C LEU D 352 -1.06 -21.76 23.41
N VAL D 353 0.19 -22.16 23.65
CA VAL D 353 0.41 -23.51 24.14
C VAL D 353 -0.12 -23.66 25.56
N CYS D 354 -0.14 -22.59 26.35
CA CYS D 354 -0.70 -22.66 27.69
C CYS D 354 -2.21 -22.91 27.64
N VAL D 355 -2.92 -22.15 26.82
CA VAL D 355 -4.36 -22.39 26.73
C VAL D 355 -4.63 -23.76 26.13
N PHE D 356 -3.76 -24.23 25.23
CA PHE D 356 -3.89 -25.58 24.71
C PHE D 356 -3.80 -26.60 25.83
N GLY D 357 -2.79 -26.48 26.68
CA GLY D 357 -2.65 -27.39 27.80
C GLY D 357 -3.84 -27.35 28.74
N LEU D 358 -4.33 -26.16 29.05
CA LEU D 358 -5.47 -26.05 29.97
C LEU D 358 -6.74 -26.66 29.40
N VAL D 359 -7.03 -26.41 28.12
CA VAL D 359 -8.24 -27.00 27.56
C VAL D 359 -8.10 -28.51 27.46
N ALA D 360 -6.88 -28.99 27.17
CA ALA D 360 -6.65 -30.43 27.17
C ALA D 360 -6.92 -31.03 28.54
N HIS D 361 -6.44 -30.35 29.59
CA HIS D 361 -6.64 -30.87 30.94
C HIS D 361 -8.12 -30.90 31.32
N TRP D 362 -8.85 -29.83 30.99
CA TRP D 362 -10.27 -29.80 31.32
C TRP D 362 -11.02 -30.91 30.60
N LEU D 363 -10.77 -31.08 29.30
CA LEU D 363 -11.45 -32.14 28.57
C LEU D 363 -11.06 -33.52 29.09
N ALA D 364 -9.80 -33.70 29.50
CA ALA D 364 -9.41 -34.99 30.06
C ALA D 364 -10.15 -35.26 31.36
N CYS D 365 -10.32 -34.24 32.19
CA CYS D 365 -11.07 -34.44 33.44
C CYS D 365 -12.52 -34.82 33.15
N ILE D 366 -13.16 -34.14 32.20
CA ILE D 366 -14.53 -34.49 31.87
C ILE D 366 -14.60 -35.92 31.32
N TRP D 367 -13.64 -36.29 30.48
CA TRP D 367 -13.63 -37.64 29.91
C TRP D 367 -13.50 -38.70 30.98
N TYR D 368 -12.62 -38.47 31.96
CA TYR D 368 -12.49 -39.45 33.03
C TYR D 368 -13.77 -39.52 33.86
N SER D 369 -14.43 -38.38 34.06
CA SER D 369 -15.69 -38.41 34.80
C SER D 369 -16.73 -39.26 34.07
N ILE D 370 -16.84 -39.09 32.75
CA ILE D 370 -17.79 -39.88 31.98
C ILE D 370 -17.42 -41.36 32.04
N GLY D 371 -16.15 -41.68 31.89
CA GLY D 371 -15.72 -43.06 31.96
C GLY D 371 -16.03 -43.70 33.31
N ASP D 372 -15.81 -42.95 34.39
CA ASP D 372 -16.08 -43.49 35.72
C ASP D 372 -17.57 -43.63 35.97
N TYR D 373 -18.38 -42.76 35.37
CA TYR D 373 -19.83 -42.91 35.54
C TYR D 373 -20.35 -44.12 34.78
N GLU D 374 -19.79 -44.41 33.61
CA GLU D 374 -20.27 -45.51 32.78
C GLU D 374 -20.09 -46.87 33.46
N VAL D 375 -18.87 -47.15 33.91
CA VAL D 375 -18.60 -48.29 34.78
C VAL D 375 -19.20 -47.90 36.12
N ILE D 376 -19.33 -48.88 37.05
CA ILE D 376 -20.16 -48.90 38.25
C ILE D 376 -21.48 -49.53 37.83
N ASP D 377 -21.65 -49.66 36.51
CA ASP D 377 -22.61 -50.57 35.89
C ASP D 377 -24.03 -50.03 35.92
N GLU D 378 -24.20 -48.74 36.18
CA GLU D 378 -25.49 -48.06 36.09
C GLU D 378 -26.56 -48.79 36.89
N VAL D 379 -26.20 -49.05 38.16
CA VAL D 379 -26.89 -49.68 39.29
C VAL D 379 -26.56 -51.17 39.17
N THR D 380 -27.07 -51.98 40.10
CA THR D 380 -26.80 -53.41 40.16
C THR D 380 -25.27 -53.55 40.21
N ASN D 381 -24.70 -54.64 39.70
CA ASN D 381 -23.25 -54.77 39.61
C ASN D 381 -22.93 -55.78 38.51
N THR D 382 -22.61 -55.26 37.33
CA THR D 382 -22.18 -56.08 36.20
C THR D 382 -21.38 -55.21 35.25
N ILE D 383 -20.08 -55.45 35.21
CA ILE D 383 -19.12 -54.58 34.53
C ILE D 383 -19.55 -54.40 33.08
N GLN D 384 -19.58 -53.15 32.64
CA GLN D 384 -19.89 -52.86 31.25
C GLN D 384 -18.67 -53.21 30.39
N ILE D 385 -18.88 -54.08 29.41
CA ILE D 385 -17.79 -54.56 28.56
C ILE D 385 -17.56 -53.56 27.43
N ASP D 386 -18.17 -52.38 27.56
CA ASP D 386 -18.11 -51.35 26.53
C ASP D 386 -17.24 -50.18 26.91
N SER D 387 -17.42 -49.61 28.10
CA SER D 387 -16.79 -48.34 28.44
C SER D 387 -15.27 -48.46 28.46
N TRP D 388 -14.61 -47.37 28.06
CA TRP D 388 -13.18 -47.45 27.79
C TRP D 388 -12.35 -47.78 29.02
N LEU D 389 -12.90 -47.63 30.23
CA LEU D 389 -12.16 -48.03 31.42
C LEU D 389 -11.91 -49.53 31.43
N TYR D 390 -12.92 -50.32 31.05
CA TYR D 390 -12.73 -51.76 30.98
C TYR D 390 -11.67 -52.13 29.95
N GLN D 391 -11.69 -51.47 28.79
CA GLN D 391 -10.71 -51.76 27.76
C GLN D 391 -9.31 -51.36 28.18
N LEU D 392 -9.17 -50.21 28.85
CA LEU D 392 -7.87 -49.82 29.36
C LEU D 392 -7.36 -50.82 30.39
N ALA D 393 -8.23 -51.25 31.30
CA ALA D 393 -7.81 -52.22 32.31
C ALA D 393 -7.43 -53.54 31.67
N LEU D 394 -8.09 -53.91 30.58
CA LEU D 394 -7.75 -55.16 29.90
C LEU D 394 -6.44 -55.03 29.14
N SER D 395 -6.18 -53.87 28.54
CA SER D 395 -4.98 -53.72 27.74
C SER D 395 -3.74 -53.57 28.60
N ILE D 396 -3.81 -52.80 29.68
CA ILE D 396 -2.66 -52.65 30.58
C ILE D 396 -2.29 -54.00 31.19
N GLY D 397 -3.30 -54.74 31.65
CA GLY D 397 -3.05 -56.03 32.25
C GLY D 397 -3.74 -56.20 33.58
N THR D 398 -3.96 -55.09 34.29
CA THR D 398 -4.59 -55.17 35.60
C THR D 398 -6.11 -55.24 35.45
N PRO D 399 -6.74 -56.31 35.87
CA PRO D 399 -8.19 -56.46 35.68
C PRO D 399 -8.99 -55.95 36.88
N TYR D 400 -10.31 -55.97 36.71
CA TYR D 400 -11.23 -55.58 37.77
C TYR D 400 -11.63 -56.80 38.59
N ARG D 401 -11.71 -56.61 39.91
CA ARG D 401 -12.02 -57.69 40.84
C ARG D 401 -13.19 -57.30 41.72
N TYR D 402 -13.94 -58.31 42.15
CA TYR D 402 -15.11 -58.13 42.99
C TYR D 402 -14.85 -58.76 44.35
N ASN D 403 -15.06 -57.99 45.41
CA ASN D 403 -14.78 -58.45 46.77
C ASN D 403 -16.00 -59.15 47.36
N ILE D 408 -17.24 -52.71 46.80
CA ILE D 408 -17.19 -54.13 46.48
C ILE D 408 -16.51 -54.35 45.13
N TRP D 409 -16.61 -53.37 44.24
CA TRP D 409 -15.87 -53.36 42.99
C TRP D 409 -14.60 -52.55 43.22
N GLU D 410 -13.51 -53.25 43.56
CA GLU D 410 -12.25 -52.59 43.87
C GLU D 410 -11.14 -53.21 43.04
N GLY D 411 -10.08 -52.43 42.85
CA GLY D 411 -8.94 -52.88 42.08
C GLY D 411 -9.04 -52.54 40.61
N GLY D 412 -7.99 -51.92 40.08
CA GLY D 412 -7.95 -51.55 38.69
C GLY D 412 -6.71 -50.73 38.39
N PRO D 413 -6.77 -49.94 37.31
CA PRO D 413 -5.66 -49.05 37.00
C PRO D 413 -5.42 -48.05 38.12
N SER D 414 -4.15 -47.75 38.36
CA SER D 414 -3.79 -46.79 39.39
C SER D 414 -4.21 -45.38 38.97
N LYS D 415 -4.23 -44.47 39.95
CA LYS D 415 -4.72 -43.12 39.68
C LYS D 415 -3.86 -42.40 38.65
N ASP D 416 -2.54 -42.49 38.78
CA ASP D 416 -1.67 -41.82 37.82
C ASP D 416 -1.86 -42.36 36.42
N SER D 417 -1.99 -43.68 36.27
CA SER D 417 -2.22 -44.25 34.96
C SER D 417 -3.55 -43.78 34.38
N LEU D 418 -4.58 -43.70 35.21
CA LEU D 418 -5.87 -43.21 34.72
C LEU D 418 -5.76 -41.78 34.23
N TYR D 419 -5.12 -40.91 35.01
CA TYR D 419 -5.02 -39.53 34.58
C TYR D 419 -4.21 -39.40 33.29
N VAL D 420 -3.08 -40.10 33.22
CA VAL D 420 -2.24 -39.95 32.03
C VAL D 420 -2.94 -40.52 30.81
N SER D 421 -3.71 -41.59 30.97
CA SER D 421 -4.47 -42.11 29.82
C SER D 421 -5.52 -41.11 29.36
N SER D 422 -6.24 -40.48 30.30
CA SER D 422 -7.23 -39.51 29.90
C SER D 422 -6.59 -38.33 29.17
N LEU D 423 -5.45 -37.85 29.69
CA LEU D 423 -4.77 -36.75 29.02
C LEU D 423 -4.27 -37.15 27.64
N TYR D 424 -3.76 -38.38 27.52
CA TYR D 424 -3.31 -38.86 26.22
C TYR D 424 -4.45 -38.90 25.22
N PHE D 425 -5.62 -39.36 25.66
CA PHE D 425 -6.76 -39.42 24.74
C PHE D 425 -7.18 -38.03 24.31
N THR D 426 -7.29 -37.10 25.26
CA THR D 426 -7.68 -35.75 24.89
C THR D 426 -6.64 -35.09 23.98
N MET D 427 -5.36 -35.38 24.19
CA MET D 427 -4.34 -34.85 23.30
C MET D 427 -4.47 -35.42 21.90
N THR D 428 -4.77 -36.73 21.78
CA THR D 428 -4.98 -37.30 20.46
C THR D 428 -6.14 -36.61 19.75
N SER D 429 -7.21 -36.32 20.49
CA SER D 429 -8.37 -35.72 19.84
C SER D 429 -8.11 -34.26 19.46
N LEU D 430 -7.46 -33.49 20.33
CA LEU D 430 -7.30 -32.06 20.08
C LEU D 430 -6.27 -31.74 19.00
N THR D 431 -5.23 -32.57 18.87
CA THR D 431 -4.22 -32.35 17.84
C THR D 431 -4.63 -32.97 16.51
N THR D 432 -5.82 -33.56 16.44
CA THR D 432 -6.35 -34.14 15.22
C THR D 432 -5.42 -35.21 14.66
N ILE D 433 -4.80 -35.97 15.56
CA ILE D 433 -3.95 -37.07 15.13
C ILE D 433 -4.75 -38.36 15.14
N GLY D 434 -5.17 -38.80 16.32
CA GLY D 434 -6.02 -39.96 16.40
C GLY D 434 -5.24 -41.23 16.32
N PHE D 435 -5.38 -42.12 17.30
CA PHE D 435 -4.69 -43.40 17.27
C PHE D 435 -5.65 -44.57 17.28
N GLY D 436 -6.57 -44.63 18.24
CA GLY D 436 -7.64 -45.59 18.22
C GLY D 436 -7.53 -46.72 19.22
N ASN D 437 -6.40 -46.84 19.93
CA ASN D 437 -6.34 -47.85 20.98
C ASN D 437 -7.22 -47.48 22.16
N ILE D 438 -7.41 -46.18 22.40
CA ILE D 438 -8.41 -45.67 23.34
C ILE D 438 -9.39 -44.85 22.51
N ALA D 439 -10.62 -45.32 22.41
CA ALA D 439 -11.60 -44.69 21.54
C ALA D 439 -12.99 -44.85 22.14
N PRO D 440 -13.91 -43.93 21.83
CA PRO D 440 -15.27 -44.05 22.35
C PRO D 440 -15.93 -45.33 21.89
N THR D 441 -16.64 -45.97 22.78
CA THR D 441 -17.34 -47.20 22.44
C THR D 441 -18.82 -47.16 22.80
N THR D 442 -19.17 -46.58 23.94
CA THR D 442 -20.54 -46.56 24.42
C THR D 442 -21.37 -45.50 23.70
N ASP D 443 -22.55 -45.23 24.26
CA ASP D 443 -23.41 -44.20 23.67
C ASP D 443 -23.05 -42.81 24.13
N VAL D 444 -23.02 -42.57 25.45
CA VAL D 444 -22.77 -41.23 25.97
C VAL D 444 -21.42 -40.71 25.49
N GLU D 445 -20.40 -41.56 25.48
CA GLU D 445 -19.08 -41.19 25.02
C GLU D 445 -19.11 -40.67 23.58
N LYS D 446 -19.96 -41.23 22.72
CA LYS D 446 -20.09 -40.74 21.36
C LYS D 446 -20.80 -39.40 21.26
N MET D 447 -21.78 -39.12 22.14
CA MET D 447 -22.34 -37.79 22.18
C MET D 447 -21.32 -36.76 22.66
N PHE D 448 -20.45 -37.15 23.59
CA PHE D 448 -19.43 -36.21 24.02
C PHE D 448 -18.38 -36.00 22.95
N SER D 449 -18.01 -37.05 22.22
CA SER D 449 -16.87 -37.00 21.34
C SER D 449 -17.11 -36.08 20.14
N VAL D 450 -18.36 -35.98 19.68
CA VAL D 450 -18.65 -35.11 18.54
C VAL D 450 -18.52 -33.63 18.93
N ALA D 451 -19.02 -33.26 20.11
CA ALA D 451 -18.84 -31.89 20.58
C ALA D 451 -17.35 -31.61 20.80
N MET D 452 -16.64 -32.57 21.36
CA MET D 452 -15.20 -32.41 21.55
C MET D 452 -14.47 -32.26 20.22
N MET D 453 -14.91 -32.97 19.19
CA MET D 453 -14.31 -32.81 17.86
C MET D 453 -14.54 -31.42 17.30
N MET D 454 -15.77 -30.90 17.42
CA MET D 454 -16.02 -29.56 16.87
C MET D 454 -15.23 -28.49 17.62
N VAL D 455 -15.19 -28.58 18.96
CA VAL D 455 -14.42 -27.63 19.73
C VAL D 455 -12.94 -27.72 19.38
N GLY D 456 -12.44 -28.95 19.19
CA GLY D 456 -11.06 -29.12 18.80
C GLY D 456 -10.76 -28.54 17.43
N SER D 457 -11.71 -28.67 16.50
CA SER D 457 -11.54 -28.05 15.20
C SER D 457 -11.40 -26.54 15.32
N LEU D 458 -12.30 -25.92 16.07
CA LEU D 458 -12.23 -24.46 16.24
C LEU D 458 -10.91 -24.05 16.89
N LEU D 459 -10.49 -24.78 17.92
CA LEU D 459 -9.28 -24.39 18.65
C LEU D 459 -8.03 -24.61 17.81
N TYR D 460 -7.99 -25.70 17.05
CA TYR D 460 -6.84 -25.94 16.17
C TYR D 460 -6.79 -24.92 15.05
N ALA D 461 -7.94 -24.41 14.63
CA ALA D 461 -7.94 -23.24 13.76
C ALA D 461 -7.32 -22.04 14.48
N THR D 462 -7.67 -21.87 15.76
CA THR D 462 -7.20 -20.70 16.52
C THR D 462 -5.69 -20.72 16.75
N ILE D 463 -5.07 -21.90 16.75
CA ILE D 463 -3.65 -22.03 17.10
C ILE D 463 -2.70 -21.17 16.27
N PHE D 464 -3.13 -20.64 15.13
CA PHE D 464 -2.20 -20.11 14.13
C PHE D 464 -1.55 -18.76 14.50
N GLY D 465 -1.77 -18.26 15.72
CA GLY D 465 -0.92 -17.18 16.19
C GLY D 465 0.55 -17.50 16.14
N ASN D 466 0.90 -18.79 16.13
CA ASN D 466 2.28 -19.23 15.93
C ASN D 466 2.70 -19.17 14.46
N VAL D 467 1.79 -19.51 13.53
CA VAL D 467 2.16 -19.38 12.14
C VAL D 467 2.27 -17.90 11.79
N THR D 468 1.92 -16.99 12.70
CA THR D 468 2.45 -15.63 12.50
C THR D 468 3.97 -15.53 12.55
N THR D 469 4.64 -16.02 13.58
CA THR D 469 6.09 -15.97 13.59
C THR D 469 6.68 -16.82 12.47
N ILE D 470 6.10 -18.00 12.26
CA ILE D 470 6.40 -18.76 11.06
C ILE D 470 6.12 -17.95 9.80
N PHE D 471 5.17 -17.02 9.83
CA PHE D 471 4.85 -16.21 8.67
C PHE D 471 5.89 -15.12 8.45
N GLN D 472 6.44 -14.60 9.54
CA GLN D 472 7.60 -13.71 9.41
C GLN D 472 8.76 -14.43 8.73
N GLN D 473 9.06 -15.65 9.16
CA GLN D 473 10.12 -16.43 8.52
C GLN D 473 9.83 -16.68 7.04
N MET D 474 8.65 -17.21 6.75
CA MET D 474 8.29 -17.56 5.38
C MET D 474 8.12 -16.31 4.51
N TYR D 475 7.82 -15.17 5.14
CA TYR D 475 7.76 -13.90 4.43
C TYR D 475 9.16 -13.41 4.07
N ALA D 476 10.12 -13.66 4.95
CA ALA D 476 11.51 -13.41 4.57
C ALA D 476 11.90 -14.27 3.37
N ASN D 477 11.47 -15.54 3.37
CA ASN D 477 11.69 -16.39 2.21
C ASN D 477 11.11 -15.76 0.94
N THR D 478 9.85 -15.33 1.00
CA THR D 478 9.22 -14.73 -0.17
C THR D 478 9.92 -13.46 -0.61
N ASN D 479 10.39 -12.65 0.33
CA ASN D 479 11.09 -11.42 -0.03
C ASN D 479 12.41 -11.72 -0.73
N ARG D 480 13.15 -12.73 -0.27
CA ARG D 480 14.36 -13.12 -0.98
C ARG D 480 14.05 -13.63 -2.38
N TYR D 481 13.02 -14.46 -2.52
CA TYR D 481 12.65 -14.94 -3.85
C TYR D 481 12.20 -13.79 -4.73
N HIS D 482 11.53 -12.80 -4.14
CA HIS D 482 11.10 -11.60 -4.85
C HIS D 482 12.28 -10.80 -5.38
N GLU D 483 13.31 -10.63 -4.55
CA GLU D 483 14.47 -9.88 -5.01
C GLU D 483 15.19 -10.64 -6.11
N MET D 484 15.21 -11.98 -6.02
CA MET D 484 15.79 -12.78 -7.10
C MET D 484 15.03 -12.55 -8.41
N LEU D 485 13.70 -12.61 -8.34
CA LEU D 485 12.90 -12.36 -9.54
C LEU D 485 13.14 -10.95 -10.07
N ASN D 486 13.22 -9.98 -9.18
CA ASN D 486 13.46 -8.59 -9.55
C ASN D 486 14.74 -8.50 -10.37
N ASN D 487 15.83 -9.06 -9.83
CA ASN D 487 17.11 -9.03 -10.52
C ASN D 487 17.03 -9.67 -11.89
N VAL D 488 16.49 -10.89 -11.96
CA VAL D 488 16.49 -11.63 -13.22
C VAL D 488 15.66 -10.90 -14.27
N ARG D 489 14.46 -10.48 -13.88
CA ARG D 489 13.55 -9.85 -14.84
C ARG D 489 14.09 -8.50 -15.29
N ASP D 490 14.73 -7.75 -14.38
CA ASP D 490 15.36 -6.50 -14.78
C ASP D 490 16.41 -6.77 -15.84
N PHE D 491 17.31 -7.73 -15.55
CA PHE D 491 18.39 -8.04 -16.47
C PHE D 491 17.87 -8.42 -17.84
N LEU D 492 16.83 -9.26 -17.89
CA LEU D 492 16.30 -9.70 -19.18
C LEU D 492 15.60 -8.55 -19.91
N LYS D 493 14.75 -7.78 -19.21
CA LYS D 493 14.00 -6.73 -19.89
C LYS D 493 14.92 -5.63 -20.36
N LEU D 494 16.12 -5.53 -19.79
CA LEU D 494 17.11 -4.55 -20.24
C LEU D 494 17.48 -4.73 -21.72
N TYR D 495 17.01 -5.82 -22.35
CA TYR D 495 17.33 -6.11 -23.74
C TYR D 495 18.83 -6.40 -23.80
N GLN D 496 19.41 -6.67 -22.61
CA GLN D 496 20.83 -6.88 -22.39
C GLN D 496 21.63 -5.60 -22.63
N VAL D 497 22.54 -5.32 -21.72
CA VAL D 497 23.45 -4.17 -21.78
C VAL D 497 24.79 -4.68 -21.29
N PRO D 498 25.89 -3.94 -21.43
CA PRO D 498 27.18 -4.42 -20.90
C PRO D 498 27.07 -4.81 -19.44
N LYS D 499 27.61 -5.99 -19.12
CA LYS D 499 27.43 -6.61 -17.81
C LYS D 499 28.02 -5.79 -16.68
N GLY D 500 28.95 -4.89 -16.96
CA GLY D 500 29.47 -4.02 -15.91
C GLY D 500 28.37 -3.18 -15.29
N LEU D 501 27.44 -2.70 -16.11
CA LEU D 501 26.33 -1.90 -15.60
C LEU D 501 25.46 -2.72 -14.65
N SER D 502 25.14 -3.97 -15.02
CA SER D 502 24.35 -4.82 -14.15
C SER D 502 25.10 -5.13 -12.87
N GLU D 503 26.42 -5.32 -12.97
CA GLU D 503 27.23 -5.54 -11.77
C GLU D 503 27.18 -4.34 -10.84
N ARG D 504 27.29 -3.13 -11.40
CA ARG D 504 27.17 -1.92 -10.58
C ARG D 504 25.80 -1.84 -9.92
N VAL D 505 24.75 -2.14 -10.67
CA VAL D 505 23.39 -2.09 -10.12
C VAL D 505 23.25 -3.06 -8.97
N MET D 506 23.73 -4.30 -9.16
CA MET D 506 23.60 -5.32 -8.13
C MET D 506 24.37 -4.92 -6.88
N ASP D 507 25.60 -4.42 -7.06
CA ASP D 507 26.39 -3.97 -5.90
C ASP D 507 25.70 -2.83 -5.18
N TYR D 508 25.15 -1.87 -5.93
CA TYR D 508 24.50 -0.73 -5.29
C TYR D 508 23.27 -1.16 -4.52
N ILE D 509 22.48 -2.09 -5.08
CA ILE D 509 21.28 -2.54 -4.39
C ILE D 509 21.63 -3.26 -3.09
N VAL D 510 22.62 -4.16 -3.16
CA VAL D 510 22.98 -4.87 -1.93
C VAL D 510 23.63 -3.93 -0.91
N SER D 511 24.39 -2.93 -1.38
CA SER D 511 24.96 -1.95 -0.46
C SER D 511 23.86 -1.15 0.23
N THR D 512 22.92 -0.61 -0.55
CA THR D 512 21.82 0.15 0.06
C THR D 512 20.98 -0.72 0.97
N TRP D 513 20.93 -2.03 0.70
CA TRP D 513 20.37 -2.96 1.67
C TRP D 513 21.16 -2.91 2.97
N SER D 514 22.49 -3.06 2.89
CA SER D 514 23.26 -3.27 4.11
C SER D 514 23.80 -1.99 4.74
N MET D 515 22.98 -0.95 4.82
CA MET D 515 23.05 0.06 5.89
C MET D 515 21.64 0.55 6.23
N SER D 516 20.64 0.03 5.54
CA SER D 516 19.25 0.44 5.68
C SER D 516 18.34 -0.78 5.69
N LYS D 517 18.67 -1.75 6.53
CA LYS D 517 17.97 -3.04 6.52
C LYS D 517 16.55 -2.89 7.05
N GLY D 518 15.60 -2.74 6.14
CA GLY D 518 14.19 -2.68 6.50
C GLY D 518 13.67 -1.29 6.78
N ILE D 519 14.07 -0.70 7.91
CA ILE D 519 13.55 0.60 8.31
C ILE D 519 14.27 1.70 7.55
N ASP D 520 13.50 2.62 6.97
CA ASP D 520 14.02 3.74 6.21
C ASP D 520 14.24 4.95 7.11
N THR D 521 14.61 6.06 6.48
CA THR D 521 14.82 7.33 7.17
C THR D 521 13.72 8.34 6.86
N GLU D 522 12.83 8.03 5.91
CA GLU D 522 11.79 8.96 5.48
C GLU D 522 10.47 8.72 6.20
N LYS D 523 9.95 7.49 6.18
CA LYS D 523 8.70 7.22 6.87
C LYS D 523 8.84 7.42 8.36
N VAL D 524 10.03 7.16 8.91
CA VAL D 524 10.27 7.40 10.32
C VAL D 524 10.13 8.87 10.66
N LEU D 525 10.56 9.76 9.76
CA LEU D 525 10.59 11.18 10.03
C LEU D 525 9.30 11.89 9.62
N SER D 526 8.39 11.20 8.94
CA SER D 526 7.10 11.76 8.57
C SER D 526 6.01 11.52 9.61
N ILE D 527 6.30 10.75 10.65
CA ILE D 527 5.36 10.52 11.73
C ILE D 527 5.75 11.32 12.99
N CYS D 528 6.54 12.37 12.82
CA CYS D 528 7.12 13.17 13.87
C CYS D 528 6.51 14.57 13.88
N PRO D 529 6.51 15.26 15.02
CA PRO D 529 6.18 16.69 15.03
C PRO D 529 7.22 17.47 14.26
N LYS D 530 6.88 18.71 13.93
CA LYS D 530 7.84 19.55 13.22
C LYS D 530 9.09 19.75 14.06
N ASP D 531 8.93 20.03 15.36
CA ASP D 531 10.09 20.30 16.20
C ASP D 531 10.87 19.04 16.51
N MET D 532 10.19 17.92 16.74
CA MET D 532 10.94 16.71 17.06
C MET D 532 11.57 16.10 15.81
N ARG D 533 10.93 16.28 14.64
CA ARG D 533 11.59 15.94 13.40
C ARG D 533 12.82 16.81 13.17
N ALA D 534 12.73 18.09 13.51
CA ALA D 534 13.93 18.94 13.46
C ALA D 534 14.99 18.47 14.44
N ASP D 535 14.57 17.97 15.60
CA ASP D 535 15.51 17.40 16.55
C ASP D 535 16.23 16.20 15.95
N ILE D 536 15.47 15.32 15.29
CA ILE D 536 16.07 14.15 14.66
C ILE D 536 17.05 14.57 13.58
N CYS D 537 16.66 15.54 12.75
CA CYS D 537 17.54 15.99 11.68
C CYS D 537 18.78 16.66 12.24
N VAL D 538 18.66 17.37 13.36
CA VAL D 538 19.82 18.05 13.92
C VAL D 538 20.78 17.08 14.60
N HIS D 539 20.29 16.02 15.24
CA HIS D 539 21.27 15.11 15.85
C HIS D 539 21.60 13.92 14.96
N LEU D 540 21.05 13.86 13.74
CA LEU D 540 21.51 12.87 12.79
C LEU D 540 22.90 13.21 12.26
N ASN D 541 23.15 14.51 12.02
CA ASN D 541 24.38 14.87 11.31
C ASN D 541 25.59 14.89 12.23
N ARG D 542 25.65 15.86 13.14
CA ARG D 542 26.57 15.85 14.28
C ARG D 542 28.04 15.67 13.92
N LYS D 543 28.40 15.68 12.63
CA LYS D 543 29.77 15.41 12.21
C LYS D 543 30.41 16.56 11.44
N VAL D 544 29.63 17.53 10.98
CA VAL D 544 30.15 18.85 10.62
C VAL D 544 29.79 19.90 11.64
N PHE D 545 28.61 19.79 12.23
CA PHE D 545 28.13 20.69 13.27
C PHE D 545 28.97 20.59 14.55
N ASN D 546 29.34 19.39 14.96
CA ASN D 546 30.10 19.20 16.19
C ASN D 546 31.55 18.81 15.95
N GLU D 547 31.98 18.73 14.69
CA GLU D 547 33.35 18.30 14.40
C GLU D 547 34.08 19.29 13.51
N HIS D 548 33.39 19.85 12.53
CA HIS D 548 34.04 20.88 11.72
C HIS D 548 34.11 22.18 12.51
N PRO D 549 35.26 22.85 12.51
CA PRO D 549 35.41 24.11 13.25
C PRO D 549 34.77 25.32 12.56
N ALA D 550 33.50 25.18 12.20
CA ALA D 550 32.69 26.30 11.71
C ALA D 550 31.38 26.45 12.46
N PHE D 551 30.75 25.34 12.87
CA PHE D 551 29.53 25.39 13.66
C PHE D 551 29.86 25.38 15.16
N ARG D 552 30.19 26.55 15.69
CA ARG D 552 30.43 26.69 17.11
C ARG D 552 29.46 27.65 17.79
N LEU D 553 29.28 28.84 17.20
CA LEU D 553 28.47 29.88 17.83
C LEU D 553 27.05 29.84 17.26
N ALA D 554 26.36 28.75 17.58
CA ALA D 554 24.96 28.57 17.25
C ALA D 554 24.39 27.52 18.18
N SER D 555 23.54 27.94 19.13
CA SER D 555 23.10 27.03 20.16
C SER D 555 22.04 26.07 19.65
N ASP D 556 20.87 26.59 19.29
CA ASP D 556 19.82 25.75 18.75
C ASP D 556 18.97 26.42 17.68
N GLY D 557 19.26 27.66 17.29
CA GLY D 557 18.39 28.37 16.37
C GLY D 557 18.88 28.40 14.94
N CYS D 558 20.17 28.68 14.75
CA CYS D 558 20.73 28.63 13.41
C CYS D 558 20.84 27.20 12.90
N LEU D 559 21.35 26.31 13.75
CA LEU D 559 21.61 24.95 13.32
C LEU D 559 20.32 24.23 12.96
N ARG D 560 19.31 24.28 13.82
CA ARG D 560 18.05 23.64 13.49
C ARG D 560 17.33 24.33 12.35
N ALA D 561 17.72 25.55 12.00
CA ALA D 561 17.28 26.15 10.75
C ALA D 561 18.06 25.65 9.55
N LEU D 562 19.25 25.10 9.76
CA LEU D 562 20.04 24.51 8.69
C LEU D 562 20.07 22.99 8.74
N ALA D 563 20.18 22.39 9.92
CA ALA D 563 20.41 20.96 10.03
C ALA D 563 19.24 20.15 9.49
N VAL D 564 18.08 20.80 9.30
CA VAL D 564 16.95 20.12 8.67
C VAL D 564 17.16 19.95 7.18
N GLU D 565 18.21 20.54 6.62
CA GLU D 565 18.40 20.57 5.18
C GLU D 565 19.62 19.82 4.67
N PHE D 566 20.68 19.69 5.46
CA PHE D 566 21.77 18.81 5.05
C PHE D 566 21.27 17.38 4.91
N GLN D 567 21.35 16.87 3.68
CA GLN D 567 21.08 15.47 3.38
C GLN D 567 22.40 14.75 3.20
N THR D 568 22.53 13.59 3.83
CA THR D 568 23.77 12.82 3.84
C THR D 568 23.70 11.76 2.74
N ILE D 569 24.63 11.83 1.80
CA ILE D 569 24.74 10.82 0.76
C ILE D 569 25.93 9.92 1.09
N HIS D 570 25.77 8.63 0.80
CA HIS D 570 26.83 7.64 0.95
C HIS D 570 27.41 7.42 -0.45
N CYS D 571 28.58 8.00 -0.70
CA CYS D 571 29.15 7.98 -2.03
C CYS D 571 29.67 6.59 -2.37
N ALA D 572 29.91 6.37 -3.67
CA ALA D 572 30.41 5.11 -4.17
C ALA D 572 31.63 5.32 -5.06
N PRO D 573 32.63 4.45 -4.99
CA PRO D 573 33.85 4.64 -5.79
C PRO D 573 33.55 4.67 -7.28
N GLY D 574 34.25 5.56 -7.98
CA GLY D 574 34.08 5.71 -9.41
C GLY D 574 32.95 6.61 -9.85
N ASP D 575 32.17 7.16 -8.91
CA ASP D 575 31.02 7.97 -9.27
C ASP D 575 31.46 9.38 -9.65
N LEU D 576 30.73 9.96 -10.61
CA LEU D 576 30.91 11.35 -11.02
C LEU D 576 29.78 12.16 -10.40
N ILE D 577 30.10 12.97 -9.39
CA ILE D 577 29.08 13.67 -8.62
C ILE D 577 28.69 14.97 -9.31
N TYR D 578 29.62 15.90 -9.41
CA TYR D 578 29.36 17.20 -10.02
C TYR D 578 30.30 17.40 -11.20
N HIS D 579 30.38 16.40 -12.07
CA HIS D 579 31.29 16.39 -13.21
C HIS D 579 30.82 17.41 -14.23
N ALA D 580 31.46 17.41 -15.41
CA ALA D 580 31.01 18.27 -16.50
C ALA D 580 29.76 17.68 -17.15
N GLY D 581 28.72 17.53 -16.34
CA GLY D 581 27.47 16.97 -16.80
C GLY D 581 26.23 17.65 -16.24
N GLU D 582 26.41 18.55 -15.29
CA GLU D 582 25.28 19.19 -14.60
C GLU D 582 25.66 20.63 -14.29
N SER D 583 24.87 21.27 -13.43
CA SER D 583 25.13 22.61 -12.92
C SER D 583 25.32 22.55 -11.41
N VAL D 584 26.22 23.38 -10.90
CA VAL D 584 26.49 23.41 -9.47
C VAL D 584 25.28 24.05 -8.78
N ASP D 585 24.69 23.34 -7.83
CA ASP D 585 23.52 23.84 -7.12
C ASP D 585 23.54 23.44 -5.65
N ALA D 586 24.72 23.16 -5.09
CA ALA D 586 24.79 22.64 -3.74
C ALA D 586 26.20 22.76 -3.19
N LEU D 587 26.32 23.31 -1.99
CA LEU D 587 27.57 23.24 -1.24
C LEU D 587 27.71 21.81 -0.73
N CYS D 588 28.93 21.31 -0.69
CA CYS D 588 29.20 19.95 -0.23
C CYS D 588 30.39 19.97 0.73
N PHE D 589 30.36 19.08 1.72
CA PHE D 589 31.46 18.89 2.64
C PHE D 589 31.77 17.41 2.73
N VAL D 590 33.00 17.08 3.13
CA VAL D 590 33.44 15.69 3.24
C VAL D 590 33.66 15.36 4.71
N VAL D 591 33.17 14.20 5.13
CA VAL D 591 33.27 13.83 6.54
C VAL D 591 33.98 12.50 6.71
N SER D 592 33.88 11.64 5.70
CA SER D 592 34.46 10.30 5.78
C SER D 592 34.76 9.83 4.37
N GLY D 593 36.02 9.93 3.97
CA GLY D 593 36.44 9.54 2.65
C GLY D 593 37.22 10.64 1.97
N SER D 594 37.28 10.54 0.64
CA SER D 594 38.06 11.47 -0.14
C SER D 594 37.49 11.56 -1.56
N LEU D 595 37.43 12.77 -2.09
CA LEU D 595 36.88 13.03 -3.42
C LEU D 595 37.96 13.50 -4.35
N GLU D 596 37.87 13.08 -5.61
CA GLU D 596 38.84 13.40 -6.64
C GLU D 596 38.23 14.38 -7.65
N VAL D 597 39.00 15.39 -8.03
CA VAL D 597 38.49 16.45 -8.91
C VAL D 597 39.42 16.48 -10.12
N ILE D 598 38.93 15.99 -11.25
CA ILE D 598 39.69 16.03 -12.51
C ILE D 598 39.58 17.43 -13.10
N GLN D 599 40.67 17.91 -13.70
CA GLN D 599 40.65 19.16 -14.46
C GLN D 599 41.14 18.86 -15.86
N ASP D 600 40.25 18.38 -16.72
CA ASP D 600 40.62 17.99 -18.09
C ASP D 600 41.72 16.93 -18.07
N ASP D 601 41.38 15.77 -17.50
CA ASP D 601 42.28 14.60 -17.45
C ASP D 601 43.57 14.89 -16.70
N GLU D 602 43.51 15.73 -15.66
CA GLU D 602 44.67 15.98 -14.82
C GLU D 602 44.21 16.58 -13.50
N VAL D 603 44.93 16.28 -12.41
CA VAL D 603 44.36 16.33 -11.07
C VAL D 603 45.15 17.27 -10.16
N VAL D 604 44.45 17.99 -9.28
CA VAL D 604 45.09 18.64 -8.15
C VAL D 604 44.31 18.43 -6.86
N ALA D 605 43.08 17.97 -6.96
CA ALA D 605 42.23 17.98 -5.78
C ALA D 605 41.87 16.55 -5.41
N ILE D 606 42.41 16.09 -4.30
CA ILE D 606 41.94 14.91 -3.61
C ILE D 606 41.73 15.31 -2.16
N LEU D 607 40.47 15.25 -1.71
CA LEU D 607 40.10 15.93 -0.49
C LEU D 607 40.35 15.05 0.73
N GLY D 608 40.41 15.67 1.90
CA GLY D 608 40.71 14.92 3.11
C GLY D 608 39.58 14.95 4.12
N LYS D 609 39.84 15.55 5.28
CA LYS D 609 38.87 15.62 6.36
C LYS D 609 38.34 17.04 6.47
N GLY D 610 37.02 17.19 6.45
CA GLY D 610 36.40 18.49 6.60
C GLY D 610 36.80 19.47 5.51
N ASP D 611 36.72 19.04 4.26
CA ASP D 611 37.20 19.83 3.12
C ASP D 611 36.04 20.11 2.18
N VAL D 612 35.91 21.36 1.76
CA VAL D 612 34.73 21.85 1.04
C VAL D 612 35.05 21.98 -0.43
N PHE D 613 34.09 21.57 -1.27
CA PHE D 613 34.12 21.86 -2.69
C PHE D 613 32.77 22.42 -3.12
N GLY D 614 32.79 23.27 -4.14
CA GLY D 614 31.58 23.95 -4.58
C GLY D 614 31.74 25.45 -4.42
N ASP D 615 31.05 26.18 -5.29
CA ASP D 615 31.16 27.63 -5.33
C ASP D 615 30.54 28.25 -4.09
N ILE D 616 31.13 29.34 -3.63
CA ILE D 616 30.62 30.06 -2.45
C ILE D 616 29.47 30.95 -2.89
N PHE D 617 28.49 31.14 -1.98
CA PHE D 617 27.29 31.88 -2.31
C PHE D 617 27.00 33.02 -1.33
N TRP D 618 27.79 33.19 -0.27
CA TRP D 618 27.44 34.16 0.74
C TRP D 618 27.92 35.58 0.41
N LYS D 619 28.96 35.73 -0.40
CA LYS D 619 29.37 37.05 -0.86
C LYS D 619 29.50 37.13 -2.38
N GLU D 620 28.91 36.19 -3.11
CA GLU D 620 29.01 36.18 -4.57
C GLU D 620 27.68 36.44 -5.25
N THR D 621 26.66 35.65 -4.94
CA THR D 621 25.41 35.63 -5.70
C THR D 621 25.72 35.44 -7.19
N THR D 622 26.74 34.62 -7.45
CA THR D 622 27.26 34.38 -8.79
C THR D 622 27.28 32.87 -9.00
N LEU D 623 27.20 32.45 -10.26
CA LEU D 623 27.04 31.04 -10.59
C LEU D 623 28.30 30.54 -11.29
N ALA D 624 28.60 29.27 -11.05
CA ALA D 624 29.64 28.54 -11.75
C ALA D 624 28.97 27.41 -12.54
N HIS D 625 29.78 26.65 -13.27
CA HIS D 625 29.21 25.68 -14.19
C HIS D 625 30.12 24.46 -14.27
N ALA D 626 29.93 23.64 -15.29
CA ALA D 626 30.60 22.36 -15.42
C ALA D 626 32.03 22.51 -15.92
N CYS D 627 32.99 22.60 -15.00
CA CYS D 627 34.40 22.73 -15.35
C CYS D 627 35.26 21.62 -14.76
N ALA D 628 34.70 20.46 -14.49
CA ALA D 628 35.48 19.38 -13.88
C ALA D 628 34.83 18.04 -14.20
N ASN D 629 35.52 16.97 -13.81
CA ASN D 629 35.08 15.60 -14.02
C ASN D 629 35.25 14.82 -12.73
N VAL D 630 34.73 15.38 -11.63
CA VAL D 630 35.04 14.94 -10.28
C VAL D 630 34.65 13.47 -10.07
N ARG D 631 35.62 12.65 -9.70
CA ARG D 631 35.39 11.24 -9.49
C ARG D 631 35.28 10.92 -8.00
N ALA D 632 35.13 9.65 -7.67
CA ALA D 632 35.00 9.22 -6.29
C ALA D 632 35.96 8.06 -6.03
N LEU D 633 36.62 8.09 -4.88
CA LEU D 633 37.69 7.14 -4.61
C LEU D 633 37.22 6.02 -3.68
N THR D 634 36.84 6.39 -2.47
CA THR D 634 36.47 5.43 -1.44
C THR D 634 34.96 5.33 -1.36
N TYR D 635 34.47 4.64 -0.33
CA TYR D 635 33.06 4.70 0.01
C TYR D 635 32.87 5.88 0.94
N CYS D 636 32.60 7.05 0.37
CA CYS D 636 32.64 8.32 1.08
C CYS D 636 31.25 8.71 1.57
N ASP D 637 31.22 9.69 2.47
CA ASP D 637 29.97 10.27 2.96
C ASP D 637 30.05 11.78 2.75
N LEU D 638 29.08 12.34 2.05
CA LEU D 638 29.01 13.77 1.83
C LEU D 638 27.74 14.35 2.44
N HIS D 639 27.81 15.64 2.73
CA HIS D 639 26.67 16.40 3.26
C HIS D 639 26.32 17.46 2.23
N ILE D 640 25.09 17.43 1.72
CA ILE D 640 24.68 18.26 0.60
C ILE D 640 23.43 19.05 0.97
N ILE D 641 23.43 20.33 0.64
CA ILE D 641 22.28 21.21 0.80
C ILE D 641 21.99 21.90 -0.53
N LYS D 642 20.72 21.94 -0.90
CA LYS D 642 20.34 22.63 -2.13
C LYS D 642 20.56 24.12 -1.99
N ARG D 643 20.76 24.79 -3.13
CA ARG D 643 21.08 26.21 -3.11
C ARG D 643 19.92 27.04 -2.53
N GLU D 644 18.69 26.69 -2.88
CA GLU D 644 17.54 27.48 -2.45
C GLU D 644 17.42 27.53 -0.93
N ALA D 645 17.76 26.45 -0.23
CA ALA D 645 17.57 26.37 1.20
C ALA D 645 18.79 26.83 2.00
N LEU D 646 19.84 27.32 1.32
CA LEU D 646 21.01 27.82 2.02
C LEU D 646 21.04 29.34 2.07
N LEU D 647 20.68 30.02 0.98
CA LEU D 647 20.70 31.48 0.98
C LEU D 647 19.64 32.07 1.90
N LYS D 648 18.46 31.43 1.96
CA LYS D 648 17.38 31.94 2.81
C LYS D 648 17.80 31.99 4.27
N VAL D 649 18.39 30.90 4.76
CA VAL D 649 18.73 30.81 6.19
C VAL D 649 19.77 31.85 6.55
N LEU D 650 20.81 32.00 5.72
CA LEU D 650 21.83 33.00 6.03
C LEU D 650 21.30 34.42 5.87
N ASP D 651 20.34 34.63 4.97
CA ASP D 651 19.70 35.94 4.87
C ASP D 651 18.96 36.28 6.15
N PHE D 652 18.15 35.34 6.65
CA PHE D 652 17.46 35.58 7.91
C PHE D 652 18.44 35.72 9.06
N TYR D 653 19.42 34.83 9.13
CA TYR D 653 20.43 34.87 10.19
C TYR D 653 21.62 35.67 9.66
N THR D 654 21.35 36.93 9.33
CA THR D 654 22.41 37.81 8.83
C THR D 654 23.49 38.04 9.88
N ALA D 655 23.13 38.06 11.16
CA ALA D 655 24.14 38.11 12.23
C ALA D 655 25.00 36.87 12.26
N PHE D 656 24.53 35.75 11.72
CA PHE D 656 25.35 34.54 11.61
C PHE D 656 26.10 34.47 10.29
N ALA D 657 25.96 35.47 9.43
CA ALA D 657 26.83 35.63 8.27
C ALA D 657 28.21 36.16 8.65
N ASN D 658 28.51 36.24 9.93
CA ASN D 658 29.83 36.63 10.42
C ASN D 658 30.64 35.45 10.93
N SER D 659 29.98 34.45 11.53
CA SER D 659 30.65 33.27 12.07
C SER D 659 30.69 32.11 11.10
N PHE D 660 29.91 32.15 10.02
CA PHE D 660 29.91 31.11 8.99
C PHE D 660 30.26 31.68 7.62
N SER D 661 30.83 32.88 7.57
CA SER D 661 31.40 33.44 6.36
C SER D 661 32.87 33.80 6.50
N ARG D 662 33.46 33.66 7.69
CA ARG D 662 34.87 33.89 7.91
C ARG D 662 35.58 32.70 8.54
N ASN D 663 34.84 31.70 9.02
CA ASN D 663 35.42 30.51 9.62
C ASN D 663 35.42 29.30 8.70
N LEU D 664 34.84 29.41 7.50
CA LEU D 664 34.95 28.36 6.51
C LEU D 664 36.27 28.52 5.74
N THR D 665 37.06 27.45 5.71
CA THR D 665 38.37 27.46 5.04
C THR D 665 38.20 26.74 3.71
N LEU D 666 38.24 27.50 2.62
CA LEU D 666 37.93 26.96 1.29
C LEU D 666 39.03 26.02 0.83
N THR D 667 38.72 24.72 0.79
CA THR D 667 39.69 23.75 0.32
C THR D 667 39.98 23.93 -1.17
N CYS D 668 38.96 23.77 -2.01
CA CYS D 668 39.11 23.95 -3.46
C CYS D 668 37.75 24.32 -4.04
N ASN D 669 37.58 25.61 -4.33
CA ASN D 669 36.34 26.10 -4.92
C ASN D 669 36.23 25.60 -6.34
N LEU D 670 35.06 25.06 -6.70
CA LEU D 670 34.77 24.76 -8.10
C LEU D 670 34.27 26.01 -8.81
N ARG D 671 35.00 27.10 -8.62
CA ARG D 671 34.69 28.41 -9.18
C ARG D 671 35.86 29.03 -9.91
N LYS D 672 37.08 28.85 -9.41
CA LYS D 672 38.28 29.38 -10.02
C LYS D 672 39.08 28.22 -10.63
N ARG D 673 39.63 28.45 -11.82
CA ARG D 673 40.40 27.40 -12.48
C ARG D 673 41.77 27.27 -11.86
N ILE D 674 42.07 26.08 -11.34
CA ILE D 674 43.27 25.84 -10.57
C ILE D 674 44.49 25.80 -11.48
N ILE D 675 45.67 25.95 -10.89
CA ILE D 675 46.91 26.19 -11.61
C ILE D 675 47.95 25.19 -11.16
N PHE D 676 48.59 24.49 -12.11
CA PHE D 676 49.38 23.30 -11.77
C PHE D 676 50.15 22.80 -13.00
N ARG D 677 51.47 22.63 -12.86
CA ARG D 677 52.43 22.64 -13.99
C ARG D 677 53.04 21.29 -14.30
N LYS D 678 53.05 20.93 -15.58
CA LYS D 678 53.66 19.69 -16.02
C LYS D 678 55.16 19.72 -15.76
N ILE D 679 55.70 18.59 -15.31
CA ILE D 679 57.14 18.43 -15.16
C ILE D 679 57.63 17.50 -16.26
N SER D 680 56.68 16.92 -17.00
CA SER D 680 56.99 16.02 -18.11
C SER D 680 56.58 16.57 -19.47
N ASP D 681 56.25 17.85 -19.57
CA ASP D 681 56.02 18.48 -20.87
C ASP D 681 56.87 19.72 -21.08
N VAL D 682 57.07 20.54 -20.04
CA VAL D 682 57.95 21.70 -20.16
C VAL D 682 59.37 21.27 -20.48
N LYS D 683 59.85 20.22 -19.80
CA LYS D 683 61.16 19.68 -20.14
C LYS D 683 61.22 19.27 -21.60
N LYS D 684 60.23 18.51 -22.08
CA LYS D 684 60.19 18.05 -23.46
C LYS D 684 59.80 19.13 -24.46
N GLU D 685 59.05 20.15 -24.04
CA GLU D 685 58.77 21.26 -24.95
C GLU D 685 59.97 22.17 -25.12
N GLU D 686 60.78 22.34 -24.06
CA GLU D 686 62.07 23.00 -24.21
C GLU D 686 63.02 22.15 -25.03
N GLU D 687 62.94 20.83 -24.89
CA GLU D 687 63.72 19.93 -25.72
C GLU D 687 63.35 20.06 -27.20
N GLU D 688 62.06 20.17 -27.49
CA GLU D 688 61.61 20.27 -28.88
C GLU D 688 61.90 21.63 -29.48
N ARG D 689 62.21 22.63 -28.65
CA ARG D 689 62.52 23.97 -29.15
C ARG D 689 63.97 24.08 -29.61
N LEU D 690 64.88 23.29 -29.05
CA LEU D 690 66.27 23.29 -29.48
C LEU D 690 66.51 22.55 -30.79
N ARG D 691 65.62 21.62 -31.15
CA ARG D 691 65.72 20.87 -32.39
C ARG D 691 64.93 21.51 -33.53
N GLN D 692 64.24 22.61 -33.27
CA GLN D 692 63.41 23.25 -34.29
C GLN D 692 63.75 24.73 -34.42
K K E . -4.98 -34.83 10.61
#